data_8GVX
#
_entry.id   8GVX
#
_cell.length_a   1.00
_cell.length_b   1.00
_cell.length_c   1.00
_cell.angle_alpha   90.00
_cell.angle_beta   90.00
_cell.angle_gamma   90.00
#
_symmetry.space_group_name_H-M   'P 1'
#
loop_
_entity.id
_entity.type
_entity.pdbx_description
1 polymer 'Short transient receptor potential channel 5'
2 polymer 'Guanine nucleotide-binding protein G(i) subunit alpha-3'
3 non-polymer PHOSPHATIDYLETHANOLAMINE
4 non-polymer 'CHOLESTEROL HEMISUCCINATE'
5 non-polymer 'ZINC ION'
6 non-polymer 'CALCIUM ION'
7 non-polymer '(2S)-2-(hexadecanoyloxy)-3-hydroxypropyl (9Z)-octadec-9-enoate'
8 non-polymer "GUANOSINE-5'-TRIPHOSPHATE"
#
loop_
_entity_poly.entity_id
_entity_poly.type
_entity_poly.pdbx_seq_one_letter_code
_entity_poly.pdbx_strand_id
1 'polypeptide(L)'
;MAQLYYKKVNYSPYRDRIPLQIVRAETELSAEEKAFLNAVEKGDYATVKQALQEAEIYYNVNINCMDPLGRSALLIAIEN
ENLEIMELLLNHSVYVGDALLYAIRKEVVGAVELLLSYRRPSGEKQVPTLMMDTQFSEFTPDITPIMLAAHTNNYEIIKL
LVQKRVTIPRPHQIRCNCVECVSSSEVDSLRHSRSRLNIYKALASPSLIALSSEDPILTAFRLGWELKELSKVENEFKAE
YEELSQQCKLFAKDLLDQARSSRELEIILNHRDDHSEELDPQKYHDLAKLKVAIKYHQKEFVAQPNCQQLLATLWYDGFP
GWRRKHWVVKLLTCMTIGFLFPMLSIAYLISPRSNLGLFIKKPFIKFICHTASYLTFLFMLLLASQHIVRTDLHVQGPPP
TVVEWMILPWVLGFIWGEIKEMWDGGFTEYIHDWWNLMDFAMNSLYLATISLKIVAYVKYNGSRPREEWEMWHPTLIAEA
LFAISNILSSLRLISLFTANSHLGPLQISLGRMLLDILKFLFIYCLVLLAFANGLNQLYFYYETRAIDEPNNCKGIRCEK
QNNAFSTLFETLQSLFWSVFGLLNLYVTNVKARHEFTEFVGATMFGTYNVISLVVLLNMLIAMMNNSYQLIADHADIEWK
FARTKLWMSYFDEGGTLPPPFNIIPSPKSFLYLGNWFNNTFCPKRDPDGRRRRRNLRSFTERNADSLIQNQHYQEVIRNL
VKRYVAAMIRNSKTHEGLTEENFKELKQDISSFRYEVLDLLGNRKSRLEVLFQ
;
B,A,C,D
2 'polypeptide(L)'
;MGCTLSAEDKAAVERSKMIDRNLREDGEKAAKEVKLLLLGAGESGKSTIVKQMKIIHEDGYSEDECKQYKVVVYSNTIQS
IIAIIRAMGRLKIDFGEAARADDARQLFVLAGSAEEGVMHHHHHHTPELAGVIKRLWRDGGVQACFSRSREYQLNDSASY
YLNDLDRISQSNYIPTQQDVLRTRVKTTGIVETHFTFKDLYFKMFDVGGLRSERKKWIHCFEGVTAIIFCVALSDYDLVL
AEDEEMNRMHESMKLFDSICNNKWFTETSIILFLNKKDLFEEKIKRSPLTICYPEYTGSNTYEEAAAYIQCQFEDLNRRK
DTKEIYTHFTCATDTKNVQFVFDAVTDVIIKNNLKECGLY
;
F,E,G,H
#
# COMPACT_ATOMS: atom_id res chain seq x y z
N ARG A 17 22.78 -16.94 33.17
CA ARG A 17 22.51 -17.38 31.81
C ARG A 17 21.23 -18.20 31.75
N ILE A 18 20.77 -18.50 30.54
CA ILE A 18 19.56 -19.30 30.36
C ILE A 18 19.79 -20.32 29.25
N PRO A 19 19.74 -21.62 29.54
CA PRO A 19 19.83 -22.61 28.48
C PRO A 19 18.58 -22.64 27.63
N LEU A 20 18.76 -22.92 26.35
CA LEU A 20 17.66 -23.01 25.39
C LEU A 20 17.76 -24.32 24.62
N GLN A 21 16.64 -25.01 24.47
CA GLN A 21 16.60 -26.30 23.80
C GLN A 21 15.27 -26.46 23.08
N ILE A 22 15.28 -27.32 22.07
CA ILE A 22 14.04 -27.65 21.34
C ILE A 22 13.18 -28.53 22.25
N VAL A 23 12.12 -27.94 22.79
CA VAL A 23 11.29 -28.66 23.76
C VAL A 23 10.49 -29.77 23.08
N ARG A 24 10.00 -29.52 21.86
CA ARG A 24 9.14 -30.46 21.16
C ARG A 24 9.89 -31.02 19.96
N ALA A 25 9.93 -32.36 19.86
CA ALA A 25 10.82 -33.02 18.92
C ALA A 25 10.31 -32.92 17.49
N GLU A 26 11.04 -32.18 16.67
CA GLU A 26 10.87 -32.19 15.22
C GLU A 26 12.04 -33.02 14.67
N THR A 27 11.72 -34.09 13.96
CA THR A 27 12.77 -34.94 13.38
C THR A 27 13.51 -34.18 12.28
N GLU A 28 14.84 -34.26 12.34
CA GLU A 28 15.66 -33.60 11.33
C GLU A 28 15.58 -34.35 10.00
N LEU A 29 15.53 -33.59 8.92
CA LEU A 29 15.51 -34.16 7.58
C LEU A 29 16.92 -34.56 7.15
N SER A 30 16.99 -35.67 6.42
CA SER A 30 18.27 -36.17 5.94
C SER A 30 18.83 -35.24 4.85
N ALA A 31 20.07 -35.53 4.45
CA ALA A 31 20.73 -34.72 3.43
C ALA A 31 20.06 -34.86 2.07
N GLU A 32 19.68 -36.09 1.70
CA GLU A 32 19.04 -36.31 0.41
C GLU A 32 17.65 -35.69 0.38
N GLU A 33 16.90 -35.83 1.47
CA GLU A 33 15.56 -35.25 1.54
C GLU A 33 15.62 -33.73 1.54
N LYS A 34 16.58 -33.14 2.26
CA LYS A 34 16.73 -31.69 2.28
C LYS A 34 17.15 -31.16 0.91
N ALA A 35 18.06 -31.87 0.23
CA ALA A 35 18.45 -31.49 -1.13
C ALA A 35 17.30 -31.61 -2.11
N PHE A 36 16.47 -32.65 -1.96
CA PHE A 36 15.31 -32.84 -2.83
C PHE A 36 14.27 -31.74 -2.61
N LEU A 37 14.01 -31.38 -1.35
CA LEU A 37 13.07 -30.31 -1.06
C LEU A 37 13.60 -28.96 -1.52
N ASN A 38 14.91 -28.73 -1.39
CA ASN A 38 15.50 -27.49 -1.90
C ASN A 38 15.43 -27.42 -3.42
N ALA A 39 15.63 -28.56 -4.09
CA ALA A 39 15.53 -28.59 -5.55
C ALA A 39 14.09 -28.35 -6.00
N VAL A 40 13.12 -28.88 -5.26
CA VAL A 40 11.72 -28.62 -5.58
C VAL A 40 11.36 -27.16 -5.32
N GLU A 41 11.96 -26.56 -4.28
CA GLU A 41 11.71 -25.15 -3.99
C GLU A 41 12.31 -24.25 -5.06
N LYS A 42 13.50 -24.59 -5.56
CA LYS A 42 14.12 -23.79 -6.60
C LYS A 42 13.56 -24.08 -7.99
N GLY A 43 12.73 -25.10 -8.13
CA GLY A 43 12.09 -25.37 -9.40
C GLY A 43 12.94 -26.08 -10.43
N ASP A 44 14.06 -26.68 -10.03
CA ASP A 44 14.91 -27.39 -10.97
C ASP A 44 14.24 -28.72 -11.34
N TYR A 45 13.74 -28.81 -12.57
CA TYR A 45 12.94 -29.97 -12.97
C TYR A 45 13.80 -31.21 -13.12
N ALA A 46 15.01 -31.07 -13.66
CA ALA A 46 15.84 -32.22 -14.00
C ALA A 46 16.35 -32.93 -12.74
N THR A 47 16.76 -32.15 -11.73
CA THR A 47 17.25 -32.73 -10.49
C THR A 47 16.13 -33.44 -9.72
N VAL A 48 14.93 -32.85 -9.73
CA VAL A 48 13.78 -33.47 -9.07
C VAL A 48 13.38 -34.75 -9.80
N LYS A 49 13.45 -34.73 -11.14
CA LYS A 49 13.13 -35.92 -11.92
C LYS A 49 14.15 -37.02 -11.69
N GLN A 50 15.43 -36.66 -11.56
CA GLN A 50 16.46 -37.64 -11.27
C GLN A 50 16.30 -38.23 -9.88
N ALA A 51 15.96 -37.40 -8.89
CA ALA A 51 15.74 -37.89 -7.54
C ALA A 51 14.51 -38.80 -7.47
N LEU A 52 13.44 -38.45 -8.18
CA LEU A 52 12.25 -39.29 -8.20
C LEU A 52 12.52 -40.62 -8.91
N GLN A 53 13.30 -40.59 -9.98
CA GLN A 53 13.64 -41.84 -10.67
C GLN A 53 14.57 -42.71 -9.84
N GLU A 54 15.44 -42.10 -9.04
CA GLU A 54 16.33 -42.86 -8.16
C GLU A 54 15.63 -43.32 -6.88
N ALA A 55 14.48 -42.73 -6.55
CA ALA A 55 13.80 -43.06 -5.30
C ALA A 55 13.26 -44.49 -5.29
N GLU A 56 12.71 -44.96 -6.41
CA GLU A 56 12.12 -46.29 -6.42
C GLU A 56 13.19 -47.38 -6.37
N ILE A 57 14.29 -47.19 -7.10
CA ILE A 57 15.29 -48.24 -7.24
C ILE A 57 16.06 -48.42 -5.93
N TYR A 58 16.30 -47.33 -5.21
CA TYR A 58 17.17 -47.35 -4.05
C TYR A 58 16.46 -47.05 -2.74
N TYR A 59 15.25 -46.48 -2.78
CA TYR A 59 14.43 -46.20 -1.59
C TYR A 59 15.10 -45.20 -0.65
N ASN A 60 15.92 -44.31 -1.22
CA ASN A 60 16.75 -43.44 -0.37
C ASN A 60 15.94 -42.33 0.28
N VAL A 61 14.99 -41.76 -0.45
CA VAL A 61 14.27 -40.57 -0.02
C VAL A 61 12.79 -40.89 0.09
N ASN A 62 12.19 -40.53 1.23
CA ASN A 62 10.74 -40.58 1.38
C ASN A 62 10.18 -39.37 0.66
N ILE A 63 9.46 -39.62 -0.44
CA ILE A 63 8.93 -38.56 -1.30
C ILE A 63 7.86 -37.75 -0.58
N ASN A 64 7.17 -38.37 0.37
CA ASN A 64 6.16 -37.71 1.20
C ASN A 64 6.76 -37.08 2.45
N CYS A 65 8.06 -36.81 2.46
CA CYS A 65 8.70 -36.21 3.63
C CYS A 65 8.26 -34.77 3.81
N MET A 66 8.19 -34.34 5.06
CA MET A 66 7.71 -33.01 5.41
C MET A 66 8.91 -32.05 5.51
N ASP A 67 8.66 -30.80 5.89
CA ASP A 67 9.74 -29.84 6.12
C ASP A 67 9.62 -29.32 7.55
N PRO A 68 10.52 -28.45 8.01
CA PRO A 68 10.32 -27.80 9.30
C PRO A 68 9.06 -26.94 9.41
N LEU A 69 8.54 -26.41 8.30
CA LEU A 69 7.36 -25.56 8.34
C LEU A 69 6.05 -26.30 8.06
N GLY A 70 6.09 -27.61 7.83
CA GLY A 70 4.88 -28.39 7.67
C GLY A 70 4.40 -28.59 6.23
N ARG A 71 5.19 -28.17 5.24
CA ARG A 71 4.82 -28.38 3.86
C ARG A 71 5.54 -29.59 3.28
N SER A 72 4.86 -30.30 2.37
CA SER A 72 5.48 -31.41 1.67
C SER A 72 6.01 -30.93 0.32
N ALA A 73 6.48 -31.86 -0.52
CA ALA A 73 6.93 -31.50 -1.86
C ALA A 73 5.77 -31.03 -2.73
N LEU A 74 4.62 -31.71 -2.61
CA LEU A 74 3.46 -31.33 -3.41
C LEU A 74 2.90 -29.98 -3.00
N LEU A 75 2.90 -29.68 -1.70
CA LEU A 75 2.44 -28.37 -1.24
C LEU A 75 3.40 -27.27 -1.66
N ILE A 76 4.70 -27.56 -1.68
CA ILE A 76 5.68 -26.59 -2.16
C ILE A 76 5.50 -26.36 -3.66
N ALA A 77 5.15 -27.41 -4.41
CA ALA A 77 4.87 -27.24 -5.83
C ALA A 77 3.59 -26.42 -6.05
N ILE A 78 2.59 -26.63 -5.19
CA ILE A 78 1.33 -25.90 -5.32
C ILE A 78 1.52 -24.42 -4.99
N GLU A 79 2.29 -24.12 -3.95
CA GLU A 79 2.46 -22.75 -3.51
C GLU A 79 3.25 -21.92 -4.51
N ASN A 80 4.22 -22.54 -5.19
CA ASN A 80 4.99 -21.87 -6.22
C ASN A 80 4.32 -21.90 -7.58
N GLU A 81 3.19 -22.62 -7.70
CA GLU A 81 2.42 -22.71 -8.95
C GLU A 81 3.22 -23.32 -10.09
N ASN A 82 4.12 -24.24 -9.77
CA ASN A 82 4.88 -24.97 -10.77
C ASN A 82 4.03 -26.15 -11.20
N LEU A 83 3.33 -25.97 -12.33
CA LEU A 83 2.47 -27.03 -12.83
C LEU A 83 3.28 -28.23 -13.32
N GLU A 84 4.47 -27.99 -13.86
CA GLU A 84 5.32 -29.08 -14.36
C GLU A 84 5.82 -29.95 -13.21
N ILE A 85 6.34 -29.33 -12.15
CA ILE A 85 6.80 -30.08 -10.98
C ILE A 85 5.61 -30.70 -10.25
N MET A 86 4.45 -30.05 -10.30
CA MET A 86 3.23 -30.60 -9.72
C MET A 86 2.81 -31.89 -10.41
N GLU A 87 2.79 -31.89 -11.74
CA GLU A 87 2.40 -33.10 -12.46
C GLU A 87 3.49 -34.16 -12.36
N LEU A 88 4.76 -33.75 -12.26
CA LEU A 88 5.84 -34.72 -12.12
C LEU A 88 5.78 -35.42 -10.77
N LEU A 89 5.49 -34.67 -9.70
CA LEU A 89 5.31 -35.30 -8.40
C LEU A 89 4.05 -36.15 -8.37
N LEU A 90 3.03 -35.78 -9.14
CA LEU A 90 1.84 -36.63 -9.23
C LEU A 90 2.13 -37.92 -9.99
N ASN A 91 3.03 -37.88 -10.97
CA ASN A 91 3.29 -39.07 -11.79
C ASN A 91 4.01 -40.17 -11.04
N HIS A 92 4.67 -39.86 -9.92
CA HIS A 92 5.36 -40.87 -9.14
C HIS A 92 4.54 -41.36 -7.96
N SER A 93 3.26 -40.97 -7.89
CA SER A 93 2.31 -41.43 -6.89
C SER A 93 2.72 -41.03 -5.48
N VAL A 94 2.85 -39.71 -5.29
CA VAL A 94 3.08 -39.15 -3.97
C VAL A 94 1.75 -39.06 -3.24
N TYR A 95 1.82 -38.78 -1.94
CA TYR A 95 0.60 -38.60 -1.17
C TYR A 95 -0.10 -37.31 -1.58
N VAL A 96 -1.42 -37.38 -1.71
CA VAL A 96 -2.21 -36.29 -2.26
C VAL A 96 -3.27 -35.80 -1.29
N GLY A 97 -3.25 -36.26 -0.04
CA GLY A 97 -4.24 -35.90 0.95
C GLY A 97 -4.26 -34.42 1.31
N ASP A 98 -5.42 -33.79 1.08
CA ASP A 98 -5.72 -32.40 1.40
C ASP A 98 -4.98 -31.38 0.53
N ALA A 99 -4.32 -31.83 -0.54
CA ALA A 99 -3.63 -30.88 -1.42
C ALA A 99 -4.62 -30.05 -2.23
N LEU A 100 -5.81 -30.60 -2.48
CA LEU A 100 -6.84 -29.85 -3.21
C LEU A 100 -7.32 -28.66 -2.39
N LEU A 101 -7.33 -28.78 -1.06
CA LEU A 101 -7.66 -27.65 -0.20
C LEU A 101 -6.63 -26.54 -0.31
N TYR A 102 -5.34 -26.91 -0.35
CA TYR A 102 -4.29 -25.90 -0.52
C TYR A 102 -4.36 -25.25 -1.89
N ALA A 103 -4.70 -26.03 -2.92
CA ALA A 103 -4.87 -25.47 -4.26
C ALA A 103 -6.07 -24.52 -4.32
N ILE A 104 -7.16 -24.87 -3.63
CA ILE A 104 -8.35 -24.02 -3.64
C ILE A 104 -8.11 -22.74 -2.86
N ARG A 105 -7.38 -22.83 -1.74
CA ARG A 105 -7.03 -21.64 -0.98
C ARG A 105 -6.05 -20.77 -1.74
N LYS A 106 -5.17 -21.38 -2.54
CA LYS A 106 -4.23 -20.62 -3.36
C LYS A 106 -4.88 -20.03 -4.59
N GLU A 107 -6.09 -20.47 -4.94
CA GLU A 107 -6.90 -19.90 -6.02
C GLU A 107 -6.23 -20.08 -7.38
N VAL A 108 -5.53 -21.20 -7.53
CA VAL A 108 -4.87 -21.57 -8.78
C VAL A 108 -5.84 -22.44 -9.56
N VAL A 109 -6.26 -21.96 -10.73
CA VAL A 109 -7.22 -22.71 -11.55
C VAL A 109 -6.58 -23.96 -12.12
N GLY A 110 -5.34 -23.84 -12.59
CA GLY A 110 -4.66 -24.98 -13.20
C GLY A 110 -4.33 -26.08 -12.19
N ALA A 111 -3.95 -25.69 -10.97
CA ALA A 111 -3.68 -26.67 -9.93
C ALA A 111 -4.94 -27.41 -9.51
N VAL A 112 -6.07 -26.70 -9.42
CA VAL A 112 -7.34 -27.33 -9.09
C VAL A 112 -7.78 -28.27 -10.20
N GLU A 113 -7.57 -27.86 -11.46
CA GLU A 113 -7.91 -28.71 -12.60
C GLU A 113 -7.05 -29.97 -12.62
N LEU A 114 -5.75 -29.83 -12.33
CA LEU A 114 -4.85 -30.98 -12.31
C LEU A 114 -5.20 -31.93 -11.17
N LEU A 115 -5.48 -31.40 -9.98
CA LEU A 115 -5.83 -32.25 -8.85
C LEU A 115 -7.19 -32.93 -9.03
N LEU A 116 -8.13 -32.26 -9.69
CA LEU A 116 -9.41 -32.91 -9.99
C LEU A 116 -9.24 -33.99 -11.05
N SER A 117 -8.43 -33.73 -12.08
CA SER A 117 -8.40 -34.62 -13.23
C SER A 117 -7.39 -35.76 -13.09
N TYR A 118 -6.41 -35.67 -12.19
CA TYR A 118 -5.39 -36.70 -12.14
C TYR A 118 -5.72 -37.79 -11.12
N ARG A 119 -6.64 -37.51 -10.20
CA ARG A 119 -6.96 -38.45 -9.12
C ARG A 119 -7.64 -39.71 -9.65
N ARG A 120 -8.34 -39.59 -10.78
CA ARG A 120 -9.03 -40.74 -11.37
C ARG A 120 -8.12 -41.67 -12.16
N PRO A 121 -7.37 -41.24 -13.18
CA PRO A 121 -6.65 -42.22 -14.02
C PRO A 121 -5.44 -42.85 -13.33
N SER A 122 -5.16 -44.10 -13.71
CA SER A 122 -3.93 -44.80 -13.35
C SER A 122 -3.82 -45.07 -11.85
N GLY A 123 -4.94 -45.47 -11.24
CA GLY A 123 -4.91 -45.92 -9.87
C GLY A 123 -4.80 -47.44 -9.80
N GLU A 124 -3.65 -47.91 -9.32
CA GLU A 124 -3.39 -49.35 -9.32
C GLU A 124 -2.77 -49.77 -7.99
N LYS A 125 -3.32 -50.85 -7.43
CA LYS A 125 -2.90 -51.40 -6.13
C LYS A 125 -3.10 -50.37 -5.02
N GLN A 126 -4.34 -49.88 -4.89
CA GLN A 126 -4.80 -49.04 -3.78
C GLN A 126 -4.05 -47.70 -3.86
N VAL A 127 -3.34 -47.29 -2.80
CA VAL A 127 -2.24 -46.34 -2.89
C VAL A 127 -1.06 -47.06 -2.26
N PRO A 128 0.19 -46.67 -2.54
CA PRO A 128 1.32 -47.18 -1.76
C PRO A 128 1.18 -46.77 -0.30
N THR A 129 1.48 -47.72 0.59
CA THR A 129 1.22 -47.51 2.02
C THR A 129 2.19 -46.48 2.59
N LEU A 130 1.65 -45.55 3.37
CA LEU A 130 2.41 -44.50 4.02
C LEU A 130 1.82 -44.23 5.39
N MET A 131 2.68 -43.96 6.37
CA MET A 131 2.25 -43.78 7.75
C MET A 131 2.80 -42.46 8.28
N MET A 132 2.08 -41.87 9.24
CA MET A 132 2.52 -40.77 10.10
C MET A 132 2.83 -39.48 9.33
N ASP A 133 2.26 -39.32 8.14
CA ASP A 133 2.28 -38.02 7.47
C ASP A 133 1.01 -37.21 7.75
N THR A 134 -0.01 -37.85 8.32
CA THR A 134 -1.35 -37.30 8.26
C THR A 134 -1.75 -36.45 9.46
N GLN A 135 -0.85 -36.25 10.43
CA GLN A 135 -1.25 -35.51 11.63
C GLN A 135 -1.43 -34.02 11.34
N PHE A 136 -0.51 -33.42 10.60
CA PHE A 136 -0.51 -31.97 10.41
C PHE A 136 -1.33 -31.60 9.18
N SER A 137 -2.44 -30.90 9.42
CA SER A 137 -3.28 -30.36 8.35
C SER A 137 -3.62 -28.93 8.72
N GLU A 138 -3.24 -27.98 7.85
CA GLU A 138 -3.58 -26.58 8.08
C GLU A 138 -5.09 -26.37 8.03
N PHE A 139 -5.75 -27.02 7.06
CA PHE A 139 -7.20 -26.93 6.98
C PHE A 139 -7.83 -27.84 8.02
N THR A 140 -8.95 -27.39 8.57
CA THR A 140 -9.64 -28.13 9.61
C THR A 140 -10.24 -29.41 9.04
N PRO A 141 -10.31 -30.48 9.85
CA PRO A 141 -10.87 -31.75 9.33
C PRO A 141 -12.34 -31.71 8.94
N ASP A 142 -13.12 -30.74 9.44
CA ASP A 142 -14.51 -30.65 9.04
C ASP A 142 -14.64 -30.07 7.63
N ILE A 143 -13.60 -29.40 7.14
CA ILE A 143 -13.69 -28.72 5.85
C ILE A 143 -13.74 -29.71 4.70
N THR A 144 -14.48 -29.33 3.68
CA THR A 144 -14.63 -30.02 2.41
C THR A 144 -14.21 -29.06 1.31
N PRO A 145 -13.90 -29.58 0.12
CA PRO A 145 -13.34 -28.70 -0.94
C PRO A 145 -14.33 -27.70 -1.50
N ILE A 146 -15.61 -28.07 -1.63
CA ILE A 146 -16.60 -27.13 -2.15
C ILE A 146 -16.85 -26.00 -1.15
N MET A 147 -16.85 -26.32 0.14
CA MET A 147 -17.06 -25.31 1.17
C MET A 147 -15.89 -24.33 1.22
N LEU A 148 -14.66 -24.84 1.15
CA LEU A 148 -13.50 -23.96 1.15
C LEU A 148 -13.43 -23.14 -0.14
N ALA A 149 -13.86 -23.72 -1.26
CA ALA A 149 -13.94 -22.95 -2.51
C ALA A 149 -14.98 -21.85 -2.41
N ALA A 150 -16.09 -22.10 -1.71
CA ALA A 150 -17.08 -21.06 -1.46
C ALA A 150 -16.52 -19.96 -0.58
N HIS A 151 -15.71 -20.34 0.42
CA HIS A 151 -15.07 -19.33 1.27
C HIS A 151 -14.05 -18.51 0.49
N THR A 152 -13.34 -19.12 -0.46
CA THR A 152 -12.31 -18.41 -1.19
C THR A 152 -12.91 -17.37 -2.15
N ASN A 153 -14.15 -17.59 -2.59
CA ASN A 153 -14.95 -16.76 -3.49
C ASN A 153 -14.46 -16.82 -4.94
N ASN A 154 -13.54 -17.73 -5.26
CA ASN A 154 -13.11 -17.88 -6.65
C ASN A 154 -14.22 -18.51 -7.48
N TYR A 155 -14.39 -18.03 -8.70
CA TYR A 155 -15.53 -18.40 -9.53
C TYR A 155 -15.28 -19.69 -10.32
N GLU A 156 -14.10 -19.80 -10.94
CA GLU A 156 -13.77 -20.94 -11.80
C GLU A 156 -13.69 -22.24 -11.02
N ILE A 157 -13.08 -22.20 -9.82
CA ILE A 157 -12.97 -23.39 -9.00
C ILE A 157 -14.35 -23.82 -8.49
N ILE A 158 -15.20 -22.84 -8.15
CA ILE A 158 -16.57 -23.14 -7.72
C ILE A 158 -17.37 -23.77 -8.86
N LYS A 159 -17.17 -23.25 -10.08
CA LYS A 159 -17.85 -23.79 -11.25
C LYS A 159 -17.39 -25.22 -11.55
N LEU A 160 -16.09 -25.46 -11.47
CA LEU A 160 -15.56 -26.80 -11.73
C LEU A 160 -15.99 -27.79 -10.66
N LEU A 161 -16.11 -27.33 -9.41
CA LEU A 161 -16.59 -28.22 -8.35
C LEU A 161 -18.09 -28.50 -8.50
N VAL A 162 -18.87 -27.47 -8.86
CA VAL A 162 -20.32 -27.64 -9.02
C VAL A 162 -20.64 -28.53 -10.22
N GLN A 163 -19.77 -28.53 -11.24
CA GLN A 163 -19.99 -29.41 -12.39
C GLN A 163 -19.85 -30.90 -12.06
N LYS A 164 -19.15 -31.24 -10.98
CA LYS A 164 -18.88 -32.63 -10.64
C LYS A 164 -19.87 -33.21 -9.61
N ARG A 165 -21.07 -32.63 -9.51
CA ARG A 165 -22.16 -33.15 -8.69
C ARG A 165 -21.80 -33.14 -7.20
N VAL A 166 -21.59 -31.93 -6.69
CA VAL A 166 -21.19 -31.74 -5.30
C VAL A 166 -22.31 -31.01 -4.56
N THR A 167 -22.49 -31.36 -3.29
CA THR A 167 -23.57 -30.85 -2.47
C THR A 167 -23.02 -30.28 -1.17
N ILE A 168 -23.85 -29.48 -0.49
CA ILE A 168 -23.50 -28.87 0.78
C ILE A 168 -24.59 -29.21 1.79
N PRO A 169 -24.25 -29.50 3.05
CA PRO A 169 -25.28 -29.78 4.05
C PRO A 169 -26.11 -28.54 4.37
N ARG A 170 -27.38 -28.78 4.74
CA ARG A 170 -28.30 -27.70 5.05
C ARG A 170 -28.25 -27.36 6.54
N PRO A 171 -28.02 -26.10 6.90
CA PRO A 171 -28.08 -25.72 8.32
C PRO A 171 -29.50 -25.79 8.84
N HIS A 172 -29.61 -26.06 10.13
CA HIS A 172 -30.90 -26.15 10.79
C HIS A 172 -31.41 -24.75 11.15
N GLN A 173 -32.62 -24.70 11.69
CA GLN A 173 -33.17 -23.46 12.22
C GLN A 173 -32.36 -23.02 13.43
N ILE A 174 -32.33 -21.70 13.66
CA ILE A 174 -31.66 -21.15 14.84
C ILE A 174 -32.35 -21.63 16.11
N ARG A 175 -33.69 -21.65 16.10
CA ARG A 175 -34.45 -22.20 17.22
C ARG A 175 -34.82 -23.65 16.92
N CYS A 176 -33.78 -24.47 16.82
CA CYS A 176 -33.91 -25.90 16.55
C CYS A 176 -33.75 -26.68 17.85
N ASN A 177 -34.70 -27.58 18.12
CA ASN A 177 -34.73 -28.33 19.38
C ASN A 177 -34.80 -29.84 19.12
N CYS A 178 -34.30 -30.28 17.97
CA CYS A 178 -34.28 -31.70 17.66
C CYS A 178 -33.18 -32.40 18.45
N VAL A 179 -33.19 -33.74 18.39
CA VAL A 179 -32.27 -34.53 19.20
C VAL A 179 -30.84 -34.40 18.70
N GLU A 180 -30.63 -34.34 17.38
CA GLU A 180 -29.26 -34.40 16.86
C GLU A 180 -28.52 -33.08 17.05
N CYS A 181 -29.21 -31.94 16.88
CA CYS A 181 -28.59 -30.64 17.11
C CYS A 181 -28.23 -30.46 18.58
N VAL A 182 -29.12 -30.86 19.49
CA VAL A 182 -28.86 -30.75 20.92
C VAL A 182 -27.74 -31.69 21.34
N SER A 183 -27.71 -32.90 20.78
CA SER A 183 -26.65 -33.84 21.10
C SER A 183 -25.29 -33.36 20.58
N SER A 184 -25.25 -32.79 19.38
CA SER A 184 -24.00 -32.26 18.85
C SER A 184 -23.54 -31.03 19.64
N SER A 185 -24.48 -30.20 20.09
CA SER A 185 -24.11 -29.04 20.90
C SER A 185 -23.59 -29.47 22.26
N GLU A 186 -24.19 -30.50 22.86
CA GLU A 186 -23.76 -30.95 24.18
C GLU A 186 -22.42 -31.69 24.10
N VAL A 187 -22.23 -32.51 23.07
CA VAL A 187 -21.01 -33.30 22.98
C VAL A 187 -19.82 -32.42 22.61
N ASP A 188 -19.97 -31.58 21.58
CA ASP A 188 -18.88 -30.73 21.13
C ASP A 188 -19.50 -29.45 20.55
N SER A 189 -19.57 -28.41 21.39
CA SER A 189 -20.16 -27.16 20.96
C SER A 189 -19.27 -26.41 19.98
N LEU A 190 -17.95 -26.50 20.15
CA LEU A 190 -17.02 -25.77 19.29
C LEU A 190 -17.05 -26.28 17.86
N ARG A 191 -17.10 -27.62 17.69
CA ARG A 191 -17.17 -28.21 16.37
C ARG A 191 -18.47 -27.85 15.66
N HIS A 192 -19.58 -27.85 16.41
CA HIS A 192 -20.89 -27.48 15.85
C HIS A 192 -20.93 -26.03 15.43
N SER A 193 -20.37 -25.14 16.26
CA SER A 193 -20.35 -23.71 15.93
C SER A 193 -19.44 -23.44 14.73
N ARG A 194 -18.28 -24.11 14.67
CA ARG A 194 -17.39 -23.94 13.53
C ARG A 194 -18.00 -24.48 12.25
N SER A 195 -18.72 -25.61 12.33
CA SER A 195 -19.37 -26.18 11.16
C SER A 195 -20.50 -25.28 10.65
N ARG A 196 -21.30 -24.72 11.57
CA ARG A 196 -22.38 -23.82 11.17
C ARG A 196 -21.83 -22.54 10.57
N LEU A 197 -20.76 -21.98 11.15
CA LEU A 197 -20.16 -20.77 10.62
C LEU A 197 -19.52 -21.02 9.25
N ASN A 198 -18.88 -22.17 9.06
CA ASN A 198 -18.29 -22.51 7.77
C ASN A 198 -19.36 -22.73 6.71
N ILE A 199 -20.49 -23.35 7.09
CA ILE A 199 -21.58 -23.57 6.14
C ILE A 199 -22.22 -22.25 5.74
N TYR A 200 -22.44 -21.35 6.69
CA TYR A 200 -23.03 -20.06 6.35
C TYR A 200 -22.05 -19.17 5.59
N LYS A 201 -20.75 -19.32 5.84
CA LYS A 201 -19.77 -18.59 5.04
C LYS A 201 -19.74 -19.13 3.61
N ALA A 202 -19.91 -20.44 3.45
CA ALA A 202 -19.97 -21.02 2.10
C ALA A 202 -21.22 -20.57 1.37
N LEU A 203 -22.35 -20.49 2.07
CA LEU A 203 -23.60 -20.10 1.43
C LEU A 203 -23.70 -18.61 1.14
N ALA A 204 -22.87 -17.79 1.79
CA ALA A 204 -22.95 -16.34 1.65
C ALA A 204 -22.02 -15.79 0.58
N SER A 205 -21.28 -16.63 -0.12
CA SER A 205 -20.39 -16.15 -1.16
C SER A 205 -21.20 -15.67 -2.36
N PRO A 206 -20.80 -14.55 -2.99
CA PRO A 206 -21.54 -14.08 -4.17
C PRO A 206 -21.46 -15.02 -5.37
N SER A 207 -20.35 -15.73 -5.54
CA SER A 207 -20.20 -16.62 -6.68
C SER A 207 -21.14 -17.83 -6.58
N LEU A 208 -21.25 -18.42 -5.39
CA LEU A 208 -22.15 -19.54 -5.21
C LEU A 208 -23.61 -19.13 -5.32
N ILE A 209 -23.93 -17.92 -4.87
CA ILE A 209 -25.29 -17.41 -5.02
C ILE A 209 -25.60 -17.15 -6.50
N ALA A 210 -24.60 -16.66 -7.25
CA ALA A 210 -24.82 -16.40 -8.67
C ALA A 210 -24.90 -17.68 -9.48
N LEU A 211 -24.24 -18.75 -9.02
CA LEU A 211 -24.18 -19.99 -9.79
C LEU A 211 -25.23 -21.02 -9.43
N SER A 212 -25.67 -21.07 -8.16
CA SER A 212 -26.53 -22.17 -7.69
C SER A 212 -27.87 -21.69 -7.17
N SER A 213 -28.31 -20.50 -7.55
CA SER A 213 -29.61 -19.99 -7.15
C SER A 213 -30.32 -19.37 -8.34
N GLU A 214 -31.57 -19.77 -8.56
CA GLU A 214 -32.36 -19.21 -9.65
C GLU A 214 -32.84 -17.79 -9.37
N ASP A 215 -32.89 -17.39 -8.10
CA ASP A 215 -33.26 -16.03 -7.69
C ASP A 215 -32.17 -15.52 -6.75
N PRO A 216 -31.12 -14.92 -7.31
CA PRO A 216 -30.01 -14.43 -6.46
C PRO A 216 -30.39 -13.29 -5.54
N ILE A 217 -31.32 -12.42 -5.95
CA ILE A 217 -31.70 -11.28 -5.13
C ILE A 217 -32.47 -11.74 -3.90
N LEU A 218 -33.47 -12.61 -4.10
CA LEU A 218 -34.27 -13.11 -2.99
C LEU A 218 -33.46 -14.01 -2.08
N THR A 219 -32.57 -14.82 -2.66
CA THR A 219 -31.68 -15.67 -1.87
C THR A 219 -30.72 -14.83 -1.03
N ALA A 220 -30.18 -13.76 -1.61
CA ALA A 220 -29.29 -12.87 -0.88
C ALA A 220 -30.04 -12.14 0.24
N PHE A 221 -31.30 -11.77 -0.01
CA PHE A 221 -32.12 -11.11 1.00
C PHE A 221 -32.39 -12.05 2.18
N ARG A 222 -32.79 -13.30 1.88
CA ARG A 222 -33.07 -14.27 2.93
C ARG A 222 -31.81 -14.65 3.70
N LEU A 223 -30.68 -14.79 3.01
CA LEU A 223 -29.43 -15.11 3.68
C LEU A 223 -28.95 -13.96 4.55
N GLY A 224 -29.15 -12.72 4.10
CA GLY A 224 -28.80 -11.58 4.93
C GLY A 224 -29.65 -11.45 6.17
N TRP A 225 -30.97 -11.70 6.03
CA TRP A 225 -31.86 -11.69 7.20
C TRP A 225 -31.52 -12.81 8.17
N GLU A 226 -31.23 -14.00 7.66
CA GLU A 226 -30.86 -15.12 8.52
C GLU A 226 -29.53 -14.88 9.22
N LEU A 227 -28.57 -14.28 8.52
CA LEU A 227 -27.28 -13.98 9.13
C LEU A 227 -27.41 -12.89 10.19
N LYS A 228 -28.28 -11.90 9.95
CA LYS A 228 -28.51 -10.86 10.96
C LYS A 228 -29.19 -11.44 12.20
N GLU A 229 -30.16 -12.35 12.00
CA GLU A 229 -30.81 -12.98 13.15
C GLU A 229 -29.85 -13.89 13.90
N LEU A 230 -28.95 -14.59 13.18
CA LEU A 230 -27.95 -15.42 13.84
C LEU A 230 -26.95 -14.57 14.62
N SER A 231 -26.58 -13.40 14.08
CA SER A 231 -25.71 -12.48 14.80
C SER A 231 -26.41 -11.94 16.04
N LYS A 232 -27.72 -11.71 15.95
CA LYS A 232 -28.48 -11.30 17.13
C LYS A 232 -28.53 -12.41 18.17
N VAL A 233 -28.59 -13.67 17.72
CA VAL A 233 -28.69 -14.79 18.66
C VAL A 233 -27.32 -15.16 19.21
N GLU A 234 -26.39 -15.52 18.32
CA GLU A 234 -25.07 -16.00 18.74
C GLU A 234 -24.24 -14.80 19.19
N ASN A 235 -23.94 -14.73 20.48
CA ASN A 235 -23.19 -13.61 21.03
C ASN A 235 -21.70 -13.70 20.74
N GLU A 236 -21.14 -14.91 20.71
CA GLU A 236 -19.71 -15.07 20.53
C GLU A 236 -19.26 -14.72 19.11
N PHE A 237 -20.05 -15.07 18.11
CA PHE A 237 -19.66 -14.95 16.71
C PHE A 237 -20.46 -13.85 15.99
N LYS A 238 -20.67 -12.72 16.69
CA LYS A 238 -21.51 -11.66 16.14
C LYS A 238 -20.86 -10.96 14.95
N ALA A 239 -19.53 -10.77 15.00
CA ALA A 239 -18.86 -9.91 14.05
C ALA A 239 -18.82 -10.50 12.64
N GLU A 240 -18.49 -11.79 12.53
CA GLU A 240 -18.42 -12.40 11.21
C GLU A 240 -19.82 -12.61 10.62
N TYR A 241 -20.83 -12.81 11.47
CA TYR A 241 -22.19 -12.88 10.96
C TYR A 241 -22.67 -11.52 10.44
N GLU A 242 -22.29 -10.44 11.13
CA GLU A 242 -22.58 -9.10 10.64
C GLU A 242 -21.85 -8.83 9.33
N GLU A 243 -20.60 -9.30 9.21
CA GLU A 243 -19.83 -9.16 7.98
C GLU A 243 -20.47 -9.93 6.84
N LEU A 244 -20.98 -11.13 7.13
CA LEU A 244 -21.65 -11.93 6.11
C LEU A 244 -22.95 -11.28 5.65
N SER A 245 -23.71 -10.71 6.58
CA SER A 245 -24.94 -10.00 6.22
C SER A 245 -24.64 -8.75 5.39
N GLN A 246 -23.57 -8.03 5.74
CA GLN A 246 -23.15 -6.88 4.94
C GLN A 246 -22.68 -7.30 3.56
N GLN A 247 -22.00 -8.45 3.46
CA GLN A 247 -21.55 -8.96 2.17
C GLN A 247 -22.73 -9.35 1.30
N CYS A 248 -23.77 -9.98 1.88
CA CYS A 248 -24.95 -10.33 1.12
C CYS A 248 -25.72 -9.09 0.66
N LYS A 249 -25.82 -8.08 1.52
CA LYS A 249 -26.50 -6.84 1.15
C LYS A 249 -25.75 -6.10 0.05
N LEU A 250 -24.41 -6.04 0.16
CA LEU A 250 -23.61 -5.40 -0.88
C LEU A 250 -23.66 -6.20 -2.19
N PHE A 251 -23.75 -7.52 -2.13
CA PHE A 251 -23.92 -8.32 -3.34
C PHE A 251 -25.26 -8.03 -4.01
N ALA A 252 -26.32 -7.89 -3.22
CA ALA A 252 -27.64 -7.58 -3.78
C ALA A 252 -27.65 -6.18 -4.41
N LYS A 253 -27.02 -5.20 -3.75
CA LYS A 253 -26.97 -3.85 -4.31
C LYS A 253 -26.10 -3.79 -5.54
N ASP A 254 -24.99 -4.55 -5.56
CA ASP A 254 -24.12 -4.57 -6.73
C ASP A 254 -24.79 -5.25 -7.91
N LEU A 255 -25.57 -6.31 -7.66
CA LEU A 255 -26.32 -6.95 -8.73
C LEU A 255 -27.41 -6.03 -9.27
N LEU A 256 -28.04 -5.26 -8.38
CA LEU A 256 -29.04 -4.30 -8.84
C LEU A 256 -28.39 -3.15 -9.63
N ASP A 257 -27.14 -2.82 -9.30
CA ASP A 257 -26.48 -1.67 -9.91
C ASP A 257 -26.01 -1.95 -11.34
N GLN A 258 -25.99 -3.21 -11.77
CA GLN A 258 -25.47 -3.57 -13.08
C GLN A 258 -26.49 -3.42 -14.20
N ALA A 259 -27.68 -2.91 -13.91
CA ALA A 259 -28.71 -2.74 -14.93
C ALA A 259 -28.31 -1.66 -15.93
N ARG A 260 -28.87 -1.77 -17.14
CA ARG A 260 -28.53 -0.87 -18.22
C ARG A 260 -29.72 -0.15 -18.84
N SER A 261 -30.95 -0.47 -18.44
CA SER A 261 -32.13 0.15 -19.03
C SER A 261 -33.23 0.24 -17.98
N SER A 262 -34.17 1.14 -18.22
CA SER A 262 -35.30 1.31 -17.30
C SER A 262 -36.22 0.09 -17.32
N ARG A 263 -36.34 -0.57 -18.46
CA ARG A 263 -37.19 -1.75 -18.56
C ARG A 263 -36.66 -2.90 -17.73
N GLU A 264 -35.33 -3.06 -17.68
CA GLU A 264 -34.73 -4.09 -16.83
C GLU A 264 -34.96 -3.78 -15.35
N LEU A 265 -34.87 -2.51 -14.96
CA LEU A 265 -35.11 -2.13 -13.58
C LEU A 265 -36.56 -2.34 -13.18
N GLU A 266 -37.50 -1.97 -14.05
CA GLU A 266 -38.90 -2.22 -13.75
C GLU A 266 -39.28 -3.69 -13.80
N ILE A 267 -38.56 -4.49 -14.60
CA ILE A 267 -38.79 -5.94 -14.60
C ILE A 267 -38.28 -6.55 -13.30
N ILE A 268 -37.12 -6.07 -12.81
CA ILE A 268 -36.55 -6.60 -11.58
C ILE A 268 -37.41 -6.21 -10.38
N LEU A 269 -37.85 -4.95 -10.33
CA LEU A 269 -38.58 -4.47 -9.16
C LEU A 269 -39.99 -5.04 -9.11
N ASN A 270 -40.62 -5.24 -10.27
CA ASN A 270 -42.02 -5.66 -10.32
C ASN A 270 -42.20 -7.17 -10.38
N HIS A 271 -41.12 -7.95 -10.30
CA HIS A 271 -41.24 -9.39 -10.33
C HIS A 271 -41.87 -9.91 -9.05
N ARG A 272 -42.82 -10.83 -9.20
CA ARG A 272 -43.49 -11.48 -8.09
C ARG A 272 -43.07 -12.95 -8.02
N ASP A 273 -43.35 -13.56 -6.87
CA ASP A 273 -43.00 -14.96 -6.67
C ASP A 273 -43.90 -15.88 -7.50
N ASP A 286 -47.63 -3.15 -6.51
CA ASP A 286 -47.01 -3.42 -7.80
C ASP A 286 -45.54 -3.78 -7.63
N LEU A 287 -44.82 -2.94 -6.88
CA LEU A 287 -43.40 -3.15 -6.62
C LEU A 287 -43.25 -4.19 -5.51
N ALA A 288 -43.39 -5.46 -5.90
CA ALA A 288 -43.35 -6.54 -4.92
C ALA A 288 -41.94 -6.74 -4.37
N LYS A 289 -40.93 -6.69 -5.24
CA LYS A 289 -39.56 -6.93 -4.78
C LYS A 289 -39.05 -5.79 -3.91
N LEU A 290 -39.50 -4.55 -4.17
CA LEU A 290 -39.14 -3.43 -3.31
C LEU A 290 -39.77 -3.60 -1.92
N LYS A 291 -41.01 -4.09 -1.86
CA LYS A 291 -41.65 -4.36 -0.58
C LYS A 291 -40.95 -5.49 0.15
N VAL A 292 -40.48 -6.51 -0.59
CA VAL A 292 -39.74 -7.60 0.03
C VAL A 292 -38.41 -7.13 0.56
N ALA A 293 -37.75 -6.22 -0.16
CA ALA A 293 -36.49 -5.65 0.31
C ALA A 293 -36.70 -4.77 1.54
N ILE A 294 -37.80 -4.02 1.58
CA ILE A 294 -38.10 -3.20 2.75
C ILE A 294 -38.45 -4.07 3.95
N LYS A 295 -39.12 -5.20 3.70
CA LYS A 295 -39.46 -6.10 4.81
C LYS A 295 -38.24 -6.77 5.39
N TYR A 296 -37.19 -6.98 4.59
CA TYR A 296 -35.96 -7.59 5.06
C TYR A 296 -34.91 -6.58 5.47
N HIS A 297 -35.25 -5.28 5.45
CA HIS A 297 -34.38 -4.20 5.90
C HIS A 297 -33.11 -4.09 5.04
N GLN A 298 -33.28 -4.14 3.73
CA GLN A 298 -32.16 -3.98 2.80
C GLN A 298 -32.07 -2.50 2.43
N LYS A 299 -31.37 -1.74 3.27
CA LYS A 299 -31.27 -0.30 3.07
C LYS A 299 -30.42 0.05 1.85
N GLU A 300 -29.38 -0.73 1.57
CA GLU A 300 -28.54 -0.45 0.40
C GLU A 300 -29.29 -0.72 -0.90
N PHE A 301 -30.14 -1.74 -0.93
CA PHE A 301 -30.91 -2.04 -2.14
C PHE A 301 -31.95 -0.96 -2.41
N VAL A 302 -32.63 -0.49 -1.36
CA VAL A 302 -33.66 0.53 -1.54
C VAL A 302 -33.05 1.87 -1.91
N ALA A 303 -31.88 2.19 -1.33
CA ALA A 303 -31.26 3.50 -1.50
C ALA A 303 -30.37 3.59 -2.73
N GLN A 304 -30.48 2.65 -3.66
CA GLN A 304 -29.75 2.74 -4.91
C GLN A 304 -30.30 3.89 -5.74
N PRO A 305 -29.46 4.58 -6.53
CA PRO A 305 -29.92 5.78 -7.26
C PRO A 305 -30.98 5.51 -8.33
N ASN A 306 -30.93 4.39 -9.02
CA ASN A 306 -31.90 4.14 -10.09
C ASN A 306 -33.27 3.82 -9.51
N CYS A 307 -33.31 3.05 -8.42
CA CYS A 307 -34.57 2.80 -7.73
C CYS A 307 -35.15 4.07 -7.13
N GLN A 308 -34.27 4.96 -6.64
CA GLN A 308 -34.71 6.25 -6.15
C GLN A 308 -35.28 7.12 -7.27
N GLN A 309 -34.68 7.05 -8.46
CA GLN A 309 -35.19 7.78 -9.61
C GLN A 309 -36.55 7.26 -10.05
N LEU A 310 -36.72 5.93 -10.04
CA LEU A 310 -38.01 5.34 -10.40
C LEU A 310 -39.08 5.68 -9.36
N LEU A 311 -38.72 5.65 -8.08
CA LEU A 311 -39.67 6.04 -7.04
C LEU A 311 -39.99 7.52 -7.09
N ALA A 312 -39.04 8.36 -7.50
CA ALA A 312 -39.32 9.78 -7.66
C ALA A 312 -40.25 10.02 -8.84
N THR A 313 -40.06 9.28 -9.93
CA THR A 313 -40.95 9.38 -11.08
C THR A 313 -42.35 8.92 -10.76
N LEU A 314 -42.49 7.83 -9.98
CA LEU A 314 -43.81 7.39 -9.56
C LEU A 314 -44.42 8.34 -8.53
N TRP A 315 -43.59 8.97 -7.70
CA TRP A 315 -44.09 9.86 -6.66
C TRP A 315 -44.66 11.14 -7.27
N TYR A 316 -43.94 11.74 -8.21
CA TYR A 316 -44.44 12.89 -8.95
C TYR A 316 -45.11 12.40 -10.24
N ASP A 317 -46.25 11.74 -10.04
CA ASP A 317 -46.94 11.08 -11.15
C ASP A 317 -47.59 12.11 -12.09
N GLY A 318 -48.30 13.08 -11.52
CA GLY A 318 -49.00 14.08 -12.29
C GLY A 318 -48.28 15.41 -12.44
N PHE A 319 -47.07 15.54 -11.91
CA PHE A 319 -46.29 16.77 -11.95
C PHE A 319 -44.94 16.52 -12.63
N PRO A 320 -44.91 16.51 -13.96
CA PRO A 320 -43.64 16.31 -14.65
C PRO A 320 -42.71 17.50 -14.51
N GLY A 321 -41.41 17.19 -14.40
CA GLY A 321 -40.41 18.24 -14.21
C GLY A 321 -40.53 19.00 -12.91
N TRP A 322 -40.75 18.29 -11.80
CA TRP A 322 -40.84 18.96 -10.51
C TRP A 322 -39.49 19.47 -10.02
N ARG A 323 -38.42 18.74 -10.30
CA ARG A 323 -37.08 19.16 -9.88
C ARG A 323 -36.58 20.35 -10.66
N ARG A 324 -37.13 20.61 -11.85
CA ARG A 324 -36.71 21.68 -12.74
C ARG A 324 -37.08 23.06 -12.22
N LYS A 325 -38.18 23.17 -11.48
CA LYS A 325 -38.83 24.45 -11.24
C LYS A 325 -38.07 25.28 -10.22
N HIS A 326 -38.19 26.60 -10.35
CA HIS A 326 -37.70 27.49 -9.31
C HIS A 326 -38.61 27.35 -8.10
N TRP A 327 -38.07 27.59 -6.89
CA TRP A 327 -38.76 27.24 -5.66
C TRP A 327 -40.01 28.08 -5.40
N VAL A 328 -40.15 29.26 -6.01
CA VAL A 328 -41.33 30.09 -5.75
C VAL A 328 -42.57 29.46 -6.39
N VAL A 329 -42.43 28.94 -7.61
CA VAL A 329 -43.58 28.32 -8.27
C VAL A 329 -43.93 26.99 -7.60
N LYS A 330 -42.93 26.26 -7.09
CA LYS A 330 -43.18 25.03 -6.35
C LYS A 330 -43.92 25.31 -5.05
N LEU A 331 -43.49 26.36 -4.32
CA LEU A 331 -44.18 26.72 -3.08
C LEU A 331 -45.57 27.28 -3.35
N LEU A 332 -45.75 27.99 -4.47
CA LEU A 332 -47.07 28.51 -4.82
C LEU A 332 -48.02 27.38 -5.18
N THR A 333 -47.54 26.37 -5.92
CA THR A 333 -48.35 25.21 -6.22
C THR A 333 -48.68 24.42 -4.95
N CYS A 334 -47.72 24.32 -4.04
CA CYS A 334 -47.96 23.63 -2.77
C CYS A 334 -48.99 24.38 -1.92
N MET A 335 -48.93 25.71 -1.89
CA MET A 335 -49.89 26.51 -1.16
C MET A 335 -51.29 26.40 -1.78
N THR A 336 -51.38 26.49 -3.10
CA THR A 336 -52.67 26.42 -3.75
C THR A 336 -53.29 25.02 -3.69
N ILE A 337 -52.47 23.97 -3.61
CA ILE A 337 -53.02 22.63 -3.46
C ILE A 337 -53.28 22.27 -2.01
N GLY A 338 -52.59 22.89 -1.06
CA GLY A 338 -52.85 22.64 0.35
C GLY A 338 -54.03 23.43 0.87
N PHE A 339 -54.26 24.61 0.30
CA PHE A 339 -55.43 25.41 0.64
C PHE A 339 -56.70 24.88 0.00
N LEU A 340 -56.59 24.00 -1.00
CA LEU A 340 -57.74 23.39 -1.65
C LEU A 340 -58.08 22.02 -1.05
N PHE A 341 -57.73 21.80 0.22
CA PHE A 341 -58.10 20.60 0.96
C PHE A 341 -59.59 20.24 1.02
N PRO A 342 -60.57 21.15 1.24
CA PRO A 342 -61.95 20.63 1.38
C PRO A 342 -62.56 20.23 0.05
N MET A 343 -62.15 20.83 -1.06
CA MET A 343 -62.45 20.23 -2.34
C MET A 343 -61.43 19.14 -2.64
N LEU A 344 -61.71 18.38 -3.72
CA LEU A 344 -60.90 17.30 -4.29
C LEU A 344 -60.94 16.00 -3.50
N SER A 345 -61.65 15.99 -2.38
CA SER A 345 -61.99 14.79 -1.61
C SER A 345 -63.48 14.49 -1.71
N ILE A 346 -64.33 15.51 -1.64
CA ILE A 346 -65.73 15.34 -1.96
C ILE A 346 -65.91 15.09 -3.46
N ALA A 347 -65.01 15.63 -4.28
CA ALA A 347 -65.03 15.33 -5.72
C ALA A 347 -64.72 13.87 -5.98
N TYR A 348 -63.78 13.29 -5.23
CA TYR A 348 -63.53 11.86 -5.30
C TYR A 348 -64.73 11.05 -4.84
N LEU A 349 -65.46 11.57 -3.84
CA LEU A 349 -66.64 10.86 -3.35
C LEU A 349 -67.77 10.89 -4.38
N ILE A 350 -67.94 12.00 -5.07
CA ILE A 350 -69.07 12.17 -5.98
C ILE A 350 -68.78 11.72 -7.40
N SER A 351 -67.52 11.75 -7.84
CA SER A 351 -67.18 11.35 -9.19
C SER A 351 -65.74 10.84 -9.25
N PRO A 352 -65.51 9.58 -8.85
CA PRO A 352 -64.14 9.04 -8.92
C PRO A 352 -63.62 8.85 -10.33
N ARG A 353 -64.50 8.69 -11.31
CA ARG A 353 -64.09 8.49 -12.70
C ARG A 353 -63.96 9.80 -13.47
N SER A 354 -64.23 10.94 -12.85
CA SER A 354 -64.11 12.23 -13.50
C SER A 354 -62.64 12.64 -13.57
N ASN A 355 -62.38 13.67 -14.38
CA ASN A 355 -61.02 14.20 -14.50
C ASN A 355 -60.56 14.85 -13.20
N LEU A 356 -61.46 15.54 -12.49
CA LEU A 356 -61.08 16.19 -11.24
C LEU A 356 -60.88 15.18 -10.11
N GLY A 357 -61.64 14.09 -10.12
CA GLY A 357 -61.51 13.11 -9.05
C GLY A 357 -60.27 12.25 -9.18
N LEU A 358 -59.70 12.18 -10.37
CA LEU A 358 -58.52 11.33 -10.58
C LEU A 358 -57.24 11.98 -10.10
N PHE A 359 -57.23 13.29 -9.85
CA PHE A 359 -56.02 13.97 -9.39
C PHE A 359 -55.70 13.68 -7.93
N ILE A 360 -56.67 13.22 -7.15
CA ILE A 360 -56.42 12.89 -5.75
C ILE A 360 -55.72 11.54 -5.58
N LYS A 361 -55.76 10.68 -6.60
CA LYS A 361 -55.16 9.36 -6.49
C LYS A 361 -53.65 9.38 -6.60
N LYS A 362 -53.05 10.47 -7.07
CA LYS A 362 -51.60 10.57 -7.13
C LYS A 362 -51.02 10.68 -5.72
N PRO A 363 -49.80 10.16 -5.52
CA PRO A 363 -49.25 10.11 -4.15
C PRO A 363 -48.87 11.48 -3.59
N PHE A 364 -48.34 12.38 -4.44
CA PHE A 364 -47.95 13.70 -3.95
C PHE A 364 -49.16 14.52 -3.52
N ILE A 365 -50.25 14.45 -4.28
CA ILE A 365 -51.48 15.16 -3.91
C ILE A 365 -52.07 14.56 -2.64
N LYS A 366 -51.96 13.23 -2.47
CA LYS A 366 -52.43 12.57 -1.26
C LYS A 366 -51.65 13.03 -0.04
N PHE A 367 -50.32 13.11 -0.17
CA PHE A 367 -49.48 13.55 0.95
C PHE A 367 -49.72 15.02 1.28
N ILE A 368 -49.90 15.85 0.26
CA ILE A 368 -50.15 17.28 0.49
C ILE A 368 -51.52 17.48 1.12
N CYS A 369 -52.52 16.70 0.70
CA CYS A 369 -53.86 16.80 1.29
C CYS A 369 -53.86 16.33 2.75
N HIS A 370 -53.12 15.25 3.05
CA HIS A 370 -53.03 14.79 4.44
C HIS A 370 -52.30 15.80 5.31
N THR A 371 -51.23 16.40 4.79
CA THR A 371 -50.50 17.43 5.55
C THR A 371 -51.37 18.67 5.76
N ALA A 372 -52.16 19.05 4.76
CA ALA A 372 -53.06 20.19 4.91
C ALA A 372 -54.16 19.90 5.92
N SER A 373 -54.67 18.66 5.93
CA SER A 373 -55.69 18.29 6.91
C SER A 373 -55.13 18.29 8.32
N TYR A 374 -53.91 17.79 8.51
CA TYR A 374 -53.31 17.80 9.85
C TYR A 374 -52.97 19.22 10.30
N LEU A 375 -52.54 20.07 9.37
CA LEU A 375 -52.29 21.47 9.70
C LEU A 375 -53.58 22.20 10.05
N THR A 376 -54.68 21.87 9.36
CA THR A 376 -55.98 22.45 9.70
C THR A 376 -56.45 22.00 11.07
N PHE A 377 -56.20 20.72 11.41
CA PHE A 377 -56.54 20.22 12.74
C PHE A 377 -55.73 20.91 13.83
N LEU A 378 -54.43 21.12 13.57
CA LEU A 378 -53.59 21.82 14.53
C LEU A 378 -54.01 23.28 14.70
N PHE A 379 -54.36 23.95 13.60
CA PHE A 379 -54.82 25.34 13.67
C PHE A 379 -56.16 25.44 14.38
N MET A 380 -57.03 24.44 14.19
CA MET A 380 -58.30 24.41 14.92
C MET A 380 -58.08 24.19 16.41
N LEU A 381 -57.09 23.35 16.77
CA LEU A 381 -56.77 23.18 18.18
C LEU A 381 -56.17 24.45 18.79
N LEU A 382 -55.39 25.21 18.02
CA LEU A 382 -54.98 26.53 18.49
C LEU A 382 -56.18 27.47 18.66
N LEU A 383 -57.12 27.45 17.71
CA LEU A 383 -58.28 28.34 17.79
C LEU A 383 -59.23 27.95 18.92
N ALA A 384 -59.22 26.69 19.36
CA ALA A 384 -60.08 26.27 20.46
C ALA A 384 -59.66 26.84 21.81
N SER A 385 -58.42 27.32 21.94
CA SER A 385 -57.91 27.84 23.20
C SER A 385 -58.00 29.36 23.29
N GLN A 386 -59.02 29.97 22.69
CA GLN A 386 -59.17 31.41 22.68
C GLN A 386 -60.43 31.81 23.43
N HIS A 387 -60.46 33.07 23.86
CA HIS A 387 -61.58 33.62 24.62
C HIS A 387 -62.77 33.99 23.73
N ILE A 388 -62.60 33.99 22.42
CA ILE A 388 -63.71 34.31 21.52
C ILE A 388 -64.78 33.22 21.57
N VAL A 389 -64.36 31.97 21.70
CA VAL A 389 -65.29 30.84 21.71
C VAL A 389 -65.66 30.42 23.13
N ARG A 390 -64.68 30.37 24.02
CA ARG A 390 -64.92 29.89 25.39
C ARG A 390 -65.66 30.97 26.18
N THR A 391 -66.86 30.62 26.66
CA THR A 391 -67.67 31.53 27.47
C THR A 391 -68.37 30.74 28.56
N ASP A 392 -68.64 31.42 29.68
CA ASP A 392 -69.39 30.88 30.81
C ASP A 392 -68.70 29.66 31.42
N LEU A 393 -67.52 29.93 32.00
CA LEU A 393 -66.69 28.88 32.58
C LEU A 393 -67.20 28.36 33.92
N HIS A 394 -68.22 28.99 34.51
CA HIS A 394 -68.73 28.60 35.82
C HIS A 394 -69.86 27.59 35.74
N VAL A 395 -69.88 26.75 34.70
CA VAL A 395 -70.86 25.67 34.57
C VAL A 395 -70.16 24.36 34.90
N GLN A 396 -70.84 23.53 35.71
CA GLN A 396 -70.24 22.26 36.12
C GLN A 396 -70.13 21.29 34.94
N GLY A 397 -71.26 20.92 34.36
CA GLY A 397 -71.26 20.17 33.13
C GLY A 397 -71.60 21.07 31.96
N PRO A 398 -70.57 21.50 31.23
CA PRO A 398 -70.80 22.44 30.13
C PRO A 398 -71.09 21.68 28.85
N PRO A 399 -72.03 22.18 28.04
CA PRO A 399 -72.23 21.60 26.71
C PRO A 399 -71.05 21.89 25.83
N PRO A 400 -70.77 21.05 24.84
CA PRO A 400 -69.63 21.29 23.95
C PRO A 400 -69.87 22.49 23.05
N THR A 401 -68.85 23.35 22.96
CA THR A 401 -68.93 24.49 22.06
C THR A 401 -68.85 24.03 20.62
N VAL A 402 -69.19 24.94 19.70
CA VAL A 402 -69.30 24.63 18.27
C VAL A 402 -67.94 24.24 17.69
N VAL A 403 -66.85 24.78 18.24
CA VAL A 403 -65.51 24.36 17.85
C VAL A 403 -65.29 22.89 18.19
N GLU A 404 -65.77 22.45 19.36
CA GLU A 404 -65.65 21.04 19.73
C GLU A 404 -66.54 20.17 18.86
N TRP A 405 -67.73 20.67 18.50
CA TRP A 405 -68.64 19.95 17.60
C TRP A 405 -68.01 19.75 16.23
N MET A 406 -67.24 20.73 15.76
CA MET A 406 -66.56 20.53 14.48
C MET A 406 -65.28 19.71 14.62
N ILE A 407 -64.57 19.79 15.75
CA ILE A 407 -63.35 19.01 15.94
C ILE A 407 -63.66 17.52 16.07
N LEU A 408 -64.84 17.16 16.58
CA LEU A 408 -65.26 15.77 16.75
C LEU A 408 -65.23 14.90 15.49
N PRO A 409 -65.65 15.35 14.31
CA PRO A 409 -65.44 14.55 13.09
C PRO A 409 -63.99 14.24 12.75
N TRP A 410 -63.05 15.16 13.05
CA TRP A 410 -61.64 14.85 12.83
C TRP A 410 -61.15 13.74 13.76
N VAL A 411 -61.61 13.75 15.02
CA VAL A 411 -61.21 12.70 15.96
C VAL A 411 -61.83 11.36 15.55
N LEU A 412 -63.07 11.38 15.07
CA LEU A 412 -63.69 10.16 14.57
C LEU A 412 -63.00 9.63 13.32
N GLY A 413 -62.58 10.53 12.42
CA GLY A 413 -61.84 10.10 11.25
C GLY A 413 -60.47 9.53 11.59
N PHE A 414 -59.81 10.12 12.59
CA PHE A 414 -58.53 9.56 13.07
C PHE A 414 -58.71 8.18 13.69
N ILE A 415 -59.81 7.99 14.44
CA ILE A 415 -60.11 6.70 15.04
C ILE A 415 -60.38 5.65 13.95
N TRP A 416 -61.16 6.02 12.93
CA TRP A 416 -61.49 5.09 11.86
C TRP A 416 -60.24 4.77 11.03
N GLY A 417 -59.38 5.76 10.80
CA GLY A 417 -58.14 5.51 10.08
C GLY A 417 -57.18 4.62 10.84
N GLU A 418 -57.05 4.83 12.16
CA GLU A 418 -56.18 3.96 12.95
C GLU A 418 -56.72 2.54 13.04
N ILE A 419 -58.03 2.37 13.17
CA ILE A 419 -58.56 1.00 13.23
C ILE A 419 -58.46 0.32 11.86
N LYS A 420 -58.62 1.09 10.77
CA LYS A 420 -58.42 0.54 9.44
C LYS A 420 -56.97 0.14 9.21
N GLU A 421 -56.03 0.94 9.71
CA GLU A 421 -54.63 0.55 9.65
C GLU A 421 -54.33 -0.66 10.52
N MET A 422 -55.06 -0.84 11.62
CA MET A 422 -54.89 -2.05 12.42
C MET A 422 -55.39 -3.27 11.66
N TRP A 423 -56.52 -3.15 10.96
CA TRP A 423 -57.07 -4.32 10.26
C TRP A 423 -56.23 -4.66 9.03
N ASP A 424 -56.09 -3.71 8.11
CA ASP A 424 -55.28 -3.94 6.92
C ASP A 424 -53.80 -3.97 7.26
N GLY A 425 -53.09 -4.97 6.75
CA GLY A 425 -51.68 -5.16 7.02
C GLY A 425 -51.37 -6.11 8.15
N GLY A 426 -52.32 -6.33 9.05
CA GLY A 426 -52.16 -7.28 10.14
C GLY A 426 -51.74 -6.61 11.43
N PHE A 427 -52.09 -7.28 12.54
CA PHE A 427 -51.67 -6.82 13.86
C PHE A 427 -50.17 -7.03 14.10
N THR A 428 -49.54 -7.97 13.41
CA THR A 428 -48.11 -8.19 13.55
C THR A 428 -47.27 -7.14 12.85
N GLU A 429 -47.84 -6.42 11.87
CA GLU A 429 -47.15 -5.33 11.20
C GLU A 429 -47.50 -3.95 11.73
N TYR A 430 -48.63 -3.82 12.43
CA TYR A 430 -49.04 -2.52 12.94
C TYR A 430 -48.14 -2.06 14.09
N ILE A 431 -47.52 -3.00 14.80
CA ILE A 431 -46.74 -2.66 15.98
C ILE A 431 -45.27 -2.37 15.69
N HIS A 432 -44.80 -2.66 14.47
CA HIS A 432 -43.41 -2.45 14.12
C HIS A 432 -43.11 -1.04 13.62
N ASP A 433 -44.13 -0.22 13.41
CA ASP A 433 -43.90 1.14 12.92
C ASP A 433 -43.25 2.02 13.97
N TRP A 434 -43.66 1.89 15.23
CA TRP A 434 -43.24 2.65 16.42
C TRP A 434 -43.82 4.06 16.48
N TRP A 435 -44.53 4.53 15.46
CA TRP A 435 -45.28 5.76 15.53
C TRP A 435 -46.73 5.52 15.95
N ASN A 436 -47.16 4.26 15.92
CA ASN A 436 -48.55 3.93 16.26
C ASN A 436 -48.80 3.98 17.76
N LEU A 437 -47.74 3.97 18.58
CA LEU A 437 -47.93 4.10 20.02
C LEU A 437 -48.44 5.48 20.39
N MET A 438 -47.93 6.51 19.73
CA MET A 438 -48.44 7.86 19.96
C MET A 438 -49.87 8.01 19.44
N ASP A 439 -50.18 7.36 18.32
CA ASP A 439 -51.54 7.39 17.79
C ASP A 439 -52.51 6.67 18.73
N PHE A 440 -52.10 5.54 19.30
CA PHE A 440 -52.92 4.82 20.28
C PHE A 440 -53.11 5.65 21.55
N ALA A 441 -52.06 6.33 21.99
CA ALA A 441 -52.16 7.20 23.16
C ALA A 441 -53.08 8.39 22.90
N MET A 442 -52.96 9.01 21.71
CA MET A 442 -53.84 10.13 21.32
C MET A 442 -55.30 9.70 21.23
N ASN A 443 -55.55 8.52 20.66
CA ASN A 443 -56.92 8.03 20.56
C ASN A 443 -57.49 7.70 21.94
N SER A 444 -56.68 7.10 22.82
CA SER A 444 -57.10 6.85 24.20
C SER A 444 -57.41 8.13 24.95
N LEU A 445 -56.58 9.17 24.73
CA LEU A 445 -56.84 10.45 25.39
C LEU A 445 -58.10 11.11 24.87
N TYR A 446 -58.35 11.02 23.56
CA TYR A 446 -59.57 11.58 22.99
C TYR A 446 -60.80 10.84 23.46
N LEU A 447 -60.72 9.51 23.55
CA LEU A 447 -61.85 8.71 24.07
C LEU A 447 -62.12 9.01 25.54
N ALA A 448 -61.05 9.18 26.33
CA ALA A 448 -61.21 9.50 27.74
C ALA A 448 -61.81 10.88 27.95
N THR A 449 -61.36 11.88 27.18
CA THR A 449 -61.91 13.21 27.33
C THR A 449 -63.33 13.30 26.81
N ILE A 450 -63.68 12.54 25.77
CA ILE A 450 -65.05 12.51 25.28
C ILE A 450 -65.98 11.86 26.29
N SER A 451 -65.52 10.76 26.91
CA SER A 451 -66.32 10.08 27.93
C SER A 451 -66.49 10.94 29.17
N LEU A 452 -65.44 11.65 29.58
CA LEU A 452 -65.54 12.55 30.73
C LEU A 452 -66.48 13.72 30.43
N LYS A 453 -66.42 14.26 29.22
CA LYS A 453 -67.32 15.36 28.83
C LYS A 453 -68.77 14.90 28.79
N ILE A 454 -69.04 13.71 28.25
CA ILE A 454 -70.42 13.24 28.16
C ILE A 454 -70.97 12.88 29.53
N VAL A 455 -70.13 12.31 30.42
CA VAL A 455 -70.62 11.99 31.76
C VAL A 455 -70.85 13.27 32.57
N ALA A 456 -69.99 14.28 32.38
CA ALA A 456 -70.19 15.56 33.06
C ALA A 456 -71.43 16.28 32.54
N TYR A 457 -71.73 16.14 31.25
CA TYR A 457 -72.97 16.70 30.72
C TYR A 457 -74.17 15.95 31.29
N VAL A 458 -74.10 14.63 31.36
CA VAL A 458 -75.30 13.87 31.71
C VAL A 458 -75.63 13.96 33.20
N LYS A 459 -74.63 13.95 34.09
CA LYS A 459 -75.02 13.86 35.50
C LYS A 459 -74.36 14.91 36.41
N TYR A 460 -73.80 15.99 35.85
CA TYR A 460 -73.27 17.06 36.69
C TYR A 460 -73.96 18.39 36.39
N ASN A 461 -75.29 18.38 36.33
CA ASN A 461 -76.04 19.59 36.01
C ASN A 461 -75.94 20.61 37.13
N GLY A 462 -75.62 21.84 36.78
CA GLY A 462 -75.48 22.91 37.75
C GLY A 462 -74.56 23.99 37.23
N SER A 463 -74.40 25.02 38.04
CA SER A 463 -73.57 26.17 37.70
C SER A 463 -72.72 26.60 38.90
N ARG A 464 -72.11 25.62 39.57
CA ARG A 464 -71.28 25.94 40.72
C ARG A 464 -70.00 26.64 40.28
N PRO A 465 -69.53 27.63 41.03
CA PRO A 465 -68.30 28.33 40.67
C PRO A 465 -67.07 27.43 40.79
N ARG A 466 -66.08 27.71 39.95
CA ARG A 466 -64.91 26.84 39.81
C ARG A 466 -64.01 26.84 41.04
N GLU A 467 -64.10 27.86 41.90
CA GLU A 467 -63.21 27.95 43.05
C GLU A 467 -63.50 26.90 44.11
N GLU A 468 -64.72 26.33 44.13
CA GLU A 468 -65.10 25.34 45.12
C GLU A 468 -65.41 23.99 44.48
N TRP A 469 -64.74 23.66 43.38
CA TRP A 469 -64.93 22.37 42.74
C TRP A 469 -64.09 21.29 43.42
N GLU A 470 -64.53 20.04 43.25
CA GLU A 470 -63.78 18.91 43.74
C GLU A 470 -62.47 18.77 42.98
N MET A 471 -61.43 18.29 43.66
CA MET A 471 -60.14 18.08 43.02
C MET A 471 -60.24 16.97 41.97
N TRP A 472 -60.99 15.92 42.28
CA TRP A 472 -61.29 14.88 41.29
C TRP A 472 -62.53 15.18 40.48
N HIS A 473 -62.61 16.37 39.89
CA HIS A 473 -63.74 16.67 39.00
C HIS A 473 -63.44 16.14 37.61
N PRO A 474 -64.36 15.40 36.98
CA PRO A 474 -64.10 14.88 35.63
C PRO A 474 -63.96 15.94 34.56
N THR A 475 -64.49 17.16 34.77
CA THR A 475 -64.26 18.23 33.80
C THR A 475 -62.79 18.65 33.76
N LEU A 476 -62.16 18.79 34.93
CA LEU A 476 -60.76 19.14 35.00
C LEU A 476 -59.87 18.03 34.45
N ILE A 477 -60.22 16.78 34.74
CA ILE A 477 -59.46 15.63 34.22
C ILE A 477 -59.60 15.53 32.72
N ALA A 478 -60.81 15.80 32.20
CA ALA A 478 -61.04 15.82 30.76
C ALA A 478 -60.24 16.93 30.08
N GLU A 479 -60.15 18.10 30.73
CA GLU A 479 -59.35 19.17 30.13
C GLU A 479 -57.85 18.86 30.18
N ALA A 480 -57.39 18.21 31.25
CA ALA A 480 -55.98 17.83 31.34
C ALA A 480 -55.62 16.81 30.27
N LEU A 481 -56.50 15.82 30.07
CA LEU A 481 -56.28 14.84 29.01
C LEU A 481 -56.38 15.47 27.63
N PHE A 482 -57.25 16.48 27.47
CA PHE A 482 -57.34 17.21 26.21
C PHE A 482 -56.07 17.99 25.94
N ALA A 483 -55.48 18.60 26.97
CA ALA A 483 -54.23 19.33 26.79
C ALA A 483 -53.07 18.39 26.44
N ILE A 484 -53.02 17.22 27.09
CA ILE A 484 -51.98 16.25 26.78
C ILE A 484 -52.15 15.69 25.37
N SER A 485 -53.40 15.47 24.94
CA SER A 485 -53.66 15.04 23.58
C SER A 485 -53.32 16.13 22.57
N ASN A 486 -53.53 17.39 22.93
CA ASN A 486 -53.15 18.49 22.04
C ASN A 486 -51.63 18.57 21.89
N ILE A 487 -50.90 18.31 22.98
CA ILE A 487 -49.44 18.26 22.92
C ILE A 487 -48.97 17.11 22.03
N LEU A 488 -49.61 15.93 22.16
CA LEU A 488 -49.24 14.80 21.32
C LEU A 488 -49.58 15.04 19.85
N SER A 489 -50.71 15.70 19.59
CA SER A 489 -51.10 16.03 18.22
C SER A 489 -50.14 17.04 17.60
N SER A 490 -49.68 18.00 18.38
CA SER A 490 -48.71 18.97 17.86
C SER A 490 -47.33 18.35 17.68
N LEU A 491 -46.94 17.41 18.54
CA LEU A 491 -45.66 16.73 18.42
C LEU A 491 -45.70 15.58 17.41
N ARG A 492 -46.87 15.27 16.85
CA ARG A 492 -46.96 14.27 15.78
C ARG A 492 -46.34 14.74 14.45
N LEU A 493 -46.07 16.03 14.29
CA LEU A 493 -45.53 16.58 13.05
C LEU A 493 -44.06 16.24 12.80
N ILE A 494 -43.36 15.62 13.76
CA ILE A 494 -41.96 15.24 13.57
C ILE A 494 -41.82 14.16 12.50
N SER A 495 -42.84 13.32 12.33
CA SER A 495 -42.80 12.22 11.37
C SER A 495 -42.79 12.68 9.92
N LEU A 496 -43.18 13.92 9.63
CA LEU A 496 -43.19 14.45 8.27
C LEU A 496 -41.83 14.99 7.84
N PHE A 497 -40.81 14.88 8.69
CA PHE A 497 -39.48 15.42 8.38
C PHE A 497 -38.74 14.60 7.32
N THR A 498 -39.18 13.37 7.05
CA THR A 498 -38.55 12.58 5.99
C THR A 498 -38.81 13.16 4.60
N ALA A 499 -39.91 13.90 4.43
CA ALA A 499 -40.25 14.46 3.13
C ALA A 499 -39.24 15.52 2.69
N ASN A 500 -38.75 16.33 3.62
CA ASN A 500 -37.73 17.31 3.29
C ASN A 500 -36.37 16.65 3.14
N SER A 501 -35.47 17.35 2.46
CA SER A 501 -34.12 16.85 2.20
C SER A 501 -33.11 17.30 3.26
N HIS A 502 -33.54 18.07 4.27
CA HIS A 502 -32.63 18.58 5.27
C HIS A 502 -32.96 18.13 6.69
N LEU A 503 -34.20 17.76 6.96
CA LEU A 503 -34.63 17.41 8.31
C LEU A 503 -34.72 15.90 8.55
N GLY A 504 -34.35 15.10 7.55
CA GLY A 504 -34.42 13.66 7.66
C GLY A 504 -33.28 13.03 8.44
N PRO A 505 -32.04 13.23 7.99
CA PRO A 505 -30.87 12.75 8.76
C PRO A 505 -30.74 13.36 10.15
N LEU A 506 -31.24 14.59 10.34
CA LEU A 506 -31.29 15.21 11.65
C LEU A 506 -32.15 14.40 12.62
N GLN A 507 -33.34 13.98 12.18
CA GLN A 507 -34.15 13.17 13.06
C GLN A 507 -33.68 11.72 13.13
N ILE A 508 -32.93 11.24 12.14
CA ILE A 508 -32.32 9.91 12.26
C ILE A 508 -31.27 9.91 13.37
N SER A 509 -30.42 10.95 13.39
CA SER A 509 -29.46 11.13 14.48
C SER A 509 -30.17 11.36 15.81
N LEU A 510 -31.31 12.07 15.77
CA LEU A 510 -32.13 12.24 16.97
C LEU A 510 -32.68 10.91 17.48
N GLY A 511 -33.07 10.02 16.57
CA GLY A 511 -33.57 8.72 16.97
C GLY A 511 -32.50 7.85 17.61
N ARG A 512 -31.28 7.88 17.07
CA ARG A 512 -30.18 7.14 17.70
C ARG A 512 -29.82 7.73 19.06
N MET A 513 -29.73 9.07 19.13
CA MET A 513 -29.39 9.73 20.39
C MET A 513 -30.50 9.61 21.42
N LEU A 514 -31.75 9.37 21.01
CA LEU A 514 -32.81 9.12 21.98
C LEU A 514 -32.61 7.78 22.68
N LEU A 515 -32.16 6.76 21.94
CA LEU A 515 -31.82 5.48 22.56
C LEU A 515 -30.64 5.61 23.51
N ASP A 516 -29.65 6.43 23.12
CA ASP A 516 -28.53 6.70 24.03
C ASP A 516 -28.99 7.48 25.27
N ILE A 517 -29.98 8.37 25.10
CA ILE A 517 -30.53 9.10 26.22
C ILE A 517 -31.28 8.16 27.17
N LEU A 518 -31.96 7.15 26.61
CA LEU A 518 -32.62 6.15 27.46
C LEU A 518 -31.60 5.33 28.26
N LYS A 519 -30.49 4.95 27.59
CA LYS A 519 -29.41 4.24 28.28
C LYS A 519 -28.78 5.08 29.38
N PHE A 520 -28.73 6.40 29.19
CA PHE A 520 -28.30 7.28 30.26
C PHE A 520 -29.35 7.39 31.38
N LEU A 521 -30.61 7.51 30.99
CA LEU A 521 -31.67 7.79 31.96
C LEU A 521 -31.96 6.62 32.88
N PHE A 522 -31.58 5.38 32.49
CA PHE A 522 -31.64 4.26 33.43
C PHE A 522 -30.74 4.48 34.65
N ILE A 523 -29.46 4.82 34.40
CA ILE A 523 -28.52 5.06 35.49
C ILE A 523 -28.89 6.32 36.26
N TYR A 524 -29.42 7.33 35.56
CA TYR A 524 -29.89 8.53 36.24
C TYR A 524 -31.08 8.24 37.15
N CYS A 525 -32.00 7.38 36.71
CA CYS A 525 -33.15 7.01 37.54
C CYS A 525 -32.70 6.24 38.77
N LEU A 526 -31.69 5.38 38.62
CA LEU A 526 -31.16 4.64 39.78
C LEU A 526 -30.52 5.58 40.81
N VAL A 527 -29.72 6.55 40.32
CA VAL A 527 -29.05 7.49 41.22
C VAL A 527 -30.07 8.42 41.88
N LEU A 528 -31.10 8.83 41.13
CA LEU A 528 -32.15 9.68 41.66
C LEU A 528 -32.96 8.96 42.73
N LEU A 529 -33.26 7.68 42.51
CA LEU A 529 -34.01 6.90 43.50
C LEU A 529 -33.19 6.72 44.79
N ALA A 530 -31.88 6.48 44.66
CA ALA A 530 -31.01 6.32 45.83
C ALA A 530 -30.94 7.61 46.64
N PHE A 531 -30.69 8.73 45.98
CA PHE A 531 -30.57 9.99 46.71
C PHE A 531 -31.91 10.46 47.27
N ALA A 532 -33.01 10.18 46.56
CA ALA A 532 -34.34 10.51 47.07
C ALA A 532 -34.69 9.68 48.31
N ASN A 533 -34.32 8.40 48.30
CA ASN A 533 -34.52 7.55 49.47
C ASN A 533 -33.74 8.05 50.68
N GLY A 534 -32.48 8.43 50.46
CA GLY A 534 -31.67 8.96 51.55
C GLY A 534 -32.19 10.27 52.10
N LEU A 535 -32.59 11.18 51.21
CA LEU A 535 -33.09 12.49 51.64
C LEU A 535 -34.43 12.37 52.36
N ASN A 536 -35.32 11.49 51.89
CA ASN A 536 -36.60 11.31 52.57
C ASN A 536 -36.43 10.65 53.93
N GLN A 537 -35.53 9.65 54.01
CA GLN A 537 -35.26 9.00 55.29
C GLN A 537 -34.62 9.95 56.30
N LEU A 538 -33.83 10.91 55.82
CA LEU A 538 -33.27 11.89 56.74
C LEU A 538 -34.30 12.94 57.15
N TYR A 539 -35.12 13.42 56.22
CA TYR A 539 -35.91 14.63 56.46
C TYR A 539 -37.39 14.41 56.74
N PHE A 540 -37.89 13.18 56.82
CA PHE A 540 -39.34 13.09 56.93
C PHE A 540 -39.87 13.24 58.35
N TYR A 541 -39.02 13.43 59.37
CA TYR A 541 -39.54 13.72 60.72
C TYR A 541 -39.99 15.17 60.85
N TYR A 542 -39.38 16.07 60.08
CA TYR A 542 -39.66 17.49 60.20
C TYR A 542 -40.78 17.96 59.28
N GLU A 543 -41.72 17.09 58.94
CA GLU A 543 -42.86 17.49 58.12
C GLU A 543 -43.78 18.42 58.90
N THR A 544 -44.28 19.45 58.23
CA THR A 544 -45.17 20.42 58.84
C THR A 544 -46.49 20.46 58.07
N ARG A 545 -47.55 20.86 58.77
CA ARG A 545 -48.87 20.95 58.18
C ARG A 545 -48.99 22.24 57.34
N ALA A 546 -49.96 22.22 56.43
CA ALA A 546 -50.19 23.37 55.56
C ALA A 546 -50.74 24.57 56.31
N ILE A 547 -51.43 24.36 57.43
CA ILE A 547 -52.01 25.48 58.18
C ILE A 547 -50.92 26.29 58.84
N ASP A 548 -49.89 25.63 59.37
CA ASP A 548 -48.82 26.35 60.06
C ASP A 548 -47.97 27.16 59.09
N GLU A 549 -47.72 26.63 57.90
CA GLU A 549 -46.91 27.34 56.92
C GLU A 549 -47.67 28.52 56.32
N PRO A 550 -46.95 29.52 55.80
CA PRO A 550 -47.62 30.68 55.21
C PRO A 550 -48.36 30.33 53.93
N ASN A 551 -49.50 31.00 53.74
CA ASN A 551 -50.34 30.97 52.54
C ASN A 551 -51.08 29.64 52.35
N ASN A 552 -51.04 28.74 53.34
CA ASN A 552 -51.82 27.49 53.33
C ASN A 552 -51.41 26.56 52.18
N CYS A 553 -50.13 26.56 51.84
CA CYS A 553 -49.63 25.68 50.78
C CYS A 553 -48.45 24.87 51.32
N LYS A 554 -48.25 23.70 50.71
CA LYS A 554 -47.23 22.78 51.17
C LYS A 554 -46.61 22.11 49.95
N GLY A 555 -45.34 22.38 49.70
CA GLY A 555 -44.63 21.79 48.59
C GLY A 555 -43.60 22.75 48.05
N ILE A 556 -42.95 22.32 46.96
CA ILE A 556 -41.93 23.13 46.30
C ILE A 556 -42.52 24.11 45.30
N ARG A 557 -43.84 24.14 45.15
CA ARG A 557 -44.51 25.00 44.19
C ARG A 557 -45.17 26.21 44.85
N CYS A 558 -44.57 26.73 45.93
CA CYS A 558 -45.06 27.91 46.61
C CYS A 558 -44.17 29.10 46.30
N GLU A 559 -44.59 30.28 46.74
CA GLU A 559 -43.74 31.46 46.65
C GLU A 559 -42.52 31.31 47.56
N LYS A 560 -42.74 30.92 48.80
CA LYS A 560 -41.68 30.49 49.70
C LYS A 560 -41.64 28.96 49.66
N GLN A 561 -40.47 28.41 49.35
CA GLN A 561 -40.35 26.97 49.14
C GLN A 561 -40.49 26.24 50.47
N ASN A 562 -41.53 25.42 50.56
CA ASN A 562 -41.86 24.69 51.78
C ASN A 562 -41.01 23.43 51.91
N ASN A 563 -41.42 22.52 52.79
CA ASN A 563 -40.70 21.26 53.02
C ASN A 563 -40.63 20.43 51.75
N ALA A 564 -39.42 20.25 51.24
CA ALA A 564 -39.18 19.58 49.98
C ALA A 564 -38.77 18.12 50.12
N PHE A 565 -38.45 17.67 51.34
CA PHE A 565 -38.02 16.30 51.58
C PHE A 565 -38.89 15.63 52.64
N SER A 566 -40.18 15.94 52.67
CA SER A 566 -41.08 15.39 53.67
C SER A 566 -41.67 14.05 53.25
N THR A 567 -41.84 13.81 51.96
CA THR A 567 -42.37 12.54 51.46
C THR A 567 -41.49 12.05 50.31
N LEU A 568 -41.69 10.79 49.93
CA LEU A 568 -40.92 10.19 48.85
C LEU A 568 -41.24 10.85 47.51
N PHE A 569 -42.52 11.11 47.26
CA PHE A 569 -42.92 11.79 46.03
C PHE A 569 -42.41 13.24 46.00
N GLU A 570 -42.53 13.94 47.12
CA GLU A 570 -42.03 15.31 47.19
C GLU A 570 -40.51 15.36 47.10
N THR A 571 -39.83 14.37 47.69
CA THR A 571 -38.38 14.27 47.59
C THR A 571 -37.94 13.99 46.14
N LEU A 572 -38.69 13.12 45.45
CA LEU A 572 -38.38 12.83 44.04
C LEU A 572 -38.60 14.06 43.16
N GLN A 573 -39.68 14.80 43.41
CA GLN A 573 -39.94 16.03 42.65
C GLN A 573 -38.87 17.09 42.93
N SER A 574 -38.46 17.22 44.20
CA SER A 574 -37.45 18.21 44.55
C SER A 574 -36.09 17.88 43.97
N LEU A 575 -35.70 16.60 44.02
CA LEU A 575 -34.45 16.19 43.39
C LEU A 575 -34.52 16.27 41.87
N PHE A 576 -35.68 16.10 41.27
CA PHE A 576 -35.81 16.30 39.83
C PHE A 576 -35.64 17.77 39.47
N TRP A 577 -36.27 18.67 40.23
CA TRP A 577 -36.24 20.09 39.90
C TRP A 577 -34.91 20.75 40.22
N SER A 578 -34.06 20.09 41.01
CA SER A 578 -32.76 20.68 41.35
C SER A 578 -31.77 20.62 40.19
N VAL A 579 -32.04 19.80 39.17
CA VAL A 579 -31.13 19.71 38.02
C VAL A 579 -31.18 20.99 37.21
N PHE A 580 -32.36 21.59 37.08
CA PHE A 580 -32.52 22.83 36.33
C PHE A 580 -32.34 24.07 37.21
N GLY A 581 -31.99 23.89 38.47
CA GLY A 581 -31.72 25.01 39.36
C GLY A 581 -32.94 25.72 39.89
N LEU A 582 -34.13 25.16 39.72
CA LEU A 582 -35.35 25.79 40.19
C LEU A 582 -35.62 25.54 41.67
N LEU A 583 -34.81 24.72 42.33
CA LEU A 583 -34.95 24.46 43.76
C LEU A 583 -33.91 25.28 44.51
N ASN A 584 -34.38 26.09 45.46
CA ASN A 584 -33.49 26.97 46.20
C ASN A 584 -32.69 26.19 47.23
N LEU A 585 -31.83 26.89 47.96
CA LEU A 585 -30.94 26.25 48.92
C LEU A 585 -31.50 26.21 50.34
N TYR A 586 -32.56 26.97 50.64
CA TYR A 586 -33.09 27.00 51.99
C TYR A 586 -34.10 25.88 52.27
N VAL A 587 -34.30 24.96 51.32
CA VAL A 587 -35.17 23.82 51.56
C VAL A 587 -34.56 22.80 52.51
N THR A 588 -33.24 22.82 52.69
CA THR A 588 -32.55 21.92 53.59
C THR A 588 -32.47 22.44 55.01
N ASN A 589 -33.13 23.56 55.31
CA ASN A 589 -33.14 24.16 56.63
C ASN A 589 -34.40 23.76 57.37
N VAL A 590 -34.24 23.39 58.64
CA VAL A 590 -35.35 22.97 59.48
C VAL A 590 -35.69 24.09 60.46
N LYS A 591 -36.81 23.93 61.16
CA LYS A 591 -37.25 24.94 62.12
C LYS A 591 -36.32 24.99 63.33
N ALA A 592 -36.01 23.83 63.90
CA ALA A 592 -35.10 23.79 65.03
C ALA A 592 -33.66 23.99 64.57
N ARG A 593 -32.77 24.23 65.54
CA ARG A 593 -31.37 24.49 65.25
C ARG A 593 -30.57 23.19 65.37
N HIS A 594 -30.90 22.25 64.49
CA HIS A 594 -30.16 20.99 64.35
C HIS A 594 -29.12 21.21 63.26
N GLU A 595 -27.95 21.72 63.65
CA GLU A 595 -26.95 22.10 62.67
C GLU A 595 -26.30 20.89 62.01
N PHE A 596 -26.15 19.79 62.75
CA PHE A 596 -25.51 18.60 62.19
C PHE A 596 -26.39 17.94 61.14
N THR A 597 -27.69 17.83 61.42
CA THR A 597 -28.62 17.24 60.43
C THR A 597 -28.74 18.11 59.20
N GLU A 598 -28.76 19.44 59.38
CA GLU A 598 -28.81 20.36 58.25
C GLU A 598 -27.54 20.28 57.42
N PHE A 599 -26.38 20.16 58.07
CA PHE A 599 -25.12 20.04 57.34
C PHE A 599 -25.04 18.71 56.60
N VAL A 600 -25.54 17.63 57.20
CA VAL A 600 -25.53 16.33 56.53
C VAL A 600 -26.46 16.34 55.33
N GLY A 601 -27.65 16.95 55.47
CA GLY A 601 -28.55 17.06 54.34
C GLY A 601 -28.02 17.96 53.23
N ALA A 602 -27.32 19.04 53.62
CA ALA A 602 -26.70 19.91 52.62
C ALA A 602 -25.57 19.19 51.89
N THR A 603 -24.80 18.36 52.60
CA THR A 603 -23.77 17.55 51.96
C THR A 603 -24.38 16.52 51.01
N MET A 604 -25.51 15.94 51.40
CA MET A 604 -26.25 14.99 50.57
C MET A 604 -26.75 15.65 49.28
N PHE A 605 -27.37 16.82 49.41
CA PHE A 605 -27.88 17.56 48.27
C PHE A 605 -26.74 18.04 47.37
N GLY A 606 -25.63 18.46 47.97
CA GLY A 606 -24.48 18.88 47.18
C GLY A 606 -23.84 17.74 46.43
N THR A 607 -23.76 16.55 47.04
CA THR A 607 -23.22 15.39 46.36
C THR A 607 -24.09 14.96 45.19
N TYR A 608 -25.42 15.00 45.38
CA TYR A 608 -26.34 14.69 44.29
C TYR A 608 -26.23 15.71 43.16
N ASN A 609 -26.08 17.00 43.51
CA ASN A 609 -25.92 18.04 42.50
C ASN A 609 -24.62 17.89 41.73
N VAL A 610 -23.53 17.54 42.42
CA VAL A 610 -22.23 17.36 41.78
C VAL A 610 -22.26 16.18 40.83
N ILE A 611 -22.91 15.07 41.24
CA ILE A 611 -23.06 13.91 40.37
C ILE A 611 -23.89 14.26 39.13
N SER A 612 -25.15 14.66 39.34
CA SER A 612 -26.09 14.87 38.25
C SER A 612 -25.76 16.09 37.38
N LEU A 613 -24.85 16.98 37.79
CA LEU A 613 -24.48 18.12 36.97
C LEU A 613 -23.02 18.17 36.56
N VAL A 614 -22.17 17.26 37.02
CA VAL A 614 -20.77 17.32 36.61
C VAL A 614 -20.35 16.01 35.95
N VAL A 615 -20.95 14.89 36.33
CA VAL A 615 -20.49 13.62 35.80
C VAL A 615 -21.47 13.14 34.74
N LEU A 616 -22.74 13.04 35.14
CA LEU A 616 -23.74 12.34 34.33
C LEU A 616 -24.09 13.10 33.06
N LEU A 617 -24.36 14.40 33.16
CA LEU A 617 -24.78 15.18 31.99
C LEU A 617 -23.65 15.33 30.99
N ASN A 618 -22.42 15.53 31.47
CA ASN A 618 -21.29 15.61 30.57
C ASN A 618 -20.98 14.27 29.92
N MET A 619 -21.17 13.17 30.66
CA MET A 619 -21.02 11.84 30.08
C MET A 619 -22.07 11.57 29.01
N LEU A 620 -23.30 12.06 29.23
CA LEU A 620 -24.36 11.95 28.23
C LEU A 620 -24.02 12.76 26.97
N ILE A 621 -23.41 13.94 27.17
CA ILE A 621 -22.95 14.77 26.05
C ILE A 621 -21.88 14.05 25.25
N ALA A 622 -20.93 13.42 25.95
CA ALA A 622 -19.85 12.68 25.30
C ALA A 622 -20.39 11.47 24.54
N MET A 623 -21.37 10.75 25.13
CA MET A 623 -21.95 9.58 24.47
C MET A 623 -22.71 9.98 23.20
N MET A 624 -23.53 11.02 23.28
CA MET A 624 -24.30 11.36 22.09
C MET A 624 -23.43 12.03 21.03
N ASN A 625 -22.31 12.61 21.48
CA ASN A 625 -21.35 13.18 20.50
C ASN A 625 -20.72 12.02 19.72
N ASN A 626 -20.26 11.01 20.44
CA ASN A 626 -19.57 9.90 19.73
C ASN A 626 -20.58 9.28 18.79
N SER A 627 -21.82 9.14 19.25
CA SER A 627 -22.83 8.44 18.42
C SER A 627 -23.05 9.21 17.12
N TYR A 628 -23.07 10.54 17.21
CA TYR A 628 -23.37 11.32 16.00
C TYR A 628 -22.28 11.06 14.97
N GLN A 629 -21.03 10.99 15.43
CA GLN A 629 -19.97 10.86 14.40
C GLN A 629 -20.19 9.54 13.65
N LEU A 630 -20.51 8.47 14.37
CA LEU A 630 -20.79 7.18 13.71
C LEU A 630 -22.03 7.29 12.82
N ILE A 631 -23.06 7.97 13.31
CA ILE A 631 -24.36 8.07 12.57
C ILE A 631 -24.19 8.82 11.26
N ALA A 632 -23.35 9.85 11.20
CA ALA A 632 -23.33 10.74 10.01
C ALA A 632 -22.98 10.00 8.72
N ASP A 633 -22.04 9.06 8.73
CA ASP A 633 -21.66 8.43 7.44
C ASP A 633 -22.89 7.73 6.86
N HIS A 634 -23.66 7.06 7.69
CA HIS A 634 -24.80 6.26 7.21
C HIS A 634 -26.07 7.10 7.21
N ALA A 635 -25.98 8.37 7.57
CA ALA A 635 -27.24 9.14 7.75
C ALA A 635 -28.03 9.17 6.45
N ASP A 636 -27.39 9.34 5.30
CA ASP A 636 -28.19 9.45 4.06
C ASP A 636 -28.92 8.14 3.79
N ILE A 637 -28.20 7.02 3.71
CA ILE A 637 -28.84 5.77 3.30
C ILE A 637 -30.14 5.54 4.08
N GLU A 638 -30.08 5.71 5.40
CA GLU A 638 -31.26 5.47 6.23
C GLU A 638 -32.33 6.54 6.02
N TRP A 639 -31.93 7.78 5.70
CA TRP A 639 -32.91 8.80 5.36
C TRP A 639 -33.64 8.46 4.06
N LYS A 640 -32.89 7.95 3.07
CA LYS A 640 -33.52 7.53 1.82
C LYS A 640 -34.42 6.32 2.03
N PHE A 641 -34.03 5.41 2.93
CA PHE A 641 -34.88 4.28 3.26
C PHE A 641 -36.17 4.71 3.94
N ALA A 642 -36.08 5.67 4.87
CA ALA A 642 -37.28 6.19 5.53
C ALA A 642 -38.17 6.95 4.57
N ARG A 643 -37.59 7.71 3.65
CA ARG A 643 -38.38 8.42 2.66
C ARG A 643 -39.05 7.47 1.67
N THR A 644 -38.36 6.36 1.34
CA THR A 644 -38.97 5.34 0.48
C THR A 644 -40.11 4.64 1.20
N LYS A 645 -39.95 4.40 2.51
CA LYS A 645 -41.04 3.80 3.29
C LYS A 645 -42.23 4.74 3.40
N LEU A 646 -41.98 6.04 3.51
CA LEU A 646 -43.09 6.99 3.57
C LEU A 646 -43.76 7.16 2.20
N TRP A 647 -42.98 7.09 1.12
CA TRP A 647 -43.54 7.31 -0.22
C TRP A 647 -44.47 6.18 -0.63
N MET A 648 -44.11 4.93 -0.34
CA MET A 648 -44.94 3.80 -0.74
C MET A 648 -46.13 3.58 0.17
N SER A 649 -46.21 4.28 1.30
CA SER A 649 -47.41 4.25 2.11
C SER A 649 -48.58 4.93 1.41
N TYR A 650 -48.32 5.91 0.55
CA TYR A 650 -49.36 6.61 -0.20
C TYR A 650 -49.58 6.04 -1.59
N PHE A 651 -48.82 5.02 -1.98
CA PHE A 651 -48.97 4.46 -3.33
C PHE A 651 -50.27 3.67 -3.46
N ASP A 652 -50.65 2.95 -2.40
CA ASP A 652 -51.84 2.12 -2.46
C ASP A 652 -53.10 2.98 -2.44
N GLU A 653 -54.23 2.36 -2.75
CA GLU A 653 -55.52 3.03 -2.77
C GLU A 653 -56.23 3.01 -1.42
N GLY A 654 -55.66 2.33 -0.43
CA GLY A 654 -56.28 2.29 0.88
C GLY A 654 -55.93 3.51 1.72
N GLY A 655 -56.90 4.41 1.87
CA GLY A 655 -56.68 5.63 2.63
C GLY A 655 -56.54 6.85 1.75
N THR A 656 -57.27 6.86 0.62
CA THR A 656 -57.21 8.00 -0.30
C THR A 656 -57.82 9.24 0.33
N LEU A 657 -58.94 9.09 1.04
CA LEU A 657 -59.61 10.23 1.62
C LEU A 657 -58.87 10.73 2.86
N PRO A 658 -59.01 12.01 3.19
CA PRO A 658 -58.39 12.54 4.41
C PRO A 658 -59.11 12.06 5.66
N PRO A 659 -58.57 12.36 6.83
CA PRO A 659 -59.26 12.05 8.10
C PRO A 659 -60.63 12.71 8.24
N PRO A 660 -60.85 13.96 7.82
CA PRO A 660 -62.23 14.49 7.85
C PRO A 660 -63.20 13.83 6.89
N PHE A 661 -62.73 13.12 5.86
CA PHE A 661 -63.61 12.58 4.84
C PHE A 661 -63.57 11.06 4.71
N ASN A 662 -62.71 10.37 5.47
CA ASN A 662 -62.61 8.92 5.34
C ASN A 662 -63.77 8.19 6.01
N ILE A 663 -64.53 8.85 6.87
CA ILE A 663 -65.66 8.21 7.55
C ILE A 663 -66.98 8.44 6.82
N ILE A 664 -67.01 9.28 5.79
CA ILE A 664 -68.23 9.56 5.05
C ILE A 664 -68.60 8.33 4.21
N PRO A 665 -69.80 7.77 4.38
CA PRO A 665 -70.24 6.60 3.62
C PRO A 665 -70.84 6.95 2.27
N SER A 706 -48.95 -16.41 -16.90
CA SER A 706 -48.16 -15.26 -16.46
C SER A 706 -46.70 -15.64 -16.26
N LEU A 707 -46.22 -16.59 -17.06
CA LEU A 707 -44.84 -17.05 -16.98
C LEU A 707 -43.87 -16.15 -17.74
N ILE A 708 -44.38 -15.21 -18.54
CA ILE A 708 -43.52 -14.28 -19.26
C ILE A 708 -42.80 -13.35 -18.30
N GLN A 709 -43.43 -13.00 -17.17
CA GLN A 709 -42.77 -12.21 -16.14
C GLN A 709 -41.59 -12.95 -15.54
N ASN A 710 -41.76 -14.24 -15.25
CA ASN A 710 -40.67 -15.05 -14.71
C ASN A 710 -39.55 -15.23 -15.73
N GLN A 711 -39.91 -15.41 -17.00
CA GLN A 711 -38.89 -15.55 -18.05
C GLN A 711 -38.10 -14.26 -18.26
N HIS A 712 -38.79 -13.12 -18.24
CA HIS A 712 -38.11 -11.84 -18.37
C HIS A 712 -37.22 -11.55 -17.17
N TYR A 713 -37.69 -11.92 -15.97
CA TYR A 713 -36.89 -11.76 -14.76
C TYR A 713 -35.65 -12.64 -14.79
N GLN A 714 -35.79 -13.87 -15.31
CA GLN A 714 -34.63 -14.75 -15.46
C GLN A 714 -33.63 -14.21 -16.47
N GLU A 715 -34.12 -13.63 -17.57
CA GLU A 715 -33.24 -13.01 -18.56
C GLU A 715 -32.47 -11.83 -17.99
N VAL A 716 -33.18 -10.97 -17.23
CA VAL A 716 -32.55 -9.78 -16.66
C VAL A 716 -31.56 -10.17 -15.57
N ILE A 717 -31.90 -11.16 -14.75
CA ILE A 717 -30.97 -11.62 -13.71
C ILE A 717 -29.76 -12.31 -14.34
N ARG A 718 -29.95 -12.96 -15.49
CA ARG A 718 -28.85 -13.59 -16.22
C ARG A 718 -27.85 -12.55 -16.71
N ASN A 719 -28.35 -11.48 -17.34
CA ASN A 719 -27.47 -10.41 -17.81
C ASN A 719 -26.83 -9.66 -16.65
N LEU A 720 -27.57 -9.46 -15.56
CA LEU A 720 -27.04 -8.79 -14.38
C LEU A 720 -25.94 -9.62 -13.72
N VAL A 721 -26.11 -10.94 -13.67
CA VAL A 721 -25.10 -11.82 -13.08
C VAL A 721 -23.83 -11.82 -13.93
N LYS A 722 -23.98 -11.82 -15.26
CA LYS A 722 -22.81 -11.76 -16.15
C LYS A 722 -22.07 -10.43 -16.00
N ARG A 723 -22.81 -9.32 -15.93
CA ARG A 723 -22.20 -8.01 -15.76
C ARG A 723 -21.52 -7.87 -14.40
N TYR A 724 -22.15 -8.42 -13.35
CA TYR A 724 -21.56 -8.34 -12.01
C TYR A 724 -20.31 -9.20 -11.91
N VAL A 725 -20.30 -10.36 -12.59
CA VAL A 725 -19.11 -11.21 -12.58
C VAL A 725 -17.97 -10.54 -13.33
N ALA A 726 -18.28 -9.86 -14.44
CA ALA A 726 -17.27 -9.10 -15.17
C ALA A 726 -16.74 -7.93 -14.34
N ALA A 727 -17.63 -7.27 -13.60
CA ALA A 727 -17.21 -6.15 -12.76
C ALA A 727 -16.34 -6.61 -11.59
N MET A 728 -16.69 -7.74 -10.96
CA MET A 728 -15.90 -8.19 -9.83
C MET A 728 -14.57 -8.79 -10.27
N ILE A 729 -14.52 -9.40 -11.47
CA ILE A 729 -13.23 -9.82 -12.00
C ILE A 729 -12.38 -8.62 -12.37
N ARG A 730 -13.00 -7.55 -12.87
CA ARG A 730 -12.24 -6.35 -13.24
C ARG A 730 -11.66 -5.65 -12.01
N ASN A 731 -12.44 -5.56 -10.94
CA ASN A 731 -11.99 -4.89 -9.72
C ASN A 731 -10.93 -5.72 -8.99
N THR A 739 2.02 -8.55 -2.36
CA THR A 739 2.17 -9.58 -1.34
C THR A 739 3.35 -10.49 -1.66
N GLU A 740 3.91 -11.10 -0.60
CA GLU A 740 5.13 -11.89 -0.74
C GLU A 740 4.92 -13.20 -1.50
N GLU A 741 3.68 -13.69 -1.61
CA GLU A 741 3.43 -14.86 -2.44
C GLU A 741 3.66 -14.57 -3.93
N ASN A 742 3.37 -13.33 -4.36
CA ASN A 742 3.37 -12.99 -5.78
C ASN A 742 4.79 -12.93 -6.35
N PHE A 743 5.69 -12.26 -5.67
CA PHE A 743 7.13 -12.14 -6.00
C PHE A 743 7.84 -13.49 -5.98
N LYS A 744 7.39 -14.37 -5.08
CA LYS A 744 7.88 -15.75 -5.04
C LYS A 744 7.55 -16.50 -6.32
N GLU A 745 6.41 -16.17 -6.94
CA GLU A 745 6.08 -16.72 -8.26
C GLU A 745 7.10 -16.28 -9.31
N LEU A 746 7.43 -14.99 -9.29
CA LEU A 746 8.38 -14.43 -10.25
C LEU A 746 9.79 -14.97 -10.01
N LYS A 747 10.18 -15.17 -8.75
CA LYS A 747 11.44 -15.85 -8.47
C LYS A 747 11.38 -17.29 -8.93
N GLN A 748 10.22 -17.94 -8.75
CA GLN A 748 10.07 -19.33 -9.18
C GLN A 748 10.08 -19.46 -10.71
N ASP A 749 9.40 -18.55 -11.40
CA ASP A 749 9.38 -18.58 -12.87
C ASP A 749 10.75 -18.27 -13.45
N ILE A 750 11.46 -17.31 -12.85
CA ILE A 750 12.80 -16.99 -13.32
C ILE A 750 13.77 -18.12 -13.02
N SER A 751 13.62 -18.75 -11.84
CA SER A 751 14.51 -19.83 -11.44
C SER A 751 14.29 -21.07 -12.30
N SER A 752 13.02 -21.39 -12.60
CA SER A 752 12.73 -22.55 -13.43
C SER A 752 13.21 -22.34 -14.86
N PHE A 753 13.09 -21.12 -15.38
CA PHE A 753 13.59 -20.82 -16.72
C PHE A 753 15.12 -20.85 -16.75
N ARG A 754 15.76 -20.44 -15.66
CA ARG A 754 17.22 -20.43 -15.61
C ARG A 754 17.78 -21.84 -15.60
N TYR A 755 17.14 -22.75 -14.85
CA TYR A 755 17.62 -24.13 -14.79
C TYR A 755 17.40 -24.85 -16.11
N GLU A 756 16.27 -24.58 -16.77
CA GLU A 756 16.00 -25.24 -18.06
C GLU A 756 16.91 -24.72 -19.16
N VAL A 757 17.29 -23.44 -19.11
CA VAL A 757 18.22 -22.90 -20.10
C VAL A 757 19.61 -23.47 -19.89
N LEU A 758 20.03 -23.60 -18.61
CA LEU A 758 21.33 -24.19 -18.32
C LEU A 758 21.37 -25.67 -18.67
N ASP A 759 20.26 -26.38 -18.44
CA ASP A 759 20.20 -27.80 -18.75
C ASP A 759 20.25 -28.04 -20.25
N LEU A 760 19.52 -27.24 -21.03
CA LEU A 760 19.50 -27.43 -22.48
C LEU A 760 20.84 -27.06 -23.10
N LEU A 761 21.45 -25.98 -22.63
CA LEU A 761 22.70 -25.49 -23.20
C LEU A 761 23.88 -26.37 -22.79
N GLU B 33 2.39 -63.70 15.88
CA GLU B 33 2.70 -63.41 14.43
C GLU B 33 4.00 -62.63 14.28
N VAL B 34 4.81 -63.03 13.30
CA VAL B 34 6.04 -62.33 12.96
C VAL B 34 6.02 -62.13 11.45
N LYS B 35 6.12 -60.85 11.06
CA LYS B 35 6.23 -60.50 9.62
C LYS B 35 7.71 -60.43 9.34
N LEU B 36 8.18 -61.25 8.41
CA LEU B 36 9.59 -61.35 8.10
C LEU B 36 9.85 -61.10 6.61
N LEU B 37 10.69 -60.13 6.32
CA LEU B 37 11.06 -59.76 4.98
C LEU B 37 12.47 -60.29 4.68
N LEU B 38 12.61 -61.01 3.58
CA LEU B 38 13.93 -61.34 3.02
C LEU B 38 14.29 -60.35 1.91
N LEU B 39 15.26 -59.50 2.22
CA LEU B 39 15.69 -58.44 1.32
C LEU B 39 17.17 -58.59 0.99
N GLY B 40 17.59 -57.82 0.00
CA GLY B 40 18.93 -57.89 -0.53
C GLY B 40 18.95 -57.79 -2.06
N ALA B 41 20.14 -57.52 -2.60
CA ALA B 41 20.32 -57.38 -4.03
C ALA B 41 20.21 -58.75 -4.71
N GLY B 42 20.10 -58.69 -6.04
CA GLY B 42 20.03 -59.92 -6.84
C GLY B 42 21.12 -60.94 -6.55
N GLU B 43 20.69 -62.20 -6.45
CA GLU B 43 21.58 -63.35 -6.24
C GLU B 43 22.25 -63.40 -4.86
N SER B 44 21.71 -62.67 -3.89
CA SER B 44 22.41 -62.61 -2.60
C SER B 44 22.16 -63.86 -1.74
N GLY B 45 21.15 -64.65 -2.08
CA GLY B 45 20.80 -65.85 -1.32
C GLY B 45 19.42 -65.88 -0.67
N LYS B 46 18.56 -64.93 -1.00
CA LYS B 46 17.24 -64.82 -0.32
C LYS B 46 16.37 -66.07 -0.46
N SER B 47 16.17 -66.50 -1.69
CA SER B 47 15.30 -67.64 -1.97
C SER B 47 15.89 -68.92 -1.46
N THR B 48 17.20 -68.96 -1.33
CA THR B 48 17.89 -70.15 -0.76
C THR B 48 17.61 -70.26 0.75
N ILE B 49 17.61 -69.13 1.44
CA ILE B 49 17.16 -69.09 2.82
C ILE B 49 15.70 -69.57 2.88
N VAL B 50 14.87 -69.15 1.90
CA VAL B 50 13.47 -69.58 1.86
C VAL B 50 13.40 -71.12 1.70
N LYS B 51 14.22 -71.70 0.81
CA LYS B 51 14.25 -73.18 0.65
C LYS B 51 14.61 -73.87 1.99
N GLN B 52 15.53 -73.25 2.72
CA GLN B 52 15.92 -73.81 4.02
C GLN B 52 14.79 -73.79 5.07
N MET B 53 13.92 -72.80 5.02
CA MET B 53 12.79 -72.73 5.96
C MET B 53 11.81 -73.87 5.66
N LYS B 54 11.90 -74.37 4.44
CA LYS B 54 11.10 -75.58 4.17
C LYS B 54 11.79 -76.73 4.90
N ILE B 55 12.97 -77.12 4.44
CA ILE B 55 13.57 -78.35 5.03
C ILE B 55 13.85 -78.17 6.52
N ILE B 56 14.43 -77.05 6.93
CA ILE B 56 14.78 -76.96 8.38
C ILE B 56 13.54 -77.10 9.25
N HIS B 57 12.44 -76.42 8.90
CA HIS B 57 11.25 -76.39 9.78
C HIS B 57 10.18 -77.38 9.35
N GLU B 58 10.44 -78.21 8.35
CA GLU B 58 9.39 -79.06 7.78
C GLU B 58 9.97 -80.29 7.12
N ASP B 59 9.12 -81.23 6.71
CA ASP B 59 9.60 -82.48 6.08
C ASP B 59 10.48 -82.14 4.87
N GLY B 60 10.11 -81.12 4.11
CA GLY B 60 11.00 -80.66 3.02
C GLY B 60 10.75 -81.24 1.66
N TYR B 61 11.62 -80.94 0.69
CA TYR B 61 11.31 -81.33 -0.70
C TYR B 61 11.19 -82.84 -0.83
N SER B 62 10.13 -83.28 -1.50
CA SER B 62 9.89 -84.73 -1.75
C SER B 62 10.70 -85.20 -2.96
N GLU B 63 10.93 -86.50 -3.05
CA GLU B 63 11.56 -87.01 -4.29
C GLU B 63 10.81 -86.35 -5.46
N ASP B 64 9.48 -86.37 -5.40
CA ASP B 64 8.70 -85.79 -6.53
C ASP B 64 9.00 -84.30 -6.73
N GLU B 65 9.11 -83.56 -5.62
CA GLU B 65 9.52 -82.15 -5.67
C GLU B 65 10.95 -81.99 -6.18
N CYS B 66 11.85 -82.87 -5.75
CA CYS B 66 13.20 -82.88 -6.33
C CYS B 66 13.19 -83.08 -7.85
N LYS B 67 12.37 -84.00 -8.32
CA LYS B 67 12.30 -84.34 -9.75
C LYS B 67 11.86 -83.12 -10.57
N GLN B 68 10.99 -82.29 -10.01
CA GLN B 68 10.56 -81.03 -10.62
C GLN B 68 11.73 -80.04 -10.88
N TYR B 69 12.83 -80.15 -10.14
CA TYR B 69 13.99 -79.31 -10.37
C TYR B 69 15.01 -79.86 -11.39
N LYS B 70 14.77 -81.05 -11.92
CA LYS B 70 15.71 -81.59 -12.91
C LYS B 70 15.92 -80.67 -14.12
N VAL B 71 14.85 -80.19 -14.73
CA VAL B 71 14.99 -79.32 -15.90
C VAL B 71 15.73 -78.02 -15.50
N VAL B 72 15.58 -77.57 -14.25
CA VAL B 72 16.34 -76.37 -13.79
C VAL B 72 17.83 -76.66 -13.63
N VAL B 73 18.16 -77.82 -13.06
CA VAL B 73 19.57 -78.23 -12.95
C VAL B 73 20.21 -78.25 -14.36
N TYR B 74 19.51 -78.86 -15.30
CA TYR B 74 19.99 -78.98 -16.68
C TYR B 74 20.16 -77.59 -17.32
N SER B 75 19.15 -76.75 -17.18
CA SER B 75 19.22 -75.43 -17.75
C SER B 75 20.36 -74.62 -17.15
N ASN B 76 20.52 -74.65 -15.82
CA ASN B 76 21.60 -73.96 -15.14
C ASN B 76 22.99 -74.44 -15.65
N THR B 77 23.12 -75.76 -15.80
CA THR B 77 24.36 -76.36 -16.32
C THR B 77 24.66 -75.90 -17.76
N ILE B 78 23.67 -76.01 -18.62
CA ILE B 78 23.80 -75.68 -20.06
C ILE B 78 24.05 -74.18 -20.23
N GLN B 79 23.27 -73.36 -19.56
CA GLN B 79 23.45 -71.92 -19.62
C GLN B 79 24.81 -71.46 -19.08
N SER B 80 25.31 -72.13 -18.05
CA SER B 80 26.63 -71.80 -17.49
C SER B 80 27.78 -72.08 -18.47
N ILE B 81 27.78 -73.25 -19.11
CA ILE B 81 28.88 -73.57 -20.03
C ILE B 81 28.76 -72.66 -21.25
N ILE B 82 27.53 -72.37 -21.71
CA ILE B 82 27.34 -71.40 -22.80
C ILE B 82 27.94 -70.02 -22.45
N ALA B 83 27.66 -69.53 -21.24
CA ALA B 83 28.16 -68.25 -20.76
C ALA B 83 29.70 -68.18 -20.80
N ILE B 84 30.33 -69.26 -20.37
CA ILE B 84 31.82 -69.31 -20.37
C ILE B 84 32.30 -69.30 -21.83
N ILE B 85 31.69 -70.11 -22.68
CA ILE B 85 32.14 -70.13 -24.07
C ILE B 85 31.98 -68.77 -24.73
N ARG B 86 30.81 -68.16 -24.54
CA ARG B 86 30.54 -66.84 -25.10
C ARG B 86 31.56 -65.80 -24.68
N ALA B 87 31.94 -65.83 -23.40
CA ALA B 87 32.88 -64.88 -22.83
C ALA B 87 34.30 -64.95 -23.44
N MET B 88 34.65 -66.11 -23.97
CA MET B 88 35.96 -66.35 -24.53
C MET B 88 36.30 -65.39 -25.69
N GLY B 89 35.27 -64.95 -26.43
CA GLY B 89 35.41 -63.86 -27.40
C GLY B 89 35.73 -62.53 -26.72
N ARG B 90 34.89 -62.09 -25.79
CA ARG B 90 35.16 -60.81 -25.11
C ARG B 90 36.57 -60.83 -24.49
N LEU B 91 36.99 -62.00 -23.98
CA LEU B 91 38.21 -62.12 -23.21
C LEU B 91 39.46 -62.46 -24.03
N LYS B 92 39.29 -62.73 -25.32
CA LYS B 92 40.40 -63.06 -26.21
C LYS B 92 41.10 -64.35 -25.74
N ILE B 93 40.29 -65.40 -25.49
CA ILE B 93 40.79 -66.71 -25.03
C ILE B 93 40.45 -67.78 -26.05
N ASP B 94 41.45 -68.54 -26.49
CA ASP B 94 41.28 -69.65 -27.44
C ASP B 94 41.06 -70.96 -26.72
N PHE B 95 40.44 -71.91 -27.42
CA PHE B 95 40.31 -73.27 -26.90
C PHE B 95 41.69 -73.89 -26.76
N GLY B 96 41.85 -74.72 -25.74
CA GLY B 96 43.07 -75.51 -25.54
C GLY B 96 43.29 -76.42 -26.74
N GLU B 97 42.21 -76.91 -27.31
CA GLU B 97 42.26 -77.73 -28.50
C GLU B 97 41.23 -77.29 -29.54
N ALA B 98 41.68 -77.21 -30.79
CA ALA B 98 40.87 -76.78 -31.94
C ALA B 98 39.56 -77.58 -32.09
N ALA B 99 39.62 -78.87 -31.78
CA ALA B 99 38.46 -79.77 -31.87
C ALA B 99 37.26 -79.31 -31.03
N ARG B 100 37.49 -78.47 -30.02
CA ARG B 100 36.41 -77.96 -29.19
C ARG B 100 35.50 -76.96 -29.93
N ALA B 101 36.01 -76.37 -31.02
CA ALA B 101 35.22 -75.42 -31.81
C ALA B 101 33.90 -76.04 -32.28
N ASP B 102 34.00 -77.26 -32.80
CA ASP B 102 32.80 -77.98 -33.23
C ASP B 102 31.91 -78.40 -32.07
N ASP B 103 32.51 -78.78 -30.93
CA ASP B 103 31.71 -79.02 -29.71
C ASP B 103 30.89 -77.79 -29.29
N ALA B 104 31.51 -76.61 -29.34
CA ALA B 104 30.83 -75.36 -29.06
C ALA B 104 29.63 -75.09 -30.00
N ARG B 105 29.82 -75.32 -31.30
CA ARG B 105 28.72 -75.20 -32.28
C ARG B 105 27.58 -76.19 -31.93
N GLN B 106 27.99 -77.44 -31.67
CA GLN B 106 27.06 -78.49 -31.25
C GLN B 106 26.28 -78.08 -30.00
N LEU B 107 26.97 -77.51 -29.02
CA LEU B 107 26.34 -77.05 -27.74
C LEU B 107 25.24 -76.03 -27.98
N PHE B 108 25.51 -75.06 -28.83
CA PHE B 108 24.53 -74.04 -29.14
C PHE B 108 23.29 -74.61 -29.82
N VAL B 109 23.49 -75.53 -30.77
CA VAL B 109 22.36 -76.18 -31.45
C VAL B 109 21.62 -77.06 -30.44
N LEU B 110 22.35 -77.85 -29.66
CA LEU B 110 21.70 -78.74 -28.72
C LEU B 110 21.03 -78.05 -27.52
N GLU B 128 25.22 -87.42 -25.91
CA GLU B 128 25.98 -86.58 -26.83
C GLU B 128 26.15 -85.16 -26.29
N LEU B 129 25.09 -84.58 -25.73
CA LEU B 129 25.20 -83.27 -25.10
C LEU B 129 26.10 -83.36 -23.89
N ALA B 130 25.89 -84.40 -23.08
CA ALA B 130 26.73 -84.64 -21.91
C ALA B 130 28.22 -84.72 -22.31
N GLY B 131 28.52 -85.41 -23.41
CA GLY B 131 29.92 -85.54 -23.87
C GLY B 131 30.50 -84.20 -24.27
N VAL B 132 29.72 -83.45 -25.03
CA VAL B 132 30.15 -82.12 -25.48
C VAL B 132 30.44 -81.18 -24.31
N ILE B 133 29.55 -81.13 -23.33
CA ILE B 133 29.74 -80.24 -22.18
C ILE B 133 31.02 -80.60 -21.38
N LYS B 134 31.22 -81.89 -21.13
CA LYS B 134 32.42 -82.46 -20.49
C LYS B 134 33.71 -82.04 -21.19
N ARG B 135 33.79 -82.24 -22.50
CA ARG B 135 35.00 -81.91 -23.21
C ARG B 135 35.29 -80.43 -23.16
N LEU B 136 34.26 -79.60 -23.29
CA LEU B 136 34.42 -78.15 -23.16
C LEU B 136 34.87 -77.75 -21.76
N TRP B 137 34.16 -78.21 -20.75
CA TRP B 137 34.48 -77.90 -19.38
C TRP B 137 35.91 -78.28 -18.99
N ARG B 138 36.41 -79.41 -19.50
CA ARG B 138 37.77 -79.86 -19.19
C ARG B 138 38.84 -79.25 -20.07
N ASP B 139 38.46 -78.45 -21.05
CA ASP B 139 39.43 -77.76 -21.89
C ASP B 139 40.14 -76.64 -21.12
N GLY B 140 41.39 -76.55 -21.62
CA GLY B 140 42.22 -75.62 -20.86
C GLY B 140 41.89 -74.17 -21.10
N GLY B 141 41.55 -73.84 -22.34
CA GLY B 141 41.00 -72.51 -22.67
C GLY B 141 39.72 -72.17 -21.92
N VAL B 142 38.75 -73.09 -21.98
CA VAL B 142 37.51 -72.98 -21.21
C VAL B 142 37.81 -72.78 -19.72
N GLN B 143 38.78 -73.53 -19.17
CA GLN B 143 39.10 -73.41 -17.74
C GLN B 143 39.74 -72.07 -17.42
N ALA B 144 40.56 -71.58 -18.34
CA ALA B 144 41.18 -70.24 -18.21
C ALA B 144 40.11 -69.14 -18.18
N CYS B 145 39.10 -69.27 -19.04
CA CYS B 145 37.94 -68.40 -19.01
C CYS B 145 37.11 -68.53 -17.73
N PHE B 146 36.88 -69.75 -17.28
CA PHE B 146 36.19 -69.99 -16.03
C PHE B 146 36.87 -69.26 -14.85
N SER B 147 38.20 -69.29 -14.85
CA SER B 147 39.02 -68.67 -13.81
C SER B 147 38.83 -67.17 -13.76
N ARG B 148 38.44 -66.60 -14.89
CA ARG B 148 38.22 -65.16 -15.02
C ARG B 148 36.76 -64.74 -15.05
N SER B 149 35.90 -65.56 -14.44
CA SER B 149 34.46 -65.33 -14.53
C SER B 149 33.98 -64.01 -13.92
N ARG B 150 34.78 -63.37 -13.06
CA ARG B 150 34.40 -62.02 -12.59
C ARG B 150 34.28 -60.99 -13.72
N GLU B 151 34.90 -61.26 -14.87
CA GLU B 151 34.87 -60.39 -16.03
C GLU B 151 33.61 -60.59 -16.91
N TYR B 152 32.72 -61.47 -16.50
CA TYR B 152 31.43 -61.66 -17.17
C TYR B 152 30.40 -62.07 -16.09
N GLN B 153 29.29 -62.67 -16.50
CA GLN B 153 28.22 -63.07 -15.57
C GLN B 153 28.07 -64.58 -15.59
N LEU B 154 28.41 -65.22 -14.48
CA LEU B 154 28.36 -66.68 -14.34
C LEU B 154 27.69 -67.07 -13.04
N ASN B 155 26.71 -67.96 -13.13
CA ASN B 155 26.05 -68.53 -11.95
C ASN B 155 27.02 -69.10 -10.93
N ASP B 156 26.78 -68.81 -9.65
CA ASP B 156 27.62 -69.38 -8.61
C ASP B 156 27.71 -70.92 -8.59
N SER B 157 26.64 -71.60 -9.00
CA SER B 157 26.58 -73.07 -8.95
C SER B 157 27.14 -73.72 -10.23
N ALA B 158 27.67 -72.92 -11.16
CA ALA B 158 28.20 -73.47 -12.42
C ALA B 158 29.16 -74.67 -12.20
N SER B 159 30.25 -74.46 -11.46
CA SER B 159 31.26 -75.50 -11.28
C SER B 159 30.72 -76.67 -10.44
N TYR B 160 29.81 -76.35 -9.49
CA TYR B 160 29.13 -77.38 -8.70
C TYR B 160 28.48 -78.44 -9.61
N TYR B 161 27.74 -77.98 -10.60
CA TYR B 161 27.05 -78.86 -11.48
C TYR B 161 28.01 -79.46 -12.50
N LEU B 162 28.86 -78.61 -13.09
CA LEU B 162 29.77 -79.06 -14.17
C LEU B 162 30.76 -80.12 -13.67
N ASN B 163 31.28 -79.95 -12.45
CA ASN B 163 32.11 -80.97 -11.82
C ASN B 163 31.36 -82.27 -11.47
N ASP B 164 30.04 -82.19 -11.34
CA ASP B 164 29.20 -83.38 -11.14
C ASP B 164 28.45 -83.85 -12.37
N LEU B 165 29.01 -83.64 -13.56
CA LEU B 165 28.27 -83.87 -14.78
C LEU B 165 27.91 -85.35 -15.03
N ASP B 166 28.85 -86.24 -14.71
CA ASP B 166 28.60 -87.68 -14.78
C ASP B 166 27.35 -88.10 -14.01
N ARG B 167 27.23 -87.64 -12.77
CA ARG B 167 26.08 -87.99 -11.91
C ARG B 167 24.80 -87.40 -12.48
N ILE B 168 24.82 -86.11 -12.77
CA ILE B 168 23.57 -85.42 -13.15
C ILE B 168 23.12 -85.80 -14.56
N SER B 169 24.03 -86.31 -15.38
CA SER B 169 23.65 -86.69 -16.74
C SER B 169 23.08 -88.10 -16.90
N GLN B 170 23.02 -88.89 -15.84
CA GLN B 170 22.50 -90.28 -15.96
C GLN B 170 21.02 -90.20 -16.29
N SER B 171 20.49 -91.15 -17.05
CA SER B 171 19.07 -91.10 -17.45
C SER B 171 18.16 -91.14 -16.22
N ASN B 172 18.61 -91.83 -15.17
CA ASN B 172 17.81 -92.01 -13.95
C ASN B 172 18.01 -90.93 -12.91
N TYR B 173 18.69 -89.85 -13.26
CA TYR B 173 19.05 -88.80 -12.31
C TYR B 173 17.85 -88.19 -11.60
N ILE B 174 17.93 -88.14 -10.28
CA ILE B 174 16.98 -87.41 -9.43
C ILE B 174 17.82 -86.41 -8.65
N PRO B 175 17.53 -85.11 -8.81
CA PRO B 175 18.23 -84.12 -8.00
C PRO B 175 18.15 -84.40 -6.48
N THR B 176 19.29 -84.23 -5.82
CA THR B 176 19.39 -84.37 -4.39
C THR B 176 18.90 -83.06 -3.80
N GLN B 177 18.72 -83.07 -2.49
CA GLN B 177 18.31 -81.86 -1.80
C GLN B 177 19.35 -80.74 -1.97
N GLN B 178 20.64 -81.07 -1.92
CA GLN B 178 21.69 -80.05 -2.16
C GLN B 178 21.63 -79.55 -3.61
N ASP B 179 21.41 -80.45 -4.58
CA ASP B 179 21.23 -80.01 -5.98
C ASP B 179 20.11 -78.95 -6.08
N VAL B 180 19.02 -79.15 -5.34
CA VAL B 180 17.88 -78.22 -5.33
C VAL B 180 18.28 -76.88 -4.74
N LEU B 181 18.92 -76.92 -3.57
CA LEU B 181 19.44 -75.71 -2.92
C LEU B 181 20.37 -74.88 -3.81
N ARG B 182 21.15 -75.58 -4.64
CA ARG B 182 22.10 -74.96 -5.58
C ARG B 182 21.45 -74.38 -6.83
N THR B 183 20.21 -74.70 -7.11
CA THR B 183 19.60 -74.21 -8.35
C THR B 183 19.46 -72.68 -8.33
N ARG B 184 19.52 -72.11 -9.54
CA ARG B 184 19.29 -70.69 -9.76
C ARG B 184 18.02 -70.52 -10.55
N VAL B 185 17.01 -69.91 -9.91
CA VAL B 185 15.78 -69.42 -10.52
C VAL B 185 15.58 -67.97 -10.03
N LYS B 186 15.50 -67.06 -10.99
CA LYS B 186 15.28 -65.65 -10.62
C LYS B 186 13.99 -65.57 -9.82
N THR B 187 13.87 -64.55 -8.98
CA THR B 187 12.67 -64.38 -8.14
C THR B 187 12.03 -63.05 -8.50
N THR B 188 10.92 -63.09 -9.24
CA THR B 188 10.25 -61.85 -9.68
C THR B 188 8.92 -61.75 -8.96
N GLY B 189 8.62 -60.58 -8.41
CA GLY B 189 7.39 -60.44 -7.60
C GLY B 189 7.63 -60.91 -6.18
N ILE B 190 6.56 -61.02 -5.40
CA ILE B 190 6.69 -61.39 -3.96
C ILE B 190 6.51 -62.90 -3.82
N VAL B 191 7.11 -63.51 -2.79
CA VAL B 191 6.94 -64.96 -2.53
C VAL B 191 6.57 -65.10 -1.05
N GLU B 192 5.35 -64.71 -0.70
CA GLU B 192 4.89 -64.83 0.71
C GLU B 192 4.62 -66.31 1.00
N THR B 193 5.29 -66.87 2.01
CA THR B 193 5.01 -68.26 2.38
C THR B 193 4.78 -68.28 3.89
N HIS B 194 4.07 -69.27 4.43
CA HIS B 194 3.81 -69.18 5.89
C HIS B 194 4.50 -70.34 6.62
N PHE B 195 5.23 -70.02 7.69
CA PHE B 195 5.90 -71.10 8.46
C PHE B 195 5.79 -70.82 9.97
N THR B 196 5.91 -71.86 10.81
CA THR B 196 5.72 -71.65 12.27
C THR B 196 6.96 -72.11 13.03
N PHE B 197 7.70 -71.17 13.62
CA PHE B 197 8.91 -71.54 14.41
C PHE B 197 8.71 -71.11 15.87
N LYS B 198 9.11 -71.98 16.81
CA LYS B 198 8.94 -71.67 18.25
C LYS B 198 7.47 -71.33 18.49
N ASP B 199 6.59 -71.75 17.56
CA ASP B 199 5.12 -71.52 17.67
C ASP B 199 4.81 -70.12 17.15
N LEU B 200 5.81 -69.37 16.70
CA LEU B 200 5.52 -68.05 16.06
C LEU B 200 4.87 -68.35 14.72
N TYR B 201 3.87 -67.55 14.32
CA TYR B 201 3.29 -67.74 12.97
C TYR B 201 4.08 -66.86 12.00
N PHE B 202 5.10 -67.42 11.35
CA PHE B 202 5.91 -66.54 10.49
C PHE B 202 5.23 -66.23 9.16
N LYS B 203 5.06 -64.96 8.85
CA LYS B 203 4.60 -64.54 7.54
C LYS B 203 5.81 -64.00 6.82
N MET B 204 6.35 -64.82 5.91
CA MET B 204 7.62 -64.56 5.25
C MET B 204 7.46 -64.04 3.81
N PHE B 205 8.19 -62.97 3.50
CA PHE B 205 8.07 -62.32 2.17
C PHE B 205 9.43 -62.37 1.49
N ASP B 206 9.45 -63.14 0.42
CA ASP B 206 10.65 -63.19 -0.42
C ASP B 206 10.33 -62.23 -1.55
N VAL B 207 11.28 -61.45 -1.95
CA VAL B 207 11.13 -60.43 -2.98
C VAL B 207 12.35 -60.44 -3.89
N GLY B 208 12.15 -59.94 -5.11
CA GLY B 208 13.22 -59.82 -6.09
C GLY B 208 14.33 -58.88 -5.68
N GLY B 209 15.58 -59.33 -5.80
CA GLY B 209 16.69 -58.53 -5.32
C GLY B 209 17.15 -57.48 -6.32
N LEU B 210 16.84 -57.67 -7.60
CA LEU B 210 17.35 -56.78 -8.64
C LEU B 210 16.68 -55.41 -8.57
N ARG B 211 17.30 -54.44 -9.24
CA ARG B 211 16.78 -53.08 -9.26
C ARG B 211 15.50 -52.98 -10.08
N SER B 212 15.29 -53.89 -11.02
CA SER B 212 14.03 -53.90 -11.77
C SER B 212 12.87 -54.32 -10.87
N GLU B 213 13.15 -55.12 -9.85
CA GLU B 213 12.12 -55.64 -8.95
C GLU B 213 11.83 -54.70 -7.78
N ARG B 214 12.40 -53.51 -7.79
CA ARG B 214 12.25 -52.65 -6.59
C ARG B 214 10.79 -52.24 -6.35
N LYS B 215 10.01 -52.10 -7.40
CA LYS B 215 8.67 -51.52 -7.26
C LYS B 215 7.80 -52.32 -6.28
N LYS B 216 8.05 -53.62 -6.18
CA LYS B 216 7.23 -54.46 -5.30
C LYS B 216 7.55 -54.24 -3.83
N TRP B 217 8.70 -53.64 -3.51
CA TRP B 217 9.18 -53.61 -2.13
C TRP B 217 8.34 -52.69 -1.26
N ILE B 218 7.83 -51.61 -1.84
CA ILE B 218 7.16 -50.57 -1.04
C ILE B 218 5.82 -51.08 -0.49
N HIS B 219 5.17 -51.98 -1.23
CA HIS B 219 3.86 -52.49 -0.79
C HIS B 219 3.98 -53.40 0.43
N CYS B 220 5.15 -54.00 0.65
CA CYS B 220 5.30 -55.04 1.67
C CYS B 220 5.83 -54.48 2.99
N PHE B 221 6.11 -53.18 3.01
CA PHE B 221 6.78 -52.56 4.17
C PHE B 221 5.92 -52.41 5.43
N GLU B 222 4.64 -52.75 5.38
CA GLU B 222 3.77 -52.53 6.54
C GLU B 222 3.89 -53.66 7.57
N GLY B 223 4.09 -53.29 8.83
CA GLY B 223 4.09 -54.22 9.93
C GLY B 223 5.19 -55.26 9.91
N VAL B 224 6.43 -54.86 9.64
CA VAL B 224 7.54 -55.78 9.51
C VAL B 224 8.18 -56.00 10.87
N THR B 225 8.12 -57.23 11.38
CA THR B 225 8.73 -57.54 12.66
C THR B 225 10.24 -57.61 12.56
N ALA B 226 10.72 -58.22 11.41
CA ALA B 226 12.12 -58.52 11.18
C ALA B 226 12.46 -58.54 9.67
N ILE B 227 13.69 -58.09 9.34
CA ILE B 227 14.27 -58.18 8.00
C ILE B 227 15.54 -59.05 8.12
N ILE B 228 15.65 -60.07 7.26
CA ILE B 228 16.92 -60.72 7.03
C ILE B 228 17.44 -60.12 5.70
N PHE B 229 18.52 -59.33 5.80
CA PHE B 229 19.10 -58.67 4.65
C PHE B 229 20.31 -59.48 4.25
N CYS B 230 20.24 -60.05 3.05
CA CYS B 230 21.28 -60.95 2.56
C CYS B 230 22.28 -60.19 1.72
N VAL B 231 23.56 -60.50 1.94
CA VAL B 231 24.70 -59.93 1.22
C VAL B 231 25.58 -61.12 0.80
N ALA B 232 25.84 -61.24 -0.48
CA ALA B 232 26.79 -62.21 -1.02
C ALA B 232 28.22 -61.70 -0.73
N LEU B 233 28.87 -62.31 0.25
CA LEU B 233 30.27 -61.94 0.57
C LEU B 233 31.18 -62.00 -0.67
N SER B 234 30.90 -62.98 -1.53
CA SER B 234 31.69 -63.28 -2.73
C SER B 234 31.45 -62.32 -3.89
N ASP B 235 31.02 -61.08 -3.57
CA ASP B 235 30.63 -60.16 -4.68
C ASP B 235 31.48 -58.89 -4.69
N TYR B 236 32.57 -58.86 -3.94
CA TYR B 236 33.41 -57.64 -3.88
C TYR B 236 33.98 -57.35 -5.26
N ASP B 237 34.29 -58.40 -6.02
CA ASP B 237 34.96 -58.19 -7.32
C ASP B 237 33.97 -58.36 -8.48
N LEU B 238 32.69 -58.54 -8.16
CA LEU B 238 31.68 -58.78 -9.25
C LEU B 238 30.92 -57.52 -9.67
N VAL B 239 30.39 -57.50 -10.91
CA VAL B 239 29.58 -56.38 -11.36
C VAL B 239 28.15 -56.86 -11.53
N LEU B 240 27.22 -55.92 -11.51
CA LEU B 240 25.80 -56.25 -11.62
C LEU B 240 25.47 -56.75 -13.02
N ALA B 241 24.56 -57.72 -13.08
CA ALA B 241 24.07 -58.18 -14.38
C ALA B 241 23.28 -57.09 -15.09
N GLU B 242 22.52 -56.29 -14.34
CA GLU B 242 21.76 -55.19 -14.91
C GLU B 242 22.60 -53.93 -15.11
N ASP B 243 23.82 -53.89 -14.56
CA ASP B 243 24.70 -52.74 -14.75
C ASP B 243 26.13 -53.26 -14.52
N GLU B 244 26.86 -53.45 -15.62
CA GLU B 244 28.21 -53.99 -15.56
C GLU B 244 29.27 -52.92 -15.31
N GLU B 245 28.88 -51.66 -15.09
CA GLU B 245 29.77 -50.65 -14.55
C GLU B 245 29.54 -50.41 -13.06
N MET B 246 28.76 -51.28 -12.43
CA MET B 246 28.40 -51.16 -11.02
C MET B 246 28.89 -52.39 -10.28
N ASN B 247 29.74 -52.18 -9.27
CA ASN B 247 30.16 -53.28 -8.42
C ASN B 247 28.99 -53.74 -7.55
N ARG B 248 28.90 -55.06 -7.35
CA ARG B 248 27.77 -55.63 -6.64
C ARG B 248 27.80 -55.25 -5.16
N MET B 249 28.99 -55.19 -4.56
CA MET B 249 29.09 -54.92 -3.13
C MET B 249 28.73 -53.48 -2.79
N HIS B 250 29.07 -52.53 -3.67
CA HIS B 250 28.64 -51.15 -3.45
C HIS B 250 27.13 -51.01 -3.58
N GLU B 251 26.53 -51.77 -4.50
CA GLU B 251 25.09 -51.81 -4.64
C GLU B 251 24.43 -52.34 -3.38
N SER B 252 24.99 -53.42 -2.81
CA SER B 252 24.49 -53.97 -1.56
C SER B 252 24.69 -52.99 -0.41
N MET B 253 25.75 -52.20 -0.49
CA MET B 253 25.92 -51.28 0.64
C MET B 253 24.80 -50.24 0.51
N LYS B 254 24.71 -49.59 -0.65
CA LYS B 254 23.73 -48.51 -0.73
C LYS B 254 22.33 -49.00 -0.41
N LEU B 255 22.01 -50.23 -0.79
CA LEU B 255 20.65 -50.63 -0.38
C LEU B 255 20.69 -50.74 1.14
N PHE B 256 21.66 -51.45 1.70
CA PHE B 256 21.61 -51.61 3.14
C PHE B 256 21.58 -50.26 3.84
N ASP B 257 22.16 -49.24 3.22
CA ASP B 257 22.05 -47.87 3.73
C ASP B 257 20.61 -47.41 3.70
N SER B 258 19.90 -47.76 2.64
CA SER B 258 18.47 -47.44 2.57
C SER B 258 17.67 -48.22 3.60
N ILE B 259 17.86 -49.54 3.64
CA ILE B 259 16.97 -50.40 4.43
C ILE B 259 17.22 -50.22 5.92
N CYS B 260 18.49 -50.06 6.32
CA CYS B 260 18.81 -49.94 7.74
C CYS B 260 18.33 -48.62 8.31
N ASN B 261 18.41 -47.54 7.54
CA ASN B 261 18.09 -46.21 8.03
C ASN B 261 16.68 -45.75 7.66
N ASN B 262 15.88 -46.61 7.05
CA ASN B 262 14.53 -46.22 6.67
C ASN B 262 13.65 -46.08 7.91
N LYS B 263 12.74 -45.10 7.87
CA LYS B 263 11.87 -44.84 9.02
C LYS B 263 10.78 -45.89 9.17
N TRP B 264 10.50 -46.68 8.14
CA TRP B 264 9.63 -47.85 8.30
C TRP B 264 10.18 -48.88 9.27
N PHE B 265 11.50 -49.01 9.37
CA PHE B 265 12.09 -50.09 10.12
C PHE B 265 12.76 -49.61 11.41
N THR B 266 12.16 -48.62 12.06
CA THR B 266 12.68 -48.12 13.32
C THR B 266 12.58 -49.17 14.43
N GLU B 267 11.44 -49.86 14.49
CA GLU B 267 11.22 -50.91 15.48
C GLU B 267 11.44 -52.30 14.92
N THR B 268 11.78 -52.43 13.65
CA THR B 268 11.99 -53.74 13.06
C THR B 268 13.37 -54.26 13.41
N SER B 269 13.43 -55.55 13.76
CA SER B 269 14.71 -56.19 14.02
C SER B 269 15.45 -56.39 12.70
N ILE B 270 16.73 -55.74 12.58
CA ILE B 270 17.51 -55.81 11.37
C ILE B 270 18.62 -56.89 11.50
N ILE B 271 18.45 -57.97 10.75
CA ILE B 271 19.35 -59.10 10.72
C ILE B 271 20.12 -59.05 9.39
N LEU B 272 21.45 -59.15 9.49
CA LEU B 272 22.34 -59.12 8.34
C LEU B 272 22.98 -60.52 8.18
N PHE B 273 22.67 -61.17 7.07
CA PHE B 273 23.31 -62.42 6.66
C PHE B 273 24.40 -62.05 5.66
N LEU B 274 25.64 -62.10 6.13
CA LEU B 274 26.83 -62.05 5.28
C LEU B 274 27.01 -63.47 4.75
N ASN B 275 26.39 -63.67 3.60
CA ASN B 275 26.16 -64.98 3.01
C ASN B 275 27.26 -65.38 2.00
N LYS B 276 27.15 -66.60 1.49
CA LYS B 276 28.15 -67.22 0.60
C LYS B 276 29.53 -67.24 1.23
N LYS B 277 29.58 -67.49 2.54
CA LYS B 277 30.83 -67.58 3.28
C LYS B 277 31.77 -68.65 2.68
N ASP B 278 31.19 -69.72 2.15
CA ASP B 278 31.97 -70.81 1.56
C ASP B 278 32.68 -70.38 0.29
N LEU B 279 31.94 -69.69 -0.57
CA LEU B 279 32.49 -69.20 -1.83
C LEU B 279 33.55 -68.10 -1.57
N PHE B 280 33.27 -67.27 -0.57
CA PHE B 280 34.15 -66.18 -0.16
C PHE B 280 35.49 -66.74 0.35
N GLU B 281 35.43 -67.73 1.23
CA GLU B 281 36.63 -68.41 1.74
C GLU B 281 37.56 -68.85 0.61
N GLU B 282 36.99 -69.43 -0.44
CA GLU B 282 37.76 -69.89 -1.61
C GLU B 282 38.29 -68.73 -2.44
N LYS B 283 37.43 -67.76 -2.72
CA LYS B 283 37.77 -66.64 -3.59
C LYS B 283 38.80 -65.71 -3.00
N ILE B 284 38.74 -65.50 -1.67
CA ILE B 284 39.61 -64.53 -1.04
C ILE B 284 41.11 -64.85 -1.20
N LYS B 285 41.44 -66.15 -1.26
CA LYS B 285 42.79 -66.64 -1.55
C LYS B 285 43.29 -66.33 -2.97
N ARG B 286 42.43 -65.82 -3.86
CA ARG B 286 42.89 -65.51 -5.24
C ARG B 286 42.45 -64.16 -5.83
N SER B 287 41.59 -63.44 -5.13
CA SER B 287 41.12 -62.17 -5.63
C SER B 287 41.13 -61.19 -4.45
N PRO B 288 41.90 -60.10 -4.57
CA PRO B 288 42.13 -59.25 -3.41
C PRO B 288 40.93 -58.38 -3.07
N LEU B 289 40.73 -58.14 -1.77
CA LEU B 289 39.59 -57.35 -1.29
C LEU B 289 39.65 -55.90 -1.75
N THR B 290 40.88 -55.44 -2.02
CA THR B 290 41.11 -54.06 -2.50
C THR B 290 40.40 -53.72 -3.80
N ILE B 291 39.99 -54.75 -4.55
CA ILE B 291 39.12 -54.53 -5.73
C ILE B 291 37.87 -53.77 -5.31
N CYS B 292 37.30 -54.15 -4.18
CA CYS B 292 36.11 -53.51 -3.64
C CYS B 292 36.44 -52.32 -2.75
N TYR B 293 37.40 -52.52 -1.84
CA TYR B 293 37.79 -51.51 -0.86
C TYR B 293 39.26 -51.14 -1.05
N PRO B 294 39.55 -50.12 -1.88
CA PRO B 294 40.92 -49.79 -2.23
C PRO B 294 41.79 -49.38 -1.05
N GLU B 295 41.15 -48.96 0.05
CA GLU B 295 41.80 -48.55 1.28
C GLU B 295 42.17 -49.71 2.23
N TYR B 296 41.72 -50.93 1.93
CA TYR B 296 41.92 -52.06 2.83
C TYR B 296 43.43 -52.41 2.90
N THR B 297 43.96 -52.46 4.12
CA THR B 297 45.35 -52.84 4.35
C THR B 297 45.48 -54.15 5.17
N GLY B 298 44.38 -54.87 5.38
CA GLY B 298 44.43 -56.15 6.07
C GLY B 298 44.83 -57.27 5.13
N SER B 299 44.75 -58.51 5.61
CA SER B 299 45.10 -59.69 4.83
C SER B 299 43.97 -60.15 3.97
N ASN B 300 44.33 -60.79 2.86
CA ASN B 300 43.39 -61.53 2.05
C ASN B 300 43.17 -62.93 2.58
N THR B 301 42.66 -62.99 3.80
CA THR B 301 42.32 -64.23 4.47
C THR B 301 40.85 -64.13 4.85
N TYR B 302 40.21 -65.29 5.01
CA TYR B 302 38.78 -65.33 5.31
C TYR B 302 38.45 -64.48 6.56
N GLU B 303 39.13 -64.74 7.66
CA GLU B 303 38.76 -64.13 8.96
C GLU B 303 38.87 -62.58 8.94
N GLU B 304 39.98 -62.09 8.39
CA GLU B 304 40.26 -60.64 8.37
C GLU B 304 39.40 -59.91 7.34
N ALA B 305 39.31 -60.48 6.15
CA ALA B 305 38.55 -59.86 5.09
C ALA B 305 37.03 -59.88 5.40
N ALA B 306 36.56 -61.00 5.93
CA ALA B 306 35.16 -61.13 6.34
C ALA B 306 34.81 -60.06 7.41
N ALA B 307 35.70 -59.94 8.40
CA ALA B 307 35.54 -59.00 9.51
C ALA B 307 35.46 -57.57 8.99
N TYR B 308 36.33 -57.23 8.03
CA TYR B 308 36.33 -55.89 7.42
C TYR B 308 35.00 -55.58 6.71
N ILE B 309 34.49 -56.54 5.92
CA ILE B 309 33.20 -56.36 5.22
C ILE B 309 32.09 -56.12 6.27
N GLN B 310 32.13 -56.89 7.35
CA GLN B 310 31.10 -56.74 8.40
C GLN B 310 31.13 -55.32 8.92
N CYS B 311 32.33 -54.82 9.19
CA CYS B 311 32.52 -53.46 9.68
C CYS B 311 31.99 -52.41 8.72
N GLN B 312 32.25 -52.59 7.42
CA GLN B 312 31.78 -51.63 6.40
C GLN B 312 30.25 -51.55 6.33
N PHE B 313 29.59 -52.69 6.48
CA PHE B 313 28.13 -52.71 6.45
C PHE B 313 27.56 -52.16 7.73
N GLU B 314 28.16 -52.51 8.87
CA GLU B 314 27.63 -52.08 10.17
C GLU B 314 27.85 -50.57 10.34
N ASP B 315 28.89 -50.03 9.72
CA ASP B 315 29.12 -48.58 9.75
C ASP B 315 28.02 -47.76 9.06
N LEU B 316 27.27 -48.39 8.16
CA LEU B 316 26.19 -47.69 7.44
C LEU B 316 24.98 -47.36 8.34
N ASN B 317 24.90 -47.96 9.52
CA ASN B 317 23.89 -47.65 10.52
C ASN B 317 24.13 -46.22 11.02
N ARG B 318 23.20 -45.30 10.70
CA ARG B 318 23.33 -43.90 11.16
C ARG B 318 22.61 -43.66 12.50
N ARG B 319 22.14 -44.72 13.13
CA ARG B 319 21.57 -44.63 14.49
C ARG B 319 22.13 -45.73 15.41
N LYS B 320 23.46 -45.82 15.44
CA LYS B 320 24.18 -46.82 16.26
C LYS B 320 23.91 -46.74 17.76
N ASP B 321 23.55 -45.58 18.29
CA ASP B 321 23.32 -45.57 19.77
C ASP B 321 21.85 -45.82 20.03
N THR B 322 21.11 -46.18 18.98
CA THR B 322 19.68 -46.46 19.08
C THR B 322 19.28 -47.85 18.56
N LYS B 323 20.05 -48.41 17.63
CA LYS B 323 19.62 -49.59 16.90
C LYS B 323 20.75 -50.61 16.66
N GLU B 324 20.48 -51.87 16.97
CA GLU B 324 21.40 -52.99 16.69
C GLU B 324 21.21 -53.54 15.29
N ILE B 325 22.31 -54.04 14.69
CA ILE B 325 22.29 -54.94 13.55
C ILE B 325 22.77 -56.29 14.05
N TYR B 326 21.98 -57.32 13.78
CA TYR B 326 22.30 -58.70 14.20
C TYR B 326 22.93 -59.49 13.06
N THR B 327 24.26 -59.53 13.09
CA THR B 327 25.01 -60.05 11.93
C THR B 327 25.42 -61.50 12.11
N HIS B 328 25.26 -62.30 11.04
CA HIS B 328 25.67 -63.69 11.02
C HIS B 328 26.36 -63.95 9.72
N PHE B 329 27.44 -64.73 9.78
CA PHE B 329 28.05 -65.25 8.58
C PHE B 329 27.35 -66.55 8.22
N THR B 330 26.91 -66.65 6.97
CA THR B 330 26.07 -67.78 6.57
C THR B 330 26.55 -68.45 5.29
N CYS B 331 26.22 -69.73 5.20
CA CYS B 331 26.22 -70.46 3.95
C CYS B 331 24.79 -70.92 3.76
N ALA B 332 24.04 -70.23 2.91
CA ALA B 332 22.59 -70.49 2.72
C ALA B 332 22.28 -71.90 2.19
N THR B 333 23.25 -72.51 1.52
CA THR B 333 23.09 -73.87 1.00
C THR B 333 23.41 -74.93 2.05
N ASP B 334 23.88 -74.48 3.21
CA ASP B 334 24.23 -75.41 4.33
C ASP B 334 23.07 -75.47 5.33
N THR B 335 22.26 -76.53 5.26
CA THR B 335 21.10 -76.66 6.18
C THR B 335 21.44 -76.52 7.69
N LYS B 336 22.42 -77.30 8.16
CA LYS B 336 22.85 -77.22 9.56
C LYS B 336 23.20 -75.77 9.98
N ASN B 337 23.93 -75.07 9.13
CA ASN B 337 24.30 -73.68 9.42
C ASN B 337 23.08 -72.73 9.51
N VAL B 338 22.19 -72.82 8.53
CA VAL B 338 21.03 -71.94 8.49
C VAL B 338 20.10 -72.25 9.67
N GLN B 339 19.97 -73.52 10.04
CA GLN B 339 19.11 -73.91 11.17
C GLN B 339 19.63 -73.27 12.46
N PHE B 340 20.94 -73.38 12.68
CA PHE B 340 21.58 -72.79 13.84
C PHE B 340 21.41 -71.26 13.86
N VAL B 341 21.70 -70.61 12.74
CA VAL B 341 21.60 -69.16 12.64
C VAL B 341 20.16 -68.68 12.78
N PHE B 342 19.22 -69.34 12.13
CA PHE B 342 17.81 -68.94 12.22
C PHE B 342 17.22 -69.15 13.62
N ASP B 343 17.67 -70.20 14.30
CA ASP B 343 17.30 -70.37 15.71
C ASP B 343 17.70 -69.16 16.55
N ALA B 344 18.95 -68.73 16.34
CA ALA B 344 19.52 -67.57 17.04
C ALA B 344 18.74 -66.31 16.70
N VAL B 345 18.40 -66.17 15.42
CA VAL B 345 17.63 -65.03 14.93
C VAL B 345 16.25 -64.95 15.58
N THR B 346 15.59 -66.10 15.70
CA THR B 346 14.27 -66.20 16.28
C THR B 346 14.28 -65.77 17.75
N ASP B 347 15.34 -66.18 18.46
CA ASP B 347 15.57 -65.77 19.85
C ASP B 347 15.68 -64.26 19.94
N VAL B 348 16.43 -63.64 19.02
CA VAL B 348 16.52 -62.16 18.99
C VAL B 348 15.14 -61.50 18.82
N ILE B 349 14.35 -62.03 17.89
CA ILE B 349 12.99 -61.51 17.61
C ILE B 349 12.06 -61.67 18.82
N ILE B 350 12.05 -62.86 19.44
CA ILE B 350 11.28 -63.09 20.70
C ILE B 350 11.69 -62.07 21.76
N LYS B 351 12.99 -61.97 21.99
CA LYS B 351 13.53 -61.07 23.01
C LYS B 351 13.18 -59.61 22.74
N ASN B 352 13.15 -59.24 21.46
CA ASN B 352 12.81 -57.87 21.03
C ASN B 352 11.30 -57.59 20.97
N ASN B 353 10.45 -58.63 21.06
CA ASN B 353 8.98 -58.42 21.16
C ASN B 353 8.36 -58.73 22.54
N LEU B 354 9.16 -58.71 23.61
CA LEU B 354 8.65 -59.12 24.93
C LEU B 354 7.58 -58.17 25.47
N GLU C 33 -38.09 -22.43 -48.60
CA GLU C 33 -36.63 -22.38 -48.94
C GLU C 33 -35.82 -23.36 -48.11
N VAL C 34 -34.89 -24.05 -48.76
CA VAL C 34 -33.97 -24.97 -48.10
C VAL C 34 -32.57 -24.61 -48.60
N LYS C 35 -31.71 -24.29 -47.63
CA LYS C 35 -30.28 -24.03 -47.93
C LYS C 35 -29.59 -25.37 -47.76
N LEU C 36 -28.95 -25.85 -48.82
CA LEU C 36 -28.33 -27.16 -48.81
C LEU C 36 -26.84 -27.06 -49.22
N LEU C 37 -25.97 -27.54 -48.34
CA LEU C 37 -24.54 -27.53 -48.56
C LEU C 37 -24.09 -28.96 -48.94
N LEU C 38 -23.37 -29.08 -50.03
CA LEU C 38 -22.64 -30.31 -50.36
C LEU C 38 -21.18 -30.18 -49.92
N LEU C 39 -20.85 -30.92 -48.87
CA LEU C 39 -19.52 -30.88 -48.26
C LEU C 39 -18.86 -32.25 -48.32
N GLY C 40 -17.58 -32.26 -48.00
CA GLY C 40 -16.76 -33.45 -48.08
C GLY C 40 -15.39 -33.16 -48.66
N ALA C 41 -14.46 -34.10 -48.47
CA ALA C 41 -13.10 -33.97 -48.96
C ALA C 41 -13.06 -34.12 -50.49
N GLY C 42 -11.92 -33.76 -51.04
CA GLY C 42 -11.72 -33.86 -52.48
C GLY C 42 -12.06 -35.22 -53.08
N GLU C 43 -12.76 -35.17 -54.22
CA GLU C 43 -13.15 -36.36 -54.99
C GLU C 43 -14.17 -37.27 -54.31
N SER C 44 -14.89 -36.74 -53.32
CA SER C 44 -15.80 -37.62 -52.58
C SER C 44 -17.12 -37.88 -53.34
N GLY C 45 -17.41 -37.08 -54.35
CA GLY C 45 -18.65 -37.21 -55.12
C GLY C 45 -19.62 -36.05 -55.10
N LYS C 46 -19.21 -34.90 -54.54
CA LYS C 46 -20.12 -33.76 -54.36
C LYS C 46 -20.74 -33.25 -55.66
N SER C 47 -19.88 -32.94 -56.63
CA SER C 47 -20.33 -32.38 -57.89
C SER C 47 -21.12 -33.39 -58.71
N THR C 48 -20.87 -34.66 -58.46
CA THR C 48 -21.63 -35.73 -59.13
C THR C 48 -23.09 -35.78 -58.61
N ILE C 49 -23.25 -35.59 -57.31
CA ILE C 49 -24.57 -35.42 -56.74
C ILE C 49 -25.22 -34.17 -57.37
N VAL C 50 -24.44 -33.10 -57.57
CA VAL C 50 -24.97 -31.88 -58.21
C VAL C 50 -25.44 -32.20 -59.64
N LYS C 51 -24.66 -32.97 -60.42
CA LYS C 51 -25.09 -33.38 -61.78
C LYS C 51 -26.42 -34.14 -61.73
N GLN C 52 -26.57 -34.98 -60.71
CA GLN C 52 -27.82 -35.74 -60.56
C GLN C 52 -29.05 -34.87 -60.26
N MET C 53 -28.86 -33.77 -59.54
CA MET C 53 -29.97 -32.85 -59.27
C MET C 53 -30.44 -32.19 -60.56
N LYS C 54 -29.53 -32.18 -61.53
CA LYS C 54 -30.00 -31.70 -62.84
C LYS C 54 -30.90 -32.79 -63.41
N ILE C 55 -30.31 -33.92 -63.77
CA ILE C 55 -31.13 -34.93 -64.49
C ILE C 55 -32.28 -35.43 -63.63
N ILE C 56 -32.06 -35.75 -62.36
CA ILE C 56 -33.19 -36.33 -61.58
C ILE C 56 -34.36 -35.35 -61.52
N HIS C 57 -34.09 -34.06 -61.26
CA HIS C 57 -35.20 -33.10 -61.04
C HIS C 57 -35.49 -32.27 -62.28
N GLU C 58 -34.87 -32.55 -63.40
CA GLU C 58 -35.01 -31.69 -64.59
C GLU C 58 -34.74 -32.44 -65.86
N ASP C 59 -34.99 -31.82 -67.01
CA ASP C 59 -34.78 -32.50 -68.31
C ASP C 59 -33.35 -33.01 -68.42
N GLY C 60 -32.38 -32.25 -67.91
CA GLY C 60 -31.00 -32.76 -67.85
C GLY C 60 -30.11 -32.42 -69.01
N TYR C 61 -28.89 -32.99 -69.03
CA TYR C 61 -27.92 -32.55 -70.04
C TYR C 61 -28.42 -32.82 -71.45
N SER C 62 -28.31 -31.81 -72.31
CA SER C 62 -28.72 -31.92 -73.73
C SER C 62 -27.63 -32.59 -74.54
N GLU C 63 -27.98 -33.14 -75.70
CA GLU C 63 -26.92 -33.65 -76.60
C GLU C 63 -25.85 -32.54 -76.65
N ASP C 64 -26.27 -31.29 -76.87
CA ASP C 64 -25.28 -30.21 -76.98
C ASP C 64 -24.45 -30.05 -75.72
N GLU C 65 -25.10 -30.16 -74.55
CA GLU C 65 -24.38 -30.15 -73.27
C GLU C 65 -23.48 -31.37 -73.12
N CYS C 66 -23.94 -32.54 -73.56
CA CYS C 66 -23.06 -33.70 -73.60
C CYS C 66 -21.80 -33.46 -74.44
N LYS C 67 -21.98 -32.85 -75.62
CA LYS C 67 -20.87 -32.61 -76.55
C LYS C 67 -19.80 -31.72 -75.91
N GLN C 68 -20.23 -30.77 -75.07
CA GLN C 68 -19.32 -29.92 -74.31
C GLN C 68 -18.37 -30.70 -73.36
N TYR C 69 -18.75 -31.91 -72.96
CA TYR C 69 -17.90 -32.75 -72.11
C TYR C 69 -16.93 -33.65 -72.89
N LYS C 70 -16.99 -33.65 -74.21
CA LYS C 70 -16.08 -34.51 -74.99
C LYS C 70 -14.60 -34.24 -74.67
N VAL C 71 -14.18 -32.99 -74.69
CA VAL C 71 -12.78 -32.66 -74.43
C VAL C 71 -12.40 -33.08 -72.99
N VAL C 72 -13.37 -33.05 -72.06
CA VAL C 72 -13.09 -33.54 -70.67
C VAL C 72 -12.92 -35.05 -70.61
N VAL C 73 -13.78 -35.78 -71.32
CA VAL C 73 -13.63 -37.24 -71.41
C VAL C 73 -12.23 -37.60 -71.94
N TYR C 74 -11.84 -36.91 -73.02
CA TYR C 74 -10.54 -37.15 -73.65
C TYR C 74 -9.39 -36.82 -72.69
N SER C 75 -9.47 -35.66 -72.06
CA SER C 75 -8.44 -35.27 -71.13
C SER C 75 -8.31 -36.24 -69.96
N ASN C 76 -9.45 -36.65 -69.37
CA ASN C 76 -9.48 -37.61 -68.27
C ASN C 76 -8.82 -38.95 -68.71
N THR C 77 -9.18 -39.39 -69.92
CA THR C 77 -8.59 -40.64 -70.47
C THR C 77 -7.06 -40.53 -70.64
N ILE C 78 -6.64 -39.45 -71.30
CA ILE C 78 -5.21 -39.23 -71.63
C ILE C 78 -4.41 -39.03 -70.35
N GLN C 79 -4.91 -38.20 -69.45
CA GLN C 79 -4.22 -37.96 -68.17
C GLN C 79 -4.14 -39.23 -67.31
N SER C 80 -5.16 -40.08 -67.36
CA SER C 80 -5.16 -41.33 -66.60
C SER C 80 -4.08 -42.32 -67.10
N ILE C 81 -3.97 -42.51 -68.42
CA ILE C 81 -2.98 -43.46 -68.92
C ILE C 81 -1.59 -42.88 -68.69
N ILE C 82 -1.43 -41.56 -68.84
CA ILE C 82 -0.14 -40.90 -68.51
C ILE C 82 0.26 -41.18 -67.03
N ALA C 83 -0.69 -41.00 -66.11
CA ALA C 83 -0.46 -41.22 -64.69
C ALA C 83 0.03 -42.64 -64.39
N ILE C 84 -0.58 -43.61 -65.05
CA ILE C 84 -0.18 -45.03 -64.85
C ILE C 84 1.23 -45.21 -65.39
N ILE C 85 1.50 -44.70 -66.59
CA ILE C 85 2.83 -44.87 -67.16
C ILE C 85 3.89 -44.23 -66.28
N ARG C 86 3.63 -42.99 -65.86
CA ARG C 86 4.57 -42.28 -64.99
C ARG C 86 4.89 -43.04 -63.71
N ALA C 87 3.86 -43.64 -63.11
CA ALA C 87 4.00 -44.38 -61.86
C ALA C 87 4.91 -45.62 -61.96
N MET C 88 5.01 -46.18 -63.17
CA MET C 88 5.79 -47.37 -63.40
C MET C 88 7.28 -47.22 -63.03
N GLY C 89 7.81 -45.99 -63.14
CA GLY C 89 9.12 -45.65 -62.58
C GLY C 89 9.14 -45.72 -61.06
N ARG C 90 8.24 -44.98 -60.39
CA ARG C 90 8.23 -45.02 -58.92
C ARG C 90 8.08 -46.47 -58.43
N LEU C 91 7.30 -47.27 -59.16
CA LEU C 91 6.92 -48.61 -58.72
C LEU C 91 7.86 -49.73 -59.18
N LYS C 92 8.84 -49.40 -60.02
CA LYS C 92 9.80 -50.37 -60.53
C LYS C 92 9.08 -51.46 -61.35
N ILE C 93 8.23 -51.04 -62.28
CA ILE C 93 7.45 -51.94 -63.14
C ILE C 93 7.84 -51.73 -64.61
N ASP C 94 8.21 -52.80 -65.30
CA ASP C 94 8.56 -52.75 -66.74
C ASP C 94 7.35 -53.03 -67.60
N PHE C 95 7.42 -52.57 -68.85
CA PHE C 95 6.40 -52.91 -69.84
C PHE C 95 6.42 -54.40 -70.10
N GLY C 96 5.24 -54.98 -70.34
CA GLY C 96 5.12 -56.38 -70.76
C GLY C 96 5.88 -56.61 -72.05
N GLU C 97 5.87 -55.61 -72.91
CA GLU C 97 6.61 -55.67 -74.15
C GLU C 97 7.40 -54.38 -74.39
N ALA C 98 8.65 -54.55 -74.82
CA ALA C 98 9.60 -53.46 -75.08
C ALA C 98 9.06 -52.41 -76.06
N ALA C 99 8.29 -52.87 -77.06
CA ALA C 99 7.69 -51.99 -78.07
C ALA C 99 6.79 -50.90 -77.50
N ARG C 100 6.30 -51.08 -76.28
CA ARG C 100 5.46 -50.07 -75.63
C ARG C 100 6.25 -48.81 -75.23
N ALA C 101 7.57 -48.92 -75.11
CA ALA C 101 8.41 -47.77 -74.75
C ALA C 101 8.23 -46.61 -75.72
N ASP C 102 8.22 -46.94 -77.01
CA ASP C 102 7.99 -45.91 -78.03
C ASP C 102 6.54 -45.41 -78.05
N ASP C 103 5.58 -46.28 -77.76
CA ASP C 103 4.17 -45.83 -77.56
C ASP C 103 4.06 -44.79 -76.44
N ALA C 104 4.74 -45.05 -75.31
CA ALA C 104 4.80 -44.11 -74.19
C ALA C 104 5.39 -42.74 -74.58
N ARG C 105 6.49 -42.75 -75.32
CA ARG C 105 7.07 -41.48 -75.83
C ARG C 105 6.07 -40.75 -76.74
N GLN C 106 5.46 -41.51 -77.65
CA GLN C 106 4.43 -41.00 -78.54
C GLN C 106 3.26 -40.37 -77.76
N LEU C 107 2.81 -41.06 -76.71
CA LEU C 107 1.71 -40.58 -75.84
C LEU C 107 2.00 -39.21 -75.23
N PHE C 108 3.19 -39.06 -74.70
CA PHE C 108 3.58 -37.80 -74.10
C PHE C 108 3.61 -36.65 -75.12
N VAL C 109 4.15 -36.92 -76.31
CA VAL C 109 4.17 -35.90 -77.37
C VAL C 109 2.72 -35.62 -77.82
N LEU C 110 1.95 -36.67 -78.05
CA LEU C 110 0.59 -36.47 -78.53
C LEU C 110 -0.38 -35.87 -77.49
N GLU C 128 -4.26 -42.67 -84.34
CA GLU C 128 -2.91 -42.97 -83.88
C GLU C 128 -2.78 -42.86 -82.36
N LEU C 129 -3.34 -41.80 -81.78
CA LEU C 129 -3.35 -41.66 -80.32
C LEU C 129 -4.20 -42.77 -79.72
N ALA C 130 -5.38 -43.00 -80.31
CA ALA C 130 -6.26 -44.07 -79.87
C ALA C 130 -5.52 -45.43 -79.86
N GLY C 131 -4.73 -45.70 -80.90
CA GLY C 131 -3.99 -46.97 -81.00
C GLY C 131 -2.95 -47.08 -79.90
N VAL C 132 -2.21 -46.00 -79.70
CA VAL C 132 -1.18 -45.96 -78.66
C VAL C 132 -1.75 -46.20 -77.27
N ILE C 133 -2.85 -45.53 -76.95
CA ILE C 133 -3.46 -45.69 -75.61
C ILE C 133 -3.92 -47.14 -75.36
N LYS C 134 -4.60 -47.72 -76.36
CA LYS C 134 -5.03 -49.13 -76.37
C LYS C 134 -3.89 -50.11 -76.10
N ARG C 135 -2.81 -49.99 -76.85
CA ARG C 135 -1.71 -50.91 -76.68
C ARG C 135 -1.10 -50.80 -75.30
N LEU C 136 -0.94 -49.57 -74.81
CA LEU C 136 -0.45 -49.35 -73.44
C LEU C 136 -1.40 -49.94 -72.38
N TRP C 137 -2.66 -49.57 -72.46
CA TRP C 137 -3.65 -50.06 -71.53
C TRP C 137 -3.74 -51.58 -71.45
N ARG C 138 -3.58 -52.25 -72.59
CA ARG C 138 -3.64 -53.71 -72.63
C ARG C 138 -2.34 -54.41 -72.30
N ASP C 139 -1.27 -53.65 -72.10
CA ASP C 139 0.00 -54.22 -71.70
C ASP C 139 -0.03 -54.74 -70.26
N GLY C 140 0.81 -55.80 -70.20
CA GLY C 140 0.73 -56.47 -68.91
C GLY C 140 1.40 -55.73 -67.79
N GLY C 141 2.53 -55.08 -68.10
CA GLY C 141 3.17 -54.15 -67.18
C GLY C 141 2.30 -52.98 -66.75
N VAL C 142 1.72 -52.31 -67.74
CA VAL C 142 0.73 -51.25 -67.52
C VAL C 142 -0.42 -51.75 -66.62
N GLN C 143 -0.91 -52.97 -66.89
CA GLN C 143 -2.02 -53.51 -66.09
C GLN C 143 -1.60 -53.81 -64.65
N ALA C 144 -0.37 -54.28 -64.50
CA ALA C 144 0.22 -54.53 -63.16
C ALA C 144 0.31 -53.23 -62.35
N CYS C 145 0.72 -52.15 -63.02
CA CYS C 145 0.72 -50.81 -62.43
C CYS C 145 -0.69 -50.31 -62.11
N PHE C 146 -1.63 -50.50 -63.02
CA PHE C 146 -3.02 -50.14 -62.79
C PHE C 146 -3.56 -50.81 -61.51
N SER C 147 -3.20 -52.09 -61.32
CA SER C 147 -3.64 -52.87 -60.18
C SER C 147 -3.16 -52.31 -58.87
N ARG C 148 -2.05 -51.58 -58.93
CA ARG C 148 -1.44 -50.95 -57.76
C ARG C 148 -1.66 -49.45 -57.64
N SER C 149 -2.76 -48.97 -58.23
CA SER C 149 -3.01 -47.54 -58.31
C SER C 149 -3.16 -46.84 -56.95
N ARG C 150 -3.43 -47.59 -55.87
CA ARG C 150 -3.43 -46.94 -54.53
C ARG C 150 -2.08 -46.34 -54.16
N GLU C 151 -0.99 -46.80 -54.81
CA GLU C 151 0.36 -46.30 -54.55
C GLU C 151 0.69 -45.00 -55.32
N TYR C 152 -0.27 -44.49 -56.07
CA TYR C 152 -0.11 -43.20 -56.75
C TYR C 152 -1.51 -42.53 -56.79
N GLN C 153 -1.71 -41.55 -57.68
CA GLN C 153 -2.97 -40.83 -57.80
C GLN C 153 -3.59 -41.10 -59.16
N LEU C 154 -4.72 -41.79 -59.18
CA LEU C 154 -5.42 -42.16 -60.42
C LEU C 154 -6.91 -41.88 -60.29
N ASN C 155 -7.45 -41.18 -61.27
CA ASN C 155 -8.89 -40.93 -61.35
C ASN C 155 -9.73 -42.19 -61.23
N ASP C 156 -10.81 -42.12 -60.46
CA ASP C 156 -11.70 -43.26 -60.37
C ASP C 156 -12.29 -43.76 -61.70
N SER C 157 -12.51 -42.86 -62.65
CA SER C 157 -13.14 -43.22 -63.93
C SER C 157 -12.11 -43.68 -64.97
N ALA C 158 -10.84 -43.78 -64.61
CA ALA C 158 -9.79 -44.22 -65.56
C ALA C 158 -10.18 -45.48 -66.36
N SER C 159 -10.45 -46.59 -65.67
CA SER C 159 -10.72 -47.85 -66.35
C SER C 159 -12.08 -47.82 -67.08
N TYR C 160 -13.03 -47.05 -66.54
CA TYR C 160 -14.31 -46.83 -67.20
C TYR C 160 -14.12 -46.34 -68.63
N TYR C 161 -13.29 -45.33 -68.80
CA TYR C 161 -13.05 -44.75 -70.08
C TYR C 161 -12.12 -45.63 -70.90
N LEU C 162 -11.03 -46.09 -70.28
CA LEU C 162 -10.00 -46.87 -71.00
C LEU C 162 -10.57 -48.18 -71.56
N ASN C 163 -11.42 -48.86 -70.78
CA ASN C 163 -12.14 -50.04 -71.26
C ASN C 163 -13.16 -49.74 -72.37
N ASP C 164 -13.62 -48.50 -72.46
CA ASP C 164 -14.50 -48.07 -73.56
C ASP C 164 -13.82 -47.26 -74.65
N LEU C 165 -12.54 -47.50 -74.89
CA LEU C 165 -11.76 -46.64 -75.76
C LEU C 165 -12.23 -46.66 -77.22
N ASP C 166 -12.59 -47.84 -77.72
CA ASP C 166 -13.16 -47.99 -79.05
C ASP C 166 -14.35 -47.06 -79.28
N ARG C 167 -15.30 -47.05 -78.35
CA ARG C 167 -16.50 -46.22 -78.46
C ARG C 167 -16.15 -44.74 -78.41
N ILE C 168 -15.38 -44.36 -77.41
CA ILE C 168 -15.12 -42.92 -77.17
C ILE C 168 -14.17 -42.34 -78.20
N SER C 169 -13.40 -43.19 -78.87
CA SER C 169 -12.45 -42.68 -79.87
C SER C 169 -13.02 -42.50 -81.27
N GLN C 170 -14.28 -42.84 -81.51
CA GLN C 170 -14.86 -42.71 -82.87
C GLN C 170 -14.97 -41.22 -83.19
N SER C 171 -14.82 -40.84 -84.45
CA SER C 171 -14.86 -39.41 -84.82
C SER C 171 -16.21 -38.79 -84.46
N ASN C 172 -17.26 -39.59 -84.53
CA ASN C 172 -18.63 -39.12 -84.27
C ASN C 172 -19.07 -39.20 -82.81
N TYR C 173 -18.14 -39.50 -81.92
CA TYR C 173 -18.46 -39.72 -80.51
C TYR C 173 -19.19 -38.56 -79.85
N ILE C 174 -20.31 -38.86 -79.21
CA ILE C 174 -21.03 -37.93 -78.34
C ILE C 174 -21.10 -38.58 -76.97
N PRO C 175 -20.52 -37.94 -75.95
CA PRO C 175 -20.65 -38.48 -74.61
C PRO C 175 -22.10 -38.76 -74.19
N THR C 176 -22.30 -39.92 -73.57
CA THR C 176 -23.58 -40.31 -73.03
C THR C 176 -23.73 -39.60 -71.70
N GLN C 177 -24.93 -39.68 -71.15
CA GLN C 177 -25.18 -39.10 -69.84
C GLN C 177 -24.30 -39.75 -68.76
N GLN C 178 -24.11 -41.07 -68.82
CA GLN C 178 -23.20 -41.73 -67.86
C GLN C 178 -21.75 -41.28 -68.07
N ASP C 179 -21.30 -41.13 -69.33
CA ASP C 179 -19.97 -40.57 -69.60
C ASP C 179 -19.78 -39.21 -68.90
N VAL C 180 -20.82 -38.38 -68.92
CA VAL C 180 -20.78 -37.05 -68.29
C VAL C 180 -20.67 -37.18 -66.77
N LEU C 181 -21.53 -38.02 -66.18
CA LEU C 181 -21.47 -38.30 -64.74
C LEU C 181 -20.11 -38.79 -64.25
N ARG C 182 -19.44 -39.56 -65.11
CA ARG C 182 -18.10 -40.11 -64.83
C ARG C 182 -16.96 -39.12 -64.98
N THR C 183 -17.19 -37.97 -65.59
CA THR C 183 -16.09 -37.03 -65.82
C THR C 183 -15.55 -36.49 -64.49
N ARG C 184 -14.25 -36.17 -64.51
CA ARG C 184 -13.57 -35.54 -63.40
C ARG C 184 -13.17 -34.13 -63.80
N VAL C 185 -13.79 -33.15 -63.15
CA VAL C 185 -13.41 -31.73 -63.19
C VAL C 185 -13.32 -31.25 -61.73
N LYS C 186 -12.15 -30.74 -61.37
CA LYS C 186 -11.99 -30.22 -59.99
C LYS C 186 -13.03 -29.12 -59.78
N THR C 187 -13.39 -28.89 -58.53
CA THR C 187 -14.41 -27.87 -58.21
C THR C 187 -13.74 -26.84 -57.29
N THR C 188 -13.43 -25.68 -57.84
CA THR C 188 -12.74 -24.61 -57.06
C THR C 188 -13.72 -23.47 -56.86
N GLY C 189 -13.84 -22.97 -55.64
CA GLY C 189 -14.83 -21.93 -55.36
C GLY C 189 -16.19 -22.54 -55.11
N ILE C 190 -17.23 -21.70 -55.03
CA ILE C 190 -18.59 -22.20 -54.70
C ILE C 190 -19.36 -22.46 -55.99
N VAL C 191 -20.32 -23.38 -55.96
CA VAL C 191 -21.17 -23.65 -57.16
C VAL C 191 -22.62 -23.62 -56.68
N GLU C 192 -23.12 -22.43 -56.38
CA GLU C 192 -24.54 -22.28 -55.95
C GLU C 192 -25.45 -22.48 -57.16
N THR C 193 -26.35 -23.46 -57.09
CA THR C 193 -27.30 -23.63 -58.21
C THR C 193 -28.70 -23.70 -57.58
N HIS C 194 -29.76 -23.40 -58.32
CA HIS C 194 -31.08 -23.40 -57.64
C HIS C 194 -31.96 -24.50 -58.23
N PHE C 195 -32.57 -25.30 -57.35
CA PHE C 195 -33.49 -26.37 -57.84
C PHE C 195 -34.73 -26.47 -56.95
N THR C 196 -35.83 -27.01 -57.47
CA THR C 196 -37.08 -27.04 -56.66
C THR C 196 -37.58 -28.49 -56.53
N PHE C 197 -37.53 -29.04 -55.31
CA PHE C 197 -38.01 -30.43 -55.09
C PHE C 197 -39.18 -30.41 -54.10
N LYS C 198 -40.23 -31.18 -54.38
CA LYS C 198 -41.43 -31.21 -53.49
C LYS C 198 -41.90 -29.77 -53.33
N ASP C 199 -41.52 -28.89 -54.25
CA ASP C 199 -41.93 -27.46 -54.24
C ASP C 199 -41.03 -26.68 -53.29
N LEU C 200 -40.05 -27.35 -52.67
CA LEU C 200 -39.07 -26.60 -51.84
C LEU C 200 -38.18 -25.81 -52.81
N TYR C 201 -37.81 -24.58 -52.45
CA TYR C 201 -36.86 -23.83 -53.31
C TYR C 201 -35.44 -24.15 -52.83
N PHE C 202 -34.81 -25.15 -53.44
CA PHE C 202 -33.48 -25.52 -52.92
C PHE C 202 -32.39 -24.55 -53.35
N LYS C 203 -31.67 -23.99 -52.40
CA LYS C 203 -30.49 -23.19 -52.69
C LYS C 203 -29.29 -24.07 -52.34
N MET C 204 -28.67 -24.62 -53.38
CA MET C 204 -27.64 -25.64 -53.24
C MET C 204 -26.22 -25.08 -53.45
N PHE C 205 -25.31 -25.41 -52.53
CA PHE C 205 -23.94 -24.89 -52.56
C PHE C 205 -22.97 -26.05 -52.68
N ASP C 206 -22.33 -26.08 -53.84
CA ASP C 206 -21.28 -27.07 -54.05
C ASP C 206 -20.00 -26.31 -53.76
N VAL C 207 -19.08 -26.92 -53.10
CA VAL C 207 -17.82 -26.31 -52.69
C VAL C 207 -16.68 -27.30 -52.90
N GLY C 208 -15.47 -26.74 -53.03
CA GLY C 208 -14.27 -27.54 -53.20
C GLY C 208 -13.95 -28.41 -52.00
N GLY C 209 -13.66 -29.69 -52.24
CA GLY C 209 -13.45 -30.61 -51.14
C GLY C 209 -12.04 -30.58 -50.58
N LEU C 210 -11.08 -30.10 -51.37
CA LEU C 210 -9.68 -30.14 -50.97
C LEU C 210 -9.39 -29.16 -49.84
N ARG C 211 -8.25 -29.36 -49.18
CA ARG C 211 -7.84 -28.50 -48.08
C ARG C 211 -7.45 -27.11 -48.56
N SER C 212 -7.04 -26.98 -49.82
CA SER C 212 -6.75 -25.66 -50.37
C SER C 212 -8.03 -24.83 -50.54
N GLU C 213 -9.16 -25.50 -50.74
CA GLU C 213 -10.44 -24.84 -50.95
C GLU C 213 -11.18 -24.54 -49.66
N ARG C 214 -10.54 -24.75 -48.52
CA ARG C 214 -11.30 -24.60 -47.25
C ARG C 214 -11.76 -23.15 -47.02
N LYS C 215 -11.02 -22.17 -47.50
CA LYS C 215 -11.30 -20.78 -47.15
C LYS C 215 -12.69 -20.36 -47.56
N LYS C 216 -13.23 -20.96 -48.61
CA LYS C 216 -14.56 -20.59 -49.09
C LYS C 216 -15.67 -21.09 -48.20
N TRP C 217 -15.39 -22.08 -47.35
CA TRP C 217 -16.45 -22.78 -46.63
C TRP C 217 -17.09 -21.91 -45.56
N ILE C 218 -16.32 -21.02 -44.95
CA ILE C 218 -16.80 -20.25 -43.81
C ILE C 218 -17.85 -19.23 -44.22
N HIS C 219 -17.75 -18.71 -45.44
CA HIS C 219 -18.70 -17.71 -45.92
C HIS C 219 -20.08 -18.29 -46.15
N CYS C 220 -20.19 -19.60 -46.40
CA CYS C 220 -21.44 -20.20 -46.83
C CYS C 220 -22.23 -20.80 -45.65
N PHE C 221 -21.66 -20.72 -44.46
CA PHE C 221 -22.24 -21.40 -43.27
C PHE C 221 -23.53 -20.77 -42.74
N GLU C 222 -23.99 -19.64 -43.26
CA GLU C 222 -25.17 -18.98 -42.71
C GLU C 222 -26.47 -19.60 -43.22
N GLY C 223 -27.37 -19.92 -42.30
CA GLY C 223 -28.70 -20.37 -42.62
C GLY C 223 -28.78 -21.69 -43.37
N VAL C 224 -28.04 -22.70 -42.93
CA VAL C 224 -27.96 -23.98 -43.62
C VAL C 224 -29.07 -24.89 -43.10
N THR C 225 -30.00 -25.26 -43.98
CA THR C 225 -31.08 -26.15 -43.57
C THR C 225 -30.58 -27.58 -43.44
N ALA C 226 -29.68 -27.99 -44.39
CA ALA C 226 -29.20 -29.36 -44.54
C ALA C 226 -27.78 -29.40 -45.17
N ILE C 227 -26.97 -30.37 -44.72
CA ILE C 227 -25.67 -30.70 -45.31
C ILE C 227 -25.76 -32.16 -45.82
N ILE C 228 -25.37 -32.38 -47.06
CA ILE C 228 -25.05 -33.71 -47.53
C ILE C 228 -23.52 -33.79 -47.50
N PHE C 229 -22.99 -34.61 -46.59
CA PHE C 229 -21.56 -34.78 -46.43
C PHE C 229 -21.18 -36.06 -47.12
N CYS C 230 -20.37 -35.92 -48.17
CA CYS C 230 -20.00 -37.06 -49.01
C CYS C 230 -18.67 -37.65 -48.56
N VAL C 231 -18.64 -38.98 -48.52
CA VAL C 231 -17.47 -39.77 -48.14
C VAL C 231 -17.30 -40.85 -49.24
N ALA C 232 -16.15 -40.89 -49.87
CA ALA C 232 -15.80 -41.95 -50.81
C ALA C 232 -15.44 -43.21 -50.01
N LEU C 233 -16.36 -44.17 -49.99
CA LEU C 233 -16.10 -45.46 -49.29
C LEU C 233 -14.77 -46.11 -49.74
N SER C 234 -14.48 -45.94 -51.03
CA SER C 234 -13.33 -46.56 -51.70
C SER C 234 -12.00 -45.84 -51.41
N ASP C 235 -11.92 -45.17 -50.25
CA ASP C 235 -10.70 -44.34 -50.00
C ASP C 235 -9.95 -44.80 -48.74
N TYR C 236 -10.29 -45.97 -48.21
CA TYR C 236 -9.64 -46.44 -46.96
C TYR C 236 -8.14 -46.64 -47.23
N ASP C 237 -7.80 -47.08 -48.44
CA ASP C 237 -6.39 -47.41 -48.74
C ASP C 237 -5.72 -46.31 -49.56
N LEU C 238 -6.43 -45.20 -49.78
CA LEU C 238 -5.85 -44.13 -50.64
C LEU C 238 -5.21 -42.99 -49.85
N VAL C 239 -4.27 -42.25 -50.47
CA VAL C 239 -3.67 -41.10 -49.82
C VAL C 239 -4.12 -39.84 -50.56
N LEU C 240 -4.03 -38.70 -49.86
CA LEU C 240 -4.46 -37.44 -50.44
C LEU C 240 -3.53 -37.01 -51.56
N ALA C 241 -4.11 -36.39 -52.60
CA ALA C 241 -3.29 -35.81 -53.65
C ALA C 241 -2.47 -34.64 -53.14
N GLU C 242 -3.02 -33.85 -52.22
CA GLU C 242 -2.31 -32.73 -51.63
C GLU C 242 -1.41 -33.14 -50.47
N ASP C 243 -1.53 -34.38 -49.99
CA ASP C 243 -0.66 -34.88 -48.92
C ASP C 243 -0.65 -36.41 -49.05
N GLU C 244 0.44 -36.95 -49.58
CA GLU C 244 0.56 -38.37 -49.80
C GLU C 244 1.05 -39.13 -48.57
N GLU C 245 1.23 -38.46 -47.44
CA GLU C 245 1.42 -39.14 -46.16
C GLU C 245 0.14 -39.12 -45.34
N MET C 246 -0.98 -38.74 -45.94
CA MET C 246 -2.26 -38.64 -45.27
C MET C 246 -3.24 -39.57 -45.94
N ASN C 247 -3.82 -40.49 -45.16
CA ASN C 247 -4.87 -41.34 -45.68
C ASN C 247 -6.14 -40.53 -45.90
N ARG C 248 -6.86 -40.84 -46.98
CA ARG C 248 -8.03 -40.06 -47.35
C ARG C 248 -9.17 -40.25 -46.35
N MET C 249 -9.33 -41.47 -45.84
CA MET C 249 -10.46 -41.76 -44.96
C MET C 249 -10.28 -41.10 -43.59
N HIS C 250 -9.05 -41.00 -43.10
CA HIS C 250 -8.82 -40.27 -41.85
C HIS C 250 -9.08 -38.77 -42.02
N GLU C 251 -8.74 -38.24 -43.21
CA GLU C 251 -9.05 -36.85 -43.55
C GLU C 251 -10.55 -36.61 -43.56
N SER C 252 -11.30 -37.55 -44.16
CA SER C 252 -12.76 -37.44 -44.17
C SER C 252 -13.33 -37.59 -42.76
N MET C 253 -12.65 -38.36 -41.94
CA MET C 253 -13.24 -38.47 -40.58
C MET C 253 -13.03 -37.12 -39.92
N LYS C 254 -11.79 -36.64 -39.88
CA LYS C 254 -11.57 -35.42 -39.11
C LYS C 254 -12.43 -34.28 -39.64
N LEU C 255 -12.68 -34.24 -40.93
CA LEU C 255 -13.58 -33.14 -41.34
C LEU C 255 -14.93 -33.49 -40.74
N PHE C 256 -15.43 -34.70 -40.97
CA PHE C 256 -16.78 -34.96 -40.48
C PHE C 256 -16.87 -34.70 -38.98
N ASP C 257 -15.75 -34.86 -38.26
CA ASP C 257 -15.70 -34.48 -36.85
C ASP C 257 -15.91 -32.98 -36.69
N SER C 258 -15.32 -32.21 -37.59
CA SER C 258 -15.53 -30.76 -37.57
C SER C 258 -16.97 -30.41 -37.93
N ILE C 259 -17.47 -30.95 -39.05
CA ILE C 259 -18.74 -30.49 -39.60
C ILE C 259 -19.91 -30.95 -38.73
N CYS C 260 -19.83 -32.18 -38.21
CA CYS C 260 -20.94 -32.72 -37.42
C CYS C 260 -21.07 -32.01 -36.08
N ASN C 261 -19.94 -31.66 -35.45
CA ASN C 261 -19.94 -31.09 -34.12
C ASN C 261 -19.84 -29.57 -34.11
N ASN C 262 -19.86 -28.93 -35.27
CA ASN C 262 -19.77 -27.47 -35.32
C ASN C 262 -21.04 -26.83 -34.79
N LYS C 263 -20.89 -25.70 -34.10
CA LYS C 263 -22.04 -25.02 -33.50
C LYS C 263 -22.89 -24.30 -34.54
N TRP C 264 -22.37 -24.07 -35.74
CA TRP C 264 -23.21 -23.58 -36.84
C TRP C 264 -24.31 -24.56 -37.22
N PHE C 265 -24.08 -25.86 -37.07
CA PHE C 265 -25.00 -26.86 -37.59
C PHE C 265 -25.74 -27.58 -36.49
N THR C 266 -26.09 -26.87 -35.42
CA THR C 266 -26.86 -27.48 -34.33
C THR C 266 -28.26 -27.85 -34.79
N GLU C 267 -28.92 -26.98 -35.55
CA GLU C 267 -30.25 -27.24 -36.07
C GLU C 267 -30.25 -27.72 -37.51
N THR C 268 -29.09 -27.84 -38.13
CA THR C 268 -29.01 -28.29 -39.52
C THR C 268 -29.13 -29.79 -39.60
N SER C 269 -29.93 -30.26 -40.56
CA SER C 269 -30.04 -31.70 -40.80
C SER C 269 -28.76 -32.20 -41.45
N ILE C 270 -28.04 -33.21 -40.71
CA ILE C 270 -26.77 -33.76 -41.18
C ILE C 270 -27.00 -35.11 -41.89
N ILE C 271 -26.82 -35.10 -43.21
CA ILE C 271 -26.98 -36.25 -44.07
C ILE C 271 -25.57 -36.73 -44.49
N LEU C 272 -25.33 -38.03 -44.30
CA LEU C 272 -24.06 -38.64 -44.65
C LEU C 272 -24.27 -39.59 -45.84
N PHE C 273 -23.64 -39.27 -46.97
CA PHE C 273 -23.59 -40.14 -48.14
C PHE C 273 -22.27 -40.89 -48.09
N LEU C 274 -22.35 -42.16 -47.72
CA LEU C 274 -21.25 -43.12 -47.85
C LEU C 274 -21.27 -43.57 -49.31
N ASN C 275 -20.53 -42.82 -50.10
CA ASN C 275 -20.58 -42.85 -51.55
C ASN C 275 -19.54 -43.80 -52.17
N LYS C 276 -19.60 -43.94 -53.49
CA LYS C 276 -18.79 -44.88 -54.27
C LYS C 276 -18.95 -46.32 -53.78
N LYS C 277 -20.19 -46.67 -53.40
CA LYS C 277 -20.51 -48.02 -52.96
C LYS C 277 -20.13 -49.08 -54.01
N ASP C 278 -20.25 -48.73 -55.28
CA ASP C 278 -19.94 -49.64 -56.38
C ASP C 278 -18.46 -49.96 -56.46
N LEU C 279 -17.64 -48.91 -56.35
CA LEU C 279 -16.19 -49.07 -56.38
C LEU C 279 -15.70 -49.82 -55.13
N PHE C 280 -16.32 -49.53 -54.00
CA PHE C 280 -16.01 -50.14 -52.71
C PHE C 280 -16.30 -51.64 -52.75
N GLU C 281 -17.47 -52.02 -53.25
CA GLU C 281 -17.85 -53.43 -53.42
C GLU C 281 -16.77 -54.22 -54.16
N GLU C 282 -16.22 -53.64 -55.22
CA GLU C 282 -15.17 -54.29 -56.02
C GLU C 282 -13.83 -54.31 -55.30
N LYS C 283 -13.45 -53.19 -54.70
CA LYS C 283 -12.15 -53.05 -54.05
C LYS C 283 -12.02 -53.87 -52.80
N ILE C 284 -13.12 -54.00 -52.03
CA ILE C 284 -13.05 -54.69 -50.75
C ILE C 284 -12.61 -56.16 -50.86
N LYS C 285 -12.97 -56.80 -51.98
CA LYS C 285 -12.53 -58.17 -52.31
C LYS C 285 -11.02 -58.29 -52.59
N ARG C 286 -10.28 -57.18 -52.68
CA ARG C 286 -8.82 -57.27 -52.95
C ARG C 286 -7.90 -56.38 -52.09
N SER C 287 -8.47 -55.49 -51.29
CA SER C 287 -7.67 -54.62 -50.46
C SER C 287 -8.33 -54.59 -49.08
N PRO C 288 -7.58 -54.99 -48.05
CA PRO C 288 -8.20 -55.20 -46.74
C PRO C 288 -8.50 -53.90 -46.03
N LEU C 289 -9.60 -53.88 -45.27
CA LEU C 289 -10.03 -52.68 -44.55
C LEU C 289 -9.05 -52.27 -43.46
N THR C 290 -8.29 -53.25 -42.97
CA THR C 290 -7.26 -53.01 -41.94
C THR C 290 -6.19 -51.99 -42.34
N ILE C 291 -6.04 -51.74 -43.64
CA ILE C 291 -5.17 -50.66 -44.12
C ILE C 291 -5.60 -49.34 -43.46
N CYS C 292 -6.90 -49.12 -43.38
CA CYS C 292 -7.47 -47.93 -42.79
C CYS C 292 -7.69 -48.08 -41.28
N TYR C 293 -8.28 -49.20 -40.90
CA TYR C 293 -8.64 -49.47 -39.51
C TYR C 293 -7.92 -50.74 -39.03
N PRO C 294 -6.71 -50.58 -38.44
CA PRO C 294 -5.88 -51.73 -38.10
C PRO C 294 -6.52 -52.65 -37.06
N GLU C 295 -7.49 -52.14 -36.32
CA GLU C 295 -8.23 -52.87 -35.29
C GLU C 295 -9.41 -53.71 -35.84
N TYR C 296 -9.75 -53.56 -37.11
CA TYR C 296 -10.91 -54.22 -37.67
C TYR C 296 -10.69 -55.75 -37.70
N THR C 297 -11.63 -56.49 -37.11
CA THR C 297 -11.58 -57.96 -37.12
C THR C 297 -12.77 -58.57 -37.88
N GLY C 298 -13.55 -57.77 -38.60
CA GLY C 298 -14.64 -58.29 -39.42
C GLY C 298 -14.14 -58.79 -40.77
N SER C 299 -15.08 -59.14 -41.64
CA SER C 299 -14.74 -59.66 -42.97
C SER C 299 -14.49 -58.55 -43.95
N ASN C 300 -13.67 -58.85 -44.95
CA ASN C 300 -13.51 -58.02 -46.11
C ASN C 300 -14.58 -58.29 -47.15
N THR C 301 -15.82 -58.05 -46.74
CA THR C 301 -16.99 -58.19 -47.59
C THR C 301 -17.70 -56.85 -47.58
N TYR C 302 -18.48 -56.58 -48.62
CA TYR C 302 -19.16 -55.29 -48.76
C TYR C 302 -20.02 -54.97 -47.52
N GLU C 303 -20.89 -55.90 -47.14
CA GLU C 303 -21.88 -55.62 -46.08
C GLU C 303 -21.24 -55.31 -44.72
N GLU C 304 -20.25 -56.13 -44.34
CA GLU C 304 -19.59 -55.99 -43.04
C GLU C 304 -18.65 -54.79 -42.99
N ALA C 305 -17.85 -54.64 -44.03
CA ALA C 305 -16.89 -53.56 -44.09
C ALA C 305 -17.60 -52.18 -44.22
N ALA C 306 -18.65 -52.14 -45.04
CA ALA C 306 -19.44 -50.93 -45.20
C ALA C 306 -20.07 -50.51 -43.85
N ALA C 307 -20.63 -51.49 -43.14
CA ALA C 307 -21.29 -51.30 -41.86
C ALA C 307 -20.29 -50.74 -40.84
N TYR C 308 -19.08 -51.29 -40.83
CA TYR C 308 -18.02 -50.82 -39.93
C TYR C 308 -17.64 -49.35 -40.18
N ILE C 309 -17.47 -48.98 -41.46
CA ILE C 309 -17.16 -47.59 -41.83
C ILE C 309 -18.30 -46.66 -41.33
N GLN C 310 -19.53 -47.11 -41.52
CA GLN C 310 -20.68 -46.29 -41.09
C GLN C 310 -20.59 -46.02 -39.60
N CYS C 311 -20.29 -47.08 -38.85
CA CYS C 311 -20.13 -46.98 -37.41
C CYS C 311 -19.03 -46.01 -37.00
N GLN C 312 -17.89 -46.08 -37.68
CA GLN C 312 -16.76 -45.19 -37.37
C GLN C 312 -17.09 -43.70 -37.58
N PHE C 313 -17.85 -43.41 -38.62
CA PHE C 313 -18.25 -42.04 -38.90
C PHE C 313 -19.32 -41.58 -37.94
N GLU C 314 -20.29 -42.45 -37.65
CA GLU C 314 -21.40 -42.08 -36.77
C GLU C 314 -20.90 -41.91 -35.32
N ASP C 315 -19.86 -42.64 -34.95
CA ASP C 315 -19.26 -42.46 -33.63
C ASP C 315 -18.65 -41.09 -33.40
N LEU C 316 -18.30 -40.37 -34.47
CA LEU C 316 -17.72 -39.02 -34.37
C LEU C 316 -18.72 -37.95 -33.86
N ASN C 317 -20.01 -38.28 -33.88
CA ASN C 317 -21.05 -37.42 -33.34
C ASN C 317 -20.86 -37.35 -31.81
N ARG C 318 -20.49 -36.17 -31.30
CA ARG C 318 -20.30 -36.00 -29.83
C ARG C 318 -21.58 -35.51 -29.14
N ARG C 319 -22.69 -35.46 -29.88
CA ARG C 319 -24.00 -35.14 -29.29
C ARG C 319 -25.07 -36.14 -29.76
N LYS C 320 -24.76 -37.42 -29.60
CA LYS C 320 -25.66 -38.52 -30.00
C LYS C 320 -27.03 -38.54 -29.30
N ASP C 321 -27.14 -37.98 -28.10
CA ASP C 321 -28.49 -38.03 -27.47
C ASP C 321 -29.23 -36.76 -27.82
N THR C 322 -28.67 -35.96 -28.71
CA THR C 322 -29.27 -34.70 -29.16
C THR C 322 -29.47 -34.60 -30.69
N LYS C 323 -28.66 -35.31 -31.47
CA LYS C 323 -28.60 -35.08 -32.90
C LYS C 323 -28.47 -36.38 -33.71
N GLU C 324 -29.30 -36.53 -34.74
CA GLU C 324 -29.24 -37.65 -35.70
C GLU C 324 -28.28 -37.35 -36.83
N ILE C 325 -27.64 -38.42 -37.35
CA ILE C 325 -26.99 -38.43 -38.66
C ILE C 325 -27.84 -39.34 -39.54
N TYR C 326 -28.22 -38.83 -40.71
CA TYR C 326 -29.02 -39.57 -41.69
C TYR C 326 -28.15 -40.18 -42.78
N THR C 327 -27.82 -41.45 -42.58
CA THR C 327 -26.80 -42.08 -43.44
C THR C 327 -27.41 -42.89 -44.56
N HIS C 328 -26.82 -42.76 -45.76
CA HIS C 328 -27.23 -43.53 -46.93
C HIS C 328 -26.01 -44.01 -47.63
N PHE C 329 -26.07 -45.24 -48.11
CA PHE C 329 -25.04 -45.73 -49.00
C PHE C 329 -25.42 -45.36 -50.41
N THR C 330 -24.48 -44.75 -51.14
CA THR C 330 -24.82 -44.18 -52.45
C THR C 330 -23.82 -44.57 -53.52
N CYS C 331 -24.34 -44.60 -54.75
CA CYS C 331 -23.52 -44.56 -55.94
C CYS C 331 -23.95 -43.30 -56.68
N ALA C 332 -23.14 -42.23 -56.57
CA ALA C 332 -23.48 -40.90 -57.12
C ALA C 332 -23.65 -40.90 -58.64
N THR C 333 -23.04 -41.86 -59.32
CA THR C 333 -23.15 -41.97 -60.77
C THR C 333 -24.41 -42.75 -61.20
N ASP C 334 -25.12 -43.30 -60.20
CA ASP C 334 -26.35 -44.08 -60.47
C ASP C 334 -27.58 -43.19 -60.26
N THR C 335 -28.17 -42.69 -61.35
CA THR C 335 -29.35 -41.81 -61.25
C THR C 335 -30.51 -42.37 -60.41
N LYS C 336 -30.97 -43.59 -60.72
CA LYS C 336 -32.04 -44.24 -59.96
C LYS C 336 -31.74 -44.25 -58.44
N ASN C 337 -30.51 -44.59 -58.08
CA ASN C 337 -30.13 -44.63 -56.66
C ASN C 337 -30.17 -43.23 -55.99
N VAL C 338 -29.60 -42.23 -56.64
CA VAL C 338 -29.54 -40.90 -56.08
C VAL C 338 -30.97 -40.32 -55.99
N GLN C 339 -31.82 -40.61 -56.97
CA GLN C 339 -33.21 -40.11 -56.93
C GLN C 339 -33.95 -40.66 -55.72
N PHE C 340 -33.81 -41.97 -55.50
CA PHE C 340 -34.42 -42.64 -54.36
C PHE C 340 -33.89 -42.07 -53.03
N VAL C 341 -32.57 -41.97 -52.92
CA VAL C 341 -31.93 -41.45 -51.70
C VAL C 341 -32.29 -39.99 -51.45
N PHE C 342 -32.24 -39.15 -52.48
CA PHE C 342 -32.57 -37.73 -52.32
C PHE C 342 -34.04 -37.50 -51.98
N ASP C 343 -34.92 -38.33 -52.52
CA ASP C 343 -36.32 -38.28 -52.10
C ASP C 343 -36.47 -38.50 -50.60
N ALA C 344 -35.77 -39.52 -50.11
CA ALA C 344 -35.77 -39.86 -48.69
C ALA C 344 -35.20 -38.74 -47.85
N VAL C 345 -34.12 -38.14 -48.36
CA VAL C 345 -33.47 -37.01 -47.70
C VAL C 345 -34.40 -35.80 -47.55
N THR C 346 -35.13 -35.52 -48.63
CA THR C 346 -36.06 -34.41 -48.67
C THR C 346 -37.16 -34.57 -47.64
N ASP C 347 -37.66 -35.81 -47.51
CA ASP C 347 -38.64 -36.17 -46.50
C ASP C 347 -38.10 -35.89 -45.10
N VAL C 348 -36.84 -36.25 -44.85
CA VAL C 348 -36.22 -35.94 -43.55
C VAL C 348 -36.20 -34.42 -43.27
N ILE C 349 -35.82 -33.64 -44.29
CA ILE C 349 -35.75 -32.17 -44.17
C ILE C 349 -37.14 -31.57 -43.92
N ILE C 350 -38.15 -31.98 -44.70
CA ILE C 350 -39.55 -31.55 -44.46
C ILE C 350 -39.97 -31.87 -43.03
N LYS C 351 -39.76 -33.11 -42.62
CA LYS C 351 -40.16 -33.56 -41.28
C LYS C 351 -39.45 -32.79 -40.18
N ASN C 352 -38.18 -32.42 -40.43
CA ASN C 352 -37.38 -31.65 -39.48
C ASN C 352 -37.65 -30.13 -39.51
N ASN C 353 -38.36 -29.63 -40.51
CA ASN C 353 -38.80 -28.21 -40.53
C ASN C 353 -40.30 -27.96 -40.29
N LEU C 354 -41.00 -28.90 -39.67
CA LEU C 354 -42.46 -28.78 -39.52
C LEU C 354 -42.86 -27.62 -38.61
N GLU D 33 63.48 -2.35 16.81
CA GLU D 33 63.06 -3.43 15.84
C GLU D 33 62.66 -2.85 14.49
N VAL D 34 63.11 -3.51 13.41
CA VAL D 34 62.74 -3.13 12.06
C VAL D 34 62.29 -4.42 11.36
N LYS D 35 61.05 -4.37 10.87
CA LYS D 35 60.51 -5.49 10.06
C LYS D 35 60.83 -5.14 8.62
N LEU D 36 61.57 -6.01 7.95
CA LEU D 36 62.02 -5.74 6.59
C LEU D 36 61.61 -6.89 5.66
N LEU D 37 60.88 -6.56 4.61
CA LEU D 37 60.42 -7.49 3.62
C LEU D 37 61.28 -7.35 2.35
N LEU D 38 61.81 -8.45 1.87
CA LEU D 38 62.42 -8.51 0.53
C LEU D 38 61.39 -9.08 -0.46
N LEU D 39 60.91 -8.20 -1.33
CA LEU D 39 59.88 -8.53 -2.32
C LEU D 39 60.40 -8.30 -3.72
N GLY D 40 59.62 -8.79 -4.69
CA GLY D 40 59.99 -8.75 -6.08
C GLY D 40 59.65 -10.05 -6.79
N ALA D 41 59.63 -10.00 -8.12
CA ALA D 41 59.32 -11.14 -8.94
C ALA D 41 60.47 -12.16 -8.91
N GLY D 42 60.17 -13.35 -9.41
CA GLY D 42 61.17 -14.41 -9.48
C GLY D 42 62.49 -14.02 -10.11
N GLU D 43 63.57 -14.44 -9.45
CA GLU D 43 64.95 -14.21 -9.92
C GLU D 43 65.41 -12.76 -9.89
N SER D 44 64.73 -11.92 -9.13
CA SER D 44 65.08 -10.49 -9.17
C SER D 44 66.34 -10.17 -8.33
N GLY D 45 66.74 -11.08 -7.46
CA GLY D 45 67.90 -10.87 -6.59
C GLY D 45 67.65 -10.85 -5.09
N LYS D 46 66.44 -11.21 -4.65
CA LYS D 46 66.08 -11.10 -3.22
C LYS D 46 66.99 -11.91 -2.29
N SER D 47 67.13 -13.19 -2.58
CA SER D 47 67.92 -14.07 -1.73
C SER D 47 69.39 -13.75 -1.78
N THR D 48 69.82 -13.13 -2.88
CA THR D 48 71.23 -12.68 -3.01
C THR D 48 71.51 -11.49 -2.06
N ILE D 49 70.55 -10.58 -1.95
CA ILE D 49 70.61 -9.53 -0.95
C ILE D 49 70.66 -10.18 0.44
N VAL D 50 69.86 -11.24 0.65
CA VAL D 50 69.88 -11.95 1.95
C VAL D 50 71.27 -12.54 2.22
N LYS D 51 71.91 -13.16 1.20
CA LYS D 51 73.30 -13.68 1.37
C LYS D 51 74.26 -12.56 1.79
N GLN D 52 74.07 -11.38 1.20
CA GLN D 52 74.92 -10.24 1.54
C GLN D 52 74.75 -9.74 2.98
N MET D 53 73.55 -9.85 3.55
CA MET D 53 73.32 -9.47 4.95
C MET D 53 74.08 -10.42 5.88
N LYS D 54 74.37 -11.60 5.35
CA LYS D 54 75.25 -12.47 6.15
C LYS D 54 76.64 -11.87 6.09
N ILE D 55 77.27 -11.92 4.92
CA ILE D 55 78.70 -11.49 4.89
C ILE D 55 78.86 -10.03 5.28
N ILE D 56 78.04 -9.14 4.75
CA ILE D 56 78.29 -7.70 5.07
C ILE D 56 78.20 -7.46 6.58
N HIS D 57 77.21 -8.01 7.25
CA HIS D 57 76.98 -7.70 8.68
C HIS D 57 77.53 -8.76 9.61
N GLU D 58 78.23 -9.77 9.09
CA GLU D 58 78.64 -10.91 9.91
C GLU D 58 79.85 -11.59 9.33
N ASP D 59 80.43 -12.54 10.07
CA ASP D 59 81.65 -13.25 9.58
C ASP D 59 81.38 -13.88 8.23
N GLY D 60 80.18 -14.41 8.02
CA GLY D 60 79.83 -14.90 6.67
C GLY D 60 80.08 -16.35 6.39
N TYR D 61 79.88 -16.78 5.14
CA TYR D 61 79.93 -18.23 4.86
C TYR D 61 81.31 -18.80 5.19
N SER D 62 81.31 -19.92 5.90
CA SER D 62 82.57 -20.64 6.26
C SER D 62 83.04 -21.50 5.10
N GLU D 63 84.32 -21.85 5.10
CA GLU D 63 84.77 -22.83 4.09
C GLU D 63 83.75 -23.97 4.10
N ASP D 64 83.40 -24.46 5.30
CA ASP D 64 82.45 -25.58 5.36
C ASP D 64 81.10 -25.24 4.74
N GLU D 65 80.60 -24.01 5.00
CA GLU D 65 79.38 -23.53 4.35
C GLU D 65 79.56 -23.37 2.85
N CYS D 66 80.72 -22.87 2.42
CA CYS D 66 81.01 -22.85 0.99
C CYS D 66 80.94 -24.25 0.35
N LYS D 67 81.51 -25.25 1.03
CA LYS D 67 81.56 -26.62 0.51
C LYS D 67 80.15 -27.18 0.30
N GLN D 68 79.21 -26.80 1.16
CA GLN D 68 77.80 -27.17 1.03
C GLN D 68 77.15 -26.67 -0.30
N TYR D 69 77.69 -25.62 -0.90
CA TYR D 69 77.19 -25.13 -2.18
C TYR D 69 77.83 -25.78 -3.41
N LYS D 70 78.80 -26.67 -3.23
CA LYS D 70 79.42 -27.32 -4.40
C LYS D 70 78.41 -28.05 -5.29
N VAL D 71 77.55 -28.88 -4.71
CA VAL D 71 76.58 -29.61 -5.51
C VAL D 71 75.62 -28.63 -6.24
N VAL D 72 75.37 -27.46 -5.63
CA VAL D 72 74.52 -26.43 -6.30
C VAL D 72 75.25 -25.79 -7.49
N VAL D 73 76.52 -25.47 -7.30
CA VAL D 73 77.33 -24.94 -8.42
C VAL D 73 77.30 -25.92 -9.60
N TYR D 74 77.53 -27.20 -9.29
CA TYR D 74 77.55 -28.26 -10.31
C TYR D 74 76.19 -28.37 -11.00
N SER D 75 75.12 -28.41 -10.20
CA SER D 75 73.81 -28.53 -10.77
C SER D 75 73.45 -27.33 -11.66
N ASN D 76 73.74 -26.11 -11.20
CA ASN D 76 73.51 -24.90 -11.96
C ASN D 76 74.28 -24.95 -13.31
N THR D 77 75.54 -25.38 -13.25
CA THR D 77 76.37 -25.51 -14.46
C THR D 77 75.78 -26.54 -15.46
N ILE D 78 75.46 -27.72 -14.94
CA ILE D 78 74.95 -28.84 -15.76
C ILE D 78 73.58 -28.49 -16.33
N GLN D 79 72.69 -27.97 -15.49
CA GLN D 79 71.37 -27.57 -15.97
C GLN D 79 71.41 -26.44 -16.99
N SER D 80 72.36 -25.52 -16.85
CA SER D 80 72.51 -24.41 -17.82
C SER D 80 72.95 -24.91 -19.20
N ILE D 81 73.95 -25.79 -19.27
CA ILE D 81 74.39 -26.25 -20.58
C ILE D 81 73.32 -27.12 -21.19
N ILE D 82 72.61 -27.93 -20.38
CA ILE D 82 71.47 -28.71 -20.87
C ILE D 82 70.39 -27.79 -21.51
N ALA D 83 70.05 -26.71 -20.81
CA ALA D 83 69.06 -25.74 -21.27
C ALA D 83 69.42 -25.15 -22.65
N ILE D 84 70.69 -24.83 -22.81
CA ILE D 84 71.17 -24.25 -24.10
C ILE D 84 71.04 -25.33 -25.17
N ILE D 85 71.49 -26.55 -24.87
CA ILE D 85 71.42 -27.60 -25.88
C ILE D 85 69.98 -27.87 -26.29
N ARG D 86 69.11 -28.01 -25.29
CA ARG D 86 67.68 -28.25 -25.55
C ARG D 86 67.05 -27.19 -26.45
N ALA D 87 67.41 -25.93 -26.20
CA ALA D 87 66.86 -24.80 -26.95
C ALA D 87 67.24 -24.80 -28.44
N MET D 88 68.36 -25.44 -28.77
CA MET D 88 68.86 -25.48 -30.14
C MET D 88 67.85 -26.12 -31.12
N GLY D 89 67.02 -27.06 -30.63
CA GLY D 89 65.87 -27.55 -31.39
C GLY D 89 64.82 -26.47 -31.62
N ARG D 90 64.32 -25.85 -30.55
CA ARG D 90 63.30 -24.80 -30.71
C ARG D 90 63.82 -23.71 -31.67
N LEU D 91 65.12 -23.43 -31.59
CA LEU D 91 65.71 -22.29 -32.30
C LEU D 91 66.26 -22.62 -33.69
N LYS D 92 66.25 -23.90 -34.07
CA LYS D 92 66.74 -24.34 -35.38
C LYS D 92 68.22 -24.00 -35.54
N ILE D 93 69.03 -24.38 -34.53
CA ILE D 93 70.48 -24.13 -34.52
C ILE D 93 71.24 -25.46 -34.48
N ASP D 94 72.16 -25.66 -35.41
CA ASP D 94 73.00 -26.87 -35.47
C ASP D 94 74.30 -26.67 -34.72
N PHE D 95 74.90 -27.78 -34.31
CA PHE D 95 76.23 -27.75 -33.71
C PHE D 95 77.23 -27.25 -34.74
N GLY D 96 78.23 -26.50 -34.28
CA GLY D 96 79.36 -26.08 -35.12
C GLY D 96 80.07 -27.29 -35.68
N GLU D 97 80.14 -28.35 -34.88
CA GLU D 97 80.74 -29.60 -35.31
C GLU D 97 79.86 -30.78 -34.95
N ALA D 98 79.71 -31.70 -35.92
CA ALA D 98 78.88 -32.90 -35.80
C ALA D 98 79.23 -33.77 -34.58
N ALA D 99 80.53 -33.83 -34.25
CA ALA D 99 81.02 -34.60 -33.11
C ALA D 99 80.39 -34.21 -31.77
N ARG D 100 79.84 -33.00 -31.68
CA ARG D 100 79.18 -32.55 -30.46
C ARG D 100 77.86 -33.29 -30.18
N ALA D 101 77.27 -33.88 -31.21
CA ALA D 101 76.01 -34.63 -31.04
C ALA D 101 76.15 -35.73 -30.00
N ASP D 102 77.24 -36.48 -30.09
CA ASP D 102 77.50 -37.53 -29.10
C ASP D 102 77.85 -36.97 -27.72
N ASP D 103 78.56 -35.83 -27.67
CA ASP D 103 78.77 -35.13 -26.39
C ASP D 103 77.45 -34.75 -25.70
N ALA D 104 76.49 -34.23 -26.48
CA ALA D 104 75.15 -33.92 -25.99
C ALA D 104 74.42 -35.14 -25.42
N ARG D 105 74.47 -36.27 -26.13
CA ARG D 105 73.89 -37.53 -25.61
C ARG D 105 74.55 -37.94 -24.29
N GLN D 106 75.88 -37.88 -24.28
CA GLN D 106 76.68 -38.17 -23.09
C GLN D 106 76.29 -37.26 -21.93
N LEU D 107 76.11 -35.97 -22.19
CA LEU D 107 75.71 -34.97 -21.16
C LEU D 107 74.39 -35.34 -20.49
N PHE D 108 73.40 -35.71 -21.29
CA PHE D 108 72.11 -36.09 -20.76
C PHE D 108 72.19 -37.33 -19.87
N VAL D 109 72.96 -38.33 -20.31
CA VAL D 109 73.14 -39.55 -19.50
C VAL D 109 73.92 -39.20 -18.23
N LEU D 110 75.00 -38.44 -18.38
CA LEU D 110 75.83 -38.11 -17.22
C LEU D 110 75.18 -37.14 -16.23
N GLU D 128 85.49 -36.61 -17.44
CA GLU D 128 84.76 -36.90 -18.67
C GLU D 128 83.56 -35.97 -18.85
N LEU D 129 82.79 -35.74 -17.77
CA LEU D 129 81.68 -34.79 -17.83
C LEU D 129 82.23 -33.39 -18.06
N ALA D 130 83.28 -33.04 -17.33
CA ALA D 130 83.95 -31.75 -17.50
C ALA D 130 84.37 -31.54 -18.96
N GLY D 131 84.93 -32.58 -19.59
CA GLY D 131 85.38 -32.46 -20.99
C GLY D 131 84.21 -32.22 -21.93
N VAL D 132 83.15 -32.99 -21.73
CA VAL D 132 81.94 -32.87 -22.54
C VAL D 132 81.33 -31.46 -22.45
N ILE D 133 81.20 -30.94 -21.24
CA ILE D 133 80.60 -29.61 -21.06
C ILE D 133 81.43 -28.51 -21.76
N LYS D 134 82.74 -28.57 -21.58
CA LYS D 134 83.74 -27.68 -22.25
C LYS D 134 83.59 -27.67 -23.77
N ARG D 135 83.58 -28.85 -24.38
CA ARG D 135 83.49 -28.92 -25.82
C ARG D 135 82.19 -28.35 -26.33
N LEU D 136 81.10 -28.66 -25.63
CA LEU D 136 79.79 -28.08 -25.99
C LEU D 136 79.77 -26.56 -25.83
N TRP D 137 80.18 -26.08 -24.67
CA TRP D 137 80.20 -24.66 -24.39
C TRP D 137 81.04 -23.86 -25.40
N ARG D 138 82.15 -24.43 -25.85
CA ARG D 138 83.00 -23.74 -26.83
C ARG D 138 82.59 -23.92 -28.27
N ASP D 139 81.56 -24.73 -28.53
CA ASP D 139 81.05 -24.90 -29.87
C ASP D 139 80.32 -23.64 -30.37
N GLY D 140 80.51 -23.57 -31.70
CA GLY D 140 79.99 -22.32 -32.26
C GLY D 140 78.49 -22.26 -32.34
N GLY D 141 77.87 -23.40 -32.65
CA GLY D 141 76.41 -23.54 -32.57
C GLY D 141 75.85 -23.30 -31.18
N VAL D 142 76.43 -23.98 -30.19
CA VAL D 142 76.11 -23.76 -28.78
C VAL D 142 76.25 -22.26 -28.41
N GLN D 143 77.32 -21.62 -28.88
CA GLN D 143 77.54 -20.20 -28.54
C GLN D 143 76.50 -19.31 -29.21
N ALA D 144 76.12 -19.65 -30.43
CA ALA D 144 75.04 -18.94 -31.17
C ALA D 144 73.71 -19.03 -30.41
N CYS D 145 73.42 -20.22 -29.88
CA CYS D 145 72.26 -20.42 -29.02
C CYS D 145 72.35 -19.64 -27.70
N PHE D 146 73.52 -19.68 -27.06
CA PHE D 146 73.75 -18.91 -25.86
C PHE D 146 73.45 -17.42 -26.07
N SER D 147 73.87 -16.89 -27.23
CA SER D 147 73.67 -15.49 -27.59
C SER D 147 72.22 -15.11 -27.69
N ARG D 148 71.38 -16.10 -27.95
CA ARG D 148 69.94 -15.91 -28.09
C ARG D 148 69.12 -16.40 -26.89
N SER D 149 69.74 -16.43 -25.72
CA SER D 149 69.12 -16.99 -24.54
C SER D 149 67.83 -16.29 -24.09
N ARG D 150 67.59 -15.05 -24.54
CA ARG D 150 66.29 -14.42 -24.23
C ARG D 150 65.10 -15.18 -24.83
N GLU D 151 65.34 -16.03 -25.84
CA GLU D 151 64.31 -16.84 -26.48
C GLU D 151 63.99 -18.14 -25.73
N TYR D 152 64.65 -18.36 -24.61
CA TYR D 152 64.35 -19.51 -23.75
C TYR D 152 64.62 -19.08 -22.29
N GLN D 153 64.80 -20.04 -21.38
CA GLN D 153 65.03 -19.75 -19.96
C GLN D 153 66.41 -20.23 -19.56
N LEU D 154 67.30 -19.30 -19.24
CA LEU D 154 68.68 -19.59 -18.87
C LEU D 154 69.07 -18.81 -17.63
N ASN D 155 69.63 -19.52 -16.65
CA ASN D 155 70.17 -18.89 -15.44
C ASN D 155 71.15 -17.76 -15.72
N ASP D 156 71.03 -16.66 -15.00
CA ASP D 156 71.97 -15.57 -15.17
C ASP D 156 73.45 -15.94 -14.95
N SER D 157 73.73 -16.90 -14.05
CA SER D 157 75.10 -17.27 -13.73
C SER D 157 75.67 -18.36 -14.67
N ALA D 158 74.91 -18.75 -15.69
CA ALA D 158 75.37 -19.80 -16.62
C ALA D 158 76.80 -19.56 -17.13
N SER D 159 77.05 -18.42 -17.80
CA SER D 159 78.35 -18.15 -18.41
C SER D 159 79.44 -17.94 -17.34
N TYR D 160 79.03 -17.38 -16.19
CA TYR D 160 79.94 -17.23 -15.04
C TYR D 160 80.61 -18.55 -14.69
N TYR D 161 79.80 -19.61 -14.55
CA TYR D 161 80.29 -20.89 -14.19
C TYR D 161 80.96 -21.57 -15.37
N LEU D 162 80.31 -21.52 -16.54
CA LEU D 162 80.81 -22.23 -17.73
C LEU D 162 82.17 -21.70 -18.18
N ASN D 163 82.36 -20.39 -18.12
CA ASN D 163 83.67 -19.77 -18.38
C ASN D 163 84.73 -20.12 -17.33
N ASP D 164 84.32 -20.50 -16.13
CA ASP D 164 85.23 -20.96 -15.08
C ASP D 164 85.26 -22.48 -14.89
N LEU D 165 85.02 -23.23 -15.94
CA LEU D 165 84.83 -24.68 -15.80
C LEU D 165 86.09 -25.42 -15.32
N ASP D 166 87.24 -25.03 -15.84
CA ASP D 166 88.52 -25.57 -15.38
C ASP D 166 88.68 -25.49 -13.87
N ARG D 167 88.43 -24.33 -13.30
CA ARG D 167 88.57 -24.12 -11.84
C ARG D 167 87.56 -24.96 -11.09
N ILE D 168 86.29 -24.86 -11.47
CA ILE D 168 85.22 -25.50 -10.67
C ILE D 168 85.22 -27.01 -10.85
N SER D 169 85.84 -27.51 -11.91
CA SER D 169 85.86 -28.96 -12.12
C SER D 169 87.00 -29.71 -11.43
N GLN D 170 87.91 -29.01 -10.75
CA GLN D 170 89.05 -29.70 -10.09
C GLN D 170 88.50 -30.54 -8.96
N SER D 171 89.12 -31.68 -8.67
CA SER D 171 88.61 -32.57 -7.61
C SER D 171 88.59 -31.85 -6.24
N ASN D 172 89.55 -30.95 -6.05
CA ASN D 172 89.69 -30.23 -4.77
C ASN D 172 88.89 -28.94 -4.67
N TYR D 173 88.01 -28.69 -5.63
CA TYR D 173 87.27 -27.43 -5.72
C TYR D 173 86.48 -27.11 -4.46
N ILE D 174 86.67 -25.91 -3.95
CA ILE D 174 85.85 -25.34 -2.88
C ILE D 174 85.27 -24.05 -3.44
N PRO D 175 83.93 -23.95 -3.51
CA PRO D 175 83.33 -22.70 -3.94
C PRO D 175 83.82 -21.47 -3.14
N THR D 176 84.09 -20.40 -3.88
CA THR D 176 84.50 -19.14 -3.30
C THR D 176 83.21 -18.46 -2.84
N GLN D 177 83.38 -17.37 -2.10
CA GLN D 177 82.24 -16.61 -1.66
C GLN D 177 81.45 -16.04 -2.85
N GLN D 178 82.14 -15.58 -3.91
CA GLN D 178 81.43 -15.10 -5.11
C GLN D 178 80.70 -16.27 -5.80
N ASP D 179 81.33 -17.46 -5.88
CA ASP D 179 80.63 -18.63 -6.42
C ASP D 179 79.30 -18.88 -5.69
N VAL D 180 79.31 -18.70 -4.36
CA VAL D 180 78.10 -18.90 -3.53
C VAL D 180 77.05 -17.85 -3.88
N LEU D 181 77.46 -16.59 -3.90
CA LEU D 181 76.56 -15.47 -4.29
C LEU D 181 75.89 -15.68 -5.65
N ARG D 182 76.64 -16.29 -6.57
CA ARG D 182 76.17 -16.57 -7.94
C ARG D 182 75.24 -17.77 -8.05
N THR D 183 75.13 -18.60 -7.03
CA THR D 183 74.30 -19.79 -7.12
C THR D 183 72.82 -19.42 -7.28
N ARG D 184 72.09 -20.29 -7.98
CA ARG D 184 70.66 -20.20 -8.14
C ARG D 184 70.00 -21.35 -7.41
N VAL D 185 69.25 -21.00 -6.36
CA VAL D 185 68.34 -21.89 -5.64
C VAL D 185 66.99 -21.14 -5.52
N LYS D 186 65.95 -21.77 -6.04
CA LYS D 186 64.61 -21.15 -5.95
C LYS D 186 64.30 -20.94 -4.47
N THR D 187 63.45 -19.96 -4.19
CA THR D 187 63.09 -19.66 -2.79
C THR D 187 61.58 -19.85 -2.65
N THR D 188 61.18 -20.95 -1.99
CA THR D 188 59.75 -21.26 -1.83
C THR D 188 59.40 -21.13 -0.36
N GLY D 189 58.30 -20.44 -0.07
CA GLY D 189 57.95 -20.17 1.34
C GLY D 189 58.70 -18.96 1.86
N ILE D 190 58.62 -18.71 3.17
CA ILE D 190 59.26 -17.50 3.76
C ILE D 190 60.66 -17.86 4.26
N VAL D 191 61.56 -16.89 4.30
CA VAL D 191 62.93 -17.11 4.84
C VAL D 191 63.20 -15.99 5.85
N GLU D 192 62.55 -16.05 7.01
CA GLU D 192 62.76 -15.03 8.06
C GLU D 192 64.13 -15.29 8.69
N THR D 193 65.01 -14.29 8.66
CA THR D 193 66.32 -14.44 9.33
C THR D 193 66.51 -13.21 10.21
N HIS D 194 67.32 -13.28 11.25
CA HIS D 194 67.42 -12.07 12.12
C HIS D 194 68.82 -11.48 12.05
N PHE D 195 68.91 -10.17 11.83
CA PHE D 195 70.23 -9.51 11.80
C PHE D 195 70.20 -8.15 12.50
N THR D 196 71.34 -7.66 12.97
CA THR D 196 71.33 -6.39 13.75
C THR D 196 72.25 -5.36 13.09
N PHE D 197 71.68 -4.28 12.53
CA PHE D 197 72.50 -3.23 11.89
C PHE D 197 72.27 -1.91 12.64
N LYS D 198 73.35 -1.16 12.87
CA LYS D 198 73.25 0.13 13.60
C LYS D 198 72.55 -0.15 14.94
N ASP D 199 72.55 -1.42 15.37
CA ASP D 199 71.93 -1.84 16.65
C ASP D 199 70.43 -2.04 16.45
N LEU D 200 69.94 -1.84 15.23
CA LEU D 200 68.52 -2.15 14.95
C LEU D 200 68.37 -3.67 14.97
N TYR D 201 67.28 -4.20 15.53
CA TYR D 201 67.07 -5.66 15.47
C TYR D 201 66.30 -5.97 14.18
N PHE D 202 67.01 -6.30 13.10
CA PHE D 202 66.28 -6.49 11.84
C PHE D 202 65.57 -7.83 11.80
N LYS D 203 64.26 -7.84 11.56
CA LYS D 203 63.53 -9.06 11.30
C LYS D 203 63.25 -9.08 9.82
N MET D 204 64.02 -9.89 9.09
CA MET D 204 64.03 -9.89 7.65
C MET D 204 63.26 -11.08 7.04
N PHE D 205 62.40 -10.79 6.06
CA PHE D 205 61.53 -11.82 5.46
C PHE D 205 61.85 -11.90 3.97
N ASP D 206 62.41 -13.05 3.63
CA ASP D 206 62.65 -13.33 2.20
C ASP D 206 61.47 -14.18 1.80
N VAL D 207 60.94 -13.95 0.65
CA VAL D 207 59.77 -14.65 0.13
C VAL D 207 59.97 -14.97 -1.34
N GLY D 208 59.24 -15.99 -1.81
CA GLY D 208 59.27 -16.40 -3.20
C GLY D 208 58.76 -15.35 -4.15
N GLY D 209 59.52 -15.08 -5.22
CA GLY D 209 59.16 -14.01 -6.13
C GLY D 209 58.13 -14.42 -7.17
N LEU D 210 58.01 -15.72 -7.44
CA LEU D 210 57.15 -16.20 -8.51
C LEU D 210 55.67 -16.03 -8.15
N ARG D 211 54.83 -16.12 -9.18
CA ARG D 211 53.38 -15.96 -8.98
C ARG D 211 52.79 -17.16 -8.25
N SER D 212 53.44 -18.32 -8.30
CA SER D 212 52.97 -19.47 -7.54
C SER D 212 53.19 -19.26 -6.05
N GLU D 213 54.19 -18.45 -5.68
CA GLU D 213 54.54 -18.21 -4.29
C GLU D 213 53.76 -17.04 -3.69
N ARG D 214 52.79 -16.50 -4.41
CA ARG D 214 52.13 -15.27 -3.90
C ARG D 214 51.38 -15.52 -2.60
N LYS D 215 50.84 -16.71 -2.40
CA LYS D 215 49.95 -16.96 -1.28
C LYS D 215 50.61 -16.66 0.07
N LYS D 216 51.93 -16.82 0.14
CA LYS D 216 52.64 -16.59 1.40
C LYS D 216 52.76 -15.12 1.73
N TRP D 217 52.58 -14.22 0.76
CA TRP D 217 52.91 -12.82 0.95
C TRP D 217 51.95 -12.12 1.90
N ILE D 218 50.68 -12.54 1.90
CA ILE D 218 49.64 -11.83 2.65
C ILE D 218 49.83 -12.00 4.15
N HIS D 219 50.38 -13.15 4.58
CA HIS D 219 50.56 -13.41 5.99
C HIS D 219 51.65 -12.54 6.60
N CYS D 220 52.60 -12.05 5.80
CA CYS D 220 53.78 -11.38 6.32
C CYS D 220 53.62 -9.86 6.33
N PHE D 221 52.47 -9.38 5.86
CA PHE D 221 52.27 -7.92 5.67
C PHE D 221 52.09 -7.12 6.96
N GLU D 222 52.04 -7.74 8.13
CA GLU D 222 51.79 -7.01 9.37
C GLU D 222 53.05 -6.37 9.92
N GLY D 223 52.96 -5.08 10.24
CA GLY D 223 54.02 -4.36 10.90
C GLY D 223 55.32 -4.23 10.12
N VAL D 224 55.24 -3.87 8.85
CA VAL D 224 56.42 -3.80 7.99
C VAL D 224 57.02 -2.41 8.08
N THR D 225 58.25 -2.33 8.59
CA THR D 225 58.93 -1.04 8.68
C THR D 225 59.40 -0.56 7.32
N ALA D 226 59.92 -1.55 6.50
CA ALA D 226 60.57 -1.28 5.23
C ALA D 226 60.44 -2.48 4.26
N ILE D 227 60.31 -2.18 2.96
CA ILE D 227 60.34 -3.15 1.87
C ILE D 227 61.54 -2.78 0.97
N ILE D 228 62.39 -3.76 0.68
CA ILE D 228 63.33 -3.65 -0.42
C ILE D 228 62.68 -4.45 -1.57
N PHE D 229 62.27 -3.74 -2.62
CA PHE D 229 61.63 -4.33 -3.77
C PHE D 229 62.66 -4.44 -4.85
N CYS D 230 62.98 -5.68 -5.22
CA CYS D 230 64.05 -5.94 -6.18
C CYS D 230 63.48 -6.09 -7.58
N VAL D 231 64.17 -5.48 -8.54
CA VAL D 231 63.84 -5.50 -9.96
C VAL D 231 65.14 -5.86 -10.71
N ALA D 232 65.12 -6.92 -11.49
CA ALA D 232 66.22 -7.27 -12.37
C ALA D 232 66.19 -6.33 -13.58
N LEU D 233 67.10 -5.37 -13.61
CA LEU D 233 67.21 -4.44 -14.76
C LEU D 233 67.32 -5.19 -16.10
N SER D 234 68.02 -6.32 -16.06
CA SER D 234 68.34 -7.14 -17.23
C SER D 234 67.16 -8.01 -17.71
N ASP D 235 65.93 -7.55 -17.43
CA ASP D 235 64.76 -8.44 -17.74
C ASP D 235 63.80 -7.77 -18.73
N TYR D 236 64.21 -6.67 -19.36
CA TYR D 236 63.31 -5.95 -20.29
C TYR D 236 62.96 -6.88 -21.46
N ASP D 237 63.92 -7.71 -21.88
CA ASP D 237 63.70 -8.54 -23.08
C ASP D 237 63.39 -9.98 -22.70
N LEU D 238 63.24 -10.25 -21.41
CA LEU D 238 63.01 -11.67 -20.97
C LEU D 238 61.53 -11.99 -20.73
N VAL D 239 61.16 -13.28 -20.82
CA VAL D 239 59.80 -13.70 -20.51
C VAL D 239 59.82 -14.54 -19.24
N LEU D 240 58.66 -14.63 -18.60
CA LEU D 240 58.56 -15.37 -17.34
C LEU D 240 58.71 -16.86 -17.58
N ALA D 241 59.35 -17.55 -16.63
CA ALA D 241 59.44 -19.00 -16.70
C ALA D 241 58.06 -19.63 -16.53
N GLU D 242 57.22 -19.06 -15.69
CA GLU D 242 55.86 -19.55 -15.47
C GLU D 242 54.89 -19.06 -16.53
N ASP D 243 55.28 -18.09 -17.36
CA ASP D 243 54.41 -17.60 -18.43
C ASP D 243 55.34 -16.99 -19.48
N GLU D 244 55.55 -17.72 -20.58
CA GLU D 244 56.45 -17.28 -21.64
C GLU D 244 55.78 -16.35 -22.64
N GLU D 245 54.52 -15.97 -22.43
CA GLU D 245 53.91 -14.88 -23.17
C GLU D 245 53.87 -13.60 -22.34
N MET D 246 54.56 -13.59 -21.21
CA MET D 246 54.59 -12.45 -20.30
C MET D 246 56.01 -11.94 -20.18
N ASN D 247 56.22 -10.66 -20.49
CA ASN D 247 57.51 -10.05 -20.28
C ASN D 247 57.76 -9.88 -18.78
N ARG D 248 59.01 -10.07 -18.38
CA ARG D 248 59.35 -10.04 -16.96
C ARG D 248 59.24 -8.64 -16.39
N MET D 249 59.62 -7.63 -17.18
CA MET D 249 59.63 -6.27 -16.67
C MET D 249 58.23 -5.71 -16.49
N HIS D 250 57.28 -6.09 -17.35
CA HIS D 250 55.89 -5.70 -17.13
C HIS D 250 55.31 -6.36 -15.90
N GLU D 251 55.70 -7.61 -15.64
CA GLU D 251 55.31 -8.31 -14.42
C GLU D 251 55.84 -7.60 -13.18
N SER D 252 57.11 -7.17 -13.23
CA SER D 252 57.68 -6.42 -12.13
C SER D 252 57.01 -5.06 -11.97
N MET D 253 56.55 -4.51 -13.08
CA MET D 253 55.90 -3.20 -12.88
C MET D 253 54.59 -3.46 -12.16
N LYS D 254 53.77 -4.35 -12.72
CA LYS D 254 52.45 -4.50 -12.11
C LYS D 254 52.57 -4.92 -10.64
N LEU D 255 53.57 -5.70 -10.31
CA LEU D 255 53.64 -5.98 -8.85
C LEU D 255 53.99 -4.65 -8.20
N PHE D 256 55.05 -3.98 -8.67
CA PHE D 256 55.42 -2.77 -7.94
C PHE D 256 54.24 -1.80 -7.85
N ASP D 257 53.34 -1.84 -8.84
CA ASP D 257 52.11 -1.07 -8.76
C ASP D 257 51.26 -1.53 -7.60
N SER D 258 51.21 -2.85 -7.38
CA SER D 258 50.49 -3.37 -6.22
C SER D 258 51.17 -2.99 -4.92
N ILE D 259 52.48 -3.24 -4.82
CA ILE D 259 53.17 -3.12 -3.53
C ILE D 259 53.31 -1.67 -3.12
N CYS D 260 53.59 -0.78 -4.08
CA CYS D 260 53.80 0.63 -3.76
C CYS D 260 52.51 1.31 -3.31
N ASN D 261 51.38 0.96 -3.94
CA ASN D 261 50.12 1.62 -3.68
C ASN D 261 49.23 0.87 -2.70
N ASN D 262 49.71 -0.22 -2.12
CA ASN D 262 48.89 -0.97 -1.17
C ASN D 262 48.71 -0.19 0.12
N LYS D 263 47.52 -0.32 0.73
CA LYS D 263 47.23 0.42 1.95
C LYS D 263 47.93 -0.15 3.17
N TRP D 264 48.43 -1.39 3.09
CA TRP D 264 49.31 -1.90 4.15
C TRP D 264 50.59 -1.12 4.29
N PHE D 265 51.11 -0.54 3.21
CA PHE D 265 52.43 0.07 3.22
C PHE D 265 52.37 1.57 3.12
N THR D 266 51.37 2.18 3.76
CA THR D 266 51.26 3.65 3.77
C THR D 266 52.40 4.28 4.55
N GLU D 267 52.74 3.71 5.71
CA GLU D 267 53.83 4.21 6.53
C GLU D 267 55.13 3.43 6.35
N THR D 268 55.13 2.40 5.51
CA THR D 268 56.33 1.61 5.30
C THR D 268 57.27 2.31 4.35
N SER D 269 58.56 2.30 4.68
CA SER D 269 59.57 2.86 3.79
C SER D 269 59.77 1.93 2.60
N ILE D 270 59.48 2.50 1.31
CA ILE D 270 59.58 1.73 0.08
C ILE D 270 60.93 1.98 -0.62
N ILE D 271 61.78 0.96 -0.59
CA ILE D 271 63.11 0.98 -1.19
C ILE D 271 63.05 0.13 -2.48
N LEU D 272 63.54 0.72 -3.57
CA LEU D 272 63.58 0.05 -4.86
C LEU D 272 65.05 -0.21 -5.24
N PHE D 273 65.39 -1.50 -5.35
CA PHE D 273 66.69 -1.93 -5.86
C PHE D 273 66.49 -2.29 -7.33
N LEU D 274 66.97 -1.40 -8.19
CA LEU D 274 67.12 -1.67 -9.62
C LEU D 274 68.42 -2.46 -9.76
N ASN D 275 68.24 -3.77 -9.68
CA ASN D 275 69.32 -4.73 -9.51
C ASN D 275 69.83 -5.30 -10.84
N LYS D 276 70.88 -6.11 -10.76
CA LYS D 276 71.59 -6.67 -11.91
C LYS D 276 72.12 -5.58 -12.85
N LYS D 277 72.57 -4.47 -12.25
CA LYS D 277 73.14 -3.37 -13.00
C LYS D 277 74.32 -3.82 -13.89
N ASP D 278 75.08 -4.80 -13.43
CA ASP D 278 76.23 -5.31 -14.17
C ASP D 278 75.82 -6.04 -15.43
N LEU D 279 74.81 -6.90 -15.30
CA LEU D 279 74.29 -7.65 -16.43
C LEU D 279 73.61 -6.71 -17.45
N PHE D 280 72.91 -5.72 -16.91
CA PHE D 280 72.19 -4.71 -17.70
C PHE D 280 73.18 -3.89 -18.54
N GLU D 281 74.26 -3.42 -17.91
CA GLU D 281 75.32 -2.67 -18.60
C GLU D 281 75.82 -3.42 -19.84
N GLU D 282 76.01 -4.73 -19.71
CA GLU D 282 76.49 -5.57 -20.82
C GLU D 282 75.40 -5.80 -21.87
N LYS D 283 74.21 -6.11 -21.43
CA LYS D 283 73.10 -6.44 -22.32
C LYS D 283 72.60 -5.27 -23.12
N ILE D 284 72.60 -4.07 -22.51
CA ILE D 284 72.04 -2.90 -23.18
C ILE D 284 72.74 -2.55 -24.50
N LYS D 285 74.06 -2.82 -24.57
CA LYS D 285 74.86 -2.68 -25.80
C LYS D 285 74.47 -3.64 -26.93
N ARG D 286 73.60 -4.63 -26.67
CA ARG D 286 73.21 -5.58 -27.75
C ARG D 286 71.71 -5.91 -27.87
N SER D 287 70.89 -5.44 -26.94
CA SER D 287 69.48 -5.71 -26.99
C SER D 287 68.75 -4.42 -26.65
N PRO D 288 67.92 -3.92 -27.58
CA PRO D 288 67.37 -2.57 -27.42
C PRO D 288 66.27 -2.51 -26.38
N LEU D 289 66.20 -1.38 -25.67
CA LEU D 289 65.21 -1.19 -24.60
C LEU D 289 63.78 -1.18 -25.13
N THR D 290 63.65 -0.80 -26.41
CA THR D 290 62.34 -0.76 -27.09
C THR D 290 61.60 -2.10 -27.10
N ILE D 291 62.32 -3.20 -26.88
CA ILE D 291 61.69 -4.52 -26.70
C ILE D 291 60.68 -4.43 -25.55
N CYS D 292 61.06 -3.75 -24.48
CA CYS D 292 60.21 -3.58 -23.32
C CYS D 292 59.33 -2.33 -23.42
N TYR D 293 59.94 -1.23 -23.82
CA TYR D 293 59.25 0.06 -23.91
C TYR D 293 59.29 0.59 -25.36
N PRO D 294 58.26 0.24 -26.16
CA PRO D 294 58.30 0.55 -27.59
C PRO D 294 58.34 2.04 -27.90
N GLU D 295 57.95 2.86 -26.93
CA GLU D 295 57.95 4.32 -27.02
C GLU D 295 59.31 4.98 -26.70
N TYR D 296 60.27 4.21 -26.22
CA TYR D 296 61.55 4.78 -25.79
C TYR D 296 62.32 5.34 -27.01
N THR D 297 62.72 6.61 -26.91
CA THR D 297 63.52 7.25 -27.96
C THR D 297 64.92 7.66 -27.46
N GLY D 298 65.32 7.22 -26.27
CA GLY D 298 66.66 7.50 -25.77
C GLY D 298 67.68 6.52 -26.34
N SER D 299 68.91 6.60 -25.82
CA SER D 299 69.99 5.72 -26.27
C SER D 299 69.97 4.39 -25.57
N ASN D 300 70.48 3.39 -26.26
CA ASN D 300 70.79 2.10 -25.66
C ASN D 300 72.13 2.10 -24.98
N THR D 301 72.25 2.96 -23.97
CA THR D 301 73.44 3.08 -23.14
C THR D 301 73.00 2.87 -21.71
N TYR D 302 73.92 2.45 -20.86
CA TYR D 302 73.60 2.14 -19.47
C TYR D 302 72.91 3.33 -18.77
N GLU D 303 73.54 4.50 -18.83
CA GLU D 303 73.06 5.66 -18.04
C GLU D 303 71.64 6.11 -18.44
N GLU D 304 71.40 6.20 -19.74
CA GLU D 304 70.09 6.67 -20.26
C GLU D 304 69.00 5.64 -20.11
N ALA D 305 69.31 4.40 -20.46
CA ALA D 305 68.34 3.33 -20.38
C ALA D 305 67.98 3.00 -18.92
N ALA D 306 68.99 2.99 -18.05
CA ALA D 306 68.77 2.77 -16.62
C ALA D 306 67.85 3.86 -16.03
N ALA D 307 68.14 5.11 -16.39
CA ALA D 307 67.40 6.28 -15.92
C ALA D 307 65.94 6.18 -16.35
N TYR D 308 65.71 5.76 -17.61
CA TYR D 308 64.35 5.59 -18.13
C TYR D 308 63.56 4.53 -17.34
N ILE D 309 64.18 3.37 -17.07
CA ILE D 309 63.54 2.30 -16.29
C ILE D 309 63.16 2.85 -14.89
N GLN D 310 64.08 3.61 -14.30
CA GLN D 310 63.82 4.17 -12.96
C GLN D 310 62.57 5.03 -13.01
N CYS D 311 62.49 5.88 -14.04
CA CYS D 311 61.34 6.74 -14.23
C CYS D 311 60.04 5.98 -14.39
N GLN D 312 60.06 4.89 -15.17
CA GLN D 312 58.86 4.07 -15.39
C GLN D 312 58.33 3.43 -14.10
N PHE D 313 59.24 2.99 -13.24
CA PHE D 313 58.85 2.39 -11.98
C PHE D 313 58.38 3.45 -11.00
N GLU D 314 59.07 4.59 -10.95
CA GLU D 314 58.72 5.63 -10.00
C GLU D 314 57.38 6.29 -10.39
N ASP D 315 57.07 6.29 -11.67
CA ASP D 315 55.77 6.81 -12.12
C ASP D 315 54.57 5.99 -11.63
N LEU D 316 54.81 4.73 -11.26
CA LEU D 316 53.72 3.86 -10.76
C LEU D 316 53.21 4.27 -9.35
N ASN D 317 53.96 5.12 -8.66
CA ASN D 317 53.54 5.68 -7.38
C ASN D 317 52.34 6.60 -7.63
N ARG D 318 51.16 6.21 -7.13
CA ARG D 318 49.93 7.04 -7.30
C ARG D 318 49.72 8.01 -6.13
N ARG D 319 50.71 8.08 -5.22
CA ARG D 319 50.68 9.08 -4.14
C ARG D 319 52.02 9.81 -4.01
N LYS D 320 52.50 10.34 -5.14
CA LYS D 320 53.78 11.07 -5.23
C LYS D 320 53.87 12.31 -4.34
N ASP D 321 52.76 12.95 -4.00
CA ASP D 321 52.93 14.16 -3.14
C ASP D 321 52.78 13.74 -1.69
N THR D 322 52.74 12.45 -1.44
CA THR D 322 52.63 11.89 -0.09
C THR D 322 53.74 10.89 0.29
N LYS D 323 54.34 10.23 -0.70
CA LYS D 323 55.21 9.10 -0.43
C LYS D 323 56.44 9.06 -1.35
N GLU D 324 57.62 8.87 -0.74
CA GLU D 324 58.89 8.69 -1.46
C GLU D 324 59.12 7.23 -1.81
N ILE D 325 59.81 7.01 -2.95
CA ILE D 325 60.46 5.74 -3.28
C ILE D 325 61.96 6.02 -3.23
N TYR D 326 62.67 5.19 -2.47
CA TYR D 326 64.13 5.29 -2.30
C TYR D 326 64.86 4.33 -3.22
N THR D 327 65.28 4.87 -4.36
CA THR D 327 65.80 4.00 -5.44
C THR D 327 67.32 3.93 -5.43
N HIS D 328 67.85 2.72 -5.64
CA HIS D 328 69.28 2.49 -5.75
C HIS D 328 69.51 1.53 -6.89
N PHE D 329 70.56 1.80 -7.65
CA PHE D 329 71.02 0.84 -8.62
C PHE D 329 71.99 -0.11 -7.94
N THR D 330 71.76 -1.41 -8.10
CA THR D 330 72.51 -2.39 -7.33
C THR D 330 73.07 -3.50 -8.20
N CYS D 331 74.18 -4.06 -7.71
CA CYS D 331 74.65 -5.36 -8.13
C CYS D 331 74.66 -6.21 -6.88
N ALA D 332 73.65 -7.07 -6.73
CA ALA D 332 73.46 -7.87 -5.49
C ALA D 332 74.61 -8.84 -5.20
N THR D 333 75.36 -9.21 -6.23
CA THR D 333 76.50 -10.11 -6.07
C THR D 333 77.78 -9.34 -5.68
N ASP D 334 77.67 -8.01 -5.66
CA ASP D 334 78.84 -7.16 -5.30
C ASP D 334 78.74 -6.74 -3.83
N THR D 335 79.49 -7.39 -2.94
CA THR D 335 79.43 -7.08 -1.50
C THR D 335 79.64 -5.59 -1.15
N LYS D 336 80.73 -5.00 -1.65
CA LYS D 336 81.02 -3.57 -1.42
C LYS D 336 79.82 -2.67 -1.80
N ASN D 337 79.21 -2.96 -2.95
CA ASN D 337 78.06 -2.17 -3.41
C ASN D 337 76.83 -2.32 -2.47
N VAL D 338 76.50 -3.55 -2.12
CA VAL D 338 75.33 -3.80 -1.29
C VAL D 338 75.55 -3.22 0.11
N GLN D 339 76.78 -3.29 0.63
CA GLN D 339 77.09 -2.72 1.95
C GLN D 339 76.85 -1.22 1.96
N PHE D 340 77.36 -0.55 0.93
CA PHE D 340 77.17 0.89 0.78
C PHE D 340 75.68 1.27 0.65
N VAL D 341 74.98 0.56 -0.22
CA VAL D 341 73.56 0.82 -0.45
C VAL D 341 72.72 0.52 0.78
N PHE D 342 72.97 -0.61 1.45
CA PHE D 342 72.21 -0.97 2.65
C PHE D 342 72.46 -0.02 3.82
N ASP D 343 73.69 0.47 3.93
CA ASP D 343 73.98 1.51 4.92
C ASP D 343 73.09 2.74 4.70
N ALA D 344 73.01 3.16 3.45
CA ALA D 344 72.19 4.32 3.05
C ALA D 344 70.72 4.06 3.34
N VAL D 345 70.28 2.83 3.04
CA VAL D 345 68.90 2.41 3.29
C VAL D 345 68.54 2.47 4.77
N THR D 346 69.46 2.00 5.62
CA THR D 346 69.28 1.97 7.05
C THR D 346 69.11 3.38 7.60
N ASP D 347 69.92 4.31 7.09
CA ASP D 347 69.83 5.73 7.42
C ASP D 347 68.44 6.26 7.09
N VAL D 348 67.91 5.90 5.91
CA VAL D 348 66.55 6.32 5.54
C VAL D 348 65.50 5.81 6.55
N ILE D 349 65.63 4.54 6.93
CA ILE D 349 64.71 3.90 7.89
C ILE D 349 64.80 4.56 9.27
N ILE D 350 66.02 4.78 9.79
CA ILE D 350 66.21 5.52 11.06
C ILE D 350 65.54 6.89 10.98
N LYS D 351 65.86 7.63 9.93
CA LYS D 351 65.34 8.98 9.75
C LYS D 351 63.80 9.00 9.66
N ASN D 352 63.24 7.96 9.05
CA ASN D 352 61.78 7.83 8.90
C ASN D 352 61.07 7.25 10.15
N ASN D 353 61.83 6.73 11.12
CA ASN D 353 61.23 6.29 12.42
C ASN D 353 61.57 7.18 13.63
N LEU D 354 61.96 8.43 13.42
CA LEU D 354 62.42 9.29 14.52
C LEU D 354 61.30 9.61 15.51
N GLU E 33 23.01 38.97 -47.65
CA GLU E 33 23.75 37.67 -47.52
C GLU E 33 22.87 36.48 -47.88
N VAL E 34 23.44 35.54 -48.63
CA VAL E 34 22.75 34.29 -48.99
C VAL E 34 23.72 33.16 -48.67
N LYS E 35 23.24 32.26 -47.80
CA LYS E 35 24.02 31.03 -47.48
C LYS E 35 23.54 29.98 -48.47
N LEU E 36 24.46 29.45 -49.27
CA LEU E 36 24.12 28.51 -50.31
C LEU E 36 24.94 27.20 -50.15
N LEU E 37 24.23 26.09 -50.05
CA LEU E 37 24.83 24.78 -49.91
C LEU E 37 24.72 24.05 -51.25
N LEU E 38 25.84 23.53 -51.73
CA LEU E 38 25.85 22.57 -52.84
C LEU E 38 25.93 21.14 -52.29
N LEU E 39 24.82 20.44 -52.42
CA LEU E 39 24.68 19.08 -51.89
C LEU E 39 24.37 18.10 -53.01
N GLY E 40 24.46 16.82 -52.67
CA GLY E 40 24.29 15.75 -53.62
C GLY E 40 25.31 14.63 -53.40
N ALA E 41 25.03 13.47 -54.00
CA ALA E 41 25.90 12.32 -53.88
C ALA E 41 27.19 12.52 -54.67
N GLY E 42 28.14 11.64 -54.42
CA GLY E 42 29.42 11.69 -55.13
C GLY E 42 29.32 11.75 -56.63
N GLU E 43 30.13 12.64 -57.22
CA GLU E 43 30.23 12.83 -58.68
C GLU E 43 29.00 13.42 -59.34
N SER E 44 28.12 14.06 -58.55
CA SER E 44 26.88 14.55 -59.14
C SER E 44 27.06 15.87 -59.93
N GLY E 45 28.18 16.54 -59.72
CA GLY E 45 28.46 17.82 -60.38
C GLY E 45 28.62 19.04 -59.50
N LYS E 46 28.69 18.86 -58.19
CA LYS E 46 28.72 20.00 -57.25
C LYS E 46 29.88 20.97 -57.48
N SER E 47 31.10 20.41 -57.50
CA SER E 47 32.29 21.23 -57.65
C SER E 47 32.39 21.84 -59.02
N THR E 48 31.75 21.22 -59.99
CA THR E 48 31.70 21.78 -61.36
C THR E 48 30.81 23.05 -61.41
N ILE E 49 29.69 23.01 -60.69
CA ILE E 49 28.89 24.20 -60.49
C ILE E 49 29.75 25.26 -59.79
N VAL E 50 30.55 24.86 -58.80
CA VAL E 50 31.44 25.81 -58.10
C VAL E 50 32.44 26.43 -59.10
N LYS E 51 33.05 25.62 -60.00
CA LYS E 51 33.96 26.17 -61.03
C LYS E 51 33.23 27.22 -61.90
N GLN E 52 31.98 26.94 -62.21
CA GLN E 52 31.19 27.88 -63.02
C GLN E 52 30.92 29.23 -62.32
N MET E 53 30.77 29.22 -61.01
CA MET E 53 30.57 30.46 -60.25
C MET E 53 31.83 31.33 -60.32
N LYS E 54 32.94 30.65 -60.59
CA LYS E 54 34.15 31.46 -60.84
C LYS E 54 33.96 32.12 -62.20
N ILE E 55 34.00 31.33 -63.26
CA ILE E 55 34.01 31.96 -64.60
C ILE E 55 32.73 32.76 -64.84
N ILE E 56 31.56 32.22 -64.53
CA ILE E 56 30.33 32.99 -64.87
C ILE E 56 30.33 34.35 -64.17
N HIS E 57 30.68 34.40 -62.88
CA HIS E 57 30.55 35.66 -62.11
C HIS E 57 31.87 36.40 -61.98
N GLU E 58 32.93 35.95 -62.64
CA GLU E 58 34.26 36.53 -62.43
C GLU E 58 35.16 36.30 -63.61
N ASP E 59 36.34 36.92 -63.62
CA ASP E 59 37.27 36.78 -64.76
C ASP E 59 37.57 35.31 -65.03
N GLY E 60 37.69 34.51 -63.96
CA GLY E 60 37.83 33.05 -64.17
C GLY E 60 39.24 32.51 -64.24
N TYR E 61 39.37 31.22 -64.55
CA TYR E 61 40.72 30.60 -64.45
C TYR E 61 41.69 31.27 -65.41
N SER E 62 42.87 31.59 -64.88
CA SER E 62 43.96 32.22 -65.69
C SER E 62 44.72 31.15 -66.46
N GLU E 63 45.41 31.56 -67.51
CA GLU E 63 46.30 30.57 -68.18
C GLU E 63 47.09 29.88 -67.07
N ASP E 64 47.64 30.66 -66.13
CA ASP E 64 48.45 30.04 -65.07
C ASP E 64 47.64 29.05 -64.22
N GLU E 65 46.39 29.42 -63.90
CA GLU E 65 45.47 28.51 -63.21
C GLU E 65 45.13 27.30 -64.06
N CYS E 66 44.92 27.49 -65.36
CA CYS E 66 44.75 26.37 -66.26
C CYS E 66 45.94 25.40 -66.22
N LYS E 67 47.16 25.95 -66.24
CA LYS E 67 48.38 25.14 -66.26
C LYS E 67 48.48 24.26 -65.01
N GLN E 68 47.99 24.75 -63.88
CA GLN E 68 47.92 23.97 -62.64
C GLN E 68 47.05 22.70 -62.75
N TYR E 69 46.11 22.65 -63.69
CA TYR E 69 45.29 21.47 -63.92
C TYR E 69 45.88 20.45 -64.90
N LYS E 70 47.03 20.75 -65.50
CA LYS E 70 47.62 19.80 -66.45
C LYS E 70 47.88 18.42 -65.83
N VAL E 71 48.51 18.38 -64.66
CA VAL E 71 48.80 17.09 -64.03
C VAL E 71 47.49 16.34 -63.70
N VAL E 72 46.41 17.10 -63.42
CA VAL E 72 45.09 16.45 -63.17
C VAL E 72 44.49 15.87 -64.45
N VAL E 73 44.57 16.60 -65.56
CA VAL E 73 44.12 16.09 -66.85
C VAL E 73 44.85 14.78 -67.17
N TYR E 74 46.17 14.77 -66.99
CA TYR E 74 47.00 13.61 -67.26
C TYR E 74 46.63 12.44 -66.36
N SER E 75 46.49 12.70 -65.07
CA SER E 75 46.13 11.66 -64.15
C SER E 75 44.76 11.08 -64.46
N ASN E 76 43.76 11.92 -64.73
CA ASN E 76 42.42 11.50 -65.10
C ASN E 76 42.46 10.59 -66.36
N THR E 77 43.24 11.02 -67.36
CA THR E 77 43.40 10.24 -68.60
C THR E 77 44.03 8.86 -68.33
N ILE E 78 45.15 8.86 -67.61
CA ILE E 78 45.93 7.64 -67.32
C ILE E 78 45.11 6.70 -66.45
N GLN E 79 44.51 7.22 -65.39
CA GLN E 79 43.68 6.41 -64.50
C GLN E 79 42.45 5.82 -65.22
N SER E 80 41.87 6.57 -66.15
CA SER E 80 40.71 6.08 -66.91
C SER E 80 41.07 4.90 -67.83
N ILE E 81 42.19 4.99 -68.57
CA ILE E 81 42.53 3.89 -69.48
C ILE E 81 42.95 2.69 -68.63
N ILE E 82 43.65 2.92 -67.50
CA ILE E 82 43.97 1.82 -66.58
C ILE E 82 42.70 1.09 -66.09
N ALA E 83 41.69 1.86 -65.68
CA ALA E 83 40.42 1.32 -65.19
C ALA E 83 39.74 0.42 -66.23
N ILE E 84 39.76 0.86 -67.49
CA ILE E 84 39.14 0.07 -68.58
C ILE E 84 39.96 -1.22 -68.75
N ILE E 85 41.28 -1.10 -68.79
CA ILE E 85 42.09 -2.31 -68.97
C ILE E 85 41.87 -3.30 -67.85
N ARG E 86 41.91 -2.80 -66.61
CA ARG E 86 41.70 -3.65 -65.44
C ARG E 86 40.37 -4.39 -65.49
N ALA E 87 39.32 -3.70 -65.92
CA ALA E 87 37.97 -4.26 -65.99
C ALA E 87 37.83 -5.44 -66.98
N MET E 88 38.70 -5.47 -67.98
CA MET E 88 38.66 -6.48 -69.02
C MET E 88 38.82 -7.90 -68.47
N GLY E 89 39.54 -8.06 -67.35
CA GLY E 89 39.57 -9.31 -66.58
C GLY E 89 38.21 -9.63 -65.96
N ARG E 90 37.65 -8.71 -65.16
CA ARG E 90 36.35 -8.97 -64.54
C ARG E 90 35.31 -9.32 -65.62
N LEU E 91 35.41 -8.67 -66.78
CA LEU E 91 34.40 -8.74 -67.83
C LEU E 91 34.63 -9.85 -68.86
N LYS E 92 35.78 -10.54 -68.78
CA LYS E 92 36.11 -11.61 -69.71
C LYS E 92 36.19 -11.08 -71.16
N ILE E 93 36.95 -9.98 -71.34
CA ILE E 93 37.13 -9.33 -72.65
C ILE E 93 38.60 -9.36 -73.05
N ASP E 94 38.89 -9.88 -74.23
CA ASP E 94 40.26 -9.93 -74.77
C ASP E 94 40.57 -8.71 -75.61
N PHE E 95 41.86 -8.41 -75.75
CA PHE E 95 42.30 -7.36 -76.66
C PHE E 95 41.95 -7.73 -78.08
N GLY E 96 41.61 -6.73 -78.90
CA GLY E 96 41.39 -6.91 -80.33
C GLY E 96 42.64 -7.46 -80.98
N GLU E 97 43.79 -7.02 -80.49
CA GLU E 97 45.06 -7.51 -80.97
C GLU E 97 46.00 -7.85 -79.82
N ALA E 98 46.66 -9.01 -79.95
CA ALA E 98 47.58 -9.55 -78.95
C ALA E 98 48.70 -8.58 -78.56
N ALA E 99 49.17 -7.79 -79.53
CA ALA E 99 50.24 -6.80 -79.31
C ALA E 99 49.91 -5.76 -78.24
N ARG E 100 48.63 -5.58 -77.94
CA ARG E 100 48.21 -4.63 -76.89
C ARG E 100 48.58 -5.11 -75.48
N ALA E 101 48.81 -6.41 -75.30
CA ALA E 101 49.18 -6.96 -74.00
C ALA E 101 50.44 -6.29 -73.44
N ASP E 102 51.43 -6.14 -74.31
CA ASP E 102 52.66 -5.45 -73.89
C ASP E 102 52.46 -3.94 -73.69
N ASP E 103 51.60 -3.32 -74.50
CA ASP E 103 51.20 -1.91 -74.23
C ASP E 103 50.59 -1.73 -72.84
N ALA E 104 49.69 -2.65 -72.45
CA ALA E 104 49.10 -2.65 -71.12
C ALA E 104 50.14 -2.77 -69.99
N ARG E 105 51.10 -3.68 -70.15
CA ARG E 105 52.22 -3.79 -69.17
C ARG E 105 53.00 -2.48 -69.09
N GLN E 106 53.34 -1.95 -70.27
CA GLN E 106 54.02 -0.66 -70.38
C GLN E 106 53.25 0.46 -69.68
N LEU E 107 51.93 0.51 -69.89
CA LEU E 107 51.05 1.52 -69.26
C LEU E 107 51.13 1.50 -67.73
N PHE E 108 51.07 0.31 -67.16
CA PHE E 108 51.16 0.17 -65.72
C PHE E 108 52.49 0.65 -65.16
N VAL E 109 53.58 0.29 -65.84
CA VAL E 109 54.92 0.74 -65.42
C VAL E 109 55.01 2.26 -65.61
N LEU E 110 54.58 2.77 -66.76
CA LEU E 110 54.69 4.19 -67.02
C LEU E 110 53.75 5.07 -66.19
N GLU E 128 55.98 8.18 -75.86
CA GLU E 128 55.84 6.73 -75.71
C GLU E 128 54.59 6.35 -74.92
N LEU E 129 54.34 7.06 -73.81
CA LEU E 129 53.11 6.84 -73.04
C LEU E 129 51.91 7.23 -73.88
N ALA E 130 52.01 8.39 -74.54
CA ALA E 130 50.94 8.85 -75.43
C ALA E 130 50.63 7.78 -76.50
N GLY E 131 51.65 7.16 -77.07
CA GLY E 131 51.45 6.14 -78.12
C GLY E 131 50.74 4.92 -77.55
N VAL E 132 51.20 4.47 -76.39
CA VAL E 132 50.60 3.32 -75.73
C VAL E 132 49.12 3.54 -75.41
N ILE E 133 48.79 4.70 -74.85
CA ILE E 133 47.39 4.97 -74.49
C ILE E 133 46.47 4.98 -75.74
N LYS E 134 46.93 5.64 -76.79
CA LYS E 134 46.26 5.68 -78.12
C LYS E 134 45.96 4.29 -78.67
N ARG E 135 46.98 3.43 -78.72
CA ARG E 135 46.77 2.12 -79.28
C ARG E 135 45.78 1.31 -78.46
N LEU E 136 45.87 1.41 -77.13
CA LEU E 136 44.91 0.74 -76.26
C LEU E 136 43.49 1.28 -76.45
N TRP E 137 43.34 2.59 -76.37
CA TRP E 137 42.04 3.23 -76.54
C TRP E 137 41.36 2.88 -77.87
N ARG E 138 42.14 2.77 -78.94
CA ARG E 138 41.58 2.43 -80.26
C ARG E 138 41.40 0.95 -80.51
N ASP E 139 41.82 0.11 -79.56
CA ASP E 139 41.61 -1.32 -79.69
C ASP E 139 40.14 -1.70 -79.50
N GLY E 140 39.90 -2.78 -80.28
CA GLY E 140 38.49 -3.14 -80.31
C GLY E 140 37.99 -3.78 -79.03
N GLY E 141 38.84 -4.60 -78.42
CA GLY E 141 38.58 -5.14 -77.08
C GLY E 141 38.41 -4.07 -76.02
N VAL E 142 39.38 -3.16 -75.96
CA VAL E 142 39.31 -1.98 -75.08
C VAL E 142 38.00 -1.20 -75.31
N GLN E 143 37.61 -1.01 -76.59
CA GLN E 143 36.39 -0.26 -76.88
C GLN E 143 35.15 -1.00 -76.45
N ALA E 144 35.17 -2.33 -76.59
CA ALA E 144 34.06 -3.19 -76.11
C ALA E 144 33.90 -3.07 -74.59
N CYS E 145 35.03 -3.05 -73.88
CA CYS E 145 35.02 -2.80 -72.44
C CYS E 145 34.54 -1.39 -72.09
N PHE E 146 35.01 -0.37 -72.81
CA PHE E 146 34.54 0.98 -72.62
C PHE E 146 33.01 1.08 -72.73
N SER E 147 32.45 0.36 -73.71
CA SER E 147 31.01 0.35 -73.96
C SER E 147 30.22 -0.20 -72.79
N ARG E 148 30.88 -1.03 -71.99
CA ARG E 148 30.26 -1.66 -70.82
C ARG E 148 30.69 -1.06 -69.48
N SER E 149 31.07 0.21 -69.51
CA SER E 149 31.64 0.84 -68.33
C SER E 149 30.68 0.93 -67.13
N ARG E 150 29.37 0.77 -67.35
CA ARG E 150 28.45 0.71 -66.19
C ARG E 150 28.74 -0.49 -65.27
N GLU E 151 29.44 -1.51 -65.78
CA GLU E 151 29.79 -2.70 -65.01
C GLU E 151 31.06 -2.52 -64.17
N TYR E 152 31.66 -1.34 -64.20
CA TYR E 152 32.79 -1.01 -63.34
C TYR E 152 32.70 0.50 -63.00
N GLN E 153 33.80 1.12 -62.57
CA GLN E 153 33.83 2.53 -62.20
C GLN E 153 34.75 3.29 -63.14
N LEU E 154 34.16 4.17 -63.94
CA LEU E 154 34.90 4.97 -64.93
C LEU E 154 34.48 6.42 -64.87
N ASN E 155 35.47 7.30 -64.79
CA ASN E 155 35.22 8.75 -64.84
C ASN E 155 34.39 9.19 -66.03
N ASP E 156 33.43 10.08 -65.80
CA ASP E 156 32.65 10.59 -66.91
C ASP E 156 33.45 11.26 -68.03
N SER E 157 34.58 11.90 -67.71
CA SER E 157 35.37 12.62 -68.69
C SER E 157 36.40 11.73 -69.40
N ALA E 158 36.39 10.42 -69.13
CA ALA E 158 37.37 9.50 -69.75
C ALA E 158 37.47 9.67 -71.28
N SER E 159 36.34 9.49 -71.99
CA SER E 159 36.36 9.54 -73.46
C SER E 159 36.64 10.96 -73.98
N TYR E 160 36.18 11.97 -73.21
CA TYR E 160 36.49 13.38 -73.52
C TYR E 160 37.99 13.58 -73.71
N TYR E 161 38.77 13.10 -72.74
CA TYR E 161 40.19 13.26 -72.77
C TYR E 161 40.83 12.31 -73.75
N LEU E 162 40.40 11.03 -73.71
CA LEU E 162 41.02 9.99 -74.55
C LEU E 162 40.84 10.27 -76.05
N ASN E 163 39.66 10.75 -76.43
CA ASN E 163 39.40 11.20 -77.81
C ASN E 163 40.20 12.45 -78.20
N ASP E 164 40.65 13.24 -77.23
CA ASP E 164 41.51 14.39 -77.48
C ASP E 164 42.98 14.17 -77.14
N LEU E 165 43.46 12.94 -77.26
CA LEU E 165 44.79 12.60 -76.76
C LEU E 165 45.93 13.31 -77.51
N ASP E 166 45.80 13.41 -78.82
CA ASP E 166 46.75 14.17 -79.64
C ASP E 166 46.98 15.58 -79.12
N ARG E 167 45.89 16.30 -78.86
CA ARG E 167 45.98 17.70 -78.38
C ARG E 167 46.61 17.74 -76.99
N ILE E 168 46.09 16.93 -76.07
CA ILE E 168 46.52 17.04 -74.67
C ILE E 168 47.92 16.48 -74.46
N SER E 169 48.40 15.65 -75.38
CA SER E 169 49.73 15.08 -75.23
C SER E 169 50.89 15.93 -75.78
N GLN E 170 50.60 17.07 -76.39
CA GLN E 170 51.67 17.91 -76.98
C GLN E 170 52.50 18.47 -75.83
N SER E 171 53.80 18.66 -76.03
CA SER E 171 54.66 19.15 -74.94
C SER E 171 54.21 20.52 -74.46
N ASN E 172 53.66 21.33 -75.37
CA ASN E 172 53.23 22.70 -75.06
C ASN E 172 51.80 22.82 -74.56
N TYR E 173 51.17 21.70 -74.27
CA TYR E 173 49.75 21.67 -73.89
C TYR E 173 49.43 22.55 -72.69
N ILE E 174 48.43 23.41 -72.85
CA ILE E 174 47.83 24.18 -71.76
C ILE E 174 46.35 23.81 -71.74
N PRO E 175 45.88 23.25 -70.62
CA PRO E 175 44.44 22.98 -70.52
C PRO E 175 43.57 24.21 -70.83
N THR E 176 42.51 23.96 -71.60
CA THR E 176 41.51 24.96 -71.91
C THR E 176 40.58 25.05 -70.71
N GLN E 177 39.74 26.06 -70.74
CA GLN E 177 38.76 26.21 -69.68
C GLN E 177 37.80 25.00 -69.62
N GLN E 178 37.39 24.48 -70.78
CA GLN E 178 36.55 23.27 -70.79
C GLN E 178 37.33 22.05 -70.24
N ASP E 179 38.61 21.91 -70.60
CA ASP E 179 39.44 20.84 -70.02
C ASP E 179 39.41 20.90 -68.47
N VAL E 180 39.46 22.12 -67.92
CA VAL E 180 39.43 22.33 -66.46
C VAL E 180 38.09 21.89 -65.89
N LEU E 181 37.01 22.37 -66.49
CA LEU E 181 35.65 21.98 -66.10
C LEU E 181 35.42 20.47 -66.09
N ARG E 182 36.05 19.78 -67.04
CA ARG E 182 35.97 18.32 -67.17
C ARG E 182 36.82 17.53 -66.18
N THR E 183 37.74 18.17 -65.48
CA THR E 183 38.61 17.43 -64.58
C THR E 183 37.81 16.82 -63.42
N ARG E 184 38.32 15.68 -62.94
CA ARG E 184 37.80 15.01 -61.76
C ARG E 184 38.81 15.09 -60.65
N VAL E 185 38.45 15.81 -59.60
CA VAL E 185 39.15 15.83 -58.30
C VAL E 185 38.08 15.62 -57.21
N LYS E 186 38.30 14.59 -56.41
CA LYS E 186 37.34 14.32 -55.31
C LYS E 186 37.30 15.56 -54.43
N THR E 187 36.18 15.73 -53.73
CA THR E 187 36.01 16.90 -52.85
C THR E 187 35.81 16.39 -51.43
N THR E 188 36.83 16.51 -50.59
CA THR E 188 36.76 16.00 -49.21
C THR E 188 36.76 17.20 -48.26
N GLY E 189 35.84 17.21 -47.29
CA GLY E 189 35.73 18.38 -46.42
C GLY E 189 34.87 19.46 -47.06
N ILE E 190 34.84 20.65 -46.46
CA ILE E 190 33.97 21.74 -46.97
C ILE E 190 34.79 22.64 -47.91
N VAL E 191 34.12 23.29 -48.86
CA VAL E 191 34.83 24.24 -49.78
C VAL E 191 34.01 25.53 -49.77
N GLU E 192 34.07 26.27 -48.67
CA GLU E 192 33.34 27.57 -48.58
C GLU E 192 34.06 28.59 -49.44
N THR E 193 33.38 29.17 -50.42
CA THR E 193 34.00 30.23 -51.23
C THR E 193 33.04 31.42 -51.24
N HIS E 194 33.50 32.64 -51.47
CA HIS E 194 32.54 33.76 -51.39
C HIS E 194 32.37 34.41 -52.76
N PHE E 195 31.12 34.61 -53.17
CA PHE E 195 30.86 35.27 -54.49
C PHE E 195 29.69 36.25 -54.39
N THR E 196 29.63 37.24 -55.27
CA THR E 196 28.55 38.27 -55.15
C THR E 196 27.73 38.32 -56.44
N PHE E 197 26.46 37.90 -56.38
CA PHE E 197 25.58 37.94 -57.58
C PHE E 197 24.40 38.86 -57.29
N LYS E 198 24.04 39.69 -58.28
CA LYS E 198 22.91 40.65 -58.10
C LYS E 198 23.19 41.47 -56.84
N ASP E 199 24.46 41.51 -56.41
CA ASP E 199 24.90 42.29 -55.22
C ASP E 199 24.63 41.46 -53.97
N LEU E 200 24.09 40.25 -54.11
CA LEU E 200 23.94 39.37 -52.93
C LEU E 200 25.34 38.93 -52.51
N TYR E 201 25.62 38.84 -51.21
CA TYR E 201 26.94 38.30 -50.79
C TYR E 201 26.80 36.80 -50.62
N PHE E 202 27.12 36.03 -51.67
CA PHE E 202 26.89 34.58 -51.55
C PHE E 202 27.96 33.90 -50.70
N LYS E 203 27.55 33.18 -49.66
CA LYS E 203 28.45 32.34 -48.91
C LYS E 203 28.15 30.91 -49.32
N MET E 204 29.01 30.36 -50.17
CA MET E 204 28.78 29.09 -50.83
C MET E 204 29.59 27.93 -50.20
N PHE E 205 28.90 26.81 -49.94
CA PHE E 205 29.53 25.67 -49.26
C PHE E 205 29.45 24.46 -50.18
N ASP E 206 30.64 24.07 -50.62
CA ASP E 206 30.74 22.83 -51.42
C ASP E 206 31.14 21.79 -50.40
N VAL E 207 30.58 20.62 -50.49
CA VAL E 207 30.82 19.52 -49.57
C VAL E 207 30.94 18.21 -50.34
N GLY E 208 31.62 17.26 -49.72
CA GLY E 208 31.79 15.93 -50.29
C GLY E 208 30.50 15.18 -50.47
N GLY E 209 30.29 14.61 -51.66
CA GLY E 209 29.03 13.95 -51.95
C GLY E 209 28.95 12.52 -51.44
N LEU E 210 30.10 11.89 -51.21
CA LEU E 210 30.12 10.49 -50.85
C LEU E 210 29.61 10.26 -49.42
N ARG E 211 29.27 9.01 -49.12
CA ARG E 211 28.76 8.66 -47.80
C ARG E 211 29.84 8.75 -46.73
N SER E 212 31.11 8.63 -47.11
CA SER E 212 32.18 8.82 -46.15
C SER E 212 32.29 10.27 -45.71
N GLU E 213 31.88 11.20 -46.57
CA GLU E 213 31.98 12.62 -46.30
C GLU E 213 30.75 13.16 -45.57
N ARG E 214 29.85 12.30 -45.14
CA ARG E 214 28.58 12.82 -44.57
C ARG E 214 28.82 13.60 -43.28
N LYS E 215 29.83 13.26 -42.50
CA LYS E 215 29.99 13.82 -41.17
C LYS E 215 30.11 15.34 -41.20
N LYS E 216 30.65 15.88 -42.30
CA LYS E 216 30.84 17.32 -42.40
C LYS E 216 29.54 18.07 -42.63
N TRP E 217 28.49 17.38 -43.07
CA TRP E 217 27.29 18.06 -43.54
C TRP E 217 26.51 18.71 -42.40
N ILE E 218 26.55 18.10 -41.21
CA ILE E 218 25.70 18.54 -40.10
C ILE E 218 26.17 19.90 -39.57
N HIS E 219 27.47 20.16 -39.63
CA HIS E 219 28.01 21.42 -39.13
C HIS E 219 27.59 22.62 -39.97
N CYS E 220 27.27 22.41 -41.25
CA CYS E 220 27.05 23.51 -42.17
C CYS E 220 25.57 23.86 -42.31
N PHE E 221 24.72 23.13 -41.60
CA PHE E 221 23.25 23.28 -41.78
C PHE E 221 22.65 24.58 -41.20
N GLU E 222 23.43 25.41 -40.51
CA GLU E 222 22.86 26.59 -39.87
C GLU E 222 22.71 27.75 -40.85
N GLY E 223 21.52 28.35 -40.87
CA GLY E 223 21.24 29.55 -41.64
C GLY E 223 21.35 29.40 -43.14
N VAL E 224 20.79 28.34 -43.71
CA VAL E 224 20.93 28.06 -45.14
C VAL E 224 19.79 28.76 -45.89
N THR E 225 20.15 29.70 -46.75
CA THR E 225 19.14 30.40 -47.53
C THR E 225 18.60 29.53 -48.66
N ALA E 226 19.54 28.74 -49.28
CA ALA E 226 19.27 27.94 -50.48
C ALA E 226 20.21 26.70 -50.57
N ILE E 227 19.66 25.61 -51.09
CA ILE E 227 20.41 24.39 -51.43
C ILE E 227 20.26 24.18 -52.95
N ILE E 228 21.38 23.98 -53.64
CA ILE E 228 21.36 23.41 -54.96
C ILE E 228 21.74 21.93 -54.77
N PHE E 229 20.77 21.04 -55.00
CA PHE E 229 20.97 19.61 -54.85
C PHE E 229 21.19 19.04 -56.22
N CYS E 230 22.38 18.50 -56.43
CA CYS E 230 22.78 18.00 -57.75
C CYS E 230 22.53 16.51 -57.84
N VAL E 231 21.99 16.11 -58.99
CA VAL E 231 21.68 14.71 -59.33
C VAL E 231 22.26 14.48 -60.74
N ALA E 232 23.13 13.49 -60.86
CA ALA E 232 23.63 13.04 -62.16
C ALA E 232 22.53 12.23 -62.85
N LEU E 233 21.88 12.82 -63.85
CA LEU E 233 20.84 12.10 -64.62
C LEU E 233 21.37 10.76 -65.17
N SER E 234 22.64 10.77 -65.56
CA SER E 234 23.31 9.64 -66.21
C SER E 234 23.71 8.52 -65.23
N ASP E 235 22.99 8.40 -64.12
CA ASP E 235 23.43 7.44 -63.07
C ASP E 235 22.38 6.36 -62.79
N TYR E 236 21.34 6.27 -63.63
CA TYR E 236 20.26 5.30 -63.39
C TYR E 236 20.85 3.88 -63.44
N ASP E 237 21.83 3.67 -64.30
CA ASP E 237 22.35 2.29 -64.51
C ASP E 237 23.69 2.12 -63.79
N LEU E 238 24.12 3.11 -63.03
CA LEU E 238 25.46 3.03 -62.38
C LEU E 238 25.39 2.59 -60.91
N VAL E 239 26.48 2.02 -60.38
CA VAL E 239 26.54 1.64 -58.98
C VAL E 239 27.54 2.53 -58.28
N LEU E 240 27.41 2.63 -56.95
CA LEU E 240 28.28 3.48 -56.18
C LEU E 240 29.70 2.92 -56.14
N ALA E 241 30.68 3.83 -56.15
CA ALA E 241 32.07 3.42 -55.98
C ALA E 241 32.31 2.86 -54.59
N GLU E 242 31.66 3.42 -53.58
CA GLU E 242 31.78 2.94 -52.20
C GLU E 242 30.86 1.76 -51.91
N ASP E 243 29.92 1.46 -52.80
CA ASP E 243 29.04 0.31 -52.62
C ASP E 243 28.56 -0.09 -54.01
N GLU E 244 29.12 -1.18 -54.54
CA GLU E 244 28.79 -1.62 -55.89
C GLU E 244 27.56 -2.53 -55.93
N GLU E 245 26.88 -2.73 -54.80
CA GLU E 245 25.55 -3.33 -54.79
C GLU E 245 24.46 -2.27 -54.62
N MET E 246 24.82 -0.99 -54.73
CA MET E 246 23.91 0.12 -54.54
C MET E 246 23.86 0.93 -55.83
N ASN E 247 22.66 1.08 -56.40
CA ASN E 247 22.48 1.94 -57.55
C ASN E 247 22.63 3.39 -57.14
N ARG E 248 23.24 4.18 -58.02
CA ARG E 248 23.54 5.58 -57.68
C ARG E 248 22.28 6.41 -57.59
N MET E 249 21.31 6.14 -58.47
CA MET E 249 20.11 6.96 -58.51
C MET E 249 19.21 6.73 -57.29
N HIS E 250 19.17 5.50 -56.77
CA HIS E 250 18.42 5.25 -55.53
C HIS E 250 19.10 5.93 -54.34
N GLU E 251 20.42 5.97 -54.35
CA GLU E 251 21.17 6.70 -53.33
C GLU E 251 20.85 8.19 -53.37
N SER E 252 20.81 8.76 -54.58
CA SER E 252 20.44 10.15 -54.74
C SER E 252 19.00 10.39 -54.33
N MET E 253 18.15 9.40 -54.53
CA MET E 253 16.77 9.67 -54.12
C MET E 253 16.78 9.71 -52.60
N LYS E 254 17.27 8.67 -51.96
CA LYS E 254 17.15 8.64 -50.51
C LYS E 254 17.81 9.86 -49.88
N LEU E 255 18.89 10.35 -50.46
CA LEU E 255 19.42 11.56 -49.82
C LEU E 255 18.37 12.65 -50.09
N PHE E 256 17.96 12.83 -51.34
CA PHE E 256 17.04 13.94 -51.56
C PHE E 256 15.81 13.82 -50.68
N ASP E 257 15.43 12.59 -50.31
CA ASP E 257 14.36 12.38 -49.34
C ASP E 257 14.75 12.95 -47.99
N SER E 258 16.01 12.77 -47.62
CA SER E 258 16.49 13.35 -46.37
C SER E 258 16.54 14.88 -46.46
N ILE E 259 17.16 15.41 -47.51
CA ILE E 259 17.46 16.84 -47.56
C ILE E 259 16.20 17.66 -47.77
N CYS E 260 15.28 17.16 -48.60
CA CYS E 260 14.06 17.91 -48.91
C CYS E 260 13.12 17.98 -47.71
N ASN E 261 13.04 16.89 -46.94
CA ASN E 261 12.09 16.80 -45.83
C ASN E 261 12.71 17.11 -44.48
N ASN E 262 13.97 17.52 -44.44
CA ASN E 262 14.60 17.83 -43.16
C ASN E 262 14.03 19.11 -42.58
N LYS E 263 13.91 19.14 -41.24
CA LYS E 263 13.33 20.30 -40.57
C LYS E 263 14.28 21.49 -40.54
N TRP E 264 15.57 21.29 -40.77
CA TRP E 264 16.48 22.42 -40.98
C TRP E 264 16.12 23.26 -42.19
N PHE E 265 15.55 22.66 -43.23
CA PHE E 265 15.36 23.35 -44.49
C PHE E 265 13.89 23.66 -44.77
N THR E 266 13.14 23.99 -43.72
CA THR E 266 11.74 24.35 -43.89
C THR E 266 11.58 25.66 -44.66
N GLU E 267 12.41 26.65 -44.33
CA GLU E 267 12.38 27.94 -45.01
C GLU E 267 13.46 28.08 -46.08
N THR E 268 14.29 27.06 -46.26
CA THR E 268 15.34 27.12 -47.26
C THR E 268 14.78 26.85 -48.65
N SER E 269 15.22 27.65 -49.62
CA SER E 269 14.84 27.41 -51.00
C SER E 269 15.57 26.19 -51.53
N ILE E 270 14.73 25.09 -51.97
CA ILE E 270 15.30 23.85 -52.46
C ILE E 270 15.32 23.82 -54.00
N ILE E 271 16.53 23.90 -54.54
CA ILE E 271 16.79 23.90 -55.98
C ILE E 271 17.37 22.52 -56.34
N LEU E 272 16.76 21.90 -57.37
CA LEU E 272 17.19 20.60 -57.85
C LEU E 272 17.79 20.77 -59.26
N PHE E 273 19.10 20.47 -59.37
CA PHE E 273 19.79 20.40 -60.66
C PHE E 273 19.83 18.94 -61.07
N LEU E 274 18.98 18.60 -62.04
CA LEU E 274 19.04 17.33 -62.76
C LEU E 274 20.13 17.51 -63.82
N ASN E 275 21.33 17.15 -63.38
CA ASN E 275 22.57 17.46 -64.07
C ASN E 275 23.04 16.34 -65.02
N LYS E 276 24.12 16.60 -65.74
CA LYS E 276 24.66 15.72 -66.77
C LYS E 276 23.63 15.39 -67.85
N LYS E 277 22.81 16.40 -68.19
CA LYS E 277 21.81 16.26 -69.22
C LYS E 277 22.42 15.81 -70.58
N ASP E 278 23.64 16.26 -70.85
CA ASP E 278 24.32 15.90 -72.09
C ASP E 278 24.69 14.44 -72.16
N LEU E 279 25.23 13.93 -71.06
CA LEU E 279 25.61 12.53 -70.97
C LEU E 279 24.36 11.62 -71.00
N PHE E 280 23.31 12.09 -70.33
CA PHE E 280 22.04 11.39 -70.24
C PHE E 280 21.39 11.26 -71.64
N GLU E 281 21.36 12.36 -72.39
CA GLU E 281 20.85 12.37 -73.76
C GLU E 281 21.49 11.27 -74.61
N GLU E 282 22.80 11.11 -74.48
CA GLU E 282 23.55 10.09 -75.24
C GLU E 282 23.29 8.69 -74.71
N LYS E 283 23.32 8.51 -73.40
CA LYS E 283 23.17 7.21 -72.78
C LYS E 283 21.78 6.62 -72.92
N ILE E 284 20.75 7.48 -72.87
CA ILE E 284 19.37 6.99 -72.89
C ILE E 284 19.02 6.21 -74.16
N LYS E 285 19.64 6.58 -75.29
CA LYS E 285 19.53 5.85 -76.57
C LYS E 285 20.15 4.44 -76.55
N ARG E 286 20.88 4.07 -75.49
CA ARG E 286 21.47 2.72 -75.45
C ARG E 286 21.35 1.93 -74.15
N SER E 287 20.83 2.56 -73.10
CA SER E 287 20.68 1.88 -71.83
C SER E 287 19.30 2.25 -71.28
N PRO E 288 18.45 1.24 -71.06
CA PRO E 288 17.04 1.53 -70.76
C PRO E 288 16.85 2.04 -69.35
N LEU E 289 15.88 2.94 -69.17
CA LEU E 289 15.59 3.54 -67.86
C LEU E 289 15.09 2.52 -66.85
N THR E 290 14.48 1.45 -67.37
CA THR E 290 13.96 0.35 -66.54
C THR E 290 15.02 -0.31 -65.65
N ILE E 291 16.30 -0.15 -65.99
CA ILE E 291 17.38 -0.58 -65.09
C ILE E 291 17.20 0.06 -63.71
N CYS E 292 16.85 1.33 -63.70
CA CYS E 292 16.63 2.08 -62.48
C CYS E 292 15.19 1.97 -61.98
N TYR E 293 14.26 2.16 -62.89
CA TYR E 293 12.82 2.15 -62.57
C TYR E 293 12.11 1.05 -63.35
N PRO E 294 12.01 -0.17 -62.74
CA PRO E 294 11.49 -1.32 -63.47
C PRO E 294 10.03 -1.17 -63.92
N GLU E 295 9.31 -0.24 -63.30
CA GLU E 295 7.92 0.07 -63.61
C GLU E 295 7.73 1.06 -64.78
N TYR E 296 8.82 1.65 -65.26
CA TYR E 296 8.72 2.68 -66.30
C TYR E 296 8.20 2.06 -67.62
N THR E 297 7.13 2.64 -68.16
CA THR E 297 6.58 2.21 -69.44
C THR E 297 6.67 3.30 -70.52
N GLY E 298 7.39 4.38 -70.26
CA GLY E 298 7.60 5.43 -71.26
C GLY E 298 8.72 5.07 -72.23
N SER E 299 9.09 6.03 -73.09
CA SER E 299 10.14 5.82 -74.07
C SER E 299 11.50 6.06 -73.49
N ASN E 300 12.50 5.38 -74.07
CA ASN E 300 13.89 5.68 -73.84
C ASN E 300 14.38 6.81 -74.71
N THR E 301 13.76 7.97 -74.51
CA THR E 301 14.13 9.19 -75.21
C THR E 301 14.43 10.22 -74.14
N TYR E 302 15.24 11.22 -74.50
CA TYR E 302 15.67 12.24 -73.54
C TYR E 302 14.46 12.91 -72.85
N GLU E 303 13.51 13.42 -73.63
CA GLU E 303 12.42 14.24 -73.07
C GLU E 303 11.53 13.46 -72.10
N GLU E 304 11.16 12.23 -72.48
CA GLU E 304 10.27 11.40 -71.66
C GLU E 304 10.95 10.83 -70.44
N ALA E 305 12.15 10.30 -70.64
CA ALA E 305 12.89 9.70 -69.56
C ALA E 305 13.35 10.76 -68.52
N ALA E 306 13.79 11.92 -69.02
CA ALA E 306 14.18 13.03 -68.16
C ALA E 306 12.99 13.48 -67.28
N ALA E 307 11.82 13.61 -67.93
CA ALA E 307 10.58 14.05 -67.30
C ALA E 307 10.19 13.07 -66.18
N TYR E 308 10.32 11.77 -66.46
CA TYR E 308 10.00 10.74 -65.47
C TYR E 308 10.91 10.82 -64.24
N ILE E 309 12.22 11.00 -64.45
CA ILE E 309 13.18 11.15 -63.34
C ILE E 309 12.79 12.38 -62.48
N GLN E 310 12.42 13.47 -63.16
CA GLN E 310 12.03 14.69 -62.44
C GLN E 310 10.87 14.39 -61.53
N CYS E 311 9.87 13.68 -62.08
CA CYS E 311 8.70 13.30 -61.32
C CYS E 311 9.03 12.45 -60.10
N GLN E 312 9.93 11.47 -60.27
CA GLN E 312 10.33 10.58 -59.17
C GLN E 312 11.00 11.34 -58.01
N PHE E 313 11.81 12.33 -58.35
CA PHE E 313 12.48 13.13 -57.32
C PHE E 313 11.51 14.08 -56.67
N GLU E 314 10.63 14.72 -57.47
CA GLU E 314 9.70 15.70 -56.93
C GLU E 314 8.64 15.01 -56.05
N ASP E 315 8.33 13.75 -56.36
CA ASP E 315 7.41 12.99 -55.51
C ASP E 315 7.92 12.74 -54.10
N LEU E 316 9.23 12.81 -53.90
CA LEU E 316 9.84 12.60 -52.56
C LEU E 316 9.53 13.74 -51.57
N ASN E 317 9.06 14.88 -52.06
CA ASN E 317 8.62 15.99 -51.23
C ASN E 317 7.36 15.55 -50.47
N ARG E 318 7.48 15.42 -49.13
CA ARG E 318 6.32 15.02 -48.30
C ARG E 318 5.55 16.23 -47.77
N ARG E 319 5.90 17.43 -48.23
CA ARG E 319 5.12 18.64 -47.91
C ARG E 319 4.84 19.47 -49.17
N LYS E 320 4.29 18.81 -50.19
CA LYS E 320 3.95 19.43 -51.48
C LYS E 320 2.96 20.59 -51.40
N ASP E 321 2.08 20.62 -50.40
CA ASP E 321 1.13 21.76 -50.38
C ASP E 321 1.73 22.88 -49.53
N THR E 322 2.98 22.73 -49.15
CA THR E 322 3.69 23.72 -48.33
C THR E 322 5.01 24.22 -48.96
N LYS E 323 5.64 23.40 -49.79
CA LYS E 323 7.01 23.68 -50.22
C LYS E 323 7.24 23.35 -51.71
N GLU E 324 7.85 24.29 -52.43
CA GLU E 324 8.27 24.11 -53.84
C GLU E 324 9.65 23.49 -53.93
N ILE E 325 9.87 22.69 -54.99
CA ILE E 325 11.20 22.32 -55.48
C ILE E 325 11.37 23.03 -56.81
N TYR E 326 12.49 23.75 -56.94
CA TYR E 326 12.82 24.49 -58.17
C TYR E 326 13.80 23.71 -59.04
N THR E 327 13.22 23.02 -60.02
CA THR E 327 14.01 22.04 -60.79
C THR E 327 14.50 22.61 -62.10
N HIS E 328 15.77 22.32 -62.44
CA HIS E 328 16.37 22.70 -63.70
C HIS E 328 17.15 21.55 -64.22
N PHE E 329 17.07 21.36 -65.53
CA PHE E 329 17.95 20.42 -66.19
C PHE E 329 19.23 21.14 -66.56
N THR E 330 20.36 20.56 -66.20
CA THR E 330 21.64 21.27 -66.33
C THR E 330 22.71 20.42 -67.00
N CYS E 331 23.62 21.13 -67.64
CA CYS E 331 24.91 20.59 -68.01
C CYS E 331 25.94 21.47 -67.29
N ALA E 332 26.48 20.98 -66.19
CA ALA E 332 27.39 21.77 -65.32
C ALA E 332 28.67 22.21 -66.03
N THR E 333 29.07 21.49 -67.07
CA THR E 333 30.26 21.84 -67.83
C THR E 333 29.97 22.89 -68.92
N ASP E 334 28.68 23.23 -69.06
CA ASP E 334 28.27 24.23 -70.07
C ASP E 334 28.08 25.60 -69.41
N THR E 335 29.06 26.49 -69.55
CA THR E 335 28.99 27.83 -68.91
C THR E 335 27.70 28.61 -69.22
N LYS E 336 27.36 28.77 -70.50
CA LYS E 336 26.13 29.46 -70.92
C LYS E 336 24.89 28.91 -70.21
N ASN E 337 24.79 27.59 -70.14
CA ASN E 337 23.65 26.95 -69.47
C ASN E 337 23.59 27.24 -67.95
N VAL E 338 24.72 27.09 -67.27
CA VAL E 338 24.76 27.30 -65.84
C VAL E 338 24.51 28.78 -65.52
N GLN E 339 25.01 29.69 -66.35
CA GLN E 339 24.77 31.13 -66.12
C GLN E 339 23.29 31.45 -66.19
N PHE E 340 22.63 30.92 -67.23
CA PHE E 340 21.19 31.12 -67.40
C PHE E 340 20.40 30.52 -66.22
N VAL E 341 20.71 29.28 -65.86
CA VAL E 341 20.03 28.59 -64.76
C VAL E 341 20.28 29.28 -63.42
N PHE E 342 21.53 29.64 -63.14
CA PHE E 342 21.85 30.30 -61.87
C PHE E 342 21.23 31.70 -61.74
N ASP E 343 21.12 32.41 -62.87
CA ASP E 343 20.38 33.66 -62.87
C ASP E 343 18.94 33.46 -62.42
N ALA E 344 18.30 32.44 -62.98
CA ALA E 344 16.92 32.08 -62.65
C ALA E 344 16.80 31.69 -61.19
N VAL E 345 17.78 30.93 -60.71
CA VAL E 345 17.83 30.50 -59.31
C VAL E 345 17.92 31.67 -58.35
N THR E 346 18.75 32.64 -58.69
CA THR E 346 18.97 33.83 -57.88
C THR E 346 17.68 34.63 -57.76
N ASP E 347 16.94 34.74 -58.86
CA ASP E 347 15.64 35.39 -58.90
C ASP E 347 14.68 34.70 -57.93
N VAL E 348 14.68 33.36 -57.93
CA VAL E 348 13.83 32.62 -56.98
C VAL E 348 14.19 32.96 -55.51
N ILE E 349 15.49 32.99 -55.22
CA ILE E 349 15.98 33.30 -53.86
C ILE E 349 15.62 34.74 -53.45
N ILE E 350 15.83 35.72 -54.33
CA ILE E 350 15.40 37.11 -54.06
C ILE E 350 13.90 37.17 -53.77
N LYS E 351 13.12 36.56 -54.65
CA LYS E 351 11.66 36.56 -54.53
C LYS E 351 11.20 35.89 -53.23
N ASN E 352 11.92 34.85 -52.82
CA ASN E 352 11.61 34.12 -51.58
C ASN E 352 12.16 34.78 -50.30
N ASN E 353 13.03 35.79 -50.43
CA ASN E 353 13.49 36.58 -49.25
C ASN E 353 12.94 38.02 -49.17
N LEU E 354 11.83 38.31 -49.83
CA LEU E 354 11.33 39.70 -49.90
C LEU E 354 10.89 40.22 -48.54
N ARG F 17 -29.20 -32.26 3.62
CA ARG F 17 -28.25 -31.88 2.58
C ARG F 17 -28.89 -30.87 1.63
N ILE F 18 -28.08 -30.30 0.74
CA ILE F 18 -28.57 -29.34 -0.24
C ILE F 18 -27.93 -29.63 -1.60
N PRO F 19 -28.71 -29.99 -2.61
CA PRO F 19 -28.14 -30.14 -3.95
C PRO F 19 -27.75 -28.80 -4.56
N LEU F 20 -26.69 -28.81 -5.35
CA LEU F 20 -26.21 -27.62 -6.03
C LEU F 20 -26.02 -27.94 -7.51
N GLN F 21 -26.48 -27.03 -8.37
CA GLN F 21 -26.39 -27.22 -9.80
C GLN F 21 -26.21 -25.87 -10.49
N ILE F 22 -25.65 -25.92 -11.70
CA ILE F 22 -25.50 -24.72 -12.51
C ILE F 22 -26.87 -24.30 -13.01
N VAL F 23 -27.43 -23.24 -12.44
CA VAL F 23 -28.79 -22.83 -12.77
C VAL F 23 -28.84 -22.26 -14.19
N ARG F 24 -27.83 -21.50 -14.58
CA ARG F 24 -27.83 -20.81 -15.87
C ARG F 24 -26.78 -21.44 -16.78
N ALA F 25 -27.20 -21.82 -17.98
CA ALA F 25 -26.40 -22.67 -18.85
C ALA F 25 -25.25 -21.89 -19.48
N GLU F 26 -24.02 -22.22 -19.07
CA GLU F 26 -22.81 -21.80 -19.76
C GLU F 26 -22.32 -23.02 -20.54
N THR F 27 -22.21 -22.89 -21.85
CA THR F 27 -21.73 -24.00 -22.67
C THR F 27 -20.27 -24.30 -22.39
N GLU F 28 -19.96 -25.58 -22.20
CA GLU F 28 -18.59 -25.99 -21.95
C GLU F 28 -17.74 -25.87 -23.20
N LEU F 29 -16.51 -25.41 -23.02
CA LEU F 29 -15.57 -25.30 -24.13
C LEU F 29 -14.95 -26.65 -24.44
N SER F 30 -14.73 -26.90 -25.73
CA SER F 30 -14.14 -28.15 -26.17
C SER F 30 -12.66 -28.23 -25.76
N ALA F 31 -12.07 -29.39 -25.98
CA ALA F 31 -10.67 -29.61 -25.61
C ALA F 31 -9.73 -28.77 -26.45
N GLU F 32 -9.99 -28.68 -27.77
CA GLU F 32 -9.13 -27.89 -28.64
C GLU F 32 -9.25 -26.40 -28.34
N GLU F 33 -10.48 -25.93 -28.09
CA GLU F 33 -10.68 -24.52 -27.77
C GLU F 33 -10.08 -24.15 -26.42
N LYS F 34 -10.21 -25.06 -25.43
CA LYS F 34 -9.62 -24.80 -24.12
C LYS F 34 -8.09 -24.80 -24.19
N ALA F 35 -7.51 -25.72 -24.98
CA ALA F 35 -6.07 -25.74 -25.17
C ALA F 35 -5.58 -24.50 -25.91
N PHE F 36 -6.35 -24.03 -26.90
CA PHE F 36 -6.00 -22.82 -27.63
C PHE F 36 -6.05 -21.59 -26.75
N LEU F 37 -7.10 -21.48 -25.91
CA LEU F 37 -7.20 -20.35 -24.98
C LEU F 37 -6.11 -20.40 -23.92
N ASN F 38 -5.76 -21.60 -23.45
CA ASN F 38 -4.66 -21.73 -22.49
C ASN F 38 -3.33 -21.37 -23.11
N ALA F 39 -3.13 -21.74 -24.38
CA ALA F 39 -1.89 -21.37 -25.08
C ALA F 39 -1.81 -19.87 -25.30
N VAL F 40 -2.94 -19.23 -25.60
CA VAL F 40 -2.96 -17.77 -25.74
C VAL F 40 -2.71 -17.10 -24.40
N GLU F 41 -3.23 -17.68 -23.31
CA GLU F 41 -3.00 -17.13 -21.98
C GLU F 41 -1.54 -17.25 -21.57
N LYS F 42 -0.90 -18.38 -21.90
CA LYS F 42 0.51 -18.55 -21.54
C LYS F 42 1.45 -17.86 -22.51
N GLY F 43 0.94 -17.30 -23.62
CA GLY F 43 1.77 -16.54 -24.53
C GLY F 43 2.63 -17.34 -25.47
N ASP F 44 2.36 -18.64 -25.63
CA ASP F 44 3.15 -19.46 -26.55
C ASP F 44 2.75 -19.12 -27.98
N TYR F 45 3.66 -18.44 -28.69
CA TYR F 45 3.34 -17.92 -30.02
C TYR F 45 3.23 -19.05 -31.04
N ALA F 46 4.10 -20.05 -30.95
CA ALA F 46 4.17 -21.08 -31.99
C ALA F 46 2.95 -21.99 -31.96
N THR F 47 2.49 -22.36 -30.76
CA THR F 47 1.30 -23.21 -30.64
C THR F 47 0.05 -22.48 -31.10
N VAL F 48 -0.07 -21.19 -30.77
CA VAL F 48 -1.21 -20.39 -31.23
C VAL F 48 -1.19 -20.22 -32.74
N LYS F 49 0.02 -20.03 -33.30
CA LYS F 49 0.15 -19.90 -34.76
C LYS F 49 -0.21 -21.21 -35.45
N GLN F 50 0.19 -22.34 -34.88
CA GLN F 50 -0.14 -23.64 -35.43
C GLN F 50 -1.64 -23.90 -35.37
N ALA F 51 -2.28 -23.54 -34.24
CA ALA F 51 -3.73 -23.71 -34.11
C ALA F 51 -4.49 -22.82 -35.08
N LEU F 52 -4.03 -21.57 -35.27
CA LEU F 52 -4.68 -20.68 -36.21
C LEU F 52 -4.51 -21.16 -37.65
N GLN F 53 -3.32 -21.70 -37.98
CA GLN F 53 -3.12 -22.22 -39.33
C GLN F 53 -3.92 -23.49 -39.58
N GLU F 54 -4.14 -24.29 -38.54
CA GLU F 54 -4.95 -25.50 -38.67
C GLU F 54 -6.44 -25.21 -38.61
N ALA F 55 -6.83 -24.02 -38.13
CA ALA F 55 -8.25 -23.70 -37.98
C ALA F 55 -8.97 -23.58 -39.32
N GLU F 56 -8.32 -22.98 -40.33
CA GLU F 56 -9.01 -22.78 -41.60
C GLU F 56 -9.18 -24.09 -42.36
N ILE F 57 -8.15 -24.94 -42.34
CA ILE F 57 -8.16 -26.15 -43.16
C ILE F 57 -9.15 -27.16 -42.61
N TYR F 58 -9.29 -27.23 -41.28
CA TYR F 58 -10.06 -28.28 -40.64
C TYR F 58 -11.30 -27.76 -39.92
N TYR F 59 -11.38 -26.46 -39.63
CA TYR F 59 -12.54 -25.83 -39.00
C TYR F 59 -12.79 -26.36 -37.58
N ASN F 60 -11.71 -26.80 -36.91
CA ASN F 60 -11.88 -27.50 -35.64
C ASN F 60 -12.24 -26.56 -34.51
N VAL F 61 -11.65 -25.37 -34.48
CA VAL F 61 -11.77 -24.45 -33.36
C VAL F 61 -12.41 -23.16 -33.84
N ASN F 62 -13.43 -22.71 -33.11
CA ASN F 62 -14.00 -21.38 -33.33
C ASN F 62 -13.06 -20.39 -32.67
N ILE F 63 -12.40 -19.57 -33.50
CA ILE F 63 -11.38 -18.62 -33.04
C ILE F 63 -12.00 -17.53 -32.19
N ASN F 64 -13.28 -17.23 -32.42
CA ASN F 64 -14.02 -16.25 -31.63
C ASN F 64 -14.70 -16.87 -30.42
N CYS F 65 -14.24 -18.03 -29.97
CA CYS F 65 -14.84 -18.69 -28.82
C CYS F 65 -14.57 -17.92 -27.53
N MET F 66 -15.52 -17.96 -26.61
CA MET F 66 -15.43 -17.21 -25.37
C MET F 66 -14.82 -18.11 -24.28
N ASP F 67 -14.73 -17.61 -23.05
CA ASP F 67 -14.24 -18.41 -21.93
C ASP F 67 -15.32 -18.43 -20.85
N PRO F 68 -15.13 -19.12 -19.73
CA PRO F 68 -16.08 -19.00 -18.61
C PRO F 68 -16.19 -17.60 -18.02
N LEU F 69 -15.16 -16.75 -18.13
CA LEU F 69 -15.19 -15.41 -17.56
C LEU F 69 -15.62 -14.33 -18.55
N GLY F 70 -15.90 -14.68 -19.80
CA GLY F 70 -16.40 -13.71 -20.76
C GLY F 70 -15.37 -13.05 -21.65
N ARG F 71 -14.11 -13.49 -21.59
CA ARG F 71 -13.08 -12.95 -22.46
C ARG F 71 -12.85 -13.84 -23.67
N SER F 72 -12.52 -13.23 -24.80
CA SER F 72 -12.16 -13.98 -26.00
C SER F 72 -10.64 -14.10 -26.08
N ALA F 73 -10.15 -14.64 -27.20
CA ALA F 73 -8.71 -14.72 -27.40
C ALA F 73 -8.09 -13.34 -27.57
N LEU F 74 -8.78 -12.45 -28.30
CA LEU F 74 -8.26 -11.11 -28.52
C LEU F 74 -8.26 -10.30 -27.23
N LEU F 75 -9.27 -10.45 -26.40
CA LEU F 75 -9.30 -9.75 -25.11
C LEU F 75 -8.22 -10.28 -24.17
N ILE F 76 -7.94 -11.58 -24.23
CA ILE F 76 -6.87 -12.16 -23.43
C ILE F 76 -5.52 -11.65 -23.92
N ALA F 77 -5.38 -11.47 -25.23
CA ALA F 77 -4.15 -10.88 -25.76
C ALA F 77 -4.01 -9.42 -25.35
N ILE F 78 -5.11 -8.68 -25.31
CA ILE F 78 -5.07 -7.28 -24.94
C ILE F 78 -4.74 -7.11 -23.46
N GLU F 79 -5.32 -7.97 -22.61
CA GLU F 79 -5.11 -7.82 -21.17
C GLU F 79 -3.68 -8.17 -20.76
N ASN F 80 -3.06 -9.11 -21.44
CA ASN F 80 -1.67 -9.47 -21.18
C ASN F 80 -0.68 -8.60 -21.94
N GLU F 81 -1.18 -7.70 -22.81
CA GLU F 81 -0.34 -6.77 -23.57
C GLU F 81 0.65 -7.49 -24.49
N ASN F 82 0.26 -8.64 -25.01
CA ASN F 82 1.08 -9.38 -25.96
C ASN F 82 0.74 -8.79 -27.33
N LEU F 83 1.61 -7.89 -27.80
CA LEU F 83 1.39 -7.27 -29.10
C LEU F 83 1.57 -8.26 -30.23
N GLU F 84 2.49 -9.23 -30.06
CA GLU F 84 2.73 -10.23 -31.10
C GLU F 84 1.53 -11.15 -31.29
N ILE F 85 1.00 -11.67 -30.17
CA ILE F 85 -0.19 -12.52 -30.24
C ILE F 85 -1.41 -11.70 -30.66
N MET F 86 -1.44 -10.42 -30.30
CA MET F 86 -2.51 -9.52 -30.72
C MET F 86 -2.54 -9.36 -32.23
N GLU F 87 -1.38 -9.08 -32.83
CA GLU F 87 -1.33 -8.91 -34.28
C GLU F 87 -1.53 -10.25 -34.99
N LEU F 88 -1.08 -11.35 -34.37
CA LEU F 88 -1.28 -12.66 -34.98
C LEU F 88 -2.76 -13.05 -35.02
N LEU F 89 -3.48 -12.77 -33.93
CA LEU F 89 -4.92 -13.00 -33.92
C LEU F 89 -5.63 -12.05 -34.87
N LEU F 90 -5.10 -10.84 -35.06
CA LEU F 90 -5.69 -9.93 -36.04
C LEU F 90 -5.45 -10.42 -37.47
N ASN F 91 -4.32 -11.07 -37.73
CA ASN F 91 -3.99 -11.49 -39.09
C ASN F 91 -4.89 -12.61 -39.61
N HIS F 92 -5.54 -13.35 -38.73
CA HIS F 92 -6.42 -14.43 -39.14
C HIS F 92 -7.89 -14.00 -39.20
N SER F 93 -8.15 -12.70 -39.03
CA SER F 93 -9.49 -12.11 -39.15
C SER F 93 -10.44 -12.65 -38.09
N VAL F 94 -10.06 -12.45 -36.83
CA VAL F 94 -10.93 -12.76 -35.71
C VAL F 94 -11.91 -11.61 -35.52
N TYR F 95 -12.92 -11.85 -34.69
CA TYR F 95 -13.88 -10.80 -34.39
C TYR F 95 -13.21 -9.70 -33.55
N VAL F 96 -13.50 -8.45 -33.89
CA VAL F 96 -12.82 -7.31 -33.30
C VAL F 96 -13.77 -6.35 -32.61
N GLY F 97 -15.04 -6.73 -32.45
CA GLY F 97 -16.05 -5.88 -31.85
C GLY F 97 -15.80 -5.53 -30.40
N ASP F 98 -15.68 -4.22 -30.14
CA ASP F 98 -15.50 -3.62 -28.82
C ASP F 98 -14.13 -3.88 -28.20
N ALA F 99 -13.18 -4.43 -28.96
CA ALA F 99 -11.85 -4.67 -28.40
C ALA F 99 -11.10 -3.36 -28.19
N LEU F 100 -11.42 -2.32 -28.98
CA LEU F 100 -10.79 -1.02 -28.81
C LEU F 100 -11.17 -0.40 -27.48
N LEU F 101 -12.39 -0.67 -27.00
CA LEU F 101 -12.80 -0.21 -25.68
C LEU F 101 -11.97 -0.87 -24.59
N TYR F 102 -11.71 -2.17 -24.71
CA TYR F 102 -10.87 -2.86 -23.73
C TYR F 102 -9.44 -2.37 -23.78
N ALA F 103 -8.93 -2.06 -24.97
CA ALA F 103 -7.59 -1.50 -25.11
C ALA F 103 -7.52 -0.10 -24.49
N ILE F 104 -8.56 0.71 -24.68
CA ILE F 104 -8.56 2.07 -24.13
C ILE F 104 -8.67 2.03 -22.62
N ARG F 105 -9.49 1.12 -22.08
CA ARG F 105 -9.57 0.97 -20.63
C ARG F 105 -8.30 0.41 -20.04
N LYS F 106 -7.59 -0.43 -20.79
CA LYS F 106 -6.32 -0.96 -20.33
C LYS F 106 -5.18 0.05 -20.46
N GLU F 107 -5.39 1.13 -21.22
CA GLU F 107 -4.45 2.25 -21.32
C GLU F 107 -3.14 1.82 -21.99
N VAL F 108 -3.25 0.89 -22.91
CA VAL F 108 -2.11 0.40 -23.69
C VAL F 108 -2.04 1.22 -24.97
N VAL F 109 -0.94 1.97 -25.13
CA VAL F 109 -0.81 2.82 -26.31
C VAL F 109 -0.60 1.99 -27.56
N GLY F 110 0.21 0.93 -27.47
CA GLY F 110 0.48 0.09 -28.62
C GLY F 110 -0.73 -0.69 -29.08
N ALA F 111 -1.54 -1.18 -28.14
CA ALA F 111 -2.75 -1.90 -28.50
C ALA F 111 -3.77 -0.99 -29.17
N VAL F 112 -3.90 0.26 -28.68
CA VAL F 112 -4.80 1.23 -29.30
C VAL F 112 -4.31 1.60 -30.69
N GLU F 113 -2.99 1.75 -30.85
CA GLU F 113 -2.41 2.05 -32.17
C GLU F 113 -2.64 0.90 -33.15
N LEU F 114 -2.48 -0.34 -32.68
CA LEU F 114 -2.70 -1.51 -33.54
C LEU F 114 -4.16 -1.66 -33.93
N LEU F 115 -5.08 -1.46 -32.97
CA LEU F 115 -6.50 -1.57 -33.28
C LEU F 115 -6.98 -0.44 -34.18
N LEU F 116 -6.42 0.75 -34.04
CA LEU F 116 -6.76 1.84 -34.95
C LEU F 116 -6.21 1.59 -36.35
N SER F 117 -4.98 1.09 -36.44
CA SER F 117 -4.31 1.02 -37.74
C SER F 117 -4.59 -0.26 -38.52
N TYR F 118 -5.07 -1.33 -37.87
CA TYR F 118 -5.22 -2.59 -38.59
C TYR F 118 -6.64 -2.76 -39.15
N ARG F 119 -7.60 -1.98 -38.64
CA ARG F 119 -9.00 -2.13 -39.04
C ARG F 119 -9.22 -1.73 -40.49
N ARG F 120 -8.38 -0.82 -41.01
CA ARG F 120 -8.51 -0.37 -42.39
C ARG F 120 -7.93 -1.34 -43.42
N PRO F 121 -6.65 -1.74 -43.38
CA PRO F 121 -6.09 -2.53 -44.49
C PRO F 121 -6.59 -3.97 -44.53
N SER F 122 -6.67 -4.51 -45.75
CA SER F 122 -6.91 -5.93 -46.00
C SER F 122 -8.30 -6.38 -45.57
N GLY F 123 -9.30 -5.54 -45.82
CA GLY F 123 -10.68 -5.96 -45.62
C GLY F 123 -11.30 -6.48 -46.90
N GLU F 124 -11.57 -7.78 -46.92
CA GLU F 124 -12.06 -8.42 -48.13
C GLU F 124 -13.21 -9.36 -47.80
N LYS F 125 -14.28 -9.24 -48.60
CA LYS F 125 -15.51 -10.02 -48.44
C LYS F 125 -16.15 -9.76 -47.07
N GLN F 126 -16.42 -8.48 -46.78
CA GLN F 126 -17.20 -8.03 -45.61
C GLN F 126 -16.39 -8.36 -44.36
N VAL F 127 -16.95 -9.12 -43.42
CA VAL F 127 -16.19 -9.88 -42.43
C VAL F 127 -16.70 -11.31 -42.59
N PRO F 128 -15.94 -12.33 -42.16
CA PRO F 128 -16.50 -13.68 -42.08
C PRO F 128 -17.66 -13.71 -41.09
N THR F 129 -18.73 -14.41 -41.48
CA THR F 129 -19.96 -14.38 -40.71
C THR F 129 -19.80 -15.12 -39.38
N LEU F 130 -20.27 -14.50 -38.31
CA LEU F 130 -20.20 -15.06 -36.96
C LEU F 130 -21.47 -14.68 -36.22
N MET F 131 -21.98 -15.59 -35.40
CA MET F 131 -23.24 -15.41 -34.71
C MET F 131 -23.03 -15.67 -33.22
N MET F 132 -23.85 -15.01 -32.39
CA MET F 132 -24.05 -15.29 -30.96
C MET F 132 -22.78 -15.08 -30.12
N ASP F 133 -21.83 -14.28 -30.59
CA ASP F 133 -20.74 -13.83 -29.74
C ASP F 133 -21.02 -12.47 -29.12
N THR F 134 -22.06 -11.78 -29.59
CA THR F 134 -22.17 -10.34 -29.36
C THR F 134 -23.01 -9.96 -28.14
N GLN F 135 -23.53 -10.94 -27.39
CA GLN F 135 -24.40 -10.58 -26.27
C GLN F 135 -23.61 -9.95 -25.12
N PHE F 136 -22.47 -10.52 -24.77
CA PHE F 136 -21.74 -10.10 -23.57
C PHE F 136 -20.75 -8.99 -23.93
N SER F 137 -21.00 -7.80 -23.40
CA SER F 137 -20.10 -6.67 -23.52
C SER F 137 -19.96 -6.03 -22.16
N GLU F 138 -18.72 -5.97 -21.65
CA GLU F 138 -18.47 -5.32 -20.37
C GLU F 138 -18.76 -3.82 -20.46
N PHE F 139 -18.36 -3.20 -21.56
CA PHE F 139 -18.67 -1.79 -21.77
C PHE F 139 -20.12 -1.62 -22.21
N THR F 140 -20.74 -0.54 -21.76
CA THR F 140 -22.13 -0.29 -22.05
C THR F 140 -22.30 0.05 -23.54
N PRO F 141 -23.45 -0.32 -24.13
CA PRO F 141 -23.65 -0.05 -25.57
C PRO F 141 -23.71 1.42 -25.94
N ASP F 142 -23.99 2.32 -24.99
CA ASP F 142 -24.00 3.74 -25.32
C ASP F 142 -22.58 4.29 -25.47
N ILE F 143 -21.60 3.58 -24.92
CA ILE F 143 -20.23 4.07 -24.91
C ILE F 143 -19.61 4.06 -26.30
N THR F 144 -18.78 5.07 -26.55
CA THR F 144 -17.98 5.24 -27.74
C THR F 144 -16.53 5.33 -27.32
N PRO F 145 -15.59 5.10 -28.26
CA PRO F 145 -14.17 5.02 -27.86
C PRO F 145 -13.56 6.33 -27.39
N ILE F 146 -13.95 7.46 -27.99
CA ILE F 146 -13.41 8.74 -27.55
C ILE F 146 -13.92 9.10 -26.16
N MET F 147 -15.17 8.77 -25.86
CA MET F 147 -15.74 9.05 -24.55
C MET F 147 -15.08 8.20 -23.46
N LEU F 148 -14.86 6.92 -23.75
CA LEU F 148 -14.18 6.06 -22.78
C LEU F 148 -12.72 6.44 -22.62
N ALA F 149 -12.09 6.91 -23.70
CA ALA F 149 -10.73 7.42 -23.61
C ALA F 149 -10.67 8.69 -22.75
N ALA F 150 -11.69 9.54 -22.85
CA ALA F 150 -11.78 10.70 -21.99
C ALA F 150 -11.98 10.31 -20.53
N HIS F 151 -12.77 9.26 -20.29
CA HIS F 151 -12.94 8.77 -18.92
C HIS F 151 -11.64 8.17 -18.36
N THR F 152 -10.85 7.52 -19.23
CA THR F 152 -9.63 6.87 -18.75
C THR F 152 -8.57 7.90 -18.36
N ASN F 153 -8.61 9.08 -18.96
CA ASN F 153 -7.73 10.24 -18.75
C ASN F 153 -6.35 10.02 -19.37
N ASN F 154 -6.15 8.97 -20.17
CA ASN F 154 -4.88 8.79 -20.84
C ASN F 154 -4.71 9.82 -21.95
N TYR F 155 -3.50 10.33 -22.09
CA TYR F 155 -3.24 11.46 -22.99
C TYR F 155 -2.99 11.02 -24.43
N GLU F 156 -2.15 9.99 -24.61
CA GLU F 156 -1.74 9.54 -25.93
C GLU F 156 -2.92 8.96 -26.72
N ILE F 157 -3.78 8.18 -26.05
CA ILE F 157 -4.93 7.60 -26.72
C ILE F 157 -5.94 8.68 -27.10
N ILE F 158 -6.10 9.69 -26.23
CA ILE F 158 -6.98 10.82 -26.52
C ILE F 158 -6.44 11.62 -27.71
N LYS F 159 -5.12 11.80 -27.77
CA LYS F 159 -4.51 12.51 -28.88
C LYS F 159 -4.66 11.75 -30.19
N LEU F 160 -4.46 10.43 -30.16
CA LEU F 160 -4.60 9.62 -31.36
C LEU F 160 -6.05 9.56 -31.83
N LEU F 161 -7.00 9.57 -30.89
CA LEU F 161 -8.40 9.59 -31.28
C LEU F 161 -8.81 10.96 -31.83
N VAL F 162 -8.31 12.04 -31.22
CA VAL F 162 -8.66 13.38 -31.67
C VAL F 162 -8.05 13.67 -33.04
N GLN F 163 -6.91 13.04 -33.35
CA GLN F 163 -6.30 13.23 -34.68
C GLN F 163 -7.13 12.64 -35.82
N LYS F 164 -8.02 11.68 -35.53
CA LYS F 164 -8.78 10.98 -36.55
C LYS F 164 -10.18 11.57 -36.76
N ARG F 165 -10.39 12.84 -36.41
CA ARG F 165 -11.63 13.58 -36.68
C ARG F 165 -12.82 12.97 -35.95
N VAL F 166 -12.74 12.99 -34.62
CA VAL F 166 -13.76 12.41 -33.76
C VAL F 166 -14.44 13.54 -32.97
N THR F 167 -15.75 13.37 -32.75
CA THR F 167 -16.57 14.38 -32.11
C THR F 167 -17.33 13.77 -30.94
N ILE F 168 -17.84 14.65 -30.07
CA ILE F 168 -18.62 14.24 -28.91
C ILE F 168 -19.95 15.00 -28.94
N PRO F 169 -21.07 14.37 -28.58
CA PRO F 169 -22.35 15.07 -28.55
C PRO F 169 -22.39 16.13 -27.46
N ARG F 170 -23.16 17.19 -27.70
CA ARG F 170 -23.27 18.31 -26.77
C ARG F 170 -24.42 18.07 -25.80
N PRO F 171 -24.18 18.12 -24.49
CA PRO F 171 -25.29 18.03 -23.54
C PRO F 171 -26.18 19.25 -23.59
N HIS F 172 -27.46 19.04 -23.28
CA HIS F 172 -28.43 20.12 -23.28
C HIS F 172 -28.33 20.91 -21.97
N GLN F 173 -29.14 21.96 -21.88
CA GLN F 173 -29.27 22.71 -20.65
C GLN F 173 -29.93 21.85 -19.58
N ILE F 174 -29.61 22.13 -18.32
CA ILE F 174 -30.24 21.42 -17.20
C ILE F 174 -31.74 21.72 -17.16
N ARG F 175 -32.12 22.97 -17.41
CA ARG F 175 -33.52 23.34 -17.51
C ARG F 175 -33.93 23.35 -18.99
N CYS F 176 -33.87 22.16 -19.59
CA CYS F 176 -34.23 21.96 -20.98
C CYS F 176 -35.63 21.36 -21.08
N ASN F 177 -36.49 21.96 -21.89
CA ASN F 177 -37.88 21.55 -22.01
C ASN F 177 -38.27 21.24 -23.45
N CYS F 178 -37.29 20.87 -24.27
CA CYS F 178 -37.57 20.52 -25.66
C CYS F 178 -38.23 19.15 -25.74
N VAL F 179 -38.69 18.81 -26.94
CA VAL F 179 -39.45 17.59 -27.13
C VAL F 179 -38.56 16.35 -27.00
N GLU F 180 -37.32 16.41 -27.51
CA GLU F 180 -36.50 15.22 -27.56
C GLU F 180 -35.95 14.83 -26.19
N CYS F 181 -35.54 15.82 -25.38
CA CYS F 181 -35.06 15.54 -24.03
C CYS F 181 -36.18 14.97 -23.15
N VAL F 182 -37.38 15.54 -23.26
CA VAL F 182 -38.52 15.06 -22.48
C VAL F 182 -38.93 13.67 -22.93
N SER F 183 -38.91 13.42 -24.24
CA SER F 183 -39.26 12.09 -24.76
C SER F 183 -38.23 11.04 -24.35
N SER F 184 -36.94 11.39 -24.36
CA SER F 184 -35.91 10.45 -23.93
C SER F 184 -35.99 10.19 -22.43
N SER F 185 -36.34 11.22 -21.64
CA SER F 185 -36.48 11.03 -20.21
C SER F 185 -37.70 10.18 -19.88
N GLU F 186 -38.80 10.36 -20.63
CA GLU F 186 -40.00 9.57 -20.36
C GLU F 186 -39.84 8.13 -20.82
N VAL F 187 -39.21 7.92 -21.98
CA VAL F 187 -39.09 6.57 -22.52
C VAL F 187 -38.09 5.76 -21.71
N ASP F 188 -36.90 6.32 -21.45
CA ASP F 188 -35.85 5.61 -20.73
C ASP F 188 -35.03 6.64 -19.96
N SER F 189 -35.38 6.82 -18.68
CA SER F 189 -34.68 7.82 -17.86
C SER F 189 -33.27 7.35 -17.50
N LEU F 190 -33.09 6.04 -17.28
CA LEU F 190 -31.78 5.52 -16.87
C LEU F 190 -30.74 5.67 -17.97
N ARG F 191 -31.13 5.39 -19.22
CA ARG F 191 -30.20 5.55 -20.35
C ARG F 191 -29.83 7.01 -20.56
N HIS F 192 -30.80 7.92 -20.41
CA HIS F 192 -30.54 9.35 -20.56
C HIS F 192 -29.61 9.86 -19.45
N SER F 193 -29.83 9.43 -18.22
CA SER F 193 -28.98 9.85 -17.10
C SER F 193 -27.56 9.29 -17.24
N ARG F 194 -27.44 8.03 -17.68
CA ARG F 194 -26.13 7.43 -17.89
C ARG F 194 -25.40 8.11 -19.04
N SER F 195 -26.11 8.46 -20.11
CA SER F 195 -25.49 9.14 -21.25
C SER F 195 -25.02 10.54 -20.86
N ARG F 196 -25.83 11.28 -20.10
CA ARG F 196 -25.43 12.62 -19.66
C ARG F 196 -24.24 12.56 -18.70
N LEU F 197 -24.25 11.59 -17.78
CA LEU F 197 -23.12 11.45 -16.85
C LEU F 197 -21.85 11.04 -17.58
N ASN F 198 -21.95 10.15 -18.57
CA ASN F 198 -20.78 9.75 -19.35
C ASN F 198 -20.24 10.90 -20.19
N ILE F 199 -21.14 11.72 -20.74
CA ILE F 199 -20.71 12.86 -21.54
C ILE F 199 -20.02 13.90 -20.67
N TYR F 200 -20.57 14.18 -19.48
CA TYR F 200 -19.93 15.15 -18.61
C TYR F 200 -18.64 14.60 -17.99
N LYS F 201 -18.55 13.29 -17.80
CA LYS F 201 -17.28 12.70 -17.36
C LYS F 201 -16.23 12.80 -18.46
N ALA F 202 -16.64 12.64 -19.72
CA ALA F 202 -15.71 12.78 -20.82
C ALA F 202 -15.24 14.23 -20.97
N LEU F 203 -16.15 15.19 -20.77
CA LEU F 203 -15.80 16.60 -20.93
C LEU F 203 -14.99 17.13 -19.75
N ALA F 204 -15.00 16.46 -18.61
CA ALA F 204 -14.33 16.95 -17.42
C ALA F 204 -12.92 16.42 -17.24
N SER F 205 -12.43 15.62 -18.18
CA SER F 205 -11.07 15.10 -18.08
C SER F 205 -10.07 16.23 -18.32
N PRO F 206 -8.97 16.26 -17.56
CA PRO F 206 -7.96 17.31 -17.78
C PRO F 206 -7.25 17.21 -19.12
N SER F 207 -7.07 15.99 -19.65
CA SER F 207 -6.37 15.83 -20.92
C SER F 207 -7.19 16.37 -22.08
N LEU F 208 -8.51 16.09 -22.08
CA LEU F 208 -9.37 16.60 -23.15
C LEU F 208 -9.51 18.11 -23.07
N ILE F 209 -9.52 18.67 -21.86
CA ILE F 209 -9.57 20.12 -21.71
C ILE F 209 -8.26 20.74 -22.19
N ALA F 210 -7.13 20.08 -21.93
CA ALA F 210 -5.85 20.61 -22.37
C ALA F 210 -5.67 20.49 -23.88
N LEU F 211 -6.30 19.50 -24.51
CA LEU F 211 -6.09 19.24 -25.92
C LEU F 211 -7.12 19.90 -26.83
N SER F 212 -8.36 20.07 -26.40
CA SER F 212 -9.44 20.48 -27.28
C SER F 212 -10.09 21.79 -26.86
N SER F 213 -9.42 22.61 -26.04
CA SER F 213 -9.95 23.89 -25.62
C SER F 213 -8.86 24.94 -25.74
N GLU F 214 -9.19 26.08 -26.39
CA GLU F 214 -8.23 27.16 -26.52
C GLU F 214 -8.06 27.94 -25.22
N ASP F 215 -9.04 27.86 -24.31
CA ASP F 215 -8.97 28.51 -23.00
C ASP F 215 -9.28 27.45 -21.95
N PRO F 216 -8.26 26.71 -21.49
CA PRO F 216 -8.50 25.64 -20.51
C PRO F 216 -8.97 26.14 -19.15
N ILE F 217 -8.52 27.32 -18.71
CA ILE F 217 -8.92 27.84 -17.41
C ILE F 217 -10.39 28.22 -17.40
N LEU F 218 -10.84 28.96 -18.42
CA LEU F 218 -12.23 29.38 -18.49
C LEU F 218 -13.15 28.19 -18.75
N THR F 219 -12.70 27.24 -19.58
CA THR F 219 -13.48 26.03 -19.82
C THR F 219 -13.60 25.19 -18.56
N ALA F 220 -12.52 25.09 -17.78
CA ALA F 220 -12.57 24.35 -16.52
C ALA F 220 -13.47 25.05 -15.51
N PHE F 221 -13.46 26.38 -15.50
CA PHE F 221 -14.34 27.15 -14.60
C PHE F 221 -15.81 26.93 -14.95
N ARG F 222 -16.14 27.02 -16.24
CA ARG F 222 -17.52 26.83 -16.69
C ARG F 222 -17.98 25.40 -16.47
N LEU F 223 -17.12 24.42 -16.72
CA LEU F 223 -17.48 23.02 -16.49
C LEU F 223 -17.65 22.72 -15.01
N GLY F 224 -16.83 23.33 -14.15
CA GLY F 224 -16.99 23.16 -12.72
C GLY F 224 -18.29 23.76 -12.20
N TRP F 225 -18.64 24.96 -12.69
CA TRP F 225 -19.90 25.59 -12.30
C TRP F 225 -21.11 24.79 -12.81
N GLU F 226 -21.03 24.29 -14.04
CA GLU F 226 -22.13 23.47 -14.57
C GLU F 226 -22.26 22.15 -13.83
N LEU F 227 -21.14 21.54 -13.46
CA LEU F 227 -21.19 20.29 -12.71
C LEU F 227 -21.74 20.51 -11.30
N LYS F 228 -21.38 21.64 -10.68
CA LYS F 228 -21.93 21.95 -9.35
C LYS F 228 -23.43 22.22 -9.42
N GLU F 229 -23.89 22.91 -10.47
CA GLU F 229 -25.33 23.15 -10.63
C GLU F 229 -26.07 21.85 -10.93
N LEU F 230 -25.46 20.95 -11.72
CA LEU F 230 -26.07 19.67 -11.99
C LEU F 230 -26.14 18.80 -10.73
N SER F 231 -25.10 18.87 -9.89
CA SER F 231 -25.13 18.16 -8.61
C SER F 231 -26.20 18.74 -7.70
N LYS F 232 -26.41 20.05 -7.75
CA LYS F 232 -27.50 20.66 -6.99
C LYS F 232 -28.86 20.22 -7.51
N VAL F 233 -28.98 20.02 -8.83
CA VAL F 233 -30.26 19.63 -9.41
C VAL F 233 -30.49 18.14 -9.26
N GLU F 234 -29.60 17.33 -9.84
CA GLU F 234 -29.77 15.87 -9.84
C GLU F 234 -29.47 15.33 -8.45
N ASN F 235 -30.49 14.82 -7.77
CA ASN F 235 -30.32 14.32 -6.41
C ASN F 235 -29.67 12.94 -6.37
N GLU F 236 -29.96 12.09 -7.36
CA GLU F 236 -29.45 10.73 -7.35
C GLU F 236 -27.95 10.66 -7.59
N PHE F 237 -27.43 11.50 -8.48
CA PHE F 237 -26.05 11.43 -8.94
C PHE F 237 -25.22 12.61 -8.42
N LYS F 238 -25.45 12.98 -7.15
CA LYS F 238 -24.79 14.17 -6.59
C LYS F 238 -23.30 13.97 -6.40
N ALA F 239 -22.89 12.75 -6.00
CA ALA F 239 -21.53 12.52 -5.55
C ALA F 239 -20.52 12.59 -6.69
N GLU F 240 -20.82 11.94 -7.82
CA GLU F 240 -19.88 11.97 -8.94
C GLU F 240 -19.85 13.34 -9.61
N TYR F 241 -20.96 14.08 -9.58
CA TYR F 241 -20.93 15.44 -10.09
C TYR F 241 -20.08 16.35 -9.21
N GLU F 242 -20.15 16.17 -7.88
CA GLU F 242 -19.28 16.89 -6.97
C GLU F 242 -17.80 16.52 -7.19
N GLU F 243 -17.55 15.23 -7.46
CA GLU F 243 -16.20 14.77 -7.75
C GLU F 243 -15.68 15.37 -9.05
N LEU F 244 -16.55 15.48 -10.07
CA LEU F 244 -16.16 16.09 -11.34
C LEU F 244 -15.87 17.58 -11.17
N SER F 245 -16.68 18.28 -10.38
CA SER F 245 -16.43 19.70 -10.11
C SER F 245 -15.12 19.90 -9.35
N GLN F 246 -14.86 19.02 -8.38
CA GLN F 246 -13.58 19.08 -7.64
C GLN F 246 -12.40 18.78 -8.57
N GLN F 247 -12.58 17.85 -9.51
CA GLN F 247 -11.52 17.53 -10.45
C GLN F 247 -11.23 18.70 -11.39
N CYS F 248 -12.28 19.39 -11.84
CA CYS F 248 -12.09 20.57 -12.69
C CYS F 248 -11.42 21.70 -11.93
N LYS F 249 -11.82 21.92 -10.67
CA LYS F 249 -11.20 22.97 -9.85
C LYS F 249 -9.74 22.66 -9.57
N LEU F 250 -9.43 21.40 -9.25
CA LEU F 250 -8.04 21.00 -9.03
C LEU F 250 -7.21 21.08 -10.30
N PHE F 251 -7.82 20.80 -11.47
CA PHE F 251 -7.11 20.96 -12.73
C PHE F 251 -6.79 22.42 -13.00
N ALA F 252 -7.74 23.32 -12.71
CA ALA F 252 -7.49 24.75 -12.88
C ALA F 252 -6.40 25.26 -11.94
N LYS F 253 -6.42 24.81 -10.68
CA LYS F 253 -5.39 25.23 -9.73
C LYS F 253 -4.02 24.64 -10.09
N ASP F 254 -4.00 23.41 -10.59
CA ASP F 254 -2.74 22.80 -10.97
C ASP F 254 -2.16 23.46 -12.22
N LEU F 255 -3.01 23.87 -13.15
CA LEU F 255 -2.54 24.60 -14.33
C LEU F 255 -2.03 25.98 -13.93
N LEU F 256 -2.67 26.63 -12.96
CA LEU F 256 -2.17 27.91 -12.48
C LEU F 256 -0.86 27.75 -11.73
N ASP F 257 -0.66 26.59 -11.07
CA ASP F 257 0.51 26.40 -10.23
C ASP F 257 1.79 26.15 -11.04
N GLN F 258 1.68 25.86 -12.33
CA GLN F 258 2.83 25.52 -13.15
C GLN F 258 3.59 26.73 -13.68
N ALA F 259 3.18 27.94 -13.30
CA ALA F 259 3.85 29.15 -13.78
C ALA F 259 5.27 29.25 -13.21
N ARG F 260 6.13 29.97 -13.92
CA ARG F 260 7.53 30.10 -13.56
C ARG F 260 8.01 31.54 -13.40
N SER F 261 7.19 32.53 -13.71
CA SER F 261 7.61 33.92 -13.61
C SER F 261 6.41 34.78 -13.25
N SER F 262 6.70 35.97 -12.73
CA SER F 262 5.64 36.91 -12.35
C SER F 262 4.93 37.45 -13.58
N ARG F 263 5.64 37.60 -14.69
CA ARG F 263 5.02 38.11 -15.91
C ARG F 263 3.99 37.13 -16.47
N GLU F 264 4.26 35.82 -16.36
CA GLU F 264 3.29 34.83 -16.80
C GLU F 264 2.04 34.85 -15.91
N LEU F 265 2.23 35.04 -14.60
CA LEU F 265 1.10 35.10 -13.68
C LEU F 265 0.25 36.35 -13.93
N GLU F 266 0.89 37.50 -14.15
CA GLU F 266 0.14 38.70 -14.46
C GLU F 266 -0.50 38.66 -15.84
N ILE F 267 0.09 37.92 -16.78
CA ILE F 267 -0.54 37.74 -18.09
C ILE F 267 -1.77 36.85 -17.96
N ILE F 268 -1.69 35.81 -17.14
CA ILE F 268 -2.81 34.90 -16.97
C ILE F 268 -3.95 35.58 -16.22
N LEU F 269 -3.62 36.33 -15.17
CA LEU F 269 -4.68 36.93 -14.35
C LEU F 269 -5.34 38.11 -15.06
N ASN F 270 -4.59 38.86 -15.85
CA ASN F 270 -5.10 40.07 -16.47
C ASN F 270 -5.69 39.85 -17.86
N HIS F 271 -5.76 38.60 -18.32
CA HIS F 271 -6.32 38.33 -19.64
C HIS F 271 -7.84 38.55 -19.63
N ARG F 272 -8.33 39.23 -20.66
CA ARG F 272 -9.75 39.48 -20.84
C ARG F 272 -10.26 38.69 -22.04
N ASP F 273 -11.58 38.55 -22.11
CA ASP F 273 -12.21 37.81 -23.20
C ASP F 273 -12.10 38.58 -24.52
N ASP F 286 -9.05 45.35 -13.49
CA ASP F 286 -7.85 44.93 -14.21
C ASP F 286 -7.71 43.41 -14.19
N LEU F 287 -7.84 42.81 -13.01
CA LEU F 287 -7.74 41.36 -12.84
C LEU F 287 -9.09 40.74 -13.24
N ALA F 288 -9.28 40.61 -14.55
CA ALA F 288 -10.55 40.09 -15.07
C ALA F 288 -10.70 38.61 -14.77
N LYS F 289 -9.64 37.82 -14.93
CA LYS F 289 -9.73 36.39 -14.71
C LYS F 289 -9.91 36.05 -13.24
N LEU F 290 -9.33 36.85 -12.35
CA LEU F 290 -9.56 36.66 -10.92
C LEU F 290 -11.01 36.95 -10.55
N LYS F 291 -11.60 37.97 -11.16
CA LYS F 291 -13.01 38.27 -10.93
C LYS F 291 -13.90 37.17 -11.49
N VAL F 292 -13.52 36.59 -12.63
CA VAL F 292 -14.27 35.48 -13.21
C VAL F 292 -14.18 34.25 -12.32
N ALA F 293 -13.00 34.01 -11.74
CA ALA F 293 -12.83 32.88 -10.83
C ALA F 293 -13.63 33.09 -9.54
N ILE F 294 -13.67 34.32 -9.04
CA ILE F 294 -14.47 34.61 -7.85
C ILE F 294 -15.96 34.48 -8.14
N LYS F 295 -16.38 34.86 -9.34
CA LYS F 295 -17.79 34.74 -9.72
C LYS F 295 -18.22 33.28 -9.84
N TYR F 296 -17.30 32.39 -10.20
CA TYR F 296 -17.60 30.97 -10.33
C TYR F 296 -17.27 30.19 -9.08
N HIS F 297 -16.83 30.85 -8.01
CA HIS F 297 -16.57 30.25 -6.71
C HIS F 297 -15.41 29.23 -6.78
N GLN F 298 -14.33 29.62 -7.45
CA GLN F 298 -13.13 28.78 -7.53
C GLN F 298 -12.21 29.17 -6.38
N LYS F 299 -12.44 28.56 -5.22
CA LYS F 299 -11.68 28.89 -4.03
C LYS F 299 -10.23 28.42 -4.12
N GLU F 300 -10.00 27.26 -4.76
CA GLU F 300 -8.63 26.76 -4.90
C GLU F 300 -7.81 27.64 -5.84
N PHE F 301 -8.42 28.17 -6.89
CA PHE F 301 -7.69 29.03 -7.82
C PHE F 301 -7.33 30.36 -7.16
N VAL F 302 -8.25 30.94 -6.40
CA VAL F 302 -8.00 32.22 -5.75
C VAL F 302 -6.97 32.07 -4.63
N ALA F 303 -7.03 30.96 -3.89
CA ALA F 303 -6.20 30.74 -2.72
C ALA F 303 -4.82 30.16 -3.04
N GLN F 304 -4.41 30.18 -4.30
CA GLN F 304 -3.07 29.75 -4.66
C GLN F 304 -2.05 30.74 -4.10
N PRO F 305 -0.86 30.28 -3.71
CA PRO F 305 0.12 31.18 -3.06
C PRO F 305 0.66 32.30 -3.94
N ASN F 306 0.84 32.07 -5.24
CA ASN F 306 1.40 33.12 -6.08
C ASN F 306 0.38 34.23 -6.34
N CYS F 307 -0.89 33.85 -6.53
CA CYS F 307 -1.95 34.85 -6.66
C CYS F 307 -2.14 35.62 -5.36
N GLN F 308 -1.98 34.94 -4.22
CA GLN F 308 -2.03 35.62 -2.93
C GLN F 308 -0.86 36.59 -2.76
N GLN F 309 0.32 36.23 -3.25
CA GLN F 309 1.46 37.13 -3.21
C GLN F 309 1.25 38.35 -4.09
N LEU F 310 0.69 38.15 -5.28
CA LEU F 310 0.41 39.27 -6.17
C LEU F 310 -0.68 40.19 -5.59
N LEU F 311 -1.71 39.60 -4.99
CA LEU F 311 -2.74 40.40 -4.34
C LEU F 311 -2.21 41.12 -3.11
N ALA F 312 -1.25 40.53 -2.39
CA ALA F 312 -0.64 41.21 -1.26
C ALA F 312 0.23 42.36 -1.72
N THR F 313 0.95 42.19 -2.84
CA THR F 313 1.75 43.27 -3.40
C THR F 313 0.87 44.42 -3.89
N LEU F 314 -0.26 44.10 -4.53
CA LEU F 314 -1.18 45.15 -4.94
C LEU F 314 -1.89 45.80 -3.75
N TRP F 315 -2.13 45.03 -2.69
CA TRP F 315 -2.83 45.55 -1.53
C TRP F 315 -1.96 46.55 -0.77
N TYR F 316 -0.69 46.20 -0.54
CA TYR F 316 0.26 47.13 0.06
C TYR F 316 1.01 47.86 -1.06
N ASP F 317 0.25 48.73 -1.74
CA ASP F 317 0.78 49.40 -2.92
C ASP F 317 1.80 50.46 -2.54
N GLY F 318 1.48 51.30 -1.55
CA GLY F 318 2.35 52.37 -1.13
C GLY F 318 3.21 52.08 0.09
N PHE F 319 3.14 50.87 0.65
CA PHE F 319 3.88 50.48 1.84
C PHE F 319 4.75 49.27 1.54
N PRO F 320 5.93 49.47 0.94
CA PRO F 320 6.82 48.35 0.66
C PRO F 320 7.41 47.76 1.92
N GLY F 321 7.56 46.44 1.92
CA GLY F 321 8.10 45.75 3.09
C GLY F 321 7.23 45.82 4.32
N TRP F 322 5.90 45.63 4.16
CA TRP F 322 5.01 45.66 5.31
C TRP F 322 5.16 44.43 6.19
N ARG F 323 5.44 43.26 5.59
CA ARG F 323 5.61 42.04 6.37
C ARG F 323 6.91 42.03 7.17
N ARG F 324 7.88 42.85 6.76
CA ARG F 324 9.20 42.90 7.38
C ARG F 324 9.18 43.52 8.77
N LYS F 325 8.27 44.46 9.01
CA LYS F 325 8.37 45.37 10.14
C LYS F 325 8.01 44.69 11.45
N HIS F 326 8.61 45.18 12.53
CA HIS F 326 8.19 44.77 13.86
C HIS F 326 6.80 45.37 14.12
N TRP F 327 6.01 44.70 14.95
CA TRP F 327 4.59 45.03 15.09
C TRP F 327 4.33 46.39 15.74
N VAL F 328 5.29 46.95 16.49
CA VAL F 328 5.05 48.24 17.13
C VAL F 328 5.02 49.36 16.09
N VAL F 329 5.93 49.32 15.11
CA VAL F 329 5.92 50.35 14.09
C VAL F 329 4.72 50.20 13.16
N LYS F 330 4.27 48.96 12.91
CA LYS F 330 3.07 48.74 12.11
C LYS F 330 1.83 49.27 12.82
N LEU F 331 1.73 49.02 14.14
CA LEU F 331 0.59 49.53 14.90
C LEU F 331 0.65 51.04 15.04
N LEU F 332 1.86 51.61 15.14
CA LEU F 332 1.98 53.06 15.21
C LEU F 332 1.60 53.73 13.90
N THR F 333 1.98 53.13 12.77
CA THR F 333 1.56 53.64 11.47
C THR F 333 0.06 53.50 11.29
N CYS F 334 -0.52 52.39 11.77
CA CYS F 334 -1.97 52.20 11.70
C CYS F 334 -2.71 53.23 12.55
N MET F 335 -2.19 53.51 13.75
CA MET F 335 -2.81 54.52 14.62
C MET F 335 -2.70 55.91 14.02
N THR F 336 -1.52 56.27 13.49
CA THR F 336 -1.35 57.60 12.93
C THR F 336 -2.13 57.78 11.63
N ILE F 337 -2.37 56.71 10.88
CA ILE F 337 -3.18 56.84 9.67
C ILE F 337 -4.68 56.73 9.95
N GLY F 338 -5.08 56.06 11.04
CA GLY F 338 -6.48 55.98 11.40
C GLY F 338 -6.96 57.21 12.15
N PHE F 339 -6.05 57.86 12.89
CA PHE F 339 -6.37 59.11 13.54
C PHE F 339 -6.38 60.29 12.59
N LEU F 340 -5.82 60.12 11.38
CA LEU F 340 -5.82 61.16 10.37
C LEU F 340 -6.97 61.01 9.38
N PHE F 341 -8.06 60.39 9.81
CA PHE F 341 -9.28 60.26 9.02
C PHE F 341 -9.90 61.57 8.48
N PRO F 342 -10.01 62.70 9.22
CA PRO F 342 -10.73 63.84 8.61
C PRO F 342 -9.90 64.56 7.55
N MET F 343 -8.58 64.54 7.66
CA MET F 343 -7.78 64.90 6.51
C MET F 343 -7.65 63.69 5.58
N LEU F 344 -7.08 63.95 4.39
CA LEU F 344 -6.77 63.00 3.32
C LEU F 344 -7.98 62.54 2.52
N SER F 345 -9.18 62.99 2.89
CA SER F 345 -10.40 62.86 2.12
C SER F 345 -10.86 64.19 1.57
N ILE F 346 -10.76 65.26 2.36
CA ILE F 346 -10.95 66.61 1.82
C ILE F 346 -9.80 66.98 0.91
N ALA F 347 -8.60 66.43 1.17
CA ALA F 347 -7.47 66.63 0.27
C ALA F 347 -7.71 65.99 -1.09
N TYR F 348 -8.33 64.81 -1.10
CA TYR F 348 -8.76 64.21 -2.36
C TYR F 348 -9.82 65.03 -3.06
N LEU F 349 -10.71 65.67 -2.29
CA LEU F 349 -11.74 66.51 -2.88
C LEU F 349 -11.15 67.77 -3.50
N ILE F 350 -10.15 68.37 -2.85
CA ILE F 350 -9.62 69.65 -3.30
C ILE F 350 -8.47 69.52 -4.28
N SER F 351 -7.72 68.42 -4.24
CA SER F 351 -6.59 68.23 -5.14
C SER F 351 -6.32 66.75 -5.38
N PRO F 352 -7.10 66.12 -6.27
CA PRO F 352 -6.87 64.68 -6.54
C PRO F 352 -5.56 64.41 -7.26
N ARG F 353 -5.01 65.38 -7.98
CA ARG F 353 -3.76 65.20 -8.71
C ARG F 353 -2.53 65.56 -7.88
N SER F 354 -2.72 66.02 -6.64
CA SER F 354 -1.60 66.37 -5.78
C SER F 354 -0.96 65.11 -5.21
N ASN F 355 0.23 65.29 -4.62
CA ASN F 355 0.92 64.17 -3.98
C ASN F 355 0.17 63.66 -2.75
N LEU F 356 -0.44 64.57 -1.98
CA LEU F 356 -1.17 64.15 -0.79
C LEU F 356 -2.49 63.48 -1.14
N GLY F 357 -3.13 63.91 -2.23
CA GLY F 357 -4.41 63.33 -2.60
C GLY F 357 -4.29 61.95 -3.21
N LEU F 358 -3.11 61.61 -3.71
CA LEU F 358 -2.92 60.30 -4.35
C LEU F 358 -2.73 59.17 -3.35
N PHE F 359 -2.43 59.48 -2.09
CA PHE F 359 -2.23 58.45 -1.08
C PHE F 359 -3.52 57.79 -0.64
N ILE F 360 -4.66 58.43 -0.86
CA ILE F 360 -5.95 57.85 -0.48
C ILE F 360 -6.43 56.79 -1.48
N LYS F 361 -5.87 56.78 -2.69
CA LYS F 361 -6.32 55.84 -3.71
C LYS F 361 -5.79 54.44 -3.49
N LYS F 362 -4.78 54.26 -2.64
CA LYS F 362 -4.27 52.92 -2.35
C LYS F 362 -5.30 52.14 -1.53
N PRO F 363 -5.33 50.81 -1.69
CA PRO F 363 -6.39 50.02 -1.03
C PRO F 363 -6.24 49.93 0.48
N PHE F 364 -5.01 49.84 0.99
CA PHE F 364 -4.80 49.73 2.43
C PHE F 364 -5.20 51.01 3.14
N ILE F 365 -4.87 52.17 2.56
CA ILE F 365 -5.27 53.45 3.15
C ILE F 365 -6.78 53.62 3.08
N LYS F 366 -7.41 53.12 2.02
CA LYS F 366 -8.87 53.16 1.90
C LYS F 366 -9.54 52.31 2.97
N PHE F 367 -9.03 51.10 3.20
CA PHE F 367 -9.59 50.23 4.22
C PHE F 367 -9.37 50.78 5.63
N ILE F 368 -8.20 51.38 5.88
CA ILE F 368 -7.92 51.96 7.18
C ILE F 368 -8.79 53.18 7.42
N CYS F 369 -9.01 54.00 6.38
CA CYS F 369 -9.87 55.17 6.53
C CYS F 369 -11.32 54.78 6.75
N HIS F 370 -11.79 53.74 6.06
CA HIS F 370 -13.17 53.28 6.29
C HIS F 370 -13.34 52.68 7.68
N THR F 371 -12.33 51.93 8.16
CA THR F 371 -12.39 51.39 9.51
C THR F 371 -12.34 52.49 10.57
N ALA F 372 -11.53 53.54 10.32
CA ALA F 372 -11.48 54.67 11.24
C ALA F 372 -12.78 55.44 11.26
N SER F 373 -13.43 55.59 10.09
CA SER F 373 -14.72 56.27 10.03
C SER F 373 -15.80 55.48 10.75
N TYR F 374 -15.80 54.15 10.60
CA TYR F 374 -16.80 53.34 11.30
C TYR F 374 -16.55 53.32 12.81
N LEU F 375 -15.27 53.32 13.22
CA LEU F 375 -14.95 53.40 14.64
C LEU F 375 -15.35 54.75 15.22
N THR F 376 -15.18 55.82 14.44
CA THR F 376 -15.62 57.15 14.89
C THR F 376 -17.13 57.21 15.02
N PHE F 377 -17.85 56.57 14.09
CA PHE F 377 -19.31 56.52 14.18
C PHE F 377 -19.77 55.72 15.41
N LEU F 378 -19.09 54.61 15.69
CA LEU F 378 -19.42 53.82 16.88
C LEU F 378 -19.12 54.59 18.17
N PHE F 379 -17.99 55.29 18.21
CA PHE F 379 -17.64 56.10 19.39
C PHE F 379 -18.61 57.26 19.57
N MET F 380 -19.07 57.85 18.47
CA MET F 380 -20.08 58.89 18.57
C MET F 380 -21.42 58.35 19.06
N LEU F 381 -21.78 57.13 18.64
CA LEU F 381 -22.99 56.51 19.18
C LEU F 381 -22.85 56.18 20.66
N LEU F 382 -21.65 55.80 21.12
CA LEU F 382 -21.43 55.68 22.56
C LEU F 382 -21.57 57.03 23.26
N LEU F 383 -21.01 58.09 22.67
CA LEU F 383 -21.07 59.41 23.30
C LEU F 383 -22.47 60.00 23.31
N ALA F 384 -23.34 59.56 22.39
CA ALA F 384 -24.71 60.05 22.37
C ALA F 384 -25.55 59.57 23.54
N SER F 385 -25.14 58.50 24.24
CA SER F 385 -25.89 57.92 25.34
C SER F 385 -25.40 58.40 26.70
N GLN F 386 -24.92 59.63 26.79
CA GLN F 386 -24.39 60.18 28.03
C GLN F 386 -25.25 61.33 28.52
N HIS F 387 -25.15 61.62 29.81
CA HIS F 387 -25.92 62.69 30.45
C HIS F 387 -25.34 64.08 30.18
N ILE F 388 -24.14 64.16 29.61
CA ILE F 388 -23.54 65.46 29.32
C ILE F 388 -24.31 66.17 28.21
N VAL F 389 -24.80 65.41 27.23
CA VAL F 389 -25.50 65.98 26.09
C VAL F 389 -27.01 65.95 26.30
N ARG F 390 -27.54 64.85 26.81
CA ARG F 390 -28.98 64.70 26.96
C ARG F 390 -29.48 65.54 28.13
N THR F 391 -30.37 66.49 27.85
CA THR F 391 -30.95 67.34 28.88
C THR F 391 -32.42 67.60 28.55
N ASP F 392 -33.21 67.82 29.61
CA ASP F 392 -34.63 68.18 29.51
C ASP F 392 -35.44 67.07 28.83
N LEU F 393 -35.50 65.93 29.52
CA LEU F 393 -36.18 64.75 28.98
C LEU F 393 -37.71 64.85 29.03
N HIS F 394 -38.27 65.87 29.69
CA HIS F 394 -39.72 66.01 29.84
C HIS F 394 -40.36 66.81 28.73
N VAL F 395 -39.79 66.80 27.53
CA VAL F 395 -40.37 67.46 26.36
C VAL F 395 -40.97 66.38 25.46
N GLN F 396 -42.19 66.64 24.98
CA GLN F 396 -42.88 65.66 24.14
C GLN F 396 -42.20 65.51 22.79
N GLY F 397 -42.16 66.59 22.01
CA GLY F 397 -41.37 66.61 20.80
C GLY F 397 -40.08 67.39 21.03
N PRO F 398 -38.99 66.68 21.26
CA PRO F 398 -37.72 67.34 21.54
C PRO F 398 -36.98 67.66 20.27
N PRO F 399 -36.35 68.84 20.19
CA PRO F 399 -35.46 69.11 19.05
C PRO F 399 -34.24 68.23 19.11
N PRO F 400 -33.62 67.93 17.97
CA PRO F 400 -32.43 67.08 17.98
C PRO F 400 -31.24 67.80 18.60
N THR F 401 -30.53 67.09 19.47
CA THR F 401 -29.33 67.64 20.07
C THR F 401 -28.23 67.71 19.02
N VAL F 402 -27.16 68.44 19.37
CA VAL F 402 -26.06 68.72 18.44
C VAL F 402 -25.30 67.46 18.06
N VAL F 403 -25.28 66.46 18.96
CA VAL F 403 -24.71 65.15 18.63
C VAL F 403 -25.53 64.49 17.53
N GLU F 404 -26.86 64.60 17.59
CA GLU F 404 -27.70 64.04 16.53
C GLU F 404 -27.53 64.81 15.23
N TRP F 405 -27.36 66.13 15.31
CA TRP F 405 -27.12 66.96 14.13
C TRP F 405 -25.81 66.58 13.45
N MET F 406 -24.79 66.20 14.22
CA MET F 406 -23.55 65.74 13.59
C MET F 406 -23.64 64.27 13.14
N ILE F 407 -24.40 63.42 13.83
CA ILE F 407 -24.53 62.02 13.43
C ILE F 407 -25.31 61.88 12.12
N LEU F 408 -26.22 62.82 11.85
CA LEU F 408 -27.04 62.79 10.63
C LEU F 408 -26.27 62.77 9.30
N PRO F 409 -25.16 63.51 9.11
CA PRO F 409 -24.36 63.33 7.89
C PRO F 409 -23.77 61.93 7.71
N TRP F 410 -23.41 61.24 8.80
CA TRP F 410 -22.94 59.85 8.66
C TRP F 410 -24.05 58.92 8.19
N VAL F 411 -25.27 59.11 8.68
CA VAL F 411 -26.39 58.30 8.24
C VAL F 411 -26.73 58.58 6.78
N LEU F 412 -26.66 59.86 6.38
CA LEU F 412 -26.88 60.21 4.97
C LEU F 412 -25.79 59.64 4.07
N GLY F 413 -24.54 59.65 4.52
CA GLY F 413 -23.46 59.05 3.75
C GLY F 413 -23.60 57.55 3.62
N PHE F 414 -24.05 56.88 4.69
CA PHE F 414 -24.33 55.45 4.63
C PHE F 414 -25.46 55.14 3.66
N ILE F 415 -26.50 55.97 3.66
CA ILE F 415 -27.62 55.80 2.72
C ILE F 415 -27.16 55.97 1.27
N TRP F 416 -26.34 57.01 1.02
CA TRP F 416 -25.84 57.25 -0.33
C TRP F 416 -24.90 56.15 -0.78
N GLY F 417 -24.06 55.64 0.13
CA GLY F 417 -23.18 54.54 -0.21
C GLY F 417 -23.91 53.24 -0.49
N GLU F 418 -24.95 52.94 0.30
CA GLU F 418 -25.74 51.74 0.04
C GLU F 418 -26.53 51.83 -1.26
N ILE F 419 -27.09 53.00 -1.58
CA ILE F 419 -27.82 53.14 -2.84
C ILE F 419 -26.86 53.10 -4.03
N LYS F 420 -25.66 53.66 -3.87
CA LYS F 420 -24.64 53.58 -4.91
C LYS F 420 -24.19 52.14 -5.13
N GLU F 421 -24.05 51.38 -4.05
CA GLU F 421 -23.75 49.96 -4.18
C GLU F 421 -24.90 49.19 -4.82
N MET F 422 -26.14 49.62 -4.60
CA MET F 422 -27.26 48.99 -5.29
C MET F 422 -27.20 49.27 -6.78
N TRP F 423 -26.87 50.50 -7.17
CA TRP F 423 -26.88 50.83 -8.59
C TRP F 423 -25.69 50.18 -9.30
N ASP F 424 -24.47 50.47 -8.86
CA ASP F 424 -23.29 49.87 -9.47
C ASP F 424 -23.19 48.40 -9.08
N GLY F 425 -22.92 47.55 -10.08
CA GLY F 425 -22.83 46.13 -9.89
C GLY F 425 -24.11 45.36 -10.19
N GLY F 426 -25.25 46.03 -10.13
CA GLY F 426 -26.52 45.41 -10.45
C GLY F 426 -27.29 44.97 -9.22
N PHE F 427 -28.61 44.90 -9.37
CA PHE F 427 -29.46 44.39 -8.30
C PHE F 427 -29.33 42.87 -8.14
N THR F 428 -28.91 42.16 -9.18
CA THR F 428 -28.72 40.71 -9.07
C THR F 428 -27.45 40.33 -8.32
N GLU F 429 -26.48 41.25 -8.20
CA GLU F 429 -25.27 41.01 -7.45
C GLU F 429 -25.30 41.62 -6.06
N TYR F 430 -26.18 42.60 -5.81
CA TYR F 430 -26.24 43.24 -4.51
C TYR F 430 -26.80 42.30 -3.44
N ILE F 431 -27.63 41.33 -3.84
CA ILE F 431 -28.31 40.46 -2.88
C ILE F 431 -27.51 39.21 -2.54
N HIS F 432 -26.43 38.92 -3.25
CA HIS F 432 -25.65 37.71 -2.99
C HIS F 432 -24.57 37.91 -1.92
N ASP F 433 -24.35 39.14 -1.46
CA ASP F 433 -23.33 39.38 -0.46
C ASP F 433 -23.72 38.80 0.90
N TRP F 434 -25.00 38.92 1.29
CA TRP F 434 -25.62 38.51 2.55
C TRP F 434 -25.29 39.42 3.73
N TRP F 435 -24.42 40.41 3.55
CA TRP F 435 -24.21 41.44 4.56
C TRP F 435 -25.07 42.67 4.30
N ASN F 436 -25.67 42.75 3.10
CA ASN F 436 -26.49 43.89 2.73
C ASN F 436 -27.85 43.87 3.39
N LEU F 437 -28.27 42.73 3.93
CA LEU F 437 -29.54 42.66 4.65
C LEU F 437 -29.47 43.45 5.95
N MET F 438 -28.34 43.37 6.66
CA MET F 438 -28.16 44.18 7.86
C MET F 438 -28.05 45.66 7.52
N ASP F 439 -27.41 45.99 6.40
CA ASP F 439 -27.33 47.38 5.97
C ASP F 439 -28.71 47.93 5.60
N PHE F 440 -29.53 47.12 4.91
CA PHE F 440 -30.90 47.51 4.59
C PHE F 440 -31.74 47.70 5.85
N ALA F 441 -31.56 46.81 6.82
CA ALA F 441 -32.27 46.92 8.08
C ALA F 441 -31.84 48.15 8.87
N MET F 442 -30.53 48.44 8.91
CA MET F 442 -30.01 49.63 9.57
C MET F 442 -30.50 50.92 8.92
N ASN F 443 -30.54 50.94 7.58
CA ASN F 443 -31.04 52.12 6.88
C ASN F 443 -32.52 52.32 7.10
N SER F 444 -33.30 51.23 7.11
CA SER F 444 -34.72 51.30 7.43
C SER F 444 -34.96 51.79 8.84
N LEU F 445 -34.14 51.34 9.81
CA LEU F 445 -34.29 51.80 11.18
C LEU F 445 -33.94 53.27 11.32
N TYR F 446 -32.90 53.72 10.62
CA TYR F 446 -32.52 55.13 10.66
C TYR F 446 -33.57 56.02 10.01
N LEU F 447 -34.15 55.56 8.89
CA LEU F 447 -35.23 56.31 8.23
C LEU F 447 -36.47 56.37 9.11
N ALA F 448 -36.81 55.26 9.78
CA ALA F 448 -37.96 55.24 10.67
C ALA F 448 -37.77 56.13 11.88
N THR F 449 -36.58 56.12 12.49
CA THR F 449 -36.35 56.97 13.64
C THR F 449 -36.27 58.45 13.25
N ILE F 450 -35.74 58.76 12.06
CA ILE F 450 -35.71 60.15 11.60
C ILE F 450 -37.13 60.64 11.31
N SER F 451 -37.97 59.80 10.70
CA SER F 451 -39.34 60.19 10.42
C SER F 451 -40.15 60.35 11.71
N LEU F 452 -39.93 59.48 12.70
CA LEU F 452 -40.60 59.60 13.98
C LEU F 452 -40.17 60.85 14.73
N LYS F 453 -38.86 61.17 14.66
CA LYS F 453 -38.36 62.38 15.31
C LYS F 453 -38.92 63.64 14.65
N ILE F 454 -38.99 63.67 13.31
CA ILE F 454 -39.47 64.87 12.64
C ILE F 454 -40.98 65.03 12.85
N VAL F 455 -41.73 63.93 12.87
CA VAL F 455 -43.18 64.04 13.11
C VAL F 455 -43.45 64.46 14.56
N ALA F 456 -42.65 63.96 15.51
CA ALA F 456 -42.81 64.37 16.89
C ALA F 456 -42.42 65.83 17.10
N TYR F 457 -41.43 66.32 16.36
CA TYR F 457 -41.10 67.73 16.40
C TYR F 457 -42.22 68.58 15.81
N VAL F 458 -42.78 68.14 14.68
CA VAL F 458 -43.73 68.99 13.96
C VAL F 458 -45.09 69.06 14.66
N LYS F 459 -45.60 67.95 15.21
CA LYS F 459 -46.98 68.02 15.71
C LYS F 459 -47.17 67.52 17.13
N TYR F 460 -46.12 67.38 17.93
CA TYR F 460 -46.27 67.02 19.33
C TYR F 460 -45.68 68.08 20.26
N ASN F 461 -46.02 69.35 20.01
CA ASN F 461 -45.47 70.44 20.79
C ASN F 461 -46.03 70.41 22.22
N GLY F 462 -45.15 70.52 23.19
CA GLY F 462 -45.54 70.48 24.58
C GLY F 462 -44.40 70.00 25.45
N SER F 463 -44.67 69.98 26.76
CA SER F 463 -43.68 69.57 27.75
C SER F 463 -44.32 68.66 28.79
N ARG F 464 -45.12 67.70 28.34
CA ARG F 464 -45.77 66.79 29.27
C ARG F 464 -44.75 65.84 29.89
N PRO F 465 -44.89 65.54 31.19
CA PRO F 465 -43.94 64.61 31.84
C PRO F 465 -44.06 63.20 31.30
N ARG F 466 -42.92 62.49 31.34
CA ARG F 466 -42.81 61.19 30.70
C ARG F 466 -43.64 60.10 31.40
N GLU F 467 -44.02 60.30 32.66
CA GLU F 467 -44.73 59.28 33.40
C GLU F 467 -46.16 59.06 32.89
N GLU F 468 -46.74 60.05 32.21
CA GLU F 468 -48.10 59.97 31.71
C GLU F 468 -48.16 60.01 30.18
N TRP F 469 -47.13 59.49 29.52
CA TRP F 469 -47.13 59.45 28.07
C TRP F 469 -47.91 58.24 27.56
N GLU F 470 -48.38 58.35 26.32
CA GLU F 470 -49.03 57.24 25.65
C GLU F 470 -48.04 56.11 25.41
N MET F 471 -48.54 54.87 25.47
CA MET F 471 -47.69 53.71 25.21
C MET F 471 -47.23 53.69 23.76
N TRP F 472 -48.12 54.06 22.83
CA TRP F 472 -47.75 54.25 21.43
C TRP F 472 -47.27 55.66 21.13
N HIS F 473 -46.32 56.17 21.90
CA HIS F 473 -45.74 57.47 21.59
C HIS F 473 -44.64 57.30 20.55
N PRO F 474 -44.65 58.09 19.47
CA PRO F 474 -43.59 57.96 18.44
C PRO F 474 -42.19 58.31 18.93
N THR F 475 -42.05 59.09 20.00
CA THR F 475 -40.73 59.35 20.56
C THR F 475 -40.11 58.09 21.14
N LEU F 476 -40.91 57.31 21.89
CA LEU F 476 -40.43 56.07 22.47
C LEU F 476 -40.13 55.03 21.39
N ILE F 477 -40.96 54.97 20.35
CA ILE F 477 -40.75 54.04 19.25
C ILE F 477 -39.50 54.43 18.46
N ALA F 478 -39.29 55.73 18.26
CA ALA F 478 -38.09 56.22 17.61
C ALA F 478 -36.84 55.89 18.41
N GLU F 479 -36.91 56.00 19.74
CA GLU F 479 -35.75 55.65 20.55
C GLU F 479 -35.50 54.14 20.55
N ALA F 480 -36.55 53.33 20.53
CA ALA F 480 -36.38 51.88 20.47
C ALA F 480 -35.75 51.46 19.14
N LEU F 481 -36.20 52.06 18.05
CA LEU F 481 -35.59 51.79 16.75
C LEU F 481 -34.16 52.31 16.68
N PHE F 482 -33.89 53.44 17.34
CA PHE F 482 -32.52 53.95 17.42
C PHE F 482 -31.60 53.01 18.18
N ALA F 483 -32.10 52.43 19.28
CA ALA F 483 -31.31 51.48 20.05
C ALA F 483 -31.04 50.19 19.26
N ILE F 484 -32.05 49.71 18.51
CA ILE F 484 -31.86 48.51 17.70
C ILE F 484 -30.89 48.80 16.55
N SER F 485 -30.96 49.99 15.96
CA SER F 485 -30.01 50.38 14.93
C SER F 485 -28.61 50.54 15.50
N ASN F 486 -28.48 51.00 16.75
CA ASN F 486 -27.18 51.11 17.37
C ASN F 486 -26.58 49.73 17.62
N ILE F 487 -27.43 48.76 18.00
CA ILE F 487 -26.98 47.38 18.16
C ILE F 487 -26.51 46.79 16.83
N LEU F 488 -27.26 47.05 15.76
CA LEU F 488 -26.87 46.55 14.44
C LEU F 488 -25.59 47.22 13.94
N SER F 489 -25.43 48.51 14.22
CA SER F 489 -24.21 49.21 13.84
C SER F 489 -22.99 48.70 14.60
N SER F 490 -23.17 48.37 15.89
CA SER F 490 -22.07 47.82 16.65
C SER F 490 -21.75 46.39 16.25
N LEU F 491 -22.77 45.60 15.88
CA LEU F 491 -22.57 44.23 15.43
C LEU F 491 -22.14 44.14 13.97
N ARG F 492 -22.10 45.27 13.25
CA ARG F 492 -21.58 45.29 11.89
C ARG F 492 -20.06 45.07 11.80
N LEU F 493 -19.33 45.19 12.92
CA LEU F 493 -17.88 45.06 12.94
C LEU F 493 -17.38 43.63 12.76
N ILE F 494 -18.26 42.63 12.75
CA ILE F 494 -17.84 41.25 12.57
C ILE F 494 -17.29 41.01 11.17
N SER F 495 -17.76 41.78 10.18
CA SER F 495 -17.34 41.62 8.80
C SER F 495 -15.88 42.01 8.55
N LEU F 496 -15.25 42.77 9.45
CA LEU F 496 -13.86 43.16 9.31
C LEU F 496 -12.89 42.10 9.82
N PHE F 497 -13.38 40.95 10.28
CA PHE F 497 -12.54 39.90 10.82
C PHE F 497 -11.70 39.18 9.76
N THR F 498 -12.07 39.31 8.48
CA THR F 498 -11.27 38.71 7.42
C THR F 498 -9.91 39.36 7.26
N ALA F 499 -9.78 40.64 7.65
CA ALA F 499 -8.51 41.35 7.52
C ALA F 499 -7.43 40.76 8.42
N ASN F 500 -7.79 40.34 9.62
CA ASN F 500 -6.83 39.72 10.52
C ASN F 500 -6.57 38.27 10.08
N SER F 501 -5.45 37.74 10.54
CA SER F 501 -5.05 36.38 10.21
C SER F 501 -5.49 35.35 11.24
N HIS F 502 -6.19 35.77 12.30
CA HIS F 502 -6.62 34.87 13.35
C HIS F 502 -8.13 34.78 13.53
N LEU F 503 -8.88 35.81 13.12
CA LEU F 503 -10.32 35.88 13.35
C LEU F 503 -11.13 35.51 12.11
N GLY F 504 -10.47 35.13 11.01
CA GLY F 504 -11.14 34.78 9.78
C GLY F 504 -11.76 33.38 9.77
N PRO F 505 -10.92 32.35 9.95
CA PRO F 505 -11.46 30.98 10.06
C PRO F 505 -12.40 30.76 11.24
N LEU F 506 -12.22 31.53 12.32
CA LEU F 506 -13.15 31.50 13.45
C LEU F 506 -14.55 31.92 13.02
N GLN F 507 -14.67 33.01 12.26
CA GLN F 507 -16.00 33.39 11.80
C GLN F 507 -16.48 32.55 10.64
N ILE F 508 -15.59 31.89 9.89
CA ILE F 508 -16.05 30.93 8.88
C ILE F 508 -16.72 29.74 9.55
N SER F 509 -16.09 29.21 10.61
CA SER F 509 -16.70 28.15 11.41
C SER F 509 -17.97 28.63 12.09
N LEU F 510 -17.99 29.91 12.50
CA LEU F 510 -19.20 30.51 13.06
C LEU F 510 -20.32 30.57 12.03
N GLY F 511 -19.98 30.87 10.78
CA GLY F 511 -20.99 30.92 9.73
C GLY F 511 -21.58 29.55 9.41
N ARG F 512 -20.75 28.51 9.41
CA ARG F 512 -21.29 27.16 9.21
C ARG F 512 -22.13 26.71 10.41
N MET F 513 -21.65 26.99 11.63
CA MET F 513 -22.39 26.61 12.82
C MET F 513 -23.67 27.43 13.00
N LEU F 514 -23.76 28.63 12.40
CA LEU F 514 -25.01 29.38 12.43
C LEU F 514 -26.09 28.69 11.60
N LEU F 515 -25.72 28.13 10.45
CA LEU F 515 -26.65 27.35 9.65
C LEU F 515 -27.09 26.10 10.39
N ASP F 516 -26.15 25.45 11.09
CA ASP F 516 -26.52 24.30 11.93
C ASP F 516 -27.43 24.71 13.09
N ILE F 517 -27.22 25.92 13.64
CA ILE F 517 -28.08 26.43 14.69
C ILE F 517 -29.48 26.71 14.15
N LEU F 518 -29.59 27.17 12.90
CA LEU F 518 -30.91 27.37 12.29
C LEU F 518 -31.63 26.04 12.10
N LYS F 519 -30.89 25.01 11.65
CA LYS F 519 -31.46 23.68 11.50
C LYS F 519 -31.91 23.10 12.84
N PHE F 520 -31.22 23.44 13.92
CA PHE F 520 -31.69 23.07 15.26
C PHE F 520 -32.92 23.89 15.67
N LEU F 521 -32.91 25.19 15.40
CA LEU F 521 -33.94 26.09 15.90
C LEU F 521 -35.28 25.86 15.23
N PHE F 522 -35.31 25.25 14.04
CA PHE F 522 -36.59 24.83 13.45
C PHE F 522 -37.31 23.80 14.34
N ILE F 523 -36.61 22.74 14.73
CA ILE F 523 -37.19 21.71 15.59
C ILE F 523 -37.49 22.26 16.97
N TYR F 524 -36.63 23.17 17.47
CA TYR F 524 -36.89 23.81 18.75
C TYR F 524 -38.14 24.68 18.70
N CYS F 525 -38.35 25.41 17.60
CA CYS F 525 -39.55 26.23 17.46
C CYS F 525 -40.81 25.38 17.41
N LEU F 526 -40.73 24.22 16.75
CA LEU F 526 -41.87 23.30 16.70
C LEU F 526 -42.21 22.76 18.09
N VAL F 527 -41.19 22.35 18.85
CA VAL F 527 -41.42 21.81 20.20
C VAL F 527 -41.93 22.90 21.14
N LEU F 528 -41.40 24.12 20.99
CA LEU F 528 -41.84 25.25 21.80
C LEU F 528 -43.28 25.63 21.52
N LEU F 529 -43.67 25.59 20.24
CA LEU F 529 -45.06 25.90 19.87
C LEU F 529 -46.02 24.85 20.42
N ALA F 530 -45.63 23.57 20.36
CA ALA F 530 -46.47 22.50 20.89
C ALA F 530 -46.66 22.61 22.40
N PHE F 531 -45.57 22.81 23.14
CA PHE F 531 -45.69 22.91 24.59
C PHE F 531 -46.37 24.19 25.03
N ALA F 532 -46.17 25.30 24.29
CA ALA F 532 -46.87 26.54 24.60
C ALA F 532 -48.37 26.41 24.35
N ASN F 533 -48.76 25.71 23.28
CA ASN F 533 -50.18 25.46 23.02
C ASN F 533 -50.82 24.63 24.13
N GLY F 534 -50.12 23.58 24.58
CA GLY F 534 -50.64 22.76 25.66
C GLY F 534 -50.76 23.51 26.98
N LEU F 535 -49.73 24.29 27.31
CA LEU F 535 -49.75 25.04 28.57
C LEU F 535 -50.80 26.14 28.56
N ASN F 536 -50.98 26.83 27.44
CA ASN F 536 -52.01 27.87 27.37
C ASN F 536 -53.41 27.27 27.42
N GLN F 537 -53.63 26.14 26.73
CA GLN F 537 -54.92 25.47 26.77
C GLN F 537 -55.25 24.94 28.16
N LEU F 538 -54.22 24.54 28.92
CA LEU F 538 -54.49 24.10 30.28
C LEU F 538 -54.74 25.28 31.23
N TYR F 539 -53.96 26.36 31.10
CA TYR F 539 -53.93 27.39 32.14
C TYR F 539 -54.68 28.68 31.83
N PHE F 540 -55.38 28.80 30.70
CA PHE F 540 -55.92 30.13 30.43
C PHE F 540 -57.25 30.40 31.11
N TYR F 541 -57.83 29.47 31.87
CA TYR F 541 -59.04 29.78 32.64
C TYR F 541 -58.72 30.57 33.90
N TYR F 542 -57.52 30.39 34.45
CA TYR F 542 -57.15 31.01 35.71
C TYR F 542 -56.48 32.37 35.53
N GLU F 543 -56.79 33.09 34.45
CA GLU F 543 -56.24 34.41 34.25
C GLU F 543 -56.82 35.39 35.27
N THR F 544 -55.98 36.27 35.80
CA THR F 544 -56.38 37.27 36.77
C THR F 544 -56.06 38.67 36.24
N ARG F 545 -56.82 39.64 36.75
CA ARG F 545 -56.64 41.02 36.34
C ARG F 545 -55.45 41.64 37.07
N ALA F 546 -54.93 42.73 36.50
CA ALA F 546 -53.78 43.41 37.08
C ALA F 546 -54.13 44.12 38.38
N ILE F 547 -55.39 44.51 38.58
CA ILE F 547 -55.77 45.21 39.80
C ILE F 547 -55.72 44.28 41.00
N ASP F 548 -56.16 43.03 40.82
CA ASP F 548 -56.17 42.08 41.93
C ASP F 548 -54.76 41.68 42.35
N GLU F 549 -53.85 41.53 41.40
CA GLU F 549 -52.48 41.13 41.72
C GLU F 549 -51.72 42.28 42.36
N PRO F 550 -50.67 41.97 43.14
CA PRO F 550 -49.89 43.03 43.79
C PRO F 550 -49.12 43.86 42.79
N ASN F 551 -49.02 45.16 43.10
CA ASN F 551 -48.21 46.16 42.39
C ASN F 551 -48.77 46.55 41.03
N ASN F 552 -49.99 46.08 40.68
CA ASN F 552 -50.68 46.47 39.44
C ASN F 552 -49.93 46.05 38.18
N CYS F 553 -49.26 44.90 38.24
CA CYS F 553 -48.53 44.39 37.09
C CYS F 553 -49.00 42.97 36.80
N LYS F 554 -48.86 42.57 35.53
CA LYS F 554 -49.33 41.27 35.09
C LYS F 554 -48.34 40.73 34.06
N GLY F 555 -47.67 39.65 34.40
CA GLY F 555 -46.71 39.04 33.50
C GLY F 555 -45.57 38.41 34.28
N ILE F 556 -44.61 37.89 33.52
CA ILE F 556 -43.42 37.26 34.10
C ILE F 556 -42.33 38.27 34.41
N ARG F 557 -42.56 39.56 34.16
CA ARG F 557 -41.58 40.60 34.38
C ARG F 557 -41.87 41.43 35.64
N CYS F 558 -42.44 40.81 36.67
CA CYS F 558 -42.72 41.45 37.94
C CYS F 558 -41.72 40.99 38.99
N GLU F 559 -41.77 41.63 40.15
CA GLU F 559 -41.00 41.16 41.29
C GLU F 559 -41.50 39.80 41.76
N LYS F 560 -42.81 39.66 41.94
CA LYS F 560 -43.45 38.38 42.14
C LYS F 560 -44.00 37.94 40.79
N GLN F 561 -43.62 36.75 40.35
CA GLN F 561 -43.96 36.28 39.00
C GLN F 561 -45.44 35.97 38.92
N ASN F 562 -46.15 36.71 38.08
CA ASN F 562 -47.60 36.60 37.92
C ASN F 562 -47.95 35.43 37.03
N ASN F 563 -49.20 35.41 36.54
CA ASN F 563 -49.69 34.36 35.65
C ASN F 563 -48.88 34.29 34.36
N ALA F 564 -48.15 33.18 34.18
CA ALA F 564 -47.24 33.01 33.07
C ALA F 564 -47.83 32.21 31.92
N PHE F 565 -48.98 31.57 32.12
CA PHE F 565 -49.60 30.74 31.08
C PHE F 565 -51.04 31.18 30.82
N SER F 566 -51.31 32.48 30.90
CA SER F 566 -52.65 33.00 30.71
C SER F 566 -52.98 33.27 29.24
N THR F 567 -51.99 33.60 28.43
CA THR F 567 -52.19 33.85 27.02
C THR F 567 -51.13 33.10 26.21
N LEU F 568 -51.36 33.03 24.90
CA LEU F 568 -50.41 32.34 24.02
C LEU F 568 -49.08 33.07 23.95
N PHE F 569 -49.11 34.40 23.86
CA PHE F 569 -47.89 35.18 23.85
C PHE F 569 -47.16 35.10 25.17
N GLU F 570 -47.89 35.19 26.29
CA GLU F 570 -47.28 35.07 27.61
C GLU F 570 -46.75 33.66 27.84
N THR F 571 -47.47 32.65 27.36
CA THR F 571 -46.99 31.27 27.47
C THR F 571 -45.73 31.06 26.65
N LEU F 572 -45.66 31.65 25.45
CA LEU F 572 -44.46 31.55 24.63
C LEU F 572 -43.27 32.24 25.27
N GLN F 573 -43.50 33.43 25.86
CA GLN F 573 -42.43 34.14 26.56
C GLN F 573 -41.96 33.37 27.79
N SER F 574 -42.89 32.78 28.53
CA SER F 574 -42.53 32.03 29.74
C SER F 574 -41.78 30.75 29.39
N LEU F 575 -42.20 30.04 28.35
CA LEU F 575 -41.46 28.86 27.92
C LEU F 575 -40.11 29.22 27.31
N PHE F 576 -39.99 30.40 26.70
CA PHE F 576 -38.69 30.84 26.22
C PHE F 576 -37.74 31.14 27.38
N TRP F 577 -38.24 31.84 28.40
CA TRP F 577 -37.38 32.26 29.50
C TRP F 577 -37.03 31.12 30.45
N SER F 578 -37.74 29.98 30.37
CA SER F 578 -37.44 28.85 31.23
C SER F 578 -36.16 28.13 30.84
N VAL F 579 -35.67 28.34 29.62
CA VAL F 579 -34.44 27.67 29.18
C VAL F 579 -33.24 28.22 29.94
N PHE F 580 -33.22 29.52 30.21
CA PHE F 580 -32.13 30.14 30.95
C PHE F 580 -32.37 30.15 32.45
N GLY F 581 -33.45 29.53 32.92
CA GLY F 581 -33.72 29.41 34.34
C GLY F 581 -34.25 30.66 35.01
N LEU F 582 -34.65 31.66 34.24
CA LEU F 582 -35.16 32.90 34.81
C LEU F 582 -36.64 32.82 35.19
N LEU F 583 -37.30 31.71 34.90
CA LEU F 583 -38.70 31.50 35.28
C LEU F 583 -38.74 30.61 36.51
N ASN F 584 -39.38 31.08 37.57
CA ASN F 584 -39.43 30.35 38.82
C ASN F 584 -40.43 29.19 38.73
N LEU F 585 -40.54 28.43 39.81
CA LEU F 585 -41.38 27.24 39.83
C LEU F 585 -42.80 27.50 40.32
N TYR F 586 -43.05 28.64 40.95
CA TYR F 586 -44.39 28.90 41.49
C TYR F 586 -45.35 29.50 40.48
N VAL F 587 -44.93 29.62 39.21
CA VAL F 587 -45.84 30.09 38.16
C VAL F 587 -46.90 29.06 37.79
N THR F 588 -46.67 27.79 38.12
CA THR F 588 -47.62 26.72 37.82
C THR F 588 -48.64 26.53 38.94
N ASN F 589 -48.65 27.40 39.94
CA ASN F 589 -49.57 27.31 41.05
C ASN F 589 -50.74 28.26 40.84
N VAL F 590 -51.95 27.78 41.10
CA VAL F 590 -53.16 28.56 40.92
C VAL F 590 -53.67 28.99 42.28
N LYS F 591 -54.67 29.88 42.27
CA LYS F 591 -55.23 30.39 43.51
C LYS F 591 -56.01 29.31 44.25
N ALA F 592 -56.88 28.59 43.54
CA ALA F 592 -57.63 27.51 44.15
C ALA F 592 -56.74 26.29 44.36
N ARG F 593 -57.25 25.34 45.14
CA ARG F 593 -56.49 24.13 45.47
C ARG F 593 -56.87 23.01 44.51
N HIS F 594 -56.56 23.23 43.24
CA HIS F 594 -56.72 22.21 42.20
C HIS F 594 -55.39 21.49 42.07
N GLU F 595 -55.20 20.46 42.89
CA GLU F 595 -53.90 19.80 42.95
C GLU F 595 -53.62 18.98 41.69
N PHE F 596 -54.66 18.40 41.09
CA PHE F 596 -54.45 17.58 39.90
C PHE F 596 -54.03 18.42 38.69
N THR F 597 -54.69 19.57 38.50
CA THR F 597 -54.33 20.47 37.40
C THR F 597 -52.94 21.05 37.60
N GLU F 598 -52.58 21.40 38.85
CA GLU F 598 -51.25 21.91 39.15
C GLU F 598 -50.19 20.83 38.91
N PHE F 599 -50.47 19.59 39.29
CA PHE F 599 -49.53 18.50 39.07
C PHE F 599 -49.36 18.19 37.58
N VAL F 600 -50.46 18.27 36.81
CA VAL F 600 -50.38 18.03 35.37
C VAL F 600 -49.59 19.14 34.69
N GLY F 601 -49.80 20.39 35.10
CA GLY F 601 -49.03 21.50 34.54
C GLY F 601 -47.56 21.44 34.93
N ALA F 602 -47.28 21.00 36.16
CA ALA F 602 -45.89 20.83 36.58
C ALA F 602 -45.21 19.70 35.81
N THR F 603 -45.94 18.63 35.52
CA THR F 603 -45.40 17.56 34.69
C THR F 603 -45.14 18.02 33.28
N MET F 604 -46.04 18.86 32.74
CA MET F 604 -45.88 19.45 31.42
C MET F 604 -44.64 20.34 31.34
N PHE F 605 -44.48 21.22 32.33
CA PHE F 605 -43.33 22.11 32.38
C PHE F 605 -42.04 21.34 32.59
N GLY F 606 -42.08 20.30 33.41
CA GLY F 606 -40.90 19.47 33.62
C GLY F 606 -40.50 18.69 32.39
N THR F 607 -41.48 18.18 31.63
CA THR F 607 -41.18 17.47 30.39
C THR F 607 -40.58 18.41 29.34
N TYR F 608 -41.11 19.64 29.25
CA TYR F 608 -40.53 20.63 28.34
C TYR F 608 -39.11 21.01 28.76
N ASN F 609 -38.87 21.15 30.07
CA ASN F 609 -37.54 21.47 30.56
C ASN F 609 -36.55 20.34 30.29
N VAL F 610 -36.99 19.09 30.48
CA VAL F 610 -36.12 17.93 30.25
C VAL F 610 -35.75 17.81 28.77
N ILE F 611 -36.73 18.06 27.88
CA ILE F 611 -36.47 18.04 26.44
C ILE F 611 -35.49 19.15 26.06
N SER F 612 -35.87 20.41 26.30
CA SER F 612 -35.09 21.56 25.85
C SER F 612 -33.76 21.75 26.59
N LEU F 613 -33.52 21.04 27.70
CA LEU F 613 -32.25 21.16 28.40
C LEU F 613 -31.45 19.87 28.50
N VAL F 614 -31.98 18.73 28.05
CA VAL F 614 -31.20 17.50 28.15
C VAL F 614 -31.01 16.87 26.78
N VAL F 615 -31.95 17.07 25.86
CA VAL F 615 -31.84 16.38 24.57
C VAL F 615 -31.39 17.39 23.53
N LEU F 616 -32.14 18.49 23.41
CA LEU F 616 -31.99 19.38 22.27
C LEU F 616 -30.68 20.16 22.30
N LEU F 617 -30.34 20.75 23.45
CA LEU F 617 -29.13 21.57 23.55
C LEU F 617 -27.86 20.72 23.41
N ASN F 618 -27.87 19.53 24.01
CA ASN F 618 -26.71 18.64 23.87
C ASN F 618 -26.59 18.11 22.45
N MET F 619 -27.72 17.87 21.78
CA MET F 619 -27.68 17.47 20.37
C MET F 619 -27.16 18.60 19.49
N LEU F 620 -27.51 19.84 19.82
CA LEU F 620 -26.97 20.99 19.10
C LEU F 620 -25.46 21.12 19.31
N ILE F 621 -25.00 20.84 20.53
CA ILE F 621 -23.56 20.84 20.84
C ILE F 621 -22.84 19.78 20.02
N ALA F 622 -23.42 18.58 19.94
CA ALA F 622 -22.84 17.49 19.17
C ALA F 622 -22.80 17.81 17.68
N MET F 623 -23.87 18.43 17.15
CA MET F 623 -23.91 18.78 15.74
C MET F 623 -22.87 19.83 15.39
N MET F 624 -22.76 20.88 16.21
CA MET F 624 -21.80 21.92 15.86
C MET F 624 -20.38 21.47 16.12
N ASN F 625 -20.21 20.49 17.01
CA ASN F 625 -18.87 19.92 17.23
C ASN F 625 -18.46 19.16 15.98
N ASN F 626 -19.35 18.32 15.47
CA ASN F 626 -18.97 17.50 14.29
C ASN F 626 -18.68 18.47 13.16
N SER F 627 -19.49 19.50 13.04
CA SER F 627 -19.32 20.42 11.90
C SER F 627 -17.94 21.08 11.96
N TYR F 628 -17.51 21.45 13.15
CA TYR F 628 -16.22 22.17 13.26
C TYR F 628 -15.12 21.25 12.76
N GLN F 629 -15.19 19.97 13.10
CA GLN F 629 -14.04 19.12 12.70
C GLN F 629 -13.96 19.11 11.17
N LEU F 630 -15.10 19.00 10.50
CA LEU F 630 -15.11 19.04 9.01
C LEU F 630 -14.64 20.39 8.51
N ILE F 631 -15.09 21.46 9.16
CA ILE F 631 -14.78 22.85 8.71
C ILE F 631 -13.28 23.15 8.81
N ALA F 632 -12.59 22.64 9.83
CA ALA F 632 -11.20 23.07 10.08
C ALA F 632 -10.26 22.79 8.91
N ASP F 633 -10.37 21.64 8.24
CA ASP F 633 -9.37 21.36 7.18
C ASP F 633 -9.49 22.44 6.10
N HIS F 634 -10.70 22.83 5.75
CA HIS F 634 -10.91 23.78 4.65
C HIS F 634 -10.94 25.21 5.19
N ALA F 635 -10.74 25.40 6.48
CA ALA F 635 -10.95 26.76 7.03
C ALA F 635 -10.03 27.76 6.34
N ASP F 636 -8.77 27.41 6.09
CA ASP F 636 -7.87 28.44 5.50
C ASP F 636 -8.35 28.81 4.11
N ILE F 637 -8.51 27.85 3.21
CA ILE F 637 -8.82 28.19 1.82
C ILE F 637 -9.96 29.21 1.75
N GLU F 638 -11.04 28.95 2.50
CA GLU F 638 -12.19 29.85 2.46
C GLU F 638 -11.89 31.19 3.13
N TRP F 639 -11.02 31.20 4.15
CA TRP F 639 -10.60 32.47 4.73
C TRP F 639 -9.80 33.30 3.74
N LYS F 640 -8.92 32.65 2.97
CA LYS F 640 -8.17 33.36 1.94
C LYS F 640 -9.08 33.84 0.82
N PHE F 641 -10.11 33.07 0.48
CA PHE F 641 -11.08 33.50 -0.51
C PHE F 641 -11.88 34.71 -0.03
N ALA F 642 -12.29 34.71 1.24
CA ALA F 642 -13.01 35.85 1.80
C ALA F 642 -12.13 37.09 1.88
N ARG F 643 -10.84 36.91 2.24
CA ARG F 643 -9.93 38.04 2.30
C ARG F 643 -9.64 38.58 0.91
N THR F 644 -9.57 37.70 -0.10
CA THR F 644 -9.39 38.17 -1.48
C THR F 644 -10.63 38.91 -1.96
N LYS F 645 -11.83 38.46 -1.57
CA LYS F 645 -13.04 39.18 -1.93
C LYS F 645 -13.11 40.54 -1.25
N LEU F 646 -12.63 40.64 -0.01
CA LEU F 646 -12.62 41.93 0.67
C LEU F 646 -11.56 42.85 0.10
N TRP F 647 -10.41 42.31 -0.32
CA TRP F 647 -9.32 43.14 -0.81
C TRP F 647 -9.66 43.80 -2.15
N MET F 648 -10.30 43.06 -3.05
CA MET F 648 -10.62 43.60 -4.37
C MET F 648 -11.84 44.52 -4.35
N SER F 649 -12.58 44.57 -3.24
CA SER F 649 -13.65 45.54 -3.10
C SER F 649 -13.10 46.97 -3.01
N TYR F 650 -11.89 47.14 -2.49
CA TYR F 650 -11.26 48.45 -2.37
C TYR F 650 -10.33 48.76 -3.53
N PHE F 651 -10.16 47.84 -4.48
CA PHE F 651 -9.24 48.08 -5.59
C PHE F 651 -9.82 49.11 -6.56
N ASP F 652 -11.12 49.08 -6.79
CA ASP F 652 -11.74 49.99 -7.74
C ASP F 652 -11.77 51.42 -7.18
N GLU F 653 -12.06 52.38 -8.05
CA GLU F 653 -12.15 53.78 -7.69
C GLU F 653 -13.53 54.19 -7.22
N GLY F 654 -14.52 53.29 -7.27
CA GLY F 654 -15.85 53.61 -6.83
C GLY F 654 -16.02 53.47 -5.33
N GLY F 655 -16.07 54.60 -4.62
CA GLY F 655 -16.19 54.58 -3.17
C GLY F 655 -14.90 54.93 -2.48
N THR F 656 -14.11 55.83 -3.09
CA THR F 656 -12.86 56.27 -2.49
C THR F 656 -13.09 57.06 -1.21
N LEU F 657 -14.09 57.94 -1.21
CA LEU F 657 -14.35 58.77 -0.06
C LEU F 657 -15.03 57.97 1.06
N PRO F 658 -14.86 58.40 2.30
CA PRO F 658 -15.53 57.73 3.42
C PRO F 658 -17.02 58.05 3.43
N PRO F 659 -17.78 57.40 4.31
CA PRO F 659 -19.21 57.74 4.49
C PRO F 659 -19.47 59.18 4.90
N PRO F 660 -18.66 59.81 5.79
CA PRO F 660 -18.88 61.24 6.04
C PRO F 660 -18.57 62.16 4.86
N PHE F 661 -17.81 61.71 3.86
CA PHE F 661 -17.39 62.60 2.78
C PHE F 661 -17.86 62.16 1.39
N ASN F 662 -18.54 61.03 1.27
CA ASN F 662 -18.97 60.56 -0.04
C ASN F 662 -20.16 61.33 -0.60
N ILE F 663 -20.88 62.08 0.26
CA ILE F 663 -22.04 62.85 -0.19
C ILE F 663 -21.70 64.29 -0.53
N ILE F 664 -20.47 64.73 -0.26
CA ILE F 664 -20.06 66.10 -0.55
C ILE F 664 -19.91 66.26 -2.05
N PRO F 665 -20.61 67.23 -2.67
CA PRO F 665 -20.54 67.46 -4.12
C PRO F 665 -19.38 68.38 -4.50
N SER F 706 -5.49 44.94 -30.00
CA SER F 706 -5.21 44.43 -28.67
C SER F 706 -5.12 42.90 -28.67
N LEU F 707 -4.65 42.34 -29.79
CA LEU F 707 -4.51 40.90 -29.92
C LEU F 707 -3.22 40.37 -29.31
N ILE F 708 -2.30 41.26 -28.93
CA ILE F 708 -1.06 40.83 -28.29
C ILE F 708 -1.33 40.21 -26.93
N GLN F 709 -2.36 40.69 -26.23
CA GLN F 709 -2.78 40.10 -24.96
C GLN F 709 -3.25 38.67 -25.14
N ASN F 710 -4.06 38.43 -26.18
CA ASN F 710 -4.54 37.08 -26.47
C ASN F 710 -3.40 36.16 -26.90
N GLN F 711 -2.45 36.69 -27.69
CA GLN F 711 -1.31 35.88 -28.12
C GLN F 711 -0.40 35.52 -26.94
N HIS F 712 -0.15 36.48 -26.04
CA HIS F 712 0.66 36.21 -24.85
C HIS F 712 -0.04 35.23 -23.92
N TYR F 713 -1.36 35.35 -23.79
CA TYR F 713 -2.13 34.40 -22.97
C TYR F 713 -2.09 33.00 -23.57
N GLN F 714 -2.16 32.89 -24.90
CA GLN F 714 -2.05 31.59 -25.56
C GLN F 714 -0.67 30.98 -25.36
N GLU F 715 0.38 31.81 -25.42
CA GLU F 715 1.75 31.33 -25.18
C GLU F 715 1.91 30.81 -23.75
N VAL F 716 1.39 31.57 -22.78
CA VAL F 716 1.53 31.20 -21.37
C VAL F 716 0.71 29.96 -21.06
N ILE F 717 -0.49 29.84 -21.63
CA ILE F 717 -1.31 28.66 -21.42
C ILE F 717 -0.70 27.44 -22.11
N ARG F 718 0.01 27.66 -23.22
CA ARG F 718 0.72 26.59 -23.92
C ARG F 718 1.83 26.01 -23.06
N ASN F 719 2.65 26.89 -22.49
CA ASN F 719 3.74 26.44 -21.60
C ASN F 719 3.20 25.82 -20.32
N LEU F 720 2.10 26.38 -19.79
CA LEU F 720 1.49 25.83 -18.58
C LEU F 720 0.89 24.45 -18.83
N VAL F 721 0.29 24.25 -20.01
CA VAL F 721 -0.27 22.94 -20.35
C VAL F 721 0.83 21.90 -20.51
N LYS F 722 1.95 22.29 -21.13
CA LYS F 722 3.07 21.36 -21.28
C LYS F 722 3.67 21.00 -19.93
N ARG F 723 3.84 21.99 -19.05
CA ARG F 723 4.38 21.73 -17.71
C ARG F 723 3.42 20.87 -16.88
N TYR F 724 2.11 21.12 -16.99
CA TYR F 724 1.14 20.33 -16.23
C TYR F 724 1.08 18.91 -16.73
N VAL F 725 1.22 18.70 -18.05
CA VAL F 725 1.21 17.35 -18.60
C VAL F 725 2.46 16.59 -18.16
N ALA F 726 3.61 17.28 -18.11
CA ALA F 726 4.83 16.66 -17.60
C ALA F 726 4.71 16.33 -16.11
N ALA F 727 4.08 17.21 -15.34
CA ALA F 727 3.89 16.96 -13.91
C ALA F 727 2.93 15.80 -13.66
N MET F 728 1.85 15.71 -14.42
CA MET F 728 0.89 14.62 -14.19
C MET F 728 1.44 13.29 -14.70
N ILE F 729 2.25 13.30 -15.76
CA ILE F 729 2.92 12.07 -16.16
C ILE F 729 3.96 11.65 -15.12
N ARG F 730 4.63 12.62 -14.50
CA ARG F 730 5.64 12.30 -13.49
C ARG F 730 5.00 11.71 -12.23
N ASN F 731 3.88 12.27 -11.80
CA ASN F 731 3.21 11.80 -10.60
C ASN F 731 2.53 10.45 -10.83
N THR F 739 -0.69 -3.77 -8.25
CA THR F 739 -1.95 -4.40 -8.66
C THR F 739 -1.69 -5.70 -9.41
N GLU F 740 -2.69 -6.58 -9.39
CA GLU F 740 -2.55 -7.93 -9.95
C GLU F 740 -2.44 -7.95 -11.47
N GLU F 741 -2.89 -6.88 -12.15
CA GLU F 741 -2.69 -6.80 -13.60
C GLU F 741 -1.21 -6.68 -13.96
N ASN F 742 -0.43 -5.98 -13.12
CA ASN F 742 0.96 -5.62 -13.44
C ASN F 742 1.88 -6.84 -13.42
N PHE F 743 1.79 -7.65 -12.37
CA PHE F 743 2.54 -8.91 -12.18
C PHE F 743 2.20 -9.94 -13.24
N LYS F 744 0.94 -9.93 -13.68
CA LYS F 744 0.50 -10.77 -14.80
C LYS F 744 1.23 -10.43 -16.08
N GLU F 745 1.58 -9.15 -16.28
CA GLU F 745 2.43 -8.74 -17.39
C GLU F 745 3.81 -9.38 -17.30
N LEU F 746 4.40 -9.35 -16.10
CA LEU F 746 5.72 -9.92 -15.88
C LEU F 746 5.70 -11.44 -16.01
N LYS F 747 4.63 -12.10 -15.56
CA LYS F 747 4.48 -13.52 -15.84
C LYS F 747 4.31 -13.77 -17.32
N GLN F 748 3.57 -12.89 -18.01
CA GLN F 748 3.35 -13.04 -19.44
C GLN F 748 4.64 -12.80 -20.24
N ASP F 749 5.42 -11.78 -19.86
CA ASP F 749 6.67 -11.50 -20.54
C ASP F 749 7.70 -12.60 -20.30
N ILE F 750 7.75 -13.13 -19.07
CA ILE F 750 8.67 -14.22 -18.77
C ILE F 750 8.23 -15.50 -19.48
N SER F 751 6.92 -15.75 -19.52
CA SER F 751 6.40 -16.95 -20.16
C SER F 751 6.59 -16.92 -21.67
N SER F 752 6.39 -15.75 -22.29
CA SER F 752 6.57 -15.63 -23.74
C SER F 752 8.05 -15.78 -24.11
N PHE F 753 8.94 -15.23 -23.27
CA PHE F 753 10.37 -15.37 -23.53
C PHE F 753 10.82 -16.81 -23.32
N ARG F 754 10.21 -17.51 -22.37
CA ARG F 754 10.59 -18.90 -22.10
C ARG F 754 10.18 -19.82 -23.25
N TYR F 755 8.99 -19.59 -23.82
CA TYR F 755 8.54 -20.42 -24.93
C TYR F 755 9.35 -20.16 -26.18
N GLU F 756 9.72 -18.90 -26.44
CA GLU F 756 10.51 -18.59 -27.62
C GLU F 756 11.94 -19.11 -27.50
N VAL F 757 12.49 -19.13 -26.30
CA VAL F 757 13.84 -19.67 -26.12
C VAL F 757 13.82 -21.19 -26.28
N LEU F 758 12.78 -21.85 -25.77
CA LEU F 758 12.66 -23.30 -25.94
C LEU F 758 12.40 -23.67 -27.39
N ASP F 759 11.60 -22.85 -28.09
CA ASP F 759 11.31 -23.12 -29.49
C ASP F 759 12.54 -22.96 -30.38
N LEU F 760 13.33 -21.90 -30.13
CA LEU F 760 14.52 -21.67 -30.94
C LEU F 760 15.59 -22.72 -30.67
N LEU F 761 15.76 -23.10 -29.41
CA LEU F 761 16.81 -24.04 -29.05
C LEU F 761 16.44 -25.47 -29.43
N ARG G 17 27.93 33.51 -2.02
CA ARG G 17 28.04 32.08 -2.31
C ARG G 17 28.44 31.31 -1.06
N ILE G 18 28.40 29.99 -1.13
CA ILE G 18 28.78 29.14 0.00
C ILE G 18 29.62 27.96 -0.52
N PRO G 19 30.88 27.86 -0.10
CA PRO G 19 31.67 26.68 -0.47
C PRO G 19 31.20 25.44 0.25
N LEU G 20 31.31 24.31 -0.42
CA LEU G 20 30.92 23.01 0.13
C LEU G 20 32.07 22.02 -0.06
N GLN G 21 32.38 21.28 0.99
CA GLN G 21 33.48 20.31 0.95
C GLN G 21 33.13 19.12 1.83
N ILE G 22 33.77 18.00 1.54
CA ILE G 22 33.62 16.80 2.35
C ILE G 22 34.35 17.01 3.67
N VAL G 23 33.58 17.23 4.74
CA VAL G 23 34.18 17.56 6.03
C VAL G 23 34.90 16.35 6.63
N ARG G 24 34.32 15.17 6.47
CA ARG G 24 34.85 13.95 7.08
C ARG G 24 35.40 13.04 5.99
N ALA G 25 36.65 12.61 6.17
CA ALA G 25 37.37 11.95 5.10
C ALA G 25 36.90 10.51 4.89
N GLU G 26 36.27 10.27 3.74
CA GLU G 26 36.00 8.93 3.25
C GLU G 26 37.02 8.69 2.14
N THR G 27 37.83 7.64 2.29
CA THR G 27 38.83 7.32 1.27
C THR G 27 38.15 6.84 0.00
N GLU G 28 38.60 7.39 -1.13
CA GLU G 28 38.05 7.00 -2.42
C GLU G 28 38.51 5.60 -2.80
N LEU G 29 37.61 4.83 -3.39
CA LEU G 29 37.92 3.49 -3.86
C LEU G 29 38.63 3.55 -5.20
N SER G 30 39.58 2.64 -5.39
CA SER G 30 40.33 2.58 -6.63
C SER G 30 39.44 2.08 -7.77
N ALA G 31 40.00 2.14 -8.99
CA ALA G 31 39.25 1.73 -10.18
C ALA G 31 38.96 0.23 -10.17
N GLU G 32 39.96 -0.58 -9.78
CA GLU G 32 39.78 -2.03 -9.75
C GLU G 32 38.80 -2.43 -8.65
N GLU G 33 38.89 -1.79 -7.49
CA GLU G 33 37.97 -2.10 -6.39
C GLU G 33 36.55 -1.67 -6.72
N LYS G 34 36.39 -0.50 -7.36
CA LYS G 34 35.07 -0.04 -7.75
C LYS G 34 34.46 -0.94 -8.83
N ALA G 35 35.28 -1.37 -9.78
CA ALA G 35 34.80 -2.30 -10.81
C ALA G 35 34.43 -3.66 -10.21
N PHE G 36 35.21 -4.12 -9.24
CA PHE G 36 34.91 -5.39 -8.57
C PHE G 36 33.61 -5.30 -7.76
N LEU G 37 33.40 -4.20 -7.04
CA LEU G 37 32.17 -4.02 -6.29
C LEU G 37 30.97 -3.86 -7.21
N ASN G 38 31.14 -3.17 -8.34
CA ASN G 38 30.06 -3.05 -9.31
C ASN G 38 29.73 -4.40 -9.95
N ALA G 39 30.74 -5.22 -10.21
CA ALA G 39 30.50 -6.55 -10.76
C ALA G 39 29.79 -7.44 -9.74
N VAL G 40 30.15 -7.32 -8.46
CA VAL G 40 29.45 -8.08 -7.43
C VAL G 40 28.01 -7.59 -7.28
N GLU G 41 27.79 -6.28 -7.44
CA GLU G 41 26.43 -5.73 -7.36
C GLU G 41 25.58 -6.21 -8.53
N LYS G 42 26.15 -6.27 -9.72
CA LYS G 42 25.39 -6.72 -10.89
C LYS G 42 25.29 -8.24 -10.96
N GLY G 43 25.99 -8.97 -10.11
CA GLY G 43 25.85 -10.42 -10.06
C GLY G 43 26.60 -11.18 -11.14
N ASP G 44 27.55 -10.56 -11.82
CA ASP G 44 28.31 -11.23 -12.86
C ASP G 44 29.31 -12.18 -12.19
N TYR G 45 29.05 -13.49 -12.28
CA TYR G 45 29.85 -14.47 -11.55
C TYR G 45 31.25 -14.60 -12.13
N ALA G 46 31.37 -14.56 -13.46
CA ALA G 46 32.64 -14.84 -14.12
C ALA G 46 33.65 -13.74 -13.88
N THR G 47 33.20 -12.48 -13.93
CA THR G 47 34.10 -11.34 -13.70
C THR G 47 34.57 -11.30 -12.25
N VAL G 48 33.67 -11.61 -11.31
CA VAL G 48 34.05 -11.65 -9.89
C VAL G 48 35.00 -12.79 -9.63
N LYS G 49 34.80 -13.93 -10.28
CA LYS G 49 35.70 -15.07 -10.14
C LYS G 49 37.08 -14.77 -10.72
N GLN G 50 37.11 -14.07 -11.85
CA GLN G 50 38.38 -13.67 -12.45
C GLN G 50 39.13 -12.67 -11.57
N ALA G 51 38.39 -11.71 -10.99
CA ALA G 51 39.02 -10.74 -10.10
C ALA G 51 39.55 -11.39 -8.83
N LEU G 52 38.79 -12.34 -8.27
CA LEU G 52 39.24 -13.06 -7.08
C LEU G 52 40.46 -13.93 -7.39
N GLN G 53 40.48 -14.57 -8.56
CA GLN G 53 41.64 -15.38 -8.93
C GLN G 53 42.87 -14.52 -9.21
N GLU G 54 42.67 -13.31 -9.73
CA GLU G 54 43.78 -12.40 -9.97
C GLU G 54 44.23 -11.67 -8.71
N ALA G 55 43.40 -11.67 -7.66
CA ALA G 55 43.73 -10.91 -6.45
C ALA G 55 44.93 -11.51 -5.71
N GLU G 56 45.03 -12.83 -5.64
CA GLU G 56 46.12 -13.44 -4.87
C GLU G 56 47.45 -13.27 -5.58
N ILE G 57 47.47 -13.44 -6.91
CA ILE G 57 48.72 -13.45 -7.65
C ILE G 57 49.33 -12.04 -7.72
N TYR G 58 48.48 -11.02 -7.80
CA TYR G 58 48.93 -9.66 -8.05
C TYR G 58 48.68 -8.70 -6.88
N TYR G 59 47.78 -9.07 -5.96
CA TYR G 59 47.48 -8.26 -4.76
C TYR G 59 46.87 -6.91 -5.12
N ASN G 60 46.18 -6.83 -6.25
CA ASN G 60 45.74 -5.53 -6.76
C ASN G 60 44.56 -4.98 -5.97
N VAL G 61 43.63 -5.84 -5.57
CA VAL G 61 42.38 -5.41 -4.97
C VAL G 61 42.28 -5.98 -3.57
N ASN G 62 41.95 -5.13 -2.60
CA ASN G 62 41.61 -5.56 -1.25
C ASN G 62 40.18 -6.09 -1.31
N ILE G 63 40.05 -7.40 -1.11
CA ILE G 63 38.75 -8.08 -1.23
C ILE G 63 37.80 -7.65 -0.12
N ASN G 64 38.36 -7.25 1.03
CA ASN G 64 37.57 -6.74 2.14
C ASN G 64 37.35 -5.23 2.06
N CYS G 65 37.47 -4.64 0.88
CA CYS G 65 37.28 -3.20 0.73
C CYS G 65 35.81 -2.82 0.93
N MET G 66 35.60 -1.63 1.46
CA MET G 66 34.26 -1.16 1.78
C MET G 66 33.72 -0.34 0.61
N ASP G 67 32.53 0.23 0.76
CA ASP G 67 31.96 1.12 -0.26
C ASP G 67 31.67 2.46 0.38
N PRO G 68 31.18 3.46 -0.37
CA PRO G 68 30.72 4.70 0.28
C PRO G 68 29.57 4.53 1.27
N LEU G 69 28.74 3.50 1.13
CA LEU G 69 27.61 3.30 2.03
C LEU G 69 27.89 2.35 3.18
N GLY G 70 29.10 1.79 3.28
CA GLY G 70 29.46 0.97 4.42
C GLY G 70 29.28 -0.53 4.23
N ARG G 71 28.95 -0.98 3.03
CA ARG G 71 28.81 -2.41 2.77
C ARG G 71 30.07 -2.95 2.11
N SER G 72 30.39 -4.21 2.43
CA SER G 72 31.50 -4.90 1.78
C SER G 72 30.97 -5.74 0.63
N ALA G 73 31.85 -6.54 0.02
CA ALA G 73 31.42 -7.44 -1.05
C ALA G 73 30.51 -8.54 -0.50
N LEU G 74 30.83 -9.08 0.68
CA LEU G 74 30.02 -10.13 1.28
C LEU G 74 28.65 -9.61 1.70
N LEU G 75 28.58 -8.39 2.22
CA LEU G 75 27.29 -7.81 2.59
C LEU G 75 26.45 -7.51 1.34
N ILE G 76 27.10 -7.10 0.25
CA ILE G 76 26.38 -6.88 -1.00
C ILE G 76 25.86 -8.20 -1.55
N ALA G 77 26.63 -9.28 -1.39
CA ALA G 77 26.15 -10.60 -1.80
C ALA G 77 24.99 -11.06 -0.93
N ILE G 78 25.04 -10.75 0.36
CA ILE G 78 23.97 -11.17 1.27
C ILE G 78 22.69 -10.40 0.98
N GLU G 79 22.79 -9.10 0.71
CA GLU G 79 21.61 -8.28 0.51
C GLU G 79 20.89 -8.62 -0.79
N ASN G 80 21.64 -9.01 -1.82
CA ASN G 80 21.05 -9.44 -3.08
C ASN G 80 20.67 -10.90 -3.09
N GLU G 81 21.00 -11.65 -2.03
CA GLU G 81 20.67 -13.07 -1.88
C GLU G 81 21.29 -13.93 -2.99
N ASN G 82 22.47 -13.54 -3.46
CA ASN G 82 23.21 -14.33 -4.44
C ASN G 82 24.00 -15.36 -3.66
N LEU G 83 23.46 -16.57 -3.58
CA LEU G 83 24.13 -17.64 -2.86
C LEU G 83 25.41 -18.07 -3.56
N GLU G 84 25.43 -18.02 -4.89
CA GLU G 84 26.62 -18.41 -5.65
C GLU G 84 27.77 -17.46 -5.42
N ILE G 85 27.51 -16.15 -5.52
CA ILE G 85 28.53 -15.15 -5.26
C ILE G 85 28.92 -15.13 -3.78
N MET G 86 27.95 -15.46 -2.91
CA MET G 86 28.22 -15.56 -1.47
C MET G 86 29.22 -16.68 -1.17
N GLU G 87 28.98 -17.87 -1.75
CA GLU G 87 29.91 -18.98 -1.51
C GLU G 87 31.23 -18.75 -2.22
N LEU G 88 31.22 -18.06 -3.36
CA LEU G 88 32.47 -17.78 -4.07
C LEU G 88 33.33 -16.79 -3.28
N LEU G 89 32.72 -15.77 -2.69
CA LEU G 89 33.47 -14.86 -1.83
C LEU G 89 33.93 -15.56 -0.56
N LEU G 90 33.15 -16.54 -0.08
CA LEU G 90 33.60 -17.31 1.08
C LEU G 90 34.78 -18.22 0.73
N ASN G 91 34.84 -18.72 -0.51
CA ASN G 91 35.90 -19.65 -0.88
C ASN G 91 37.28 -19.01 -0.97
N HIS G 92 37.35 -17.69 -1.11
CA HIS G 92 38.63 -17.00 -1.18
C HIS G 92 39.05 -16.42 0.16
N SER G 93 38.33 -16.76 1.24
CA SER G 93 38.66 -16.37 2.61
C SER G 93 38.63 -14.85 2.79
N VAL G 94 37.46 -14.29 2.52
CA VAL G 94 37.21 -12.88 2.80
C VAL G 94 36.86 -12.73 4.28
N TYR G 95 36.83 -11.48 4.75
CA TYR G 95 36.44 -11.22 6.13
C TYR G 95 34.96 -11.52 6.32
N VAL G 96 34.63 -12.17 7.43
CA VAL G 96 33.28 -12.67 7.67
C VAL G 96 32.67 -12.10 8.94
N GLY G 97 33.32 -11.11 9.55
CA GLY G 97 32.86 -10.53 10.80
C GLY G 97 31.52 -9.82 10.72
N ASP G 98 30.56 -10.30 11.50
CA ASP G 98 29.21 -9.76 11.66
C ASP G 98 28.32 -9.96 10.42
N ALA G 99 28.75 -10.77 9.45
CA ALA G 99 27.91 -11.02 8.29
C ALA G 99 26.71 -11.89 8.63
N LEU G 100 26.85 -12.73 9.66
CA LEU G 100 25.73 -13.56 10.11
C LEU G 100 24.61 -12.71 10.67
N LEU G 101 24.94 -11.58 11.29
CA LEU G 101 23.91 -10.65 11.76
C LEU G 101 23.14 -10.04 10.60
N TYR G 102 23.84 -9.68 9.52
CA TYR G 102 23.17 -9.14 8.34
C TYR G 102 22.31 -10.20 7.67
N ALA G 103 22.78 -11.44 7.65
CA ALA G 103 21.98 -12.54 7.10
C ALA G 103 20.74 -12.81 7.95
N ILE G 104 20.87 -12.72 9.27
CA ILE G 104 19.73 -12.96 10.16
C ILE G 104 18.71 -11.83 10.04
N ARG G 105 19.19 -10.59 9.93
CA ARG G 105 18.28 -9.47 9.74
C ARG G 105 17.61 -9.51 8.37
N LYS G 106 18.31 -10.04 7.36
CA LYS G 106 17.72 -10.18 6.04
C LYS G 106 16.78 -11.36 5.95
N GLU G 107 16.80 -12.27 6.93
CA GLU G 107 15.85 -13.37 7.05
C GLU G 107 15.99 -14.36 5.90
N VAL G 108 17.22 -14.52 5.43
CA VAL G 108 17.55 -15.46 4.36
C VAL G 108 17.97 -16.77 5.02
N VAL G 109 17.21 -17.83 4.78
CA VAL G 109 17.50 -19.12 5.40
C VAL G 109 18.78 -19.71 4.81
N GLY G 110 18.94 -19.61 3.48
CA GLY G 110 20.11 -20.19 2.85
C GLY G 110 21.39 -19.48 3.21
N ALA G 111 21.34 -18.15 3.35
CA ALA G 111 22.52 -17.38 3.75
C ALA G 111 22.93 -17.71 5.18
N VAL G 112 21.94 -17.87 6.07
CA VAL G 112 22.24 -18.25 7.46
C VAL G 112 22.82 -19.65 7.53
N GLU G 113 22.28 -20.57 6.71
CA GLU G 113 22.80 -21.94 6.64
C GLU G 113 24.24 -21.96 6.11
N LEU G 114 24.51 -21.16 5.08
CA LEU G 114 25.87 -21.10 4.52
C LEU G 114 26.85 -20.49 5.51
N LEU G 115 26.47 -19.41 6.19
CA LEU G 115 27.36 -18.79 7.15
C LEU G 115 27.58 -19.65 8.39
N LEU G 116 26.57 -20.42 8.80
CA LEU G 116 26.78 -21.37 9.90
C LEU G 116 27.68 -22.53 9.48
N SER G 117 27.49 -23.05 8.26
CA SER G 117 28.15 -24.28 7.89
C SER G 117 29.53 -24.08 7.28
N TYR G 118 29.87 -22.88 6.81
CA TYR G 118 31.15 -22.72 6.12
C TYR G 118 32.25 -22.25 7.07
N ARG G 119 31.88 -21.71 8.24
CA ARG G 119 32.84 -21.15 9.17
C ARG G 119 33.75 -22.22 9.77
N ARG G 120 33.26 -23.45 9.86
CA ARG G 120 34.05 -24.54 10.41
C ARG G 120 35.07 -25.14 9.43
N PRO G 121 34.70 -25.63 8.24
CA PRO G 121 35.69 -26.35 7.42
C PRO G 121 36.73 -25.44 6.78
N SER G 122 37.94 -26.00 6.61
CA SER G 122 39.01 -25.39 5.80
C SER G 122 39.54 -24.11 6.44
N GLY G 123 39.70 -24.12 7.76
CA GLY G 123 40.37 -23.02 8.43
C GLY G 123 41.84 -23.33 8.64
N GLU G 124 42.70 -22.59 7.94
CA GLU G 124 44.13 -22.87 7.98
C GLU G 124 44.91 -21.57 8.11
N LYS G 125 45.87 -21.59 9.04
CA LYS G 125 46.72 -20.43 9.35
C LYS G 125 45.88 -19.25 9.84
N GLN G 126 45.08 -19.48 10.89
CA GLN G 126 44.33 -18.46 11.64
C GLN G 126 43.28 -17.87 10.68
N VAL G 127 43.26 -16.57 10.46
CA VAL G 127 42.67 -15.95 9.28
C VAL G 127 43.79 -15.12 8.66
N PRO G 128 43.72 -14.79 7.38
CA PRO G 128 44.66 -13.79 6.83
C PRO G 128 44.47 -12.45 7.52
N THR G 129 45.59 -11.80 7.84
CA THR G 129 45.55 -10.60 8.66
C THR G 129 44.96 -9.43 7.87
N LEU G 130 44.05 -8.72 8.52
CA LEU G 130 43.38 -7.56 7.94
C LEU G 130 43.18 -6.52 9.02
N MET G 131 43.32 -5.25 8.66
CA MET G 131 43.27 -4.14 9.61
C MET G 131 42.27 -3.10 9.13
N MET G 132 41.67 -2.38 10.08
CA MET G 132 40.89 -1.16 9.87
C MET G 132 39.64 -1.36 9.01
N ASP G 133 39.11 -2.60 8.96
CA ASP G 133 37.79 -2.81 8.40
C ASP G 133 36.71 -2.85 9.48
N THR G 134 37.11 -2.92 10.75
CA THR G 134 36.20 -3.36 11.80
C THR G 134 35.49 -2.21 12.52
N GLN G 135 35.72 -0.96 12.13
CA GLN G 135 35.09 0.14 12.87
C GLN G 135 33.60 0.22 12.62
N PHE G 136 33.16 0.08 11.37
CA PHE G 136 31.77 0.32 11.02
C PHE G 136 30.98 -0.99 11.13
N SER G 137 30.05 -1.03 12.08
CA SER G 137 29.13 -2.14 12.24
C SER G 137 27.73 -1.55 12.44
N GLU G 138 26.81 -1.92 11.54
CA GLU G 138 25.42 -1.48 11.67
C GLU G 138 24.78 -2.05 12.93
N PHE G 139 25.05 -3.33 13.19
CA PHE G 139 24.55 -3.95 14.42
C PHE G 139 25.39 -3.52 15.61
N THR G 140 24.74 -3.36 16.76
CA THR G 140 25.41 -2.91 17.96
C THR G 140 26.36 -4.00 18.46
N PRO G 141 27.49 -3.61 19.08
CA PRO G 141 28.44 -4.62 19.58
C PRO G 141 27.91 -5.52 20.69
N ASP G 142 26.86 -5.13 21.41
CA ASP G 142 26.31 -6.00 22.43
C ASP G 142 25.50 -7.14 21.82
N ILE G 143 25.09 -6.98 20.56
CA ILE G 143 24.20 -7.96 19.94
C ILE G 143 24.93 -9.27 19.65
N THR G 144 24.20 -10.35 19.77
CA THR G 144 24.60 -11.71 19.47
C THR G 144 23.63 -12.26 18.43
N PRO G 145 24.02 -13.32 17.71
CA PRO G 145 23.17 -13.80 16.60
C PRO G 145 21.84 -14.41 17.03
N ILE G 146 21.81 -15.12 18.15
CA ILE G 146 20.56 -15.71 18.62
C ILE G 146 19.59 -14.63 19.07
N MET G 147 20.10 -13.58 19.71
CA MET G 147 19.25 -12.48 20.15
C MET G 147 18.66 -11.71 18.98
N LEU G 148 19.49 -11.43 17.97
CA LEU G 148 18.99 -10.74 16.78
C LEU G 148 18.02 -11.62 15.99
N ALA G 149 18.26 -12.94 15.99
CA ALA G 149 17.31 -13.86 15.36
C ALA G 149 15.98 -13.87 16.10
N ALA G 150 16.03 -13.77 17.43
CA ALA G 150 14.81 -13.66 18.22
C ALA G 150 14.07 -12.35 17.91
N HIS G 151 14.83 -11.26 17.72
CA HIS G 151 14.19 -9.99 17.35
C HIS G 151 13.57 -10.05 15.96
N THR G 152 14.21 -10.79 15.03
CA THR G 152 13.70 -10.84 13.66
C THR G 152 12.40 -11.62 13.58
N ASN G 153 12.18 -12.56 14.50
CA ASN G 153 11.01 -13.44 14.65
C ASN G 153 10.97 -14.54 13.58
N ASN G 154 12.04 -14.72 12.80
CA ASN G 154 12.07 -15.81 11.85
C ASN G 154 12.22 -17.14 12.57
N TYR G 155 11.51 -18.15 12.07
CA TYR G 155 11.41 -19.43 12.77
C TYR G 155 12.56 -20.37 12.44
N GLU G 156 12.90 -20.49 11.16
CA GLU G 156 13.93 -21.42 10.69
C GLU G 156 15.31 -21.06 11.21
N ILE G 157 15.63 -19.76 11.21
CA ILE G 157 16.94 -19.31 11.70
C ILE G 157 17.03 -19.51 13.21
N ILE G 158 15.92 -19.28 13.93
CA ILE G 158 15.88 -19.52 15.37
C ILE G 158 16.06 -21.00 15.67
N LYS G 159 15.43 -21.86 14.87
CA LYS G 159 15.56 -23.31 15.03
C LYS G 159 16.98 -23.77 14.76
N LEU G 160 17.60 -23.27 13.70
CA LEU G 160 18.97 -23.64 13.37
C LEU G 160 19.96 -23.13 14.41
N LEU G 161 19.69 -21.96 14.99
CA LEU G 161 20.57 -21.46 16.05
C LEU G 161 20.38 -22.25 17.34
N VAL G 162 19.14 -22.60 17.67
CA VAL G 162 18.86 -23.35 18.91
C VAL G 162 19.41 -24.77 18.82
N GLN G 163 19.49 -25.33 17.61
CA GLN G 163 20.06 -26.66 17.45
C GLN G 163 21.56 -26.72 17.75
N LYS G 164 22.27 -25.59 17.69
CA LYS G 164 23.72 -25.55 17.86
C LYS G 164 24.14 -25.19 19.28
N ARG G 165 23.28 -25.43 20.27
CA ARG G 165 23.60 -25.26 21.70
C ARG G 165 23.93 -23.80 22.04
N VAL G 166 22.93 -22.95 21.85
CA VAL G 166 23.08 -21.52 22.09
C VAL G 166 22.20 -21.11 23.26
N THR G 167 22.70 -20.16 24.06
CA THR G 167 22.04 -19.72 25.27
C THR G 167 21.87 -18.21 25.26
N ILE G 168 20.99 -17.72 26.13
CA ILE G 168 20.72 -16.29 26.29
C ILE G 168 20.90 -15.93 27.76
N PRO G 169 21.47 -14.76 28.07
CA PRO G 169 21.62 -14.36 29.48
C PRO G 169 20.27 -14.07 30.12
N ARG G 170 20.19 -14.31 31.43
CA ARG G 170 18.95 -14.10 32.18
C ARG G 170 18.89 -12.68 32.74
N PRO G 171 17.83 -11.93 32.46
CA PRO G 171 17.69 -10.61 33.07
C PRO G 171 17.43 -10.72 34.57
N HIS G 172 17.87 -9.69 35.29
CA HIS G 172 17.70 -9.64 36.73
C HIS G 172 16.30 -9.16 37.07
N GLN G 173 16.00 -9.13 38.37
CA GLN G 173 14.75 -8.55 38.84
C GLN G 173 14.76 -7.04 38.60
N ILE G 174 13.56 -6.47 38.43
CA ILE G 174 13.44 -5.03 38.27
C ILE G 174 13.88 -4.31 39.53
N ARG G 175 13.53 -4.85 40.69
CA ARG G 175 14.01 -4.31 41.97
C ARG G 175 15.23 -5.10 42.42
N CYS G 176 16.29 -5.02 41.61
CA CYS G 176 17.55 -5.68 41.89
C CYS G 176 18.56 -4.70 42.47
N ASN G 177 19.17 -5.06 43.59
CA ASN G 177 20.08 -4.18 44.31
C ASN G 177 21.44 -4.84 44.53
N CYS G 178 21.82 -5.78 43.67
CA CYS G 178 23.11 -6.42 43.78
C CYS G 178 24.22 -5.47 43.30
N VAL G 179 25.46 -5.90 43.52
CA VAL G 179 26.60 -5.04 43.23
C VAL G 179 26.81 -4.88 41.73
N GLU G 180 26.60 -5.96 40.94
CA GLU G 180 26.95 -5.90 39.53
C GLU G 180 25.96 -5.07 38.73
N CYS G 181 24.65 -5.20 39.04
CA CYS G 181 23.64 -4.39 38.35
C CYS G 181 23.81 -2.91 38.65
N VAL G 182 24.08 -2.57 39.91
CA VAL G 182 24.28 -1.18 40.31
C VAL G 182 25.55 -0.62 39.69
N SER G 183 26.62 -1.42 39.64
CA SER G 183 27.88 -1.00 39.03
C SER G 183 27.72 -0.79 37.52
N SER G 184 26.99 -1.68 36.85
CA SER G 184 26.76 -1.51 35.42
C SER G 184 25.86 -0.31 35.13
N SER G 185 24.87 -0.05 36.00
CA SER G 185 24.03 1.11 35.83
C SER G 185 24.79 2.41 36.06
N GLU G 186 25.71 2.42 37.03
CA GLU G 186 26.46 3.63 37.32
C GLU G 186 27.53 3.89 36.27
N VAL G 187 28.20 2.83 35.80
CA VAL G 187 29.28 3.01 34.83
C VAL G 187 28.72 3.39 33.45
N ASP G 188 27.71 2.65 32.99
CA ASP G 188 27.13 2.90 31.66
C ASP G 188 25.65 2.51 31.71
N SER G 189 24.79 3.49 31.95
CA SER G 189 23.36 3.23 32.05
C SER G 189 22.75 2.91 30.68
N LEU G 190 23.24 3.56 29.63
CA LEU G 190 22.68 3.37 28.29
C LEU G 190 22.93 1.95 27.77
N ARG G 191 24.13 1.42 27.99
CA ARG G 191 24.46 0.07 27.57
C ARG G 191 23.63 -0.96 28.34
N HIS G 192 23.45 -0.73 29.64
CA HIS G 192 22.64 -1.64 30.46
C HIS G 192 21.18 -1.64 30.03
N SER G 193 20.63 -0.44 29.76
CA SER G 193 19.24 -0.34 29.32
C SER G 193 19.04 -0.97 27.94
N ARG G 194 19.99 -0.76 27.03
CA ARG G 194 19.90 -1.36 25.70
C ARG G 194 20.02 -2.88 25.77
N SER G 195 20.90 -3.39 26.64
CA SER G 195 21.06 -4.83 26.80
C SER G 195 19.82 -5.46 27.39
N ARG G 196 19.21 -4.82 28.39
CA ARG G 196 17.99 -5.35 28.99
C ARG G 196 16.82 -5.32 28.01
N LEU G 197 16.70 -4.24 27.23
CA LEU G 197 15.64 -4.15 26.24
C LEU G 197 15.83 -5.16 25.12
N ASN G 198 17.08 -5.39 24.70
CA ASN G 198 17.34 -6.39 23.66
C ASN G 198 17.07 -7.80 24.17
N ILE G 199 17.41 -8.07 25.43
CA ILE G 199 17.15 -9.39 26.01
C ILE G 199 15.65 -9.65 26.15
N TYR G 200 14.90 -8.64 26.60
CA TYR G 200 13.45 -8.83 26.72
C TYR G 200 12.77 -8.87 25.37
N LYS G 201 13.31 -8.18 24.36
CA LYS G 201 12.79 -8.31 23.01
C LYS G 201 13.06 -9.70 22.45
N ALA G 202 14.22 -10.27 22.77
CA ALA G 202 14.52 -11.63 22.32
C ALA G 202 13.63 -12.65 23.01
N LEU G 203 13.35 -12.45 24.30
CA LEU G 203 12.52 -13.40 25.04
C LEU G 203 11.03 -13.28 24.72
N ALA G 204 10.59 -12.17 24.13
CA ALA G 204 9.18 -11.93 23.87
C ALA G 204 8.75 -12.36 22.48
N SER G 205 9.65 -12.91 21.67
CA SER G 205 9.28 -13.35 20.33
C SER G 205 8.39 -14.59 20.42
N PRO G 206 7.34 -14.69 19.59
CA PRO G 206 6.50 -15.88 19.62
C PRO G 206 7.21 -17.16 19.19
N SER G 207 8.18 -17.07 18.27
CA SER G 207 8.87 -18.26 17.80
C SER G 207 9.75 -18.86 18.89
N LEU G 208 10.47 -18.02 19.63
CA LEU G 208 11.32 -18.52 20.71
C LEU G 208 10.49 -19.07 21.86
N ILE G 209 9.33 -18.47 22.11
CA ILE G 209 8.44 -19.01 23.14
C ILE G 209 7.86 -20.35 22.70
N ALA G 210 7.56 -20.49 21.41
CA ALA G 210 7.01 -21.76 20.92
C ALA G 210 8.08 -22.84 20.87
N LEU G 211 9.35 -22.48 20.69
CA LEU G 211 10.40 -23.46 20.52
C LEU G 211 11.14 -23.83 21.80
N SER G 212 11.27 -22.91 22.76
CA SER G 212 12.14 -23.12 23.92
C SER G 212 11.40 -23.06 25.24
N SER G 213 10.08 -23.25 25.23
CA SER G 213 9.29 -23.25 26.46
C SER G 213 8.32 -24.42 26.43
N GLU G 214 8.30 -25.20 27.50
CA GLU G 214 7.37 -26.33 27.61
C GLU G 214 5.95 -25.87 27.89
N ASP G 215 5.76 -24.67 28.42
CA ASP G 215 4.44 -24.09 28.68
C ASP G 215 4.41 -22.70 28.05
N PRO G 216 4.05 -22.62 26.76
CA PRO G 216 4.06 -21.31 26.09
C PRO G 216 3.02 -20.33 26.61
N ILE G 217 1.86 -20.82 27.08
CA ILE G 217 0.81 -19.93 27.57
C ILE G 217 1.23 -19.28 28.88
N LEU G 218 1.74 -20.08 29.83
CA LEU G 218 2.16 -19.55 31.11
C LEU G 218 3.40 -18.68 30.97
N THR G 219 4.32 -19.06 30.09
CA THR G 219 5.50 -18.26 29.82
C THR G 219 5.12 -16.91 29.19
N ALA G 220 4.16 -16.92 28.26
CA ALA G 220 3.70 -15.69 27.66
C ALA G 220 2.98 -14.80 28.67
N PHE G 221 2.23 -15.41 29.60
CA PHE G 221 1.54 -14.66 30.63
C PHE G 221 2.54 -13.99 31.58
N ARG G 222 3.55 -14.74 32.02
CA ARG G 222 4.57 -14.20 32.91
C ARG G 222 5.42 -13.13 32.23
N LEU G 223 5.76 -13.34 30.95
CA LEU G 223 6.54 -12.34 30.22
C LEU G 223 5.71 -11.07 29.97
N GLY G 224 4.41 -11.22 29.72
CA GLY G 224 3.56 -10.04 29.56
C GLY G 224 3.41 -9.25 30.84
N TRP G 225 3.25 -9.95 31.97
CA TRP G 225 3.17 -9.27 33.27
C TRP G 225 4.49 -8.58 33.63
N GLU G 226 5.62 -9.24 33.36
CA GLU G 226 6.92 -8.64 33.64
C GLU G 226 7.19 -7.44 32.74
N LEU G 227 6.78 -7.52 31.46
CA LEU G 227 6.96 -6.39 30.55
C LEU G 227 6.06 -5.23 30.94
N LYS G 228 4.84 -5.50 31.41
CA LYS G 228 3.97 -4.44 31.87
C LYS G 228 4.51 -3.76 33.13
N GLU G 229 5.07 -4.56 34.05
CA GLU G 229 5.68 -3.98 35.25
C GLU G 229 6.94 -3.18 34.91
N LEU G 230 7.72 -3.65 33.94
CA LEU G 230 8.90 -2.91 33.51
C LEU G 230 8.52 -1.60 32.81
N SER G 231 7.43 -1.63 32.04
CA SER G 231 6.92 -0.39 31.43
C SER G 231 6.42 0.57 32.49
N LYS G 232 5.82 0.05 33.56
CA LYS G 232 5.40 0.90 34.67
C LYS G 232 6.62 1.49 35.39
N VAL G 233 7.71 0.74 35.48
CA VAL G 233 8.89 1.21 36.19
C VAL G 233 9.71 2.13 35.30
N GLU G 234 10.19 1.62 34.17
CA GLU G 234 11.07 2.38 33.28
C GLU G 234 10.25 3.42 32.53
N ASN G 235 10.49 4.70 32.84
CA ASN G 235 9.73 5.77 32.22
C ASN G 235 10.19 6.08 30.79
N GLU G 236 11.48 5.93 30.51
CA GLU G 236 12.01 6.29 29.20
C GLU G 236 11.57 5.32 28.12
N PHE G 237 11.52 4.03 28.43
CA PHE G 237 11.28 2.98 27.44
C PHE G 237 9.90 2.34 27.62
N LYS G 238 8.88 3.16 27.90
CA LYS G 238 7.55 2.66 28.20
C LYS G 238 6.89 2.05 26.98
N ALA G 239 7.10 2.66 25.80
CA ALA G 239 6.31 2.32 24.61
C ALA G 239 6.65 0.94 24.07
N GLU G 240 7.94 0.61 23.97
CA GLU G 240 8.32 -0.69 23.43
C GLU G 240 8.03 -1.80 24.43
N TYR G 241 8.07 -1.50 25.73
CA TYR G 241 7.66 -2.51 26.72
C TYR G 241 6.17 -2.78 26.64
N GLU G 242 5.36 -1.73 26.42
CA GLU G 242 3.92 -1.92 26.21
C GLU G 242 3.66 -2.72 24.93
N GLU G 243 4.45 -2.45 23.88
CA GLU G 243 4.33 -3.19 22.62
C GLU G 243 4.70 -4.67 22.83
N LEU G 244 5.73 -4.94 23.62
CA LEU G 244 6.13 -6.31 23.90
C LEU G 244 5.07 -7.05 24.72
N SER G 245 4.46 -6.35 25.69
CA SER G 245 3.38 -6.96 26.47
C SER G 245 2.16 -7.25 25.59
N GLN G 246 1.83 -6.32 24.69
CA GLN G 246 0.74 -6.55 23.75
C GLN G 246 1.05 -7.70 22.80
N GLN G 247 2.31 -7.83 22.37
CA GLN G 247 2.70 -8.92 21.50
C GLN G 247 2.59 -10.27 22.22
N CYS G 248 2.99 -10.32 23.50
CA CYS G 248 2.86 -11.56 24.27
C CYS G 248 1.40 -11.93 24.50
N LYS G 249 0.55 -10.92 24.79
CA LYS G 249 -0.87 -11.18 24.99
C LYS G 249 -1.54 -11.65 23.70
N LEU G 250 -1.20 -11.02 22.57
CA LEU G 250 -1.74 -11.46 21.30
C LEU G 250 -1.23 -12.84 20.90
N PHE G 251 0.01 -13.18 21.25
CA PHE G 251 0.51 -14.53 21.01
C PHE G 251 -0.24 -15.57 21.82
N ALA G 252 -0.55 -15.25 23.09
CA ALA G 252 -1.32 -16.17 23.92
C ALA G 252 -2.74 -16.34 23.39
N LYS G 253 -3.38 -15.25 22.96
CA LYS G 253 -4.73 -15.35 22.41
C LYS G 253 -4.74 -16.09 21.08
N ASP G 254 -3.72 -15.89 20.25
CA ASP G 254 -3.64 -16.57 18.97
C ASP G 254 -3.38 -18.07 19.16
N LEU G 255 -2.56 -18.42 20.15
CA LEU G 255 -2.34 -19.83 20.45
C LEU G 255 -3.61 -20.48 20.99
N LEU G 256 -4.38 -19.75 21.80
CA LEU G 256 -5.65 -20.28 22.28
C LEU G 256 -6.66 -20.41 21.15
N ASP G 257 -6.57 -19.54 20.14
CA ASP G 257 -7.57 -19.52 19.08
C ASP G 257 -7.41 -20.67 18.09
N GLN G 258 -6.29 -21.37 18.11
CA GLN G 258 -6.01 -22.43 17.13
C GLN G 258 -6.62 -23.76 17.50
N ALA G 259 -7.41 -23.84 18.58
CA ALA G 259 -8.01 -25.09 19.00
C ALA G 259 -9.09 -25.52 18.00
N ARG G 260 -9.34 -26.83 17.97
CA ARG G 260 -10.28 -27.41 17.02
C ARG G 260 -11.40 -28.22 17.66
N SER G 261 -11.38 -28.44 18.97
CA SER G 261 -12.39 -29.24 19.62
C SER G 261 -12.61 -28.73 21.04
N SER G 262 -13.79 -29.07 21.59
CA SER G 262 -14.10 -28.65 22.95
C SER G 262 -13.23 -29.36 23.99
N ARG G 263 -12.81 -30.60 23.69
CA ARG G 263 -11.97 -31.33 24.63
C ARG G 263 -10.58 -30.71 24.74
N GLU G 264 -10.05 -30.18 23.63
CA GLU G 264 -8.78 -29.47 23.68
C GLU G 264 -8.88 -28.18 24.48
N LEU G 265 -9.99 -27.46 24.33
CA LEU G 265 -10.20 -26.22 25.08
C LEU G 265 -10.34 -26.50 26.58
N GLU G 266 -11.10 -27.54 26.94
CA GLU G 266 -11.22 -27.89 28.36
C GLU G 266 -9.93 -28.47 28.93
N ILE G 267 -9.11 -29.12 28.10
CA ILE G 267 -7.82 -29.59 28.56
C ILE G 267 -6.87 -28.41 28.80
N ILE G 268 -6.92 -27.41 27.92
CA ILE G 268 -6.05 -26.25 28.07
C ILE G 268 -6.46 -25.41 29.28
N LEU G 269 -7.77 -25.21 29.46
CA LEU G 269 -8.24 -24.34 30.53
C LEU G 269 -8.09 -24.99 31.89
N ASN G 270 -8.27 -26.31 31.97
CA ASN G 270 -8.28 -27.01 33.25
C ASN G 270 -6.91 -27.55 33.65
N HIS G 271 -5.87 -27.25 32.89
CA HIS G 271 -4.53 -27.73 33.25
C HIS G 271 -4.01 -26.99 34.48
N ARG G 272 -3.45 -27.75 35.41
CA ARG G 272 -2.84 -27.19 36.61
C ARG G 272 -1.33 -27.38 36.55
N ASP G 273 -0.62 -26.64 37.41
CA ASP G 273 0.83 -26.70 37.46
C ASP G 273 1.29 -28.03 38.06
N ASP G 286 -11.62 -25.18 39.40
CA ASP G 286 -11.40 -26.14 38.33
C ASP G 286 -10.62 -25.51 37.18
N LEU G 287 -11.09 -24.34 36.72
CA LEU G 287 -10.44 -23.62 35.63
C LEU G 287 -9.23 -22.87 36.20
N ALA G 288 -8.13 -23.61 36.38
CA ALA G 288 -6.94 -23.03 36.98
C ALA G 288 -6.26 -22.05 36.03
N LYS G 289 -6.17 -22.39 34.74
CA LYS G 289 -5.49 -21.53 33.79
C LYS G 289 -6.27 -20.26 33.52
N LEU G 290 -7.61 -20.32 33.57
CA LEU G 290 -8.42 -19.11 33.45
C LEU G 290 -8.21 -18.20 34.64
N LYS G 291 -8.09 -18.76 35.84
CA LYS G 291 -7.80 -17.96 37.02
C LYS G 291 -6.41 -17.34 36.95
N VAL G 292 -5.45 -18.09 36.39
CA VAL G 292 -4.10 -17.55 36.23
C VAL G 292 -4.08 -16.43 35.20
N ALA G 293 -4.87 -16.56 34.14
CA ALA G 293 -4.98 -15.51 33.14
C ALA G 293 -5.66 -14.27 33.71
N ILE G 294 -6.68 -14.45 34.55
CA ILE G 294 -7.35 -13.32 35.18
C ILE G 294 -6.42 -12.64 36.18
N LYS G 295 -5.59 -13.42 36.87
CA LYS G 295 -4.66 -12.84 37.84
C LYS G 295 -3.57 -12.02 37.15
N TYR G 296 -3.21 -12.37 35.91
CA TYR G 296 -2.21 -11.64 35.16
C TYR G 296 -2.80 -10.60 34.23
N HIS G 297 -4.13 -10.40 34.28
CA HIS G 297 -4.83 -9.37 33.52
C HIS G 297 -4.71 -9.59 32.00
N GLN G 298 -4.92 -10.83 31.57
CA GLN G 298 -4.92 -11.17 30.15
C GLN G 298 -6.34 -11.06 29.64
N LYS G 299 -6.73 -9.85 29.26
CA LYS G 299 -8.09 -9.59 28.81
C LYS G 299 -8.39 -10.24 27.46
N GLU G 300 -7.40 -10.28 26.56
CA GLU G 300 -7.61 -10.91 25.26
C GLU G 300 -7.79 -12.42 25.38
N PHE G 301 -7.06 -13.06 26.31
CA PHE G 301 -7.20 -14.49 26.49
C PHE G 301 -8.56 -14.85 27.08
N VAL G 302 -9.03 -14.07 28.06
CA VAL G 302 -10.31 -14.36 28.70
C VAL G 302 -11.47 -14.08 27.74
N ALA G 303 -11.34 -13.02 26.92
CA ALA G 303 -12.43 -12.58 26.06
C ALA G 303 -12.47 -13.30 24.71
N GLN G 304 -11.76 -14.40 24.57
CA GLN G 304 -11.84 -15.19 23.35
C GLN G 304 -13.23 -15.84 23.26
N PRO G 305 -13.77 -16.00 22.04
CA PRO G 305 -15.15 -16.51 21.90
C PRO G 305 -15.37 -17.93 22.39
N ASN G 306 -14.41 -18.83 22.25
CA ASN G 306 -14.63 -20.21 22.67
C ASN G 306 -14.62 -20.33 24.19
N CYS G 307 -13.74 -19.59 24.86
CA CYS G 307 -13.73 -19.55 26.31
C CYS G 307 -15.00 -18.89 26.84
N GLN G 308 -15.50 -17.88 26.13
CA GLN G 308 -16.77 -17.27 26.50
C GLN G 308 -17.94 -18.24 26.33
N GLN G 309 -17.90 -19.07 25.28
CA GLN G 309 -18.93 -20.09 25.09
C GLN G 309 -18.89 -21.15 26.18
N LEU G 310 -17.68 -21.57 26.58
CA LEU G 310 -17.56 -22.55 27.66
C LEU G 310 -18.00 -21.97 29.00
N LEU G 311 -17.66 -20.69 29.26
CA LEU G 311 -18.12 -20.05 30.48
C LEU G 311 -19.63 -19.81 30.47
N ALA G 312 -20.21 -19.58 29.30
CA ALA G 312 -21.66 -19.45 29.20
C ALA G 312 -22.35 -20.78 29.44
N THR G 313 -21.77 -21.87 28.93
CA THR G 313 -22.31 -23.20 29.18
C THR G 313 -22.22 -23.58 30.65
N LEU G 314 -21.11 -23.25 31.30
CA LEU G 314 -21.00 -23.51 32.73
C LEU G 314 -21.89 -22.59 33.55
N TRP G 315 -22.12 -21.37 33.08
CA TRP G 315 -22.94 -20.41 33.82
C TRP G 315 -24.40 -20.82 33.81
N TYR G 316 -24.92 -21.21 32.64
CA TYR G 316 -26.27 -21.74 32.52
C TYR G 316 -26.21 -23.27 32.63
N ASP G 317 -25.87 -23.72 33.85
CA ASP G 317 -25.63 -25.14 34.07
C ASP G 317 -26.94 -25.94 34.04
N GLY G 318 -27.97 -25.45 34.74
CA GLY G 318 -29.24 -26.13 34.82
C GLY G 318 -30.31 -25.63 33.88
N PHE G 319 -30.01 -24.65 33.02
CA PHE G 319 -30.96 -24.05 32.09
C PHE G 319 -30.44 -24.19 30.67
N PRO G 320 -30.65 -25.35 30.04
CA PRO G 320 -30.20 -25.53 28.65
C PRO G 320 -31.04 -24.71 27.67
N GLY G 321 -30.38 -24.18 26.66
CA GLY G 321 -31.04 -23.35 25.67
C GLY G 321 -31.58 -22.05 26.20
N TRP G 322 -30.80 -21.35 27.02
CA TRP G 322 -31.24 -20.06 27.57
C TRP G 322 -31.26 -18.97 26.50
N ARG G 323 -30.30 -19.00 25.57
CA ARG G 323 -30.25 -17.99 24.52
C ARG G 323 -31.38 -18.15 23.50
N ARG G 324 -31.95 -19.35 23.41
CA ARG G 324 -33.00 -19.67 22.43
C ARG G 324 -34.32 -19.00 22.74
N LYS G 325 -34.62 -18.74 24.00
CA LYS G 325 -35.97 -18.44 24.45
C LYS G 325 -36.38 -17.02 24.08
N HIS G 326 -37.68 -16.81 23.89
CA HIS G 326 -38.21 -15.47 23.76
C HIS G 326 -38.13 -14.81 25.13
N TRP G 327 -38.01 -13.47 25.14
CA TRP G 327 -37.67 -12.75 26.36
C TRP G 327 -38.77 -12.78 27.42
N VAL G 328 -40.03 -13.05 27.04
CA VAL G 328 -41.10 -13.06 28.04
C VAL G 328 -40.97 -14.27 28.95
N VAL G 329 -40.64 -15.44 28.39
CA VAL G 329 -40.48 -16.63 29.22
C VAL G 329 -39.22 -16.54 30.08
N LYS G 330 -38.17 -15.89 29.56
CA LYS G 330 -36.95 -15.67 30.35
C LYS G 330 -37.22 -14.73 31.51
N LEU G 331 -37.97 -13.66 31.26
CA LEU G 331 -38.30 -12.73 32.35
C LEU G 331 -39.25 -13.36 33.34
N LEU G 332 -40.18 -14.22 32.87
CA LEU G 332 -41.09 -14.91 33.78
C LEU G 332 -40.36 -15.91 34.66
N THR G 333 -39.38 -16.63 34.09
CA THR G 333 -38.56 -17.54 34.89
C THR G 333 -37.71 -16.76 35.88
N CYS G 334 -37.18 -15.61 35.48
CA CYS G 334 -36.40 -14.76 36.38
C CYS G 334 -37.26 -14.23 37.53
N MET G 335 -38.49 -13.81 37.22
CA MET G 335 -39.40 -13.33 38.26
C MET G 335 -39.80 -14.44 39.22
N THR G 336 -40.13 -15.63 38.68
CA THR G 336 -40.53 -16.73 39.55
C THR G 336 -39.37 -17.28 40.37
N ILE G 337 -38.14 -17.17 39.88
CA ILE G 337 -37.01 -17.62 40.68
C ILE G 337 -36.49 -16.55 41.64
N GLY G 338 -36.72 -15.27 41.34
CA GLY G 338 -36.34 -14.20 42.24
C GLY G 338 -37.34 -13.99 43.35
N PHE G 339 -38.62 -14.27 43.08
CA PHE G 339 -39.64 -14.21 44.11
C PHE G 339 -39.61 -15.41 45.03
N LEU G 340 -38.91 -16.47 44.65
CA LEU G 340 -38.76 -17.66 45.47
C LEU G 340 -37.47 -17.64 46.30
N PHE G 341 -36.96 -16.45 46.60
CA PHE G 341 -35.81 -16.26 47.47
C PHE G 341 -35.88 -16.89 48.88
N PRO G 342 -36.98 -16.84 49.67
CA PRO G 342 -36.86 -17.40 51.02
C PRO G 342 -36.87 -18.91 51.04
N MET G 343 -37.51 -19.57 50.08
CA MET G 343 -37.23 -20.98 49.89
C MET G 343 -35.96 -21.14 49.06
N LEU G 344 -35.50 -22.39 48.97
CA LEU G 344 -34.35 -22.87 48.20
C LEU G 344 -33.00 -22.55 48.84
N SER G 345 -33.00 -21.83 49.96
CA SER G 345 -31.85 -21.62 50.82
C SER G 345 -32.00 -22.37 52.14
N ILE G 346 -33.20 -22.36 52.72
CA ILE G 346 -33.48 -23.25 53.84
C ILE G 346 -33.54 -24.70 53.37
N ALA G 347 -33.93 -24.92 52.12
CA ALA G 347 -33.90 -26.27 51.55
C ALA G 347 -32.46 -26.78 51.43
N TYR G 348 -31.53 -25.90 51.05
CA TYR G 348 -30.11 -26.27 51.06
C TYR G 348 -29.62 -26.54 52.47
N LEU G 349 -30.14 -25.81 53.47
CA LEU G 349 -29.74 -26.04 54.85
C LEU G 349 -30.25 -27.36 55.37
N ILE G 350 -31.47 -27.75 55.01
CA ILE G 350 -32.09 -28.94 55.57
C ILE G 350 -31.82 -30.20 54.75
N SER G 351 -31.57 -30.08 53.45
CA SER G 351 -31.31 -31.25 52.62
C SER G 351 -30.43 -30.88 51.44
N PRO G 352 -29.11 -30.78 51.64
CA PRO G 352 -28.23 -30.44 50.51
C PRO G 352 -28.13 -31.53 49.47
N ARG G 353 -28.39 -32.79 49.83
CA ARG G 353 -28.31 -33.90 48.89
C ARG G 353 -29.64 -34.18 48.18
N SER G 354 -30.68 -33.43 48.50
CA SER G 354 -31.97 -33.61 47.85
C SER G 354 -31.96 -32.98 46.46
N ASN G 355 -33.00 -33.31 45.68
CA ASN G 355 -33.13 -32.74 44.33
C ASN G 355 -33.40 -31.24 44.39
N LEU G 356 -34.18 -30.78 45.36
CA LEU G 356 -34.48 -29.37 45.47
C LEU G 356 -33.29 -28.56 45.98
N GLY G 357 -32.48 -29.16 46.86
CA GLY G 357 -31.34 -28.44 47.40
C GLY G 357 -30.19 -28.30 46.42
N LEU G 358 -30.16 -29.14 45.38
CA LEU G 358 -29.07 -29.09 44.42
C LEU G 358 -29.23 -27.99 43.39
N PHE G 359 -30.43 -27.42 43.26
CA PHE G 359 -30.66 -26.36 42.28
C PHE G 359 -30.04 -25.03 42.70
N ILE G 360 -29.75 -24.84 43.99
CA ILE G 360 -29.15 -23.60 44.45
C ILE G 360 -27.64 -23.54 44.17
N LYS G 361 -27.01 -24.69 43.91
CA LYS G 361 -25.58 -24.72 43.68
C LYS G 361 -25.18 -24.22 42.29
N LYS G 362 -26.12 -24.10 41.36
CA LYS G 362 -25.80 -23.57 40.04
C LYS G 362 -25.51 -22.07 40.14
N PRO G 363 -24.65 -21.55 39.26
CA PRO G 363 -24.23 -20.14 39.40
C PRO G 363 -25.31 -19.14 39.06
N PHE G 364 -26.16 -19.43 38.06
CA PHE G 364 -27.21 -18.49 37.68
C PHE G 364 -28.26 -18.36 38.78
N ILE G 365 -28.63 -19.48 39.41
CA ILE G 365 -29.58 -19.43 40.52
C ILE G 365 -28.98 -18.72 41.72
N LYS G 366 -27.67 -18.88 41.93
CA LYS G 366 -26.98 -18.18 43.01
C LYS G 366 -26.98 -16.67 42.79
N PHE G 367 -26.70 -16.24 41.56
CA PHE G 367 -26.69 -14.82 41.24
C PHE G 367 -28.09 -14.23 41.32
N ILE G 368 -29.11 -14.97 40.86
CA ILE G 368 -30.48 -14.48 40.93
C ILE G 368 -30.96 -14.40 42.38
N CYS G 369 -30.57 -15.37 43.21
CA CYS G 369 -30.96 -15.34 44.62
C CYS G 369 -30.28 -14.19 45.36
N HIS G 370 -29.00 -13.93 45.05
CA HIS G 370 -28.30 -12.80 45.68
C HIS G 370 -28.89 -11.47 45.23
N THR G 371 -29.26 -11.35 43.94
CA THR G 371 -29.90 -10.13 43.46
C THR G 371 -31.27 -9.93 44.08
N ALA G 372 -32.03 -11.03 44.26
CA ALA G 372 -33.33 -10.94 44.90
C ALA G 372 -33.21 -10.56 46.37
N SER G 373 -32.19 -11.08 47.06
CA SER G 373 -31.95 -10.72 48.45
C SER G 373 -31.57 -9.25 48.59
N TYR G 374 -30.72 -8.75 47.69
CA TYR G 374 -30.34 -7.34 47.77
C TYR G 374 -31.51 -6.42 47.40
N LEU G 375 -32.35 -6.85 46.45
CA LEU G 375 -33.54 -6.07 46.12
C LEU G 375 -34.53 -6.07 47.28
N THR G 376 -34.65 -7.20 47.99
CA THR G 376 -35.52 -7.25 49.17
C THR G 376 -34.99 -6.35 50.27
N PHE G 377 -33.66 -6.30 50.46
CA PHE G 377 -33.07 -5.40 51.44
C PHE G 377 -33.30 -3.94 51.08
N LEU G 378 -33.18 -3.60 49.79
CA LEU G 378 -33.45 -2.23 49.35
C LEU G 378 -34.92 -1.85 49.53
N PHE G 379 -35.83 -2.78 49.21
CA PHE G 379 -37.26 -2.52 49.39
C PHE G 379 -37.62 -2.39 50.86
N MET G 380 -36.96 -3.17 51.73
CA MET G 380 -37.17 -3.03 53.17
C MET G 380 -36.64 -1.69 53.68
N LEU G 381 -35.51 -1.22 53.13
CA LEU G 381 -35.03 0.10 53.51
C LEU G 381 -35.96 1.21 53.02
N LEU G 382 -36.59 1.05 51.85
CA LEU G 382 -37.65 1.97 51.46
C LEU G 382 -38.83 1.92 52.41
N LEU G 383 -39.24 0.71 52.82
CA LEU G 383 -40.40 0.57 53.71
C LEU G 383 -40.12 1.09 55.11
N ALA G 384 -38.85 1.12 55.53
CA ALA G 384 -38.51 1.65 56.85
C ALA G 384 -38.72 3.15 56.98
N SER G 385 -38.80 3.90 55.87
CA SER G 385 -38.93 5.34 55.88
C SER G 385 -40.38 5.79 55.72
N GLN G 386 -41.34 5.03 56.23
CA GLN G 386 -42.75 5.35 56.09
C GLN G 386 -43.36 5.62 57.45
N HIS G 387 -44.49 6.34 57.44
CA HIS G 387 -45.20 6.72 58.66
C HIS G 387 -46.04 5.58 59.24
N ILE G 388 -46.20 4.47 58.50
CA ILE G 388 -46.96 3.34 59.01
C ILE G 388 -46.24 2.68 60.17
N VAL G 389 -44.91 2.61 60.09
CA VAL G 389 -44.11 1.95 61.13
C VAL G 389 -43.59 2.95 62.16
N ARG G 390 -43.11 4.10 61.71
CA ARG G 390 -42.51 5.07 62.61
C ARG G 390 -43.60 5.78 63.42
N THR G 391 -43.54 5.63 64.75
CA THR G 391 -44.48 6.27 65.64
C THR G 391 -43.76 6.75 66.89
N ASP G 392 -44.30 7.81 67.50
CA ASP G 392 -43.82 8.37 68.76
C ASP G 392 -42.37 8.85 68.65
N LEU G 393 -42.19 9.89 67.83
CA LEU G 393 -40.87 10.44 67.56
C LEU G 393 -40.31 11.28 68.70
N HIS G 394 -41.09 11.57 69.74
CA HIS G 394 -40.64 12.42 70.84
C HIS G 394 -40.03 11.63 71.99
N VAL G 395 -39.41 10.49 71.69
CA VAL G 395 -38.70 9.71 72.69
C VAL G 395 -37.20 9.91 72.47
N GLN G 396 -36.47 10.13 73.57
CA GLN G 396 -35.04 10.38 73.47
C GLN G 396 -34.29 9.12 73.02
N GLY G 397 -34.35 8.07 73.83
CA GLY G 397 -33.85 6.78 73.42
C GLY G 397 -34.99 5.86 73.03
N PRO G 398 -35.23 5.74 71.73
CA PRO G 398 -36.35 4.93 71.26
C PRO G 398 -35.93 3.49 71.08
N PRO G 399 -36.81 2.55 71.46
CA PRO G 399 -36.53 1.15 71.14
C PRO G 399 -36.62 0.91 69.67
N PRO G 400 -35.90 -0.08 69.13
CA PRO G 400 -35.95 -0.35 67.69
C PRO G 400 -37.30 -0.91 67.28
N THR G 401 -37.83 -0.36 66.19
CA THR G 401 -39.09 -0.87 65.64
C THR G 401 -38.86 -2.24 65.02
N VAL G 402 -39.97 -2.93 64.74
CA VAL G 402 -39.94 -4.32 64.25
C VAL G 402 -39.30 -4.42 62.87
N VAL G 403 -39.39 -3.35 62.07
CA VAL G 403 -38.69 -3.29 60.80
C VAL G 403 -37.18 -3.29 61.04
N GLU G 404 -36.72 -2.57 62.06
CA GLU G 404 -35.29 -2.58 62.38
C GLU G 404 -34.85 -3.93 62.93
N TRP G 405 -35.73 -4.58 63.72
CA TRP G 405 -35.44 -5.91 64.25
C TRP G 405 -35.31 -6.94 63.12
N MET G 406 -36.09 -6.79 62.05
CA MET G 406 -35.92 -7.69 60.93
C MET G 406 -34.75 -7.29 60.02
N ILE G 407 -34.45 -5.99 59.90
CA ILE G 407 -33.33 -5.56 59.06
C ILE G 407 -31.98 -5.98 59.65
N LEU G 408 -31.91 -6.09 60.99
CA LEU G 408 -30.67 -6.47 61.68
C LEU G 408 -30.05 -7.81 61.26
N PRO G 409 -30.80 -8.89 61.02
CA PRO G 409 -30.18 -10.10 60.43
C PRO G 409 -29.54 -9.91 59.07
N TRP G 410 -30.09 -9.04 58.21
CA TRP G 410 -29.42 -8.76 56.94
C TRP G 410 -28.08 -8.05 57.13
N VAL G 411 -28.02 -7.12 58.09
CA VAL G 411 -26.76 -6.43 58.37
C VAL G 411 -25.73 -7.38 58.96
N LEU G 412 -26.19 -8.28 59.84
CA LEU G 412 -25.29 -9.30 60.39
C LEU G 412 -24.80 -10.28 59.32
N GLY G 413 -25.67 -10.65 58.38
CA GLY G 413 -25.26 -11.52 57.29
C GLY G 413 -24.28 -10.83 56.36
N PHE G 414 -24.47 -9.53 56.11
CA PHE G 414 -23.51 -8.77 55.30
C PHE G 414 -22.16 -8.67 56.00
N ILE G 415 -22.16 -8.48 57.32
CA ILE G 415 -20.92 -8.43 58.10
C ILE G 415 -20.19 -9.76 58.05
N TRP G 416 -20.93 -10.87 58.22
CA TRP G 416 -20.32 -12.20 58.18
C TRP G 416 -19.80 -12.53 56.79
N GLY G 417 -20.53 -12.13 55.74
CA GLY G 417 -20.06 -12.35 54.38
C GLY G 417 -18.82 -11.54 54.04
N GLU G 418 -18.77 -10.28 54.48
CA GLU G 418 -17.58 -9.46 54.24
C GLU G 418 -16.36 -9.97 55.01
N ILE G 419 -16.54 -10.43 56.25
CA ILE G 419 -15.40 -10.96 57.00
C ILE G 419 -14.95 -12.29 56.42
N LYS G 420 -15.90 -13.11 55.94
CA LYS G 420 -15.55 -14.36 55.27
C LYS G 420 -14.79 -14.10 53.98
N GLU G 421 -15.20 -13.08 53.22
CA GLU G 421 -14.45 -12.69 52.04
C GLU G 421 -13.08 -12.13 52.39
N MET G 422 -12.93 -11.50 53.56
CA MET G 422 -11.61 -11.06 53.98
C MET G 422 -10.72 -12.25 54.30
N TRP G 423 -11.27 -13.28 54.96
CA TRP G 423 -10.45 -14.42 55.36
C TRP G 423 -10.09 -15.27 54.13
N ASP G 424 -11.10 -15.77 53.42
CA ASP G 424 -10.83 -16.57 52.23
C ASP G 424 -10.34 -15.69 51.10
N GLY G 425 -9.27 -16.13 50.43
CA GLY G 425 -8.66 -15.39 49.34
C GLY G 425 -7.47 -14.55 49.76
N GLY G 426 -7.39 -14.18 51.03
CA GLY G 426 -6.27 -13.42 51.54
C GLY G 426 -6.57 -11.93 51.64
N PHE G 427 -5.86 -11.27 52.55
CA PHE G 427 -5.96 -9.82 52.69
C PHE G 427 -5.30 -9.08 51.53
N THR G 428 -4.34 -9.71 50.84
CA THR G 428 -3.70 -9.07 49.69
C THR G 428 -4.57 -9.08 48.45
N GLU G 429 -5.58 -9.96 48.39
CA GLU G 429 -6.51 -10.00 47.27
C GLU G 429 -7.82 -9.29 47.56
N TYR G 430 -8.17 -9.09 48.84
CA TYR G 430 -9.42 -8.44 49.18
C TYR G 430 -9.41 -6.96 48.82
N ILE G 431 -8.23 -6.33 48.78
CA ILE G 431 -8.13 -4.89 48.54
C ILE G 431 -8.04 -4.52 47.08
N HIS G 432 -7.84 -5.48 46.18
CA HIS G 432 -7.70 -5.19 44.76
C HIS G 432 -9.02 -5.13 44.02
N ASP G 433 -10.12 -5.50 44.67
CA ASP G 433 -11.42 -5.47 44.00
C ASP G 433 -11.90 -4.04 43.72
N TRP G 434 -11.68 -3.13 44.67
CA TRP G 434 -12.08 -1.72 44.69
C TRP G 434 -13.57 -1.50 44.96
N TRP G 435 -14.38 -2.56 45.05
CA TRP G 435 -15.75 -2.46 45.51
C TRP G 435 -15.87 -2.72 47.00
N ASN G 436 -14.80 -3.26 47.61
CA ASN G 436 -14.83 -3.59 49.03
C ASN G 436 -14.70 -2.35 49.90
N LEU G 437 -14.26 -1.22 49.35
CA LEU G 437 -14.19 0.00 50.14
C LEU G 437 -15.58 0.51 50.50
N MET G 438 -16.52 0.41 49.55
CA MET G 438 -17.90 0.78 49.86
C MET G 438 -18.54 -0.20 50.84
N ASP G 439 -18.19 -1.49 50.74
CA ASP G 439 -18.69 -2.47 51.70
C ASP G 439 -18.14 -2.22 53.10
N PHE G 440 -16.85 -1.87 53.20
CA PHE G 440 -16.24 -1.50 54.48
C PHE G 440 -16.88 -0.26 55.07
N ALA G 441 -17.16 0.73 54.21
CA ALA G 441 -17.81 1.95 54.66
C ALA G 441 -19.23 1.69 55.13
N MET G 442 -19.99 0.86 54.39
CA MET G 442 -21.35 0.49 54.77
C MET G 442 -21.38 -0.29 56.09
N ASN G 443 -20.42 -1.21 56.28
CA ASN G 443 -20.36 -1.96 57.53
C ASN G 443 -19.99 -1.07 58.70
N SER G 444 -19.06 -0.14 58.48
CA SER G 444 -18.71 0.85 59.52
C SER G 444 -19.89 1.74 59.88
N LEU G 445 -20.67 2.15 58.88
CA LEU G 445 -21.84 2.98 59.15
C LEU G 445 -22.91 2.20 59.91
N TYR G 446 -23.11 0.94 59.55
CA TYR G 446 -24.09 0.11 60.26
C TYR G 446 -23.66 -0.17 61.70
N LEU G 447 -22.35 -0.42 61.91
CA LEU G 447 -21.84 -0.62 63.27
C LEU G 447 -21.97 0.65 64.10
N ALA G 448 -21.68 1.81 63.50
CA ALA G 448 -21.79 3.08 64.20
C ALA G 448 -23.24 3.41 64.56
N THR G 449 -24.18 3.17 63.63
CA THR G 449 -25.57 3.45 63.94
C THR G 449 -26.15 2.45 64.95
N ILE G 450 -25.70 1.20 64.92
CA ILE G 450 -26.15 0.23 65.91
C ILE G 450 -25.61 0.58 67.29
N SER G 451 -24.35 1.01 67.37
CA SER G 451 -23.77 1.40 68.65
C SER G 451 -24.43 2.67 69.20
N LEU G 452 -24.74 3.63 68.33
CA LEU G 452 -25.42 4.84 68.75
C LEU G 452 -26.84 4.54 69.22
N LYS G 453 -27.54 3.63 68.53
CA LYS G 453 -28.89 3.24 68.95
C LYS G 453 -28.87 2.51 70.29
N ILE G 454 -27.92 1.61 70.49
CA ILE G 454 -27.89 0.86 71.76
C ILE G 454 -27.47 1.76 72.92
N VAL G 455 -26.55 2.70 72.68
CA VAL G 455 -26.16 3.62 73.76
C VAL G 455 -27.30 4.59 74.09
N ALA G 456 -28.05 5.04 73.07
CA ALA G 456 -29.20 5.90 73.31
C ALA G 456 -30.32 5.15 74.03
N TYR G 457 -30.48 3.86 73.75
CA TYR G 457 -31.45 3.06 74.49
C TYR G 457 -31.00 2.88 75.94
N VAL G 458 -29.71 2.62 76.16
CA VAL G 458 -29.27 2.25 77.49
C VAL G 458 -29.21 3.46 78.43
N LYS G 459 -28.78 4.64 77.97
CA LYS G 459 -28.57 5.70 78.95
C LYS G 459 -29.22 7.03 78.58
N TYR G 460 -30.17 7.06 77.64
CA TYR G 460 -30.90 8.29 77.35
C TYR G 460 -32.39 8.11 77.57
N ASN G 461 -32.78 7.55 78.72
CA ASN G 461 -34.18 7.29 79.00
C ASN G 461 -34.93 8.60 79.22
N GLY G 462 -36.07 8.74 78.56
CA GLY G 462 -36.87 9.94 78.67
C GLY G 462 -37.72 10.13 77.43
N SER G 463 -38.52 11.19 77.47
CA SER G 463 -39.42 11.52 76.36
C SER G 463 -39.38 13.02 76.08
N ARG G 464 -38.19 13.59 76.03
CA ARG G 464 -38.05 15.02 75.75
C ARG G 464 -38.43 15.32 74.30
N PRO G 465 -39.10 16.44 74.05
CA PRO G 465 -39.47 16.78 72.67
C PRO G 465 -38.26 17.12 71.82
N ARG G 466 -38.37 16.84 70.52
CA ARG G 466 -37.25 16.95 69.60
C ARG G 466 -36.79 18.38 69.36
N GLU G 467 -37.64 19.38 69.63
CA GLU G 467 -37.28 20.77 69.35
C GLU G 467 -36.20 21.30 70.28
N GLU G 468 -36.00 20.68 71.45
CA GLU G 468 -35.01 21.14 72.41
C GLU G 468 -33.92 20.09 72.65
N TRP G 469 -33.60 19.30 71.63
CA TRP G 469 -32.55 18.31 71.75
C TRP G 469 -31.18 18.94 71.53
N GLU G 470 -30.16 18.28 72.06
CA GLU G 470 -28.79 18.70 71.84
C GLU G 470 -28.41 18.50 70.38
N MET G 471 -27.55 19.39 69.86
CA MET G 471 -27.09 19.26 68.47
C MET G 471 -26.25 18.01 68.30
N TRP G 472 -25.41 17.69 69.30
CA TRP G 472 -24.68 16.43 69.31
C TRP G 472 -25.46 15.31 69.98
N HIS G 473 -26.68 15.08 69.58
CA HIS G 473 -27.45 13.94 70.10
C HIS G 473 -27.08 12.69 69.31
N PRO G 474 -26.75 11.58 69.98
CA PRO G 474 -26.41 10.35 69.25
C PRO G 474 -27.55 9.74 68.45
N THR G 475 -28.81 10.06 68.78
CA THR G 475 -29.92 9.58 67.95
C THR G 475 -29.90 10.23 66.57
N LEU G 476 -29.66 11.55 66.52
CA LEU G 476 -29.59 12.25 65.25
C LEU G 476 -28.37 11.82 64.43
N ILE G 477 -27.24 11.59 65.11
CA ILE G 477 -26.03 11.13 64.42
C ILE G 477 -26.23 9.71 63.89
N ALA G 478 -26.90 8.86 64.67
CA ALA G 478 -27.22 7.51 64.22
C ALA G 478 -28.15 7.53 63.01
N GLU G 479 -29.13 8.45 63.00
CA GLU G 479 -30.01 8.53 61.84
C GLU G 479 -29.29 9.07 60.61
N ALA G 480 -28.37 10.02 60.80
CA ALA G 480 -27.59 10.55 59.68
C ALA G 480 -26.69 9.47 59.08
N LEU G 481 -26.05 8.68 59.94
CA LEU G 481 -25.24 7.57 59.46
C LEU G 481 -26.09 6.49 58.81
N PHE G 482 -27.30 6.28 59.32
CA PHE G 482 -28.23 5.33 58.70
C PHE G 482 -28.66 5.79 57.31
N ALA G 483 -28.90 7.09 57.14
CA ALA G 483 -29.26 7.63 55.84
C ALA G 483 -28.10 7.52 54.85
N ILE G 484 -26.88 7.79 55.31
CA ILE G 484 -25.71 7.67 54.44
C ILE G 484 -25.47 6.20 54.06
N SER G 485 -25.68 5.29 55.01
CA SER G 485 -25.57 3.86 54.71
C SER G 485 -26.67 3.40 53.75
N ASN G 486 -27.86 3.99 53.86
CA ASN G 486 -28.94 3.65 52.93
C ASN G 486 -28.61 4.12 51.53
N ILE G 487 -27.98 5.31 51.41
CA ILE G 487 -27.52 5.81 50.11
C ILE G 487 -26.45 4.89 49.53
N LEU G 488 -25.51 4.44 50.36
CA LEU G 488 -24.46 3.54 49.87
C LEU G 488 -25.03 2.18 49.48
N SER G 489 -26.01 1.69 50.23
CA SER G 489 -26.65 0.42 49.89
C SER G 489 -27.44 0.51 48.59
N SER G 490 -28.09 1.65 48.35
CA SER G 490 -28.81 1.83 47.10
C SER G 490 -27.86 2.04 45.92
N LEU G 491 -26.72 2.70 46.14
CA LEU G 491 -25.74 2.90 45.09
C LEU G 491 -24.83 1.70 44.89
N ARG G 492 -24.97 0.66 45.72
CA ARG G 492 -24.23 -0.59 45.51
C ARG G 492 -24.70 -1.39 44.29
N LEU G 493 -25.88 -1.07 43.73
CA LEU G 493 -26.45 -1.80 42.60
C LEU G 493 -25.75 -1.55 41.28
N ILE G 494 -24.81 -0.60 41.20
CA ILE G 494 -24.09 -0.33 39.97
C ILE G 494 -23.20 -1.50 39.57
N SER G 495 -22.72 -2.28 40.54
CA SER G 495 -21.83 -3.40 40.28
C SER G 495 -22.50 -4.55 39.54
N LEU G 496 -23.83 -4.62 39.52
CA LEU G 496 -24.55 -5.67 38.82
C LEU G 496 -24.76 -5.38 37.33
N PHE G 497 -24.21 -4.25 36.84
CA PHE G 497 -24.40 -3.86 35.45
C PHE G 497 -23.59 -4.73 34.48
N THR G 498 -22.60 -5.47 34.96
CA THR G 498 -21.85 -6.38 34.10
C THR G 498 -22.70 -7.54 33.59
N ALA G 499 -23.74 -7.93 34.34
CA ALA G 499 -24.58 -9.05 33.95
C ALA G 499 -25.36 -8.76 32.68
N ASN G 500 -25.84 -7.52 32.51
CA ASN G 500 -26.54 -7.15 31.29
C ASN G 500 -25.55 -6.93 30.15
N SER G 501 -26.06 -6.99 28.93
CA SER G 501 -25.24 -6.82 27.73
C SER G 501 -25.22 -5.38 27.23
N HIS G 502 -25.89 -4.46 27.91
CA HIS G 502 -25.96 -3.07 27.47
C HIS G 502 -25.40 -2.08 28.47
N LEU G 503 -25.35 -2.42 29.76
CA LEU G 503 -24.92 -1.50 30.80
C LEU G 503 -23.48 -1.73 31.26
N GLY G 504 -22.78 -2.69 30.64
CA GLY G 504 -21.42 -3.00 31.01
C GLY G 504 -20.36 -2.04 30.48
N PRO G 505 -20.29 -1.89 29.15
CA PRO G 505 -19.37 -0.89 28.57
C PRO G 505 -19.69 0.54 28.96
N LEU G 506 -20.96 0.84 29.25
CA LEU G 506 -21.34 2.16 29.77
C LEU G 506 -20.66 2.45 31.11
N GLN G 507 -20.68 1.48 32.02
CA GLN G 507 -19.99 1.72 33.29
C GLN G 507 -18.48 1.57 33.17
N ILE G 508 -17.97 0.86 32.16
CA ILE G 508 -16.52 0.86 31.93
C ILE G 508 -16.05 2.24 31.50
N SER G 509 -16.78 2.87 30.58
CA SER G 509 -16.50 4.25 30.19
C SER G 509 -16.70 5.20 31.36
N LEU G 510 -17.70 4.92 32.21
CA LEU G 510 -17.91 5.70 33.42
C LEU G 510 -16.72 5.57 34.38
N GLY G 511 -16.14 4.37 34.49
CA GLY G 511 -14.99 4.18 35.35
C GLY G 511 -13.75 4.93 34.86
N ARG G 512 -13.53 4.94 33.53
CA ARG G 512 -12.41 5.72 33.00
C ARG G 512 -12.64 7.23 33.17
N MET G 513 -13.87 7.67 32.88
CA MET G 513 -14.19 9.09 33.02
C MET G 513 -14.21 9.54 34.47
N LEU G 514 -14.42 8.63 35.44
CA LEU G 514 -14.31 8.99 36.84
C LEU G 514 -12.88 9.33 37.23
N LEU G 515 -11.90 8.58 36.69
CA LEU G 515 -10.50 8.91 36.91
C LEU G 515 -10.15 10.25 36.27
N ASP G 516 -10.69 10.51 35.08
CA ASP G 516 -10.49 11.81 34.45
C ASP G 516 -11.15 12.94 35.26
N ILE G 517 -12.30 12.65 35.88
CA ILE G 517 -12.96 13.62 36.74
C ILE G 517 -12.13 13.90 37.98
N LEU G 518 -11.45 12.88 38.52
CA LEU G 518 -10.55 13.09 39.66
C LEU G 518 -9.36 13.96 39.27
N LYS G 519 -8.80 13.72 38.08
CA LYS G 519 -7.71 14.55 37.57
C LYS G 519 -8.14 15.99 37.35
N PHE G 520 -9.40 16.20 36.97
CA PHE G 520 -9.95 17.56 36.92
C PHE G 520 -10.16 18.15 38.31
N LEU G 521 -10.70 17.36 39.23
CA LEU G 521 -11.10 17.86 40.54
C LEU G 521 -9.92 18.25 41.41
N PHE G 522 -8.72 17.72 41.13
CA PHE G 522 -7.52 18.21 41.81
C PHE G 522 -7.27 19.70 41.52
N ILE G 523 -7.26 20.07 40.24
CA ILE G 523 -7.05 21.47 39.84
C ILE G 523 -8.22 22.34 40.29
N TYR G 524 -9.44 21.78 40.25
CA TYR G 524 -10.60 22.53 40.74
C TYR G 524 -10.51 22.78 42.25
N CYS G 525 -10.03 21.80 43.02
CA CYS G 525 -9.87 22.00 44.45
C CYS G 525 -8.81 23.04 44.76
N LEU G 526 -7.73 23.07 43.97
CA LEU G 526 -6.70 24.09 44.16
C LEU G 526 -7.24 25.50 43.88
N VAL G 527 -7.99 25.65 42.78
CA VAL G 527 -8.56 26.96 42.42
C VAL G 527 -9.60 27.39 43.44
N LEU G 528 -10.41 26.44 43.93
CA LEU G 528 -11.43 26.73 44.92
C LEU G 528 -10.81 27.15 46.24
N LEU G 529 -9.71 26.50 46.65
CA LEU G 529 -9.03 26.87 47.88
C LEU G 529 -8.41 28.27 47.78
N ALA G 530 -7.84 28.60 46.62
CA ALA G 530 -7.25 29.92 46.41
C ALA G 530 -8.30 31.03 46.47
N PHE G 531 -9.42 30.85 45.75
CA PHE G 531 -10.45 31.87 45.73
C PHE G 531 -11.17 31.96 47.07
N ALA G 532 -11.34 30.83 47.78
CA ALA G 532 -11.96 30.87 49.10
C ALA G 532 -11.06 31.59 50.10
N ASN G 533 -9.74 31.38 50.01
CA ASN G 533 -8.80 32.10 50.88
C ASN G 533 -8.86 33.60 50.64
N GLY G 534 -8.90 34.01 49.36
CA GLY G 534 -8.98 35.42 49.05
C GLY G 534 -10.28 36.06 49.50
N LEU G 535 -11.41 35.36 49.28
CA LEU G 535 -12.71 35.90 49.67
C LEU G 535 -12.86 35.98 51.19
N ASN G 536 -12.36 34.98 51.92
CA ASN G 536 -12.44 35.02 53.38
C ASN G 536 -11.54 36.12 53.95
N GLN G 537 -10.33 36.27 53.39
CA GLN G 537 -9.42 37.32 53.85
C GLN G 537 -9.98 38.71 53.56
N LEU G 538 -10.74 38.86 52.47
CA LEU G 538 -11.36 40.15 52.21
C LEU G 538 -12.57 40.40 53.11
N TYR G 539 -13.42 39.39 53.32
CA TYR G 539 -14.74 39.62 53.89
C TYR G 539 -14.91 39.23 55.36
N PHE G 540 -13.87 38.77 56.06
CA PHE G 540 -14.18 38.28 57.40
C PHE G 540 -14.24 39.36 58.47
N TYR G 541 -14.01 40.64 58.14
CA TYR G 541 -14.21 41.70 59.14
C TYR G 541 -15.69 42.03 59.32
N TYR G 542 -16.49 41.83 58.28
CA TYR G 542 -17.89 42.22 58.32
C TYR G 542 -18.81 41.10 58.79
N GLU G 543 -18.31 40.20 59.63
CA GLU G 543 -19.14 39.14 60.18
C GLU G 543 -20.15 39.72 61.17
N THR G 544 -21.37 39.21 61.12
CA THR G 544 -22.45 39.66 61.99
C THR G 544 -22.98 38.48 62.79
N ARG G 545 -23.55 38.79 63.96
CA ARG G 545 -24.11 37.78 64.83
C ARG G 545 -25.49 37.34 64.33
N ALA G 546 -25.91 36.16 64.78
CA ALA G 546 -27.20 35.62 64.37
C ALA G 546 -28.37 36.38 64.97
N ILE G 547 -28.17 37.04 66.11
CA ILE G 547 -29.28 37.77 66.74
C ILE G 547 -29.63 39.01 65.93
N ASP G 548 -28.63 39.71 65.39
CA ASP G 548 -28.88 40.92 64.62
C ASP G 548 -29.57 40.61 63.29
N GLU G 549 -29.20 39.51 62.65
CA GLU G 549 -29.80 39.17 61.36
C GLU G 549 -31.22 38.66 61.55
N PRO G 550 -32.05 38.75 60.50
CA PRO G 550 -33.44 38.30 60.62
C PRO G 550 -33.53 36.79 60.75
N ASN G 551 -34.51 36.35 61.54
CA ASN G 551 -34.90 34.95 61.75
C ASN G 551 -33.90 34.14 62.56
N ASN G 552 -32.88 34.78 63.13
CA ASN G 552 -31.91 34.14 64.04
C ASN G 552 -31.12 33.03 63.35
N CYS G 553 -30.80 33.22 62.07
CA CYS G 553 -30.02 32.26 61.32
C CYS G 553 -28.82 32.97 60.69
N LYS G 554 -27.76 32.19 60.46
CA LYS G 554 -26.51 32.75 59.94
C LYS G 554 -25.91 31.74 58.97
N GLY G 555 -25.85 32.10 57.70
CA GLY G 555 -25.27 31.22 56.69
C GLY G 555 -25.98 31.41 55.36
N ILE G 556 -25.56 30.59 54.40
CA ILE G 556 -26.15 30.63 53.06
C ILE G 556 -27.40 29.77 52.95
N ARG G 557 -27.83 29.14 54.04
CA ARG G 557 -29.00 28.27 54.03
C ARG G 557 -30.22 28.93 54.68
N CYS G 558 -30.36 30.23 54.54
CA CYS G 558 -31.51 30.97 55.06
C CYS G 558 -32.42 31.36 53.90
N GLU G 559 -33.59 31.91 54.27
CA GLU G 559 -34.47 32.49 53.25
C GLU G 559 -33.83 33.71 52.62
N LYS G 560 -33.32 34.62 53.45
CA LYS G 560 -32.46 35.71 52.98
C LYS G 560 -31.02 35.29 53.22
N GLN G 561 -30.22 35.32 52.17
CA GLN G 561 -28.87 34.78 52.22
C GLN G 561 -27.99 35.69 53.08
N ASN G 562 -27.50 35.15 54.19
CA ASN G 562 -26.70 35.90 55.16
C ASN G 562 -25.25 36.01 54.69
N ASN G 563 -24.35 36.38 55.62
CA ASN G 563 -22.93 36.51 55.33
C ASN G 563 -22.33 35.20 54.85
N ALA G 564 -21.90 35.18 53.59
CA ALA G 564 -21.41 33.98 52.94
C ALA G 564 -19.89 33.88 52.93
N PHE G 565 -19.18 34.94 53.28
CA PHE G 565 -17.71 34.95 53.26
C PHE G 565 -17.16 35.37 54.61
N SER G 566 -17.81 34.97 55.70
CA SER G 566 -17.38 35.35 57.04
C SER G 566 -16.35 34.39 57.61
N THR G 567 -16.38 33.12 57.23
CA THR G 567 -15.43 32.13 57.70
C THR G 567 -14.90 31.33 56.51
N LEU G 568 -13.83 30.58 56.77
CA LEU G 568 -13.22 29.77 55.71
C LEU G 568 -14.15 28.64 55.28
N PHE G 569 -14.82 27.99 56.24
CA PHE G 569 -15.77 26.94 55.91
C PHE G 569 -16.98 27.49 55.19
N GLU G 570 -17.51 28.63 55.65
CA GLU G 570 -18.65 29.27 54.99
C GLU G 570 -18.26 29.78 53.61
N THR G 571 -17.05 30.30 53.47
CA THR G 571 -16.57 30.75 52.16
C THR G 571 -16.41 29.58 51.20
N LEU G 572 -15.91 28.44 51.69
CA LEU G 572 -15.79 27.25 50.87
C LEU G 572 -17.14 26.71 50.43
N GLN G 573 -18.12 26.71 51.34
CA GLN G 573 -19.47 26.27 51.01
C GLN G 573 -20.13 27.22 50.00
N SER G 574 -19.92 28.53 50.17
CA SER G 574 -20.52 29.51 49.27
C SER G 574 -19.90 29.44 47.88
N LEU G 575 -18.59 29.27 47.80
CA LEU G 575 -17.95 29.11 46.51
C LEU G 575 -18.30 27.78 45.86
N PHE G 576 -18.57 26.74 46.66
CA PHE G 576 -19.02 25.48 46.09
C PHE G 576 -20.42 25.62 45.50
N TRP G 577 -21.33 26.29 46.23
CA TRP G 577 -22.71 26.39 45.79
C TRP G 577 -22.90 27.37 44.64
N SER G 578 -21.91 28.22 44.37
CA SER G 578 -22.03 29.19 43.28
C SER G 578 -21.91 28.53 41.90
N VAL G 579 -21.36 27.31 41.83
CA VAL G 579 -21.21 26.64 40.56
C VAL G 579 -22.57 26.25 39.99
N PHE G 580 -23.49 25.84 40.85
CA PHE G 580 -24.83 25.45 40.43
C PHE G 580 -25.81 26.62 40.44
N GLY G 581 -25.33 27.83 40.73
CA GLY G 581 -26.16 29.01 40.68
C GLY G 581 -27.10 29.20 41.85
N LEU G 582 -26.93 28.44 42.92
CA LEU G 582 -27.81 28.55 44.08
C LEU G 582 -27.39 29.66 45.03
N LEU G 583 -26.28 30.34 44.76
CA LEU G 583 -25.83 31.47 45.57
C LEU G 583 -26.19 32.76 44.84
N ASN G 584 -26.94 33.63 45.52
CA ASN G 584 -27.40 34.87 44.91
C ASN G 584 -26.26 35.88 44.82
N LEU G 585 -26.56 37.05 44.25
CA LEU G 585 -25.55 38.07 44.02
C LEU G 585 -25.43 39.08 45.16
N TYR G 586 -26.40 39.15 46.07
CA TYR G 586 -26.36 40.14 47.13
C TYR G 586 -25.54 39.69 48.34
N VAL G 587 -24.89 38.52 48.27
CA VAL G 587 -24.02 38.08 49.35
C VAL G 587 -22.72 38.87 49.43
N THR G 588 -22.35 39.56 48.35
CA THR G 588 -21.13 40.38 48.33
C THR G 588 -21.38 41.80 48.79
N ASN G 589 -22.57 42.10 49.29
CA ASN G 589 -22.93 43.44 49.77
C ASN G 589 -22.78 43.49 51.28
N VAL G 590 -22.18 44.56 51.78
CA VAL G 590 -21.97 44.75 53.20
C VAL G 590 -22.95 45.79 53.73
N LYS G 591 -23.01 45.92 55.05
CA LYS G 591 -23.93 46.86 55.68
C LYS G 591 -23.52 48.30 55.40
N ALA G 592 -22.24 48.62 55.58
CA ALA G 592 -21.75 49.95 55.31
C ALA G 592 -21.61 50.17 53.81
N ARG G 593 -21.42 51.43 53.42
CA ARG G 593 -21.32 51.79 52.01
C ARG G 593 -19.85 51.87 51.60
N HIS G 594 -19.19 50.70 51.67
CA HIS G 594 -17.82 50.54 51.20
C HIS G 594 -17.90 50.03 49.76
N GLU G 595 -17.99 50.97 48.82
CA GLU G 595 -18.24 50.60 47.42
C GLU G 595 -17.02 49.95 46.80
N PHE G 596 -15.82 50.37 47.19
CA PHE G 596 -14.60 49.80 46.61
C PHE G 596 -14.39 48.35 47.03
N THR G 597 -14.61 48.05 48.31
CA THR G 597 -14.48 46.67 48.79
C THR G 597 -15.54 45.77 48.19
N GLU G 598 -16.77 46.28 48.05
CA GLU G 598 -17.84 45.52 47.41
C GLU G 598 -17.54 45.26 45.94
N PHE G 599 -17.00 46.25 45.24
CA PHE G 599 -16.64 46.07 43.84
C PHE G 599 -15.49 45.09 43.67
N VAL G 600 -14.51 45.13 44.58
CA VAL G 600 -13.39 44.20 44.52
C VAL G 600 -13.86 42.78 44.81
N GLY G 601 -14.75 42.60 45.78
CA GLY G 601 -15.29 41.29 46.05
C GLY G 601 -16.18 40.77 44.93
N ALA G 602 -16.93 41.66 44.29
CA ALA G 602 -17.74 41.26 43.13
C ALA G 602 -16.86 40.86 41.96
N THR G 603 -15.75 41.56 41.76
CA THR G 603 -14.79 41.19 40.72
C THR G 603 -14.15 39.84 41.02
N MET G 604 -13.85 39.58 42.29
CA MET G 604 -13.30 38.31 42.74
C MET G 604 -14.28 37.16 42.48
N PHE G 605 -15.54 37.35 42.87
CA PHE G 605 -16.57 36.34 42.67
C PHE G 605 -16.85 36.12 41.18
N GLY G 606 -16.84 37.19 40.40
CA GLY G 606 -17.03 37.07 38.96
C GLY G 606 -15.89 36.35 38.28
N THR G 607 -14.65 36.59 38.70
CA THR G 607 -13.51 35.89 38.12
C THR G 607 -13.54 34.40 38.46
N TYR G 608 -13.93 34.06 39.70
CA TYR G 608 -14.08 32.66 40.07
C TYR G 608 -15.20 31.99 39.29
N ASN G 609 -16.31 32.70 39.07
CA ASN G 609 -17.42 32.16 38.30
C ASN G 609 -17.03 31.94 36.84
N VAL G 610 -16.28 32.89 36.25
CA VAL G 610 -15.84 32.78 34.86
C VAL G 610 -14.89 31.61 34.68
N ILE G 611 -13.97 31.42 35.64
CA ILE G 611 -13.05 30.28 35.61
C ILE G 611 -13.82 28.96 35.72
N SER G 612 -14.53 28.77 36.83
CA SER G 612 -15.18 27.49 37.12
C SER G 612 -16.38 27.18 36.23
N LEU G 613 -16.88 28.15 35.45
CA LEU G 613 -17.99 27.87 34.56
C LEU G 613 -17.70 28.09 33.08
N VAL G 614 -16.51 28.59 32.71
CA VAL G 614 -16.24 28.79 31.29
C VAL G 614 -14.99 28.03 30.87
N VAL G 615 -14.05 27.82 31.77
CA VAL G 615 -12.81 27.19 31.37
C VAL G 615 -12.80 25.74 31.85
N LEU G 616 -13.01 25.57 33.16
CA LEU G 616 -12.76 24.29 33.81
C LEU G 616 -13.78 23.22 33.40
N LEU G 617 -15.07 23.57 33.44
CA LEU G 617 -16.12 22.59 33.14
C LEU G 617 -16.10 22.18 31.68
N ASN G 618 -15.86 23.14 30.78
CA ASN G 618 -15.77 22.81 29.37
C ASN G 618 -14.51 22.00 29.06
N MET G 619 -13.42 22.27 29.76
CA MET G 619 -12.21 21.47 29.62
C MET G 619 -12.43 20.04 30.11
N LEU G 620 -13.21 19.90 31.19
CA LEU G 620 -13.56 18.57 31.69
C LEU G 620 -14.44 17.82 30.68
N ILE G 621 -15.35 18.53 30.02
CA ILE G 621 -16.19 17.95 28.97
C ILE G 621 -15.33 17.48 27.80
N ALA G 622 -14.36 18.29 27.41
CA ALA G 622 -13.46 17.94 26.31
C ALA G 622 -12.59 16.73 26.66
N MET G 623 -12.10 16.67 27.91
CA MET G 623 -11.26 15.55 28.35
C MET G 623 -12.05 14.25 28.38
N MET G 624 -13.26 14.28 28.94
CA MET G 624 -14.01 13.03 29.02
C MET G 624 -14.56 12.62 27.65
N ASN G 625 -14.72 13.60 26.77
CA ASN G 625 -15.14 13.27 25.38
C ASN G 625 -14.00 12.51 24.70
N ASN G 626 -12.79 13.05 24.80
CA ASN G 626 -11.67 12.40 24.10
C ASN G 626 -11.53 11.01 24.68
N SER G 627 -11.66 10.89 25.99
CA SER G 627 -11.43 9.58 26.63
C SER G 627 -12.43 8.56 26.10
N TYR G 628 -13.68 8.99 25.92
CA TYR G 628 -14.71 8.02 25.50
C TYR G 628 -14.32 7.48 24.13
N GLN G 629 -13.82 8.34 23.25
CA GLN G 629 -13.56 7.81 21.89
C GLN G 629 -12.50 6.72 22.00
N LEU G 630 -11.47 6.93 22.80
CA LEU G 630 -10.43 5.88 22.98
C LEU G 630 -11.03 4.66 23.65
N ILE G 631 -11.89 4.86 24.65
CA ILE G 631 -12.47 3.74 25.43
C ILE G 631 -13.36 2.85 24.55
N ALA G 632 -14.10 3.40 23.61
CA ALA G 632 -15.12 2.60 22.90
C ALA G 632 -14.53 1.40 22.15
N ASP G 633 -13.38 1.53 21.52
CA ASP G 633 -12.90 0.37 20.72
C ASP G 633 -12.67 -0.81 21.66
N HIS G 634 -12.13 -0.55 22.84
CA HIS G 634 -11.77 -1.65 23.77
C HIS G 634 -12.93 -1.91 24.73
N ALA G 635 -14.04 -1.21 24.57
CA ALA G 635 -15.09 -1.34 25.61
C ALA G 635 -15.56 -2.79 25.72
N ASP G 636 -15.73 -3.50 24.61
CA ASP G 636 -16.27 -4.88 24.74
C ASP G 636 -15.28 -5.77 25.50
N ILE G 637 -14.03 -5.85 25.05
CA ILE G 637 -13.10 -6.79 25.66
C ILE G 637 -13.12 -6.68 27.18
N GLU G 638 -13.05 -5.44 27.69
CA GLU G 638 -13.02 -5.24 29.14
C GLU G 638 -14.37 -5.56 29.78
N TRP G 639 -15.47 -5.34 29.06
CA TRP G 639 -16.78 -5.75 29.57
C TRP G 639 -16.87 -7.27 29.69
N LYS G 640 -16.35 -7.99 28.70
CA LYS G 640 -16.34 -9.44 28.76
C LYS G 640 -15.42 -9.95 29.87
N PHE G 641 -14.30 -9.25 30.10
CA PHE G 641 -13.41 -9.59 31.20
C PHE G 641 -14.07 -9.38 32.56
N ALA G 642 -14.80 -8.27 32.72
CA ALA G 642 -15.52 -8.01 33.96
C ALA G 642 -16.66 -9.01 34.18
N ARG G 643 -17.36 -9.38 33.11
CA ARG G 643 -18.42 -10.38 33.23
C ARG G 643 -17.86 -11.75 33.55
N THR G 644 -16.68 -12.08 33.01
CA THR G 644 -16.04 -13.34 33.36
C THR G 644 -15.57 -13.35 34.80
N LYS G 645 -15.09 -12.20 35.29
CA LYS G 645 -14.70 -12.10 36.69
C LYS G 645 -15.91 -12.22 37.62
N LEU G 646 -17.05 -11.67 37.21
CA LEU G 646 -18.26 -11.79 38.02
C LEU G 646 -18.82 -13.21 37.97
N TRP G 647 -18.72 -13.88 36.82
CA TRP G 647 -19.31 -15.22 36.67
C TRP G 647 -18.57 -16.25 37.52
N MET G 648 -17.24 -16.19 37.56
CA MET G 648 -16.48 -17.17 38.31
C MET G 648 -16.46 -16.90 39.80
N SER G 649 -16.95 -15.74 40.25
CA SER G 649 -17.14 -15.50 41.68
C SER G 649 -18.23 -16.39 42.27
N TYR G 650 -19.22 -16.79 41.46
CA TYR G 650 -20.29 -17.66 41.91
C TYR G 650 -20.05 -19.12 41.60
N PHE G 651 -18.93 -19.45 40.93
CA PHE G 651 -18.67 -20.84 40.57
C PHE G 651 -18.31 -21.68 41.80
N ASP G 652 -17.57 -21.10 42.74
CA ASP G 652 -17.13 -21.83 43.92
C ASP G 652 -18.30 -22.07 44.86
N GLU G 653 -18.08 -22.96 45.83
CA GLU G 653 -19.09 -23.30 46.82
C GLU G 653 -19.05 -22.39 48.04
N GLY G 654 -18.08 -21.48 48.13
CA GLY G 654 -18.00 -20.57 49.25
C GLY G 654 -18.92 -19.38 49.10
N GLY G 655 -20.03 -19.37 49.85
CA GLY G 655 -20.98 -18.30 49.76
C GLY G 655 -22.24 -18.69 49.01
N THR G 656 -22.64 -19.96 49.14
CA THR G 656 -23.86 -20.44 48.49
C THR G 656 -25.10 -19.78 49.06
N LEU G 657 -25.15 -19.65 50.39
CA LEU G 657 -26.33 -19.08 51.03
C LEU G 657 -26.38 -17.56 50.82
N PRO G 658 -27.58 -16.98 50.87
CA PRO G 658 -27.71 -15.53 50.76
C PRO G 658 -27.25 -14.85 52.04
N PRO G 659 -27.19 -13.52 52.03
CA PRO G 659 -26.89 -12.75 53.27
C PRO G 659 -27.87 -12.99 54.42
N PRO G 660 -29.20 -13.10 54.18
CA PRO G 660 -30.07 -13.47 55.31
C PRO G 660 -29.88 -14.88 55.84
N PHE G 661 -29.25 -15.79 55.10
CA PHE G 661 -29.15 -17.18 55.54
C PHE G 661 -27.73 -17.68 55.71
N ASN G 662 -26.71 -16.87 55.43
CA ASN G 662 -25.34 -17.33 55.55
C ASN G 662 -24.86 -17.40 56.99
N ILE G 663 -25.56 -16.76 57.94
CA ILE G 663 -25.17 -16.77 59.34
C ILE G 663 -25.88 -17.87 60.13
N ILE G 664 -26.84 -18.56 59.54
CA ILE G 664 -27.58 -19.62 60.23
C ILE G 664 -26.66 -20.82 60.40
N PRO G 665 -26.45 -21.30 61.64
CA PRO G 665 -25.59 -22.45 61.90
C PRO G 665 -26.31 -23.78 61.76
N SER G 706 -1.18 -38.42 38.38
CA SER G 706 -1.97 -37.42 37.68
C SER G 706 -1.17 -36.77 36.56
N LEU G 707 -0.26 -37.55 35.95
CA LEU G 707 0.57 -37.06 34.87
C LEU G 707 -0.12 -37.11 33.51
N ILE G 708 -1.29 -37.75 33.43
CA ILE G 708 -2.04 -37.80 32.18
C ILE G 708 -2.54 -36.42 31.80
N GLN G 709 -2.86 -35.59 32.79
CA GLN G 709 -3.27 -34.21 32.53
C GLN G 709 -2.14 -33.41 31.90
N ASN G 710 -0.92 -33.58 32.42
CA ASN G 710 0.24 -32.89 31.86
C ASN G 710 0.56 -33.40 30.46
N GLN G 711 0.42 -34.71 30.22
CA GLN G 711 0.68 -35.27 28.91
C GLN G 711 -0.35 -34.79 27.88
N HIS G 712 -1.62 -34.74 28.28
CA HIS G 712 -2.66 -34.25 27.38
C HIS G 712 -2.48 -32.76 27.09
N TYR G 713 -2.07 -31.99 28.11
CA TYR G 713 -1.79 -30.58 27.90
C TYR G 713 -0.61 -30.36 26.97
N GLN G 714 0.42 -31.20 27.09
CA GLN G 714 1.56 -31.12 26.18
C GLN G 714 1.17 -31.47 24.75
N GLU G 715 0.30 -32.47 24.57
CA GLU G 715 -0.20 -32.83 23.25
C GLU G 715 -1.01 -31.70 22.62
N VAL G 716 -1.89 -31.09 23.41
CA VAL G 716 -2.74 -30.02 22.89
C VAL G 716 -1.92 -28.78 22.58
N ILE G 717 -0.94 -28.45 23.43
CA ILE G 717 -0.07 -27.30 23.17
C ILE G 717 0.82 -27.57 21.96
N ARG G 718 1.19 -28.83 21.73
CA ARG G 718 1.98 -29.22 20.56
C ARG G 718 1.20 -28.97 19.27
N ASN G 719 -0.05 -29.44 19.23
CA ASN G 719 -0.89 -29.22 18.06
C ASN G 719 -1.23 -27.74 17.86
N LEU G 720 -1.44 -27.02 18.98
CA LEU G 720 -1.74 -25.59 18.90
C LEU G 720 -0.54 -24.80 18.39
N VAL G 721 0.68 -25.19 18.81
CA VAL G 721 1.89 -24.51 18.35
C VAL G 721 2.10 -24.76 16.85
N LYS G 722 1.84 -25.99 16.39
CA LYS G 722 1.98 -26.30 14.97
C LYS G 722 0.95 -25.52 14.14
N ARG G 723 -0.29 -25.45 14.61
CA ARG G 723 -1.33 -24.70 13.90
C ARG G 723 -1.04 -23.21 13.90
N TYR G 724 -0.53 -22.66 15.01
CA TYR G 724 -0.21 -21.25 15.07
C TYR G 724 0.97 -20.90 14.18
N VAL G 725 1.95 -21.80 14.09
CA VAL G 725 3.09 -21.56 13.21
C VAL G 725 2.66 -21.59 11.75
N ALA G 726 1.75 -22.51 11.41
CA ALA G 726 1.20 -22.55 10.05
C ALA G 726 0.38 -21.30 9.74
N ALA G 727 -0.38 -20.81 10.72
CA ALA G 727 -1.18 -19.60 10.52
C ALA G 727 -0.30 -18.37 10.37
N MET G 728 0.76 -18.25 11.17
CA MET G 728 1.61 -17.07 11.06
C MET G 728 2.47 -17.10 9.81
N ILE G 729 2.87 -18.29 9.35
CA ILE G 729 3.55 -18.38 8.06
C ILE G 729 2.60 -18.04 6.92
N ARG G 730 1.32 -18.44 7.05
CA ARG G 730 0.36 -18.14 5.99
C ARG G 730 0.06 -16.65 5.91
N ASN G 731 -0.07 -15.98 7.05
CA ASN G 731 -0.38 -14.55 7.07
C ASN G 731 0.82 -13.73 6.63
N THR G 739 8.26 -3.61 -1.23
CA THR G 739 9.44 -2.92 -0.71
C THR G 739 10.59 -2.98 -1.73
N GLU G 740 11.50 -2.00 -1.64
CA GLU G 740 12.57 -1.86 -2.61
C GLU G 740 13.63 -2.97 -2.52
N GLU G 741 13.71 -3.67 -1.40
CA GLU G 741 14.61 -4.82 -1.33
C GLU G 741 14.15 -5.96 -2.25
N ASN G 742 12.83 -6.13 -2.42
CA ASN G 742 12.27 -7.28 -3.11
C ASN G 742 12.54 -7.22 -4.62
N PHE G 743 12.27 -6.07 -5.24
CA PHE G 743 12.51 -5.77 -6.67
C PHE G 743 13.99 -5.85 -7.02
N LYS G 744 14.84 -5.47 -6.06
CA LYS G 744 16.28 -5.60 -6.22
C LYS G 744 16.69 -7.08 -6.36
N GLU G 745 15.96 -7.98 -5.70
CA GLU G 745 16.17 -9.42 -5.90
C GLU G 745 15.87 -9.82 -7.34
N LEU G 746 14.74 -9.32 -7.86
CA LEU G 746 14.33 -9.65 -9.23
C LEU G 746 15.28 -9.03 -10.25
N LYS G 747 15.77 -7.82 -9.99
CA LYS G 747 16.83 -7.27 -10.84
C LYS G 747 18.10 -8.09 -10.73
N GLN G 748 18.42 -8.56 -9.52
CA GLN G 748 19.61 -9.37 -9.32
C GLN G 748 19.49 -10.74 -9.99
N ASP G 749 18.32 -11.38 -9.86
CA ASP G 749 18.11 -12.68 -10.49
C ASP G 749 18.10 -12.57 -12.01
N ILE G 750 17.50 -11.51 -12.55
CA ILE G 750 17.49 -11.32 -13.99
C ILE G 750 18.89 -10.97 -14.49
N SER G 751 19.63 -10.16 -13.71
CA SER G 751 20.97 -9.76 -14.12
C SER G 751 21.95 -10.94 -14.08
N SER G 752 21.83 -11.78 -13.05
CA SER G 752 22.71 -12.95 -12.95
C SER G 752 22.41 -13.96 -14.05
N PHE G 753 21.14 -14.13 -14.39
CA PHE G 753 20.78 -15.03 -15.49
C PHE G 753 21.24 -14.47 -16.83
N ARG G 754 21.21 -13.15 -16.99
CA ARG G 754 21.63 -12.53 -18.24
C ARG G 754 23.12 -12.69 -18.47
N TYR G 755 23.92 -12.53 -17.40
CA TYR G 755 25.36 -12.67 -17.54
C TYR G 755 25.76 -14.11 -17.80
N GLU G 756 25.08 -15.06 -17.15
CA GLU G 756 25.42 -16.47 -17.37
C GLU G 756 25.01 -16.94 -18.76
N VAL G 757 23.91 -16.40 -19.31
CA VAL G 757 23.51 -16.76 -20.66
C VAL G 757 24.48 -16.18 -21.68
N LEU G 758 24.92 -14.95 -21.45
CA LEU G 758 25.89 -14.33 -22.35
C LEU G 758 27.25 -15.03 -22.27
N ASP G 759 27.64 -15.45 -21.06
CA ASP G 759 28.92 -16.13 -20.88
C ASP G 759 28.91 -17.50 -21.55
N LEU G 760 27.83 -18.25 -21.41
CA LEU G 760 27.75 -19.59 -22.00
C LEU G 760 27.69 -19.50 -23.52
N LEU G 761 26.92 -18.55 -24.04
CA LEU G 761 26.71 -18.45 -25.48
C LEU G 761 27.95 -17.86 -26.17
N ARG H 17 -24.05 18.19 -31.58
CA ARG H 17 -22.73 17.59 -31.54
C ARG H 17 -21.67 18.63 -31.19
N ILE H 18 -20.45 18.19 -30.94
CA ILE H 18 -19.36 19.10 -30.62
C ILE H 18 -18.10 18.68 -31.36
N PRO H 19 -17.56 19.50 -32.26
CA PRO H 19 -16.30 19.17 -32.91
C PRO H 19 -15.13 19.28 -31.93
N LEU H 20 -14.14 18.42 -32.12
CA LEU H 20 -12.94 18.41 -31.30
C LEU H 20 -11.71 18.42 -32.20
N GLN H 21 -10.74 19.26 -31.87
CA GLN H 21 -9.52 19.40 -32.66
C GLN H 21 -8.36 19.71 -31.75
N ILE H 22 -7.16 19.40 -32.23
CA ILE H 22 -5.94 19.73 -31.51
C ILE H 22 -5.72 21.23 -31.60
N VAL H 23 -5.96 21.94 -30.50
CA VAL H 23 -5.89 23.39 -30.50
C VAL H 23 -4.45 23.87 -30.64
N ARG H 24 -3.52 23.20 -29.99
CA ARG H 24 -2.12 23.61 -29.96
C ARG H 24 -1.28 22.62 -30.75
N ALA H 25 -0.49 23.15 -31.68
CA ALA H 25 0.17 22.31 -32.67
C ALA H 25 1.35 21.55 -32.09
N GLU H 26 1.21 20.23 -32.00
CA GLU H 26 2.32 19.33 -31.73
C GLU H 26 2.66 18.68 -33.08
N THR H 27 3.90 18.85 -33.52
CA THR H 27 4.32 18.26 -34.79
C THR H 27 4.36 16.74 -34.68
N GLU H 28 3.79 16.07 -35.67
CA GLU H 28 3.79 14.61 -35.70
C GLU H 28 5.19 14.09 -36.02
N LEU H 29 5.55 13.00 -35.34
CA LEU H 29 6.83 12.36 -35.57
C LEU H 29 6.76 11.47 -36.81
N SER H 30 7.86 11.42 -37.56
CA SER H 30 7.92 10.60 -38.75
C SER H 30 7.95 9.12 -38.39
N ALA H 31 7.86 8.28 -39.43
CA ALA H 31 7.84 6.83 -39.22
C ALA H 31 9.18 6.33 -38.70
N GLU H 32 10.28 6.84 -39.25
CA GLU H 32 11.61 6.40 -38.80
C GLU H 32 11.89 6.87 -37.37
N GLU H 33 11.51 8.11 -37.05
CA GLU H 33 11.72 8.63 -35.70
C GLU H 33 10.85 7.89 -34.69
N LYS H 34 9.60 7.60 -35.05
CA LYS H 34 8.72 6.85 -34.16
C LYS H 34 9.21 5.43 -33.93
N ALA H 35 9.71 4.79 -35.00
CA ALA H 35 10.28 3.46 -34.86
C ALA H 35 11.55 3.47 -34.01
N PHE H 36 12.37 4.50 -34.17
CA PHE H 36 13.59 4.63 -33.37
C PHE H 36 13.28 4.85 -31.90
N LEU H 37 12.29 5.70 -31.61
CA LEU H 37 11.90 5.94 -30.23
C LEU H 37 11.25 4.70 -29.61
N ASN H 38 10.47 3.95 -30.40
CA ASN H 38 9.89 2.72 -29.91
C ASN H 38 10.96 1.66 -29.65
N ALA H 39 11.98 1.60 -30.50
CA ALA H 39 13.09 0.67 -30.29
C ALA H 39 13.89 1.04 -29.05
N VAL H 40 14.08 2.34 -28.81
CA VAL H 40 14.78 2.77 -27.60
C VAL H 40 13.93 2.47 -26.36
N GLU H 41 12.60 2.61 -26.48
CA GLU H 41 11.72 2.29 -25.36
C GLU H 41 11.73 0.80 -25.04
N LYS H 42 11.75 -0.05 -26.07
CA LYS H 42 11.78 -1.49 -25.83
C LYS H 42 13.17 -2.01 -25.50
N GLY H 43 14.20 -1.19 -25.59
CA GLY H 43 15.53 -1.59 -25.19
C GLY H 43 16.28 -2.44 -26.17
N ASP H 44 15.85 -2.51 -27.43
CA ASP H 44 16.55 -3.30 -28.44
C ASP H 44 17.82 -2.57 -28.84
N TYR H 45 18.97 -3.12 -28.41
CA TYR H 45 20.24 -2.42 -28.60
C TYR H 45 20.67 -2.43 -30.06
N ALA H 46 20.45 -3.54 -30.76
CA ALA H 46 20.97 -3.70 -32.11
C ALA H 46 20.25 -2.79 -33.10
N THR H 47 18.92 -2.68 -32.97
CA THR H 47 18.14 -1.81 -33.86
C THR H 47 18.48 -0.34 -33.63
N VAL H 48 18.67 0.06 -32.37
CA VAL H 48 19.05 1.43 -32.05
C VAL H 48 20.45 1.74 -32.57
N LYS H 49 21.36 0.76 -32.46
CA LYS H 49 22.71 0.94 -32.97
C LYS H 49 22.72 1.05 -34.49
N GLN H 50 21.88 0.25 -35.17
CA GLN H 50 21.77 0.33 -36.62
C GLN H 50 21.18 1.66 -37.06
N ALA H 51 20.15 2.15 -36.35
CA ALA H 51 19.56 3.44 -36.68
C ALA H 51 20.54 4.58 -36.45
N LEU H 52 21.32 4.52 -35.36
CA LEU H 52 22.32 5.55 -35.09
C LEU H 52 23.43 5.52 -36.13
N GLN H 53 23.85 4.33 -36.56
CA GLN H 53 24.88 4.24 -37.59
C GLN H 53 24.37 4.70 -38.95
N GLU H 54 23.09 4.49 -39.23
CA GLU H 54 22.51 4.97 -40.48
C GLU H 54 22.15 6.45 -40.45
N ALA H 55 22.08 7.05 -39.25
CA ALA H 55 21.67 8.44 -39.14
C ALA H 55 22.69 9.40 -39.74
N GLU H 56 23.98 9.14 -39.56
CA GLU H 56 24.99 10.08 -40.05
C GLU H 56 25.10 10.02 -41.57
N ILE H 57 25.04 8.82 -42.15
CA ILE H 57 25.28 8.65 -43.58
C ILE H 57 24.12 9.20 -44.40
N TYR H 58 22.90 9.08 -43.88
CA TYR H 58 21.70 9.41 -44.64
C TYR H 58 20.92 10.59 -44.08
N TYR H 59 21.15 10.96 -42.81
CA TYR H 59 20.51 12.11 -42.17
C TYR H 59 18.99 11.93 -42.04
N ASN H 60 18.54 10.67 -41.95
CA ASN H 60 17.11 10.40 -42.04
C ASN H 60 16.38 10.79 -40.76
N VAL H 61 16.98 10.55 -39.61
CA VAL H 61 16.33 10.71 -38.32
C VAL H 61 17.07 11.74 -37.50
N ASN H 62 16.32 12.70 -36.94
CA ASN H 62 16.87 13.64 -35.96
C ASN H 62 16.95 12.89 -34.64
N ILE H 63 18.18 12.64 -34.18
CA ILE H 63 18.44 11.86 -32.98
C ILE H 63 17.95 12.58 -31.73
N ASN H 64 17.91 13.91 -31.78
CA ASN H 64 17.38 14.72 -30.69
C ASN H 64 15.89 14.98 -30.81
N CYS H 65 15.16 14.14 -31.56
CA CYS H 65 13.73 14.33 -31.73
C CYS H 65 12.99 14.04 -30.43
N MET H 66 11.89 14.74 -30.21
CA MET H 66 11.12 14.64 -28.99
C MET H 66 10.00 13.61 -29.19
N ASP H 67 9.14 13.43 -28.19
CA ASP H 67 7.98 12.56 -28.31
C ASP H 67 6.73 13.37 -28.02
N PRO H 68 5.52 12.78 -28.11
CA PRO H 68 4.32 13.50 -27.65
C PRO H 68 4.32 13.88 -26.17
N LEU H 69 5.04 13.15 -25.31
CA LEU H 69 5.05 13.45 -23.88
C LEU H 69 6.22 14.33 -23.44
N GLY H 70 7.11 14.73 -24.35
CA GLY H 70 8.17 15.64 -24.00
C GLY H 70 9.51 15.01 -23.66
N ARG H 71 9.64 13.70 -23.82
CA ARG H 71 10.91 13.03 -23.55
C ARG H 71 11.68 12.79 -24.84
N SER H 72 13.00 12.85 -24.75
CA SER H 72 13.87 12.54 -25.88
C SER H 72 14.32 11.08 -25.78
N ALA H 73 15.23 10.68 -26.67
CA ALA H 73 15.78 9.34 -26.59
C ALA H 73 16.65 9.15 -25.35
N LEU H 74 17.44 10.18 -25.01
CA LEU H 74 18.31 10.10 -23.84
C LEU H 74 17.49 10.07 -22.55
N LEU H 75 16.40 10.85 -22.48
CA LEU H 75 15.55 10.81 -21.29
C LEU H 75 14.83 9.48 -21.17
N ILE H 76 14.45 8.88 -22.30
CA ILE H 76 13.83 7.56 -22.27
C ILE H 76 14.83 6.50 -21.81
N ALA H 77 16.10 6.66 -22.22
CA ALA H 77 17.14 5.76 -21.73
C ALA H 77 17.39 5.94 -20.24
N ILE H 78 17.33 7.19 -19.76
CA ILE H 78 17.57 7.46 -18.34
C ILE H 78 16.43 6.91 -17.49
N GLU H 79 15.19 7.07 -17.95
CA GLU H 79 14.03 6.64 -17.16
C GLU H 79 13.95 5.12 -17.04
N ASN H 80 14.35 4.41 -18.08
CA ASN H 80 14.38 2.95 -18.05
C ASN H 80 15.66 2.40 -17.45
N GLU H 81 16.64 3.26 -17.13
CA GLU H 81 17.91 2.88 -16.51
C GLU H 81 18.71 1.90 -17.39
N ASN H 82 18.60 2.07 -18.70
CA ASN H 82 19.39 1.28 -19.64
C ASN H 82 20.72 1.99 -19.79
N LEU H 83 21.72 1.52 -19.06
CA LEU H 83 23.05 2.14 -19.13
C LEU H 83 23.70 1.89 -20.48
N GLU H 84 23.44 0.75 -21.10
CA GLU H 84 24.03 0.44 -22.41
C GLU H 84 23.48 1.36 -23.49
N ILE H 85 22.16 1.51 -23.55
CA ILE H 85 21.54 2.41 -24.52
C ILE H 85 21.89 3.86 -24.19
N MET H 86 22.06 4.17 -22.90
CA MET H 86 22.47 5.51 -22.48
C MET H 86 23.86 5.86 -23.01
N GLU H 87 24.83 4.95 -22.84
CA GLU H 87 26.17 5.21 -23.34
C GLU H 87 26.21 5.17 -24.86
N LEU H 88 25.37 4.35 -25.48
CA LEU H 88 25.34 4.29 -26.94
C LEU H 88 24.79 5.58 -27.53
N LEU H 89 23.74 6.15 -26.92
CA LEU H 89 23.24 7.44 -27.37
C LEU H 89 24.25 8.54 -27.07
N LEU H 90 25.02 8.40 -25.99
CA LEU H 90 26.07 9.38 -25.73
C LEU H 90 27.20 9.29 -26.76
N ASN H 91 27.49 8.09 -27.26
CA ASN H 91 28.61 7.93 -28.18
C ASN H 91 28.39 8.57 -29.55
N HIS H 92 27.13 8.82 -29.92
CA HIS H 92 26.83 9.44 -31.19
C HIS H 92 26.62 10.95 -31.07
N SER H 93 26.91 11.52 -29.91
CA SER H 93 26.87 12.96 -29.66
C SER H 93 25.46 13.52 -29.82
N VAL H 94 24.55 12.98 -29.02
CA VAL H 94 23.19 13.51 -28.95
C VAL H 94 23.19 14.71 -28.00
N TYR H 95 22.08 15.45 -28.00
CA TYR H 95 21.96 16.58 -27.10
C TYR H 95 21.85 16.09 -25.66
N VAL H 96 22.55 16.76 -24.75
CA VAL H 96 22.68 16.31 -23.37
C VAL H 96 22.17 17.35 -22.38
N GLY H 97 21.52 18.42 -22.86
CA GLY H 97 21.05 19.48 -22.00
C GLY H 97 19.99 19.08 -21.00
N ASP H 98 20.30 19.26 -19.72
CA ASP H 98 19.42 19.02 -18.57
C ASP H 98 19.17 17.54 -18.31
N ALA H 99 19.89 16.63 -18.97
CA ALA H 99 19.70 15.20 -18.70
C ALA H 99 20.24 14.81 -17.34
N LEU H 100 21.23 15.54 -16.84
CA LEU H 100 21.78 15.27 -15.51
C LEU H 100 20.75 15.55 -14.42
N LEU H 101 19.87 16.55 -14.65
CA LEU H 101 18.78 16.81 -13.72
C LEU H 101 17.80 15.64 -13.67
N TYR H 102 17.47 15.06 -14.84
CA TYR H 102 16.58 13.91 -14.87
C TYR H 102 17.23 12.69 -14.22
N ALA H 103 18.54 12.53 -14.41
CA ALA H 103 19.25 11.43 -13.75
C ALA H 103 19.28 11.62 -12.23
N ILE H 104 19.47 12.86 -11.78
CA ILE H 104 19.51 13.12 -10.34
C ILE H 104 18.14 12.94 -9.71
N ARG H 105 17.08 13.37 -10.41
CA ARG H 105 15.73 13.15 -9.91
C ARG H 105 15.36 11.67 -9.92
N LYS H 106 15.89 10.91 -10.88
CA LYS H 106 15.64 9.48 -10.94
C LYS H 106 16.47 8.70 -9.93
N GLU H 107 17.50 9.34 -9.34
CA GLU H 107 18.29 8.78 -8.25
C GLU H 107 19.07 7.55 -8.71
N VAL H 108 19.50 7.57 -9.97
CA VAL H 108 20.31 6.51 -10.54
C VAL H 108 21.76 6.90 -10.38
N VAL H 109 22.51 6.10 -9.62
CA VAL H 109 23.92 6.41 -9.37
C VAL H 109 24.75 6.22 -10.63
N GLY H 110 24.48 5.16 -11.38
CA GLY H 110 25.25 4.89 -12.59
C GLY H 110 25.00 5.90 -13.69
N ALA H 111 23.75 6.36 -13.83
CA ALA H 111 23.43 7.38 -14.82
C ALA H 111 24.09 8.72 -14.48
N VAL H 112 24.12 9.08 -13.19
CA VAL H 112 24.78 10.30 -12.77
C VAL H 112 26.28 10.20 -12.97
N GLU H 113 26.86 9.03 -12.70
CA GLU H 113 28.29 8.81 -12.94
C GLU H 113 28.63 8.90 -14.42
N LEU H 114 27.79 8.32 -15.27
CA LEU H 114 28.02 8.37 -16.72
C LEU H 114 27.89 9.79 -17.25
N LEU H 115 26.86 10.53 -16.82
CA LEU H 115 26.69 11.89 -17.29
C LEU H 115 27.77 12.83 -16.76
N LEU H 116 28.28 12.59 -15.55
CA LEU H 116 29.41 13.38 -15.06
C LEU H 116 30.69 13.05 -15.83
N SER H 117 30.92 11.77 -16.10
CA SER H 117 32.23 11.35 -16.62
C SER H 117 32.33 11.42 -18.14
N TYR H 118 31.21 11.46 -18.87
CA TYR H 118 31.31 11.41 -20.33
C TYR H 118 31.33 12.79 -20.96
N ARG H 119 30.91 13.81 -20.21
CA ARG H 119 30.81 15.17 -20.75
C ARG H 119 32.18 15.77 -21.07
N ARG H 120 33.22 15.31 -20.37
CA ARG H 120 34.57 15.82 -20.61
C ARG H 120 35.27 15.19 -21.83
N PRO H 121 35.42 13.86 -21.95
CA PRO H 121 36.25 13.34 -23.05
C PRO H 121 35.58 13.43 -24.42
N SER H 122 36.42 13.59 -25.44
CA SER H 122 36.02 13.47 -26.85
C SER H 122 35.06 14.58 -27.28
N GLY H 123 35.33 15.80 -26.82
CA GLY H 123 34.59 16.95 -27.32
C GLY H 123 35.34 17.63 -28.45
N GLU H 124 34.77 17.55 -29.65
CA GLU H 124 35.44 18.06 -30.83
C GLU H 124 34.46 18.84 -31.71
N LYS H 125 34.90 20.02 -32.13
CA LYS H 125 34.11 20.94 -32.94
C LYS H 125 32.83 21.35 -32.21
N GLN H 126 33.01 21.91 -31.01
CA GLN H 126 31.93 22.55 -30.21
C GLN H 126 30.93 21.46 -29.81
N VAL H 127 29.65 21.61 -30.15
CA VAL H 127 28.71 20.51 -30.26
C VAL H 127 28.14 20.62 -31.67
N PRO H 128 27.59 19.56 -32.25
CA PRO H 128 26.84 19.71 -33.50
C PRO H 128 25.62 20.61 -33.28
N THR H 129 25.39 21.50 -34.24
CA THR H 129 24.36 22.53 -34.06
C THR H 129 22.97 21.93 -34.10
N LEU H 130 22.14 22.34 -33.15
CA LEU H 130 20.76 21.88 -33.05
C LEU H 130 19.90 23.04 -32.58
N MET H 131 18.68 23.12 -33.11
CA MET H 131 17.79 24.23 -32.84
C MET H 131 16.44 23.69 -32.38
N MET H 132 15.74 24.49 -31.56
CA MET H 132 14.32 24.33 -31.19
C MET H 132 14.03 23.04 -30.44
N ASP H 133 15.03 22.45 -29.78
CA ASP H 133 14.76 21.38 -28.82
C ASP H 133 14.67 21.89 -27.40
N THR H 134 15.06 23.15 -27.17
CA THR H 134 15.39 23.61 -25.82
C THR H 134 14.23 24.28 -25.09
N GLN H 135 13.04 24.36 -25.69
CA GLN H 135 11.94 25.07 -25.03
C GLN H 135 11.41 24.28 -23.83
N PHE H 136 11.21 22.98 -23.98
CA PHE H 136 10.53 22.18 -22.96
C PHE H 136 11.55 21.62 -21.99
N SER H 137 11.49 22.08 -20.74
CA SER H 137 12.29 21.55 -19.66
C SER H 137 11.39 21.35 -18.45
N GLU H 138 11.32 20.10 -17.97
CA GLU H 138 10.52 19.80 -16.78
C GLU H 138 11.10 20.49 -15.56
N PHE H 139 12.42 20.49 -15.43
CA PHE H 139 13.07 21.19 -14.34
C PHE H 139 13.11 22.69 -14.63
N THR H 140 12.95 23.49 -13.57
CA THR H 140 12.92 24.93 -13.71
C THR H 140 14.30 25.45 -14.11
N PRO H 141 14.35 26.55 -14.89
CA PRO H 141 15.66 27.09 -15.32
C PRO H 141 16.55 27.60 -14.20
N ASP H 142 15.99 27.94 -13.04
CA ASP H 142 16.83 28.39 -11.93
C ASP H 142 17.57 27.22 -11.28
N ILE H 143 17.09 25.99 -11.51
CA ILE H 143 17.66 24.84 -10.83
C ILE H 143 19.06 24.52 -11.35
N THR H 144 19.90 24.05 -10.45
CA THR H 144 21.25 23.57 -10.69
C THR H 144 21.32 22.13 -10.21
N PRO H 145 22.32 21.35 -10.66
CA PRO H 145 22.35 19.92 -10.33
C PRO H 145 22.61 19.61 -8.86
N ILE H 146 23.46 20.40 -8.20
CA ILE H 146 23.75 20.15 -6.78
C ILE H 146 22.52 20.46 -5.93
N MET H 147 21.77 21.51 -6.30
CA MET H 147 20.56 21.88 -5.55
C MET H 147 19.48 20.82 -5.71
N LEU H 148 19.29 20.32 -6.93
CA LEU H 148 18.30 19.27 -7.16
C LEU H 148 18.71 17.97 -6.50
N ALA H 149 20.03 17.69 -6.46
CA ALA H 149 20.53 16.52 -5.74
C ALA H 149 20.29 16.65 -4.25
N ALA H 150 20.42 17.87 -3.71
CA ALA H 150 20.09 18.11 -2.31
C ALA H 150 18.61 17.91 -2.05
N HIS H 151 17.75 18.33 -2.99
CA HIS H 151 16.32 18.10 -2.83
C HIS H 151 15.97 16.62 -2.91
N THR H 152 16.69 15.86 -3.73
CA THR H 152 16.38 14.43 -3.89
C THR H 152 16.74 13.64 -2.64
N ASN H 153 17.71 14.12 -1.86
CA ASN H 153 18.23 13.55 -0.62
C ASN H 153 19.07 12.31 -0.86
N ASN H 154 19.43 11.99 -2.10
CA ASN H 154 20.30 10.86 -2.36
C ASN H 154 21.72 11.20 -1.91
N TYR H 155 22.40 10.21 -1.33
CA TYR H 155 23.69 10.43 -0.69
C TYR H 155 24.85 10.34 -1.67
N GLU H 156 24.85 9.31 -2.52
CA GLU H 156 25.95 9.06 -3.45
C GLU H 156 26.07 10.15 -4.50
N ILE H 157 24.95 10.61 -5.02
CA ILE H 157 24.98 11.68 -6.03
C ILE H 157 25.44 12.99 -5.40
N ILE H 158 25.03 13.26 -4.16
CA ILE H 158 25.48 14.44 -3.43
C ILE H 158 26.98 14.38 -3.18
N LYS H 159 27.47 13.18 -2.82
CA LYS H 159 28.91 13.00 -2.59
C LYS H 159 29.71 13.19 -3.88
N LEU H 160 29.23 12.64 -4.98
CA LEU H 160 29.92 12.78 -6.26
C LEU H 160 29.89 14.22 -6.76
N LEU H 161 28.81 14.94 -6.48
CA LEU H 161 28.75 16.35 -6.87
C LEU H 161 29.66 17.20 -5.99
N VAL H 162 29.69 16.91 -4.68
CA VAL H 162 30.51 17.68 -3.75
C VAL H 162 32.00 17.44 -4.01
N GLN H 163 32.36 16.25 -4.52
CA GLN H 163 33.75 15.97 -4.84
C GLN H 163 34.28 16.81 -6.01
N LYS H 164 33.40 17.33 -6.87
CA LYS H 164 33.81 18.05 -8.06
C LYS H 164 33.82 19.58 -7.87
N ARG H 165 33.95 20.05 -6.62
CA ARG H 165 34.13 21.47 -6.30
C ARG H 165 32.90 22.30 -6.71
N VAL H 166 31.78 21.97 -6.08
CA VAL H 166 30.51 22.63 -6.37
C VAL H 166 30.07 23.43 -5.15
N THR H 167 29.44 24.57 -5.41
CA THR H 167 29.04 25.51 -4.37
C THR H 167 27.56 25.84 -4.51
N ILE H 168 26.99 26.39 -3.44
CA ILE H 168 25.60 26.82 -3.40
C ILE H 168 25.54 28.28 -2.97
N PRO H 169 24.65 29.09 -3.55
CA PRO H 169 24.55 30.49 -3.12
C PRO H 169 23.99 30.61 -1.71
N ARG H 170 24.40 31.67 -1.01
CA ARG H 170 23.99 31.90 0.37
C ARG H 170 22.72 32.75 0.40
N PRO H 171 21.67 32.29 1.07
CA PRO H 171 20.47 33.13 1.22
C PRO H 171 20.75 34.33 2.13
N HIS H 172 20.03 35.41 1.87
CA HIS H 172 20.17 36.62 2.66
C HIS H 172 19.37 36.51 3.96
N GLN H 173 19.47 37.54 4.79
CA GLN H 173 18.65 37.63 5.98
C GLN H 173 17.19 37.82 5.58
N ILE H 174 16.28 37.36 6.46
CA ILE H 174 14.85 37.56 6.23
C ILE H 174 14.51 39.05 6.26
N ARG H 175 15.10 39.78 7.18
CA ARG H 175 14.95 41.23 7.23
C ARG H 175 16.11 41.89 6.51
N CYS H 176 16.19 41.62 5.21
CA CYS H 176 17.23 42.17 4.36
C CYS H 176 16.68 43.34 3.54
N ASN H 177 17.38 44.47 3.58
CA ASN H 177 16.93 45.71 2.93
C ASN H 177 17.98 46.25 1.96
N CYS H 178 18.83 45.38 1.43
CA CYS H 178 19.82 45.80 0.46
C CYS H 178 19.17 46.08 -0.89
N VAL H 179 19.96 46.64 -1.80
CA VAL H 179 19.42 47.06 -3.10
C VAL H 179 19.08 45.86 -3.97
N GLU H 180 19.90 44.80 -3.94
CA GLU H 180 19.72 43.71 -4.89
C GLU H 180 18.52 42.84 -4.52
N CYS H 181 18.32 42.57 -3.23
CA CYS H 181 17.16 41.79 -2.79
C CYS H 181 15.85 42.52 -3.08
N VAL H 182 15.83 43.84 -2.83
CA VAL H 182 14.63 44.63 -3.08
C VAL H 182 14.36 44.73 -4.58
N SER H 183 15.43 44.89 -5.39
CA SER H 183 15.26 44.96 -6.83
C SER H 183 14.78 43.62 -7.41
N SER H 184 15.30 42.50 -6.90
CA SER H 184 14.84 41.20 -7.36
C SER H 184 13.40 40.93 -6.93
N SER H 185 13.02 41.39 -5.73
CA SER H 185 11.65 41.21 -5.28
C SER H 185 10.68 42.06 -6.10
N GLU H 186 11.10 43.28 -6.45
CA GLU H 186 10.22 44.16 -7.21
C GLU H 186 10.10 43.71 -8.67
N VAL H 187 11.22 43.27 -9.27
CA VAL H 187 11.19 42.88 -10.68
C VAL H 187 10.45 41.56 -10.86
N ASP H 188 10.78 40.56 -10.06
CA ASP H 188 10.16 39.23 -10.19
C ASP H 188 10.13 38.60 -8.81
N SER H 189 8.98 38.74 -8.12
CA SER H 189 8.85 38.19 -6.79
C SER H 189 8.75 36.67 -6.78
N LEU H 190 8.11 36.10 -7.82
CA LEU H 190 7.91 34.65 -7.88
C LEU H 190 9.23 33.91 -8.06
N ARG H 191 10.10 34.44 -8.93
CA ARG H 191 11.41 33.82 -9.14
C ARG H 191 12.28 33.90 -7.88
N HIS H 192 12.22 35.03 -7.19
CA HIS H 192 12.99 35.20 -5.95
C HIS H 192 12.49 34.25 -4.86
N SER H 193 11.16 34.11 -4.71
CA SER H 193 10.60 33.21 -3.72
C SER H 193 10.91 31.75 -4.03
N ARG H 194 10.83 31.38 -5.32
CA ARG H 194 11.15 30.01 -5.72
C ARG H 194 12.64 29.72 -5.52
N SER H 195 13.50 30.69 -5.81
CA SER H 195 14.94 30.50 -5.61
C SER H 195 15.29 30.36 -4.13
N ARG H 196 14.67 31.18 -3.27
CA ARG H 196 14.93 31.08 -1.84
C ARG H 196 14.40 29.77 -1.25
N LEU H 197 13.22 29.33 -1.70
CA LEU H 197 12.67 28.07 -1.23
C LEU H 197 13.50 26.88 -1.71
N ASN H 198 14.00 26.94 -2.95
CA ASN H 198 14.85 25.86 -3.45
C ASN H 198 16.19 25.82 -2.72
N ILE H 199 16.75 26.99 -2.41
CA ILE H 199 18.02 27.04 -1.67
C ILE H 199 17.85 26.51 -0.26
N TYR H 200 16.76 26.88 0.41
CA TYR H 200 16.56 26.38 1.77
C TYR H 200 16.17 24.90 1.77
N LYS H 201 15.51 24.42 0.72
CA LYS H 201 15.27 22.99 0.60
C LYS H 201 16.56 22.23 0.37
N ALA H 202 17.48 22.81 -0.39
CA ALA H 202 18.78 22.16 -0.61
C ALA H 202 19.60 22.14 0.67
N LEU H 203 19.54 23.23 1.46
CA LEU H 203 20.32 23.30 2.69
C LEU H 203 19.74 22.46 3.82
N ALA H 204 18.47 22.08 3.73
CA ALA H 204 17.80 21.36 4.81
C ALA H 204 17.85 19.85 4.64
N SER H 205 18.49 19.35 3.60
CA SER H 205 18.58 17.90 3.42
C SER H 205 19.52 17.30 4.46
N PRO H 206 19.18 16.13 5.03
CA PRO H 206 20.08 15.50 6.01
C PRO H 206 21.41 15.06 5.44
N SER H 207 21.45 14.66 4.16
CA SER H 207 22.70 14.19 3.56
C SER H 207 23.69 15.33 3.39
N LEU H 208 23.22 16.49 2.93
CA LEU H 208 24.11 17.64 2.75
C LEU H 208 24.58 18.17 4.09
N ILE H 209 23.73 18.11 5.12
CA ILE H 209 24.15 18.51 6.46
C ILE H 209 25.19 17.54 7.01
N ALA H 210 25.02 16.25 6.73
CA ALA H 210 25.98 15.26 7.22
C ALA H 210 27.30 15.34 6.47
N LEU H 211 27.29 15.78 5.21
CA LEU H 211 28.49 15.77 4.39
C LEU H 211 29.26 17.09 4.39
N SER H 212 28.58 18.23 4.53
CA SER H 212 29.21 19.53 4.32
C SER H 212 29.17 20.42 5.55
N SER H 213 28.96 19.85 6.74
CA SER H 213 28.95 20.62 7.97
C SER H 213 29.77 19.89 9.03
N GLU H 214 30.68 20.63 9.68
CA GLU H 214 31.49 20.05 10.74
C GLU H 214 30.71 19.86 12.03
N ASP H 215 29.61 20.59 12.21
CA ASP H 215 28.73 20.46 13.37
C ASP H 215 27.31 20.26 12.86
N PRO H 216 26.91 19.02 12.58
CA PRO H 216 25.57 18.78 12.04
C PRO H 216 24.44 19.10 13.00
N ILE H 217 24.64 18.92 14.31
CA ILE H 217 23.59 19.18 15.28
C ILE H 217 23.31 20.68 15.38
N LEU H 218 24.36 21.48 15.50
CA LEU H 218 24.19 22.93 15.61
C LEU H 218 23.69 23.53 14.30
N THR H 219 24.17 23.00 13.17
CA THR H 219 23.70 23.45 11.87
C THR H 219 22.23 23.11 11.67
N ALA H 220 21.81 21.91 12.10
CA ALA H 220 20.41 21.54 12.01
C ALA H 220 19.55 22.38 12.92
N PHE H 221 20.06 22.74 14.10
CA PHE H 221 19.32 23.60 15.03
C PHE H 221 19.13 25.00 14.45
N ARG H 222 20.19 25.57 13.89
CA ARG H 222 20.12 26.91 13.31
C ARG H 222 19.23 26.92 12.06
N LEU H 223 19.32 25.88 11.23
CA LEU H 223 18.47 25.81 10.05
C LEU H 223 17.01 25.60 10.41
N GLY H 224 16.73 24.84 11.47
CA GLY H 224 15.36 24.68 11.92
C GLY H 224 14.78 25.97 12.48
N TRP H 225 15.58 26.72 13.26
CA TRP H 225 15.12 28.01 13.77
C TRP H 225 14.90 29.02 12.65
N GLU H 226 15.80 29.05 11.66
CA GLU H 226 15.65 29.96 10.53
C GLU H 226 14.45 29.60 9.68
N LEU H 227 14.20 28.29 9.49
CA LEU H 227 13.04 27.87 8.71
C LEU H 227 11.74 28.18 9.45
N LYS H 228 11.73 28.04 10.77
CA LYS H 228 10.54 28.40 11.56
C LYS H 228 10.28 29.90 11.51
N GLU H 229 11.34 30.71 11.58
CA GLU H 229 11.16 32.16 11.48
C GLU H 229 10.70 32.57 10.08
N LEU H 230 11.21 31.89 9.04
CA LEU H 230 10.77 32.17 7.68
C LEU H 230 9.32 31.76 7.47
N SER H 231 8.90 30.66 8.08
CA SER H 231 7.51 30.25 8.02
C SER H 231 6.61 31.25 8.76
N LYS H 232 7.12 31.82 9.86
CA LYS H 232 6.38 32.86 10.55
C LYS H 232 6.29 34.12 9.71
N VAL H 233 7.32 34.42 8.93
CA VAL H 233 7.32 35.65 8.12
C VAL H 233 6.54 35.43 6.83
N GLU H 234 6.97 34.47 6.01
CA GLU H 234 6.36 34.24 4.70
C GLU H 234 5.02 33.55 4.89
N ASN H 235 3.93 34.26 4.58
CA ASN H 235 2.60 33.70 4.77
C ASN H 235 2.22 32.72 3.68
N GLU H 236 2.67 32.94 2.44
CA GLU H 236 2.26 32.08 1.32
C GLU H 236 2.88 30.69 1.42
N PHE H 237 4.14 30.60 1.84
CA PHE H 237 4.89 29.35 1.80
C PHE H 237 5.14 28.80 3.20
N LYS H 238 4.12 28.88 4.06
CA LYS H 238 4.27 28.49 5.46
C LYS H 238 4.45 26.97 5.61
N ALA H 239 3.74 26.19 4.79
CA ALA H 239 3.63 24.75 5.02
C ALA H 239 4.96 24.03 4.73
N GLU H 240 5.60 24.36 3.61
CA GLU H 240 6.86 23.67 3.29
C GLU H 240 8.00 24.14 4.20
N TYR H 241 7.94 25.38 4.68
CA TYR H 241 8.93 25.82 5.66
C TYR H 241 8.75 25.10 7.00
N GLU H 242 7.50 24.88 7.40
CA GLU H 242 7.23 24.07 8.60
C GLU H 242 7.69 22.63 8.41
N GLU H 243 7.50 22.08 7.20
CA GLU H 243 7.96 20.73 6.88
C GLU H 243 9.48 20.66 6.93
N LEU H 244 10.17 21.69 6.42
CA LEU H 244 11.63 21.72 6.46
C LEU H 244 12.15 21.82 7.88
N SER H 245 11.50 22.63 8.72
CA SER H 245 11.88 22.73 10.13
C SER H 245 11.66 21.40 10.87
N GLN H 246 10.55 20.73 10.57
CA GLN H 246 10.29 19.41 11.16
C GLN H 246 11.31 18.38 10.68
N GLN H 247 11.72 18.47 9.41
CA GLN H 247 12.74 17.57 8.87
C GLN H 247 14.09 17.79 9.54
N CYS H 248 14.46 19.05 9.78
CA CYS H 248 15.71 19.34 10.46
C CYS H 248 15.69 18.88 11.91
N LYS H 249 14.55 19.08 12.60
CA LYS H 249 14.42 18.62 13.99
C LYS H 249 14.46 17.10 14.09
N LEU H 250 13.79 16.41 13.16
CA LEU H 250 13.83 14.95 13.14
C LEU H 250 15.21 14.43 12.78
N PHE H 251 15.94 15.14 11.91
CA PHE H 251 17.32 14.75 11.61
C PHE H 251 18.22 14.89 12.83
N ALA H 252 18.04 15.98 13.59
CA ALA H 252 18.82 16.17 14.82
C ALA H 252 18.51 15.09 15.86
N LYS H 253 17.22 14.76 16.03
CA LYS H 253 16.85 13.72 16.99
C LYS H 253 17.32 12.34 16.54
N ASP H 254 17.27 12.07 15.23
CA ASP H 254 17.74 10.79 14.72
C ASP H 254 19.25 10.65 14.85
N LEU H 255 19.99 11.75 14.65
CA LEU H 255 21.43 11.71 14.85
C LEU H 255 21.78 11.53 16.32
N LEU H 256 20.99 12.13 17.22
CA LEU H 256 21.22 11.91 18.65
C LEU H 256 20.86 10.49 19.06
N ASP H 257 19.90 9.87 18.36
CA ASP H 257 19.42 8.56 18.76
C ASP H 257 20.39 7.43 18.39
N GLN H 258 21.38 7.70 17.55
CA GLN H 258 22.29 6.67 17.06
C GLN H 258 23.44 6.38 18.02
N ALA H 259 23.46 7.01 19.19
CA ALA H 259 24.55 6.80 20.15
C ALA H 259 24.49 5.38 20.73
N ARG H 260 25.64 4.91 21.18
CA ARG H 260 25.78 3.55 21.68
C ARG H 260 26.33 3.45 23.10
N SER H 261 26.75 4.55 23.70
CA SER H 261 27.33 4.52 25.03
C SER H 261 27.02 5.82 25.76
N SER H 262 27.09 5.76 27.09
CA SER H 262 26.83 6.94 27.91
C SER H 262 27.92 8.00 27.73
N ARG H 263 29.16 7.57 27.47
CA ARG H 263 30.25 8.52 27.28
C ARG H 263 30.06 9.33 25.99
N GLU H 264 29.53 8.71 24.94
CA GLU H 264 29.24 9.43 23.71
C GLU H 264 28.12 10.45 23.92
N LEU H 265 27.10 10.08 24.70
CA LEU H 265 26.00 11.00 24.99
C LEU H 265 26.46 12.18 25.82
N GLU H 266 27.29 11.92 26.84
CA GLU H 266 27.82 13.03 27.65
C GLU H 266 28.83 13.87 26.88
N ILE H 267 29.54 13.29 25.91
CA ILE H 267 30.43 14.08 25.06
C ILE H 267 29.63 14.98 24.14
N ILE H 268 28.52 14.45 23.60
CA ILE H 268 27.70 15.25 22.69
C ILE H 268 26.98 16.37 23.43
N LEU H 269 26.45 16.07 24.62
CA LEU H 269 25.66 17.06 25.34
C LEU H 269 26.55 18.15 25.94
N ASN H 270 27.76 17.78 26.38
CA ASN H 270 28.63 18.72 27.09
C ASN H 270 29.59 19.46 26.18
N HIS H 271 29.49 19.28 24.86
CA HIS H 271 30.37 19.99 23.95
C HIS H 271 30.02 21.47 23.90
N ARG H 272 31.05 22.32 23.95
CA ARG H 272 30.90 23.75 23.85
C ARG H 272 31.49 24.24 22.53
N ASP H 273 31.13 25.47 22.17
CA ASP H 273 31.62 26.07 20.93
C ASP H 273 33.10 26.41 21.03
N ASP H 286 26.96 23.31 32.42
CA ASP H 286 27.76 22.20 31.92
C ASP H 286 27.19 21.67 30.62
N LEU H 287 25.88 21.41 30.60
CA LEU H 287 25.20 20.89 29.41
C LEU H 287 24.93 22.05 28.47
N ALA H 288 25.97 22.45 27.73
CA ALA H 288 25.85 23.60 26.84
C ALA H 288 24.96 23.30 25.64
N LYS H 289 25.12 22.11 25.05
CA LYS H 289 24.33 21.77 23.86
C LYS H 289 22.86 21.57 24.19
N LEU H 290 22.55 21.07 25.40
CA LEU H 290 21.16 20.97 25.82
C LEU H 290 20.54 22.35 26.01
N LYS H 291 21.31 23.30 26.54
CA LYS H 291 20.83 24.67 26.67
C LYS H 291 20.64 25.32 25.31
N VAL H 292 21.51 25.01 24.35
CA VAL H 292 21.37 25.54 23.00
C VAL H 292 20.13 24.94 22.32
N ALA H 293 19.87 23.65 22.57
CA ALA H 293 18.68 23.02 22.01
C ALA H 293 17.41 23.60 22.62
N ILE H 294 17.44 23.88 23.92
CA ILE H 294 16.28 24.48 24.59
C ILE H 294 16.06 25.91 24.09
N LYS H 295 17.15 26.64 23.83
CA LYS H 295 17.02 28.00 23.32
C LYS H 295 16.44 28.04 21.91
N TYR H 296 16.67 27.00 21.12
CA TYR H 296 16.15 26.93 19.76
C TYR H 296 14.83 26.16 19.68
N HIS H 297 14.29 25.74 20.82
CA HIS H 297 12.98 25.07 20.90
C HIS H 297 12.99 23.73 20.18
N GLN H 298 14.02 22.92 20.40
CA GLN H 298 14.11 21.59 19.82
C GLN H 298 13.52 20.61 20.82
N LYS H 299 12.19 20.45 20.76
CA LYS H 299 11.50 19.59 21.71
C LYS H 299 11.80 18.12 21.49
N GLU H 300 11.98 17.69 20.23
CA GLU H 300 12.29 16.30 19.96
C GLU H 300 13.69 15.92 20.44
N PHE H 301 14.65 16.85 20.33
CA PHE H 301 16.00 16.57 20.81
C PHE H 301 16.05 16.46 22.33
N VAL H 302 15.34 17.35 23.02
CA VAL H 302 15.34 17.34 24.49
C VAL H 302 14.60 16.13 25.02
N ALA H 303 13.51 15.74 24.36
CA ALA H 303 12.63 14.67 24.83
C ALA H 303 13.08 13.28 24.40
N GLN H 304 14.31 13.13 23.92
CA GLN H 304 14.83 11.81 23.60
C GLN H 304 15.02 11.01 24.89
N PRO H 305 14.83 9.68 24.86
CA PRO H 305 14.89 8.89 26.10
C PRO H 305 16.25 8.85 26.78
N ASN H 306 17.35 8.85 26.03
CA ASN H 306 18.67 8.76 26.67
C ASN H 306 19.02 10.08 27.37
N CYS H 307 18.68 11.21 26.74
CA CYS H 307 18.89 12.51 27.38
C CYS H 307 17.99 12.65 28.61
N GLN H 308 16.78 12.10 28.55
CA GLN H 308 15.90 12.09 29.71
C GLN H 308 16.47 11.23 30.83
N GLN H 309 17.09 10.10 30.48
CA GLN H 309 17.72 9.25 31.49
C GLN H 309 18.91 9.94 32.14
N LEU H 310 19.73 10.65 31.34
CA LEU H 310 20.86 11.39 31.89
C LEU H 310 20.40 12.54 32.77
N LEU H 311 19.34 13.25 32.36
CA LEU H 311 18.80 14.32 33.18
C LEU H 311 18.15 13.79 34.45
N ALA H 312 17.57 12.59 34.39
CA ALA H 312 17.02 11.98 35.59
C ALA H 312 18.13 11.56 36.56
N THR H 313 19.23 11.03 36.02
CA THR H 313 20.37 10.68 36.86
C THR H 313 21.00 11.91 37.50
N LEU H 314 21.11 13.02 36.76
CA LEU H 314 21.63 14.25 37.35
C LEU H 314 20.64 14.86 38.33
N TRP H 315 19.34 14.68 38.08
CA TRP H 315 18.32 15.28 38.95
C TRP H 315 18.29 14.58 40.31
N TYR H 316 18.31 13.25 40.31
CA TYR H 316 18.43 12.48 41.55
C TYR H 316 19.90 12.19 41.83
N ASP H 317 20.62 13.26 42.14
CA ASP H 317 22.07 13.17 42.31
C ASP H 317 22.44 12.42 43.58
N GLY H 318 21.81 12.76 44.70
CA GLY H 318 22.10 12.15 45.98
C GLY H 318 21.17 11.04 46.40
N PHE H 319 20.19 10.68 45.57
CA PHE H 319 19.21 9.64 45.89
C PHE H 319 19.25 8.55 44.83
N PRO H 320 20.18 7.62 44.93
CA PRO H 320 20.24 6.51 43.96
C PRO H 320 19.07 5.56 44.11
N GLY H 321 18.60 5.06 42.97
CA GLY H 321 17.46 4.14 42.97
C GLY H 321 16.17 4.77 43.44
N TRP H 322 15.86 5.98 42.98
CA TRP H 322 14.61 6.64 43.36
C TRP H 322 13.40 5.99 42.71
N ARG H 323 13.54 5.53 41.46
CA ARG H 323 12.44 4.89 40.76
C ARG H 323 12.11 3.51 41.33
N ARG H 324 13.05 2.88 42.01
CA ARG H 324 12.90 1.54 42.55
C ARG H 324 11.93 1.47 43.72
N LYS H 325 11.82 2.53 44.50
CA LYS H 325 11.22 2.48 45.83
C LYS H 325 9.70 2.39 45.75
N HIS H 326 9.12 1.75 46.76
CA HIS H 326 7.67 1.80 46.92
C HIS H 326 7.29 3.22 47.34
N TRP H 327 6.06 3.64 46.99
CA TRP H 327 5.68 5.04 47.11
C TRP H 327 5.56 5.52 48.56
N VAL H 328 5.40 4.64 49.54
CA VAL H 328 5.27 5.10 50.92
C VAL H 328 6.60 5.62 51.43
N VAL H 329 7.70 4.93 51.12
CA VAL H 329 9.01 5.41 51.56
C VAL H 329 9.42 6.67 50.82
N LYS H 330 9.03 6.81 49.55
CA LYS H 330 9.30 8.03 48.79
C LYS H 330 8.53 9.21 49.38
N LEU H 331 7.25 8.99 49.72
CA LEU H 331 6.47 10.07 50.32
C LEU H 331 6.96 10.40 51.73
N LEU H 332 7.43 9.39 52.47
CA LEU H 332 7.97 9.65 53.81
C LEU H 332 9.26 10.44 53.75
N THR H 333 10.13 10.12 52.77
CA THR H 333 11.35 10.90 52.58
C THR H 333 11.03 12.32 52.12
N CYS H 334 10.01 12.47 51.26
CA CYS H 334 9.59 13.80 50.84
C CYS H 334 9.03 14.62 51.99
N MET H 335 8.24 13.98 52.86
CA MET H 335 7.69 14.68 54.03
C MET H 335 8.78 15.06 55.01
N THR H 336 9.73 14.14 55.28
CA THR H 336 10.78 14.44 56.23
C THR H 336 11.77 15.48 55.69
N ILE H 337 11.94 15.56 54.37
CA ILE H 337 12.82 16.58 53.81
C ILE H 337 12.12 17.91 53.59
N GLY H 338 10.79 17.91 53.42
CA GLY H 338 10.04 19.14 53.29
C GLY H 338 9.73 19.78 54.62
N PHE H 339 9.59 18.97 55.66
CA PHE H 339 9.41 19.50 57.01
C PHE H 339 10.71 19.99 57.62
N LEU H 340 11.85 19.64 57.03
CA LEU H 340 13.15 20.11 57.49
C LEU H 340 13.63 21.34 56.73
N PHE H 341 12.70 22.13 56.19
CA PHE H 341 12.99 23.39 55.53
C PHE H 341 13.80 24.43 56.35
N PRO H 342 13.57 24.71 57.65
CA PRO H 342 14.35 25.80 58.26
C PRO H 342 15.79 25.41 58.55
N MET H 343 16.06 24.13 58.80
CA MET H 343 17.44 23.68 58.74
C MET H 343 17.81 23.41 57.28
N LEU H 344 19.11 23.17 57.07
CA LEU H 344 19.77 22.81 55.81
C LEU H 344 19.95 23.99 54.85
N SER H 345 19.45 25.16 55.22
CA SER H 345 19.73 26.43 54.56
C SER H 345 20.61 27.33 55.41
N ILE H 346 20.36 27.38 56.72
CA ILE H 346 21.30 28.01 57.63
C ILE H 346 22.57 27.19 57.74
N ALA H 347 22.47 25.87 57.57
CA ALA H 347 23.66 25.02 57.54
C ALA H 347 24.53 25.34 56.32
N TYR H 348 23.91 25.61 55.18
CA TYR H 348 24.65 26.07 54.01
C TYR H 348 25.28 27.43 54.26
N LEU H 349 24.61 28.29 55.03
CA LEU H 349 25.16 29.61 55.32
C LEU H 349 26.36 29.51 56.25
N ILE H 350 26.31 28.61 57.23
CA ILE H 350 27.36 28.54 58.24
C ILE H 350 28.49 27.59 57.88
N SER H 351 28.23 26.58 57.05
CA SER H 351 29.28 25.63 56.68
C SER H 351 28.97 25.03 55.31
N PRO H 352 29.29 25.75 54.23
CA PRO H 352 29.04 25.20 52.89
C PRO H 352 29.93 24.02 52.53
N ARG H 353 31.09 23.89 53.16
CA ARG H 353 32.02 22.80 52.88
C ARG H 353 31.78 21.58 53.77
N SER H 354 30.83 21.66 54.70
CA SER H 354 30.53 20.54 55.57
C SER H 354 29.72 19.48 54.82
N ASN H 355 29.61 18.30 55.44
CA ASN H 355 28.81 17.22 54.85
C ASN H 355 27.32 17.57 54.83
N LEU H 356 26.83 18.24 55.88
CA LEU H 356 25.41 18.60 55.92
C LEU H 356 25.08 19.74 54.95
N GLY H 357 26.02 20.66 54.74
CA GLY H 357 25.75 21.78 53.85
C GLY H 357 25.79 21.41 52.39
N LEU H 358 26.42 20.29 52.06
CA LEU H 358 26.53 19.87 50.66
C LEU H 358 25.27 19.20 50.14
N PHE H 359 24.37 18.77 51.02
CA PHE H 359 23.14 18.11 50.58
C PHE H 359 22.12 19.08 49.99
N ILE H 360 22.25 20.38 50.28
CA ILE H 360 21.32 21.36 49.72
C ILE H 360 21.65 21.70 48.27
N LYS H 361 22.87 21.41 47.81
CA LYS H 361 23.26 21.76 46.45
C LYS H 361 22.67 20.83 45.39
N LYS H 362 22.14 19.68 45.79
CA LYS H 362 21.51 18.79 44.83
C LYS H 362 20.20 19.38 44.34
N PRO H 363 19.80 19.10 43.09
CA PRO H 363 18.63 19.76 42.52
C PRO H 363 17.30 19.31 43.13
N PHE H 364 17.17 18.02 43.48
CA PHE H 364 15.93 17.53 44.06
C PHE H 364 15.69 18.13 45.44
N ILE H 365 16.75 18.23 46.25
CA ILE H 365 16.62 18.84 47.58
C ILE H 365 16.31 20.33 47.45
N LYS H 366 16.87 20.99 46.42
CA LYS H 366 16.58 22.40 46.17
C LYS H 366 15.12 22.61 45.80
N PHE H 367 14.59 21.75 44.92
CA PHE H 367 13.19 21.86 44.50
C PHE H 367 12.24 21.54 45.66
N ILE H 368 12.59 20.54 46.48
CA ILE H 368 11.74 20.21 47.63
C ILE H 368 11.77 21.31 48.67
N CYS H 369 12.94 21.93 48.89
CA CYS H 369 13.03 23.03 49.84
C CYS H 369 12.26 24.26 49.37
N HIS H 370 12.32 24.55 48.06
CA HIS H 370 11.56 25.67 47.52
C HIS H 370 10.06 25.42 47.60
N THR H 371 9.63 24.18 47.31
CA THR H 371 8.21 23.82 47.43
C THR H 371 7.74 23.89 48.88
N ALA H 372 8.59 23.45 49.82
CA ALA H 372 8.25 23.54 51.24
C ALA H 372 8.17 24.98 51.71
N SER H 373 9.06 25.84 51.22
CA SER H 373 9.02 27.26 51.57
C SER H 373 7.75 27.93 51.02
N TYR H 374 7.37 27.60 49.78
CA TYR H 374 6.17 28.20 49.22
C TYR H 374 4.91 27.68 49.92
N LEU H 375 4.91 26.39 50.30
CA LEU H 375 3.79 25.84 51.06
C LEU H 375 3.70 26.47 52.44
N THR H 376 4.84 26.75 53.07
CA THR H 376 4.84 27.44 54.35
C THR H 376 4.32 28.86 54.23
N PHE H 377 4.68 29.55 53.14
CA PHE H 377 4.17 30.90 52.88
C PHE H 377 2.66 30.88 52.66
N LEU H 378 2.16 29.89 51.92
CA LEU H 378 0.72 29.76 51.70
C LEU H 378 -0.03 29.45 53.00
N PHE H 379 0.54 28.56 53.82
CA PHE H 379 -0.08 28.24 55.11
C PHE H 379 -0.07 29.43 56.05
N MET H 380 0.99 30.23 56.00
CA MET H 380 1.04 31.45 56.81
C MET H 380 0.02 32.47 56.33
N LEU H 381 -0.20 32.56 55.01
CA LEU H 381 -1.26 33.43 54.50
C LEU H 381 -2.65 32.95 54.89
N LEU H 382 -2.85 31.63 54.96
CA LEU H 382 -4.10 31.11 55.53
C LEU H 382 -4.22 31.47 57.01
N LEU H 383 -3.14 31.34 57.77
CA LEU H 383 -3.18 31.64 59.21
C LEU H 383 -3.36 33.13 59.49
N ALA H 384 -2.98 33.99 58.56
CA ALA H 384 -3.15 35.44 58.75
C ALA H 384 -4.61 35.87 58.71
N SER H 385 -5.52 35.07 58.15
CA SER H 385 -6.91 35.42 58.01
C SER H 385 -7.79 34.83 59.12
N GLN H 386 -7.24 34.70 60.33
CA GLN H 386 -7.98 34.12 61.44
C GLN H 386 -8.19 35.15 62.55
N HIS H 387 -9.19 34.88 63.38
CA HIS H 387 -9.54 35.78 64.48
C HIS H 387 -8.61 35.66 65.68
N ILE H 388 -7.73 34.65 65.70
CA ILE H 388 -6.80 34.50 66.80
C ILE H 388 -5.77 35.62 66.80
N VAL H 389 -5.35 36.05 65.62
CA VAL H 389 -4.33 37.09 65.51
C VAL H 389 -4.95 38.47 65.33
N ARG H 390 -5.98 38.58 64.49
CA ARG H 390 -6.58 39.86 64.19
C ARG H 390 -7.42 40.35 65.37
N THR H 391 -7.06 41.50 65.94
CA THR H 391 -7.78 42.09 67.04
C THR H 391 -7.81 43.60 66.89
N ASP H 392 -8.87 44.21 67.42
CA ASP H 392 -9.05 45.67 67.46
C ASP H 392 -9.11 46.26 66.05
N LEU H 393 -10.18 45.89 65.34
CA LEU H 393 -10.38 46.31 63.96
C LEU H 393 -10.81 47.76 63.81
N HIS H 394 -11.14 48.45 64.91
CA HIS H 394 -11.64 49.82 64.86
C HIS H 394 -10.53 50.86 64.98
N VAL H 395 -9.32 50.54 64.52
CA VAL H 395 -8.21 51.48 64.48
C VAL H 395 -8.01 51.93 63.04
N GLN H 396 -7.84 53.23 62.85
CA GLN H 396 -7.68 53.77 61.50
C GLN H 396 -6.36 53.34 60.88
N GLY H 397 -5.25 53.74 61.49
CA GLY H 397 -3.96 53.23 61.10
C GLY H 397 -3.49 52.18 62.10
N PRO H 398 -3.64 50.92 61.74
CA PRO H 398 -3.28 49.85 62.67
C PRO H 398 -1.82 49.46 62.51
N PRO H 399 -1.12 49.20 63.61
CA PRO H 399 0.23 48.65 63.48
C PRO H 399 0.18 47.25 62.94
N PRO H 400 1.25 46.79 62.27
CA PRO H 400 1.24 45.43 61.72
C PRO H 400 1.31 44.39 62.82
N THR H 401 0.47 43.37 62.70
CA THR H 401 0.51 42.27 63.64
C THR H 401 1.77 41.44 63.43
N VAL H 402 2.05 40.56 64.39
CA VAL H 402 3.28 39.78 64.42
C VAL H 402 3.34 38.79 63.25
N VAL H 403 2.17 38.33 62.79
CA VAL H 403 2.11 37.51 61.58
C VAL H 403 2.58 38.31 60.37
N GLU H 404 2.19 39.58 60.28
CA GLU H 404 2.66 40.41 59.17
C GLU H 404 4.16 40.71 59.29
N TRP H 405 4.65 40.89 60.53
CA TRP H 405 6.08 41.10 60.77
C TRP H 405 6.90 39.89 60.33
N MET H 406 6.36 38.68 60.52
CA MET H 406 7.07 37.50 60.04
C MET H 406 6.88 37.28 58.54
N ILE H 407 5.73 37.63 57.97
CA ILE H 407 5.50 37.45 56.54
C ILE H 407 6.37 38.39 55.71
N LEU H 408 6.70 39.56 56.26
CA LEU H 408 7.54 40.55 55.56
C LEU H 408 8.91 40.06 55.07
N PRO H 409 9.68 39.26 55.83
CA PRO H 409 10.91 38.67 55.25
C PRO H 409 10.67 37.77 54.03
N TRP H 410 9.56 37.04 53.96
CA TRP H 410 9.27 36.25 52.77
C TRP H 410 9.01 37.13 51.55
N VAL H 411 8.31 38.25 51.75
CA VAL H 411 8.06 39.17 50.63
C VAL H 411 9.35 39.84 50.19
N LEU H 412 10.22 40.19 51.14
CA LEU H 412 11.52 40.75 50.78
C LEU H 412 12.41 39.73 50.06
N GLY H 413 12.36 38.47 50.48
CA GLY H 413 13.12 37.43 49.79
C GLY H 413 12.60 37.18 48.39
N PHE H 414 11.27 37.24 48.20
CA PHE H 414 10.69 37.11 46.87
C PHE H 414 11.10 38.28 45.97
N ILE H 415 11.14 39.49 46.53
CA ILE H 415 11.56 40.68 45.79
C ILE H 415 13.02 40.56 45.37
N TRP H 416 13.89 40.11 46.29
CA TRP H 416 15.31 39.96 46.00
C TRP H 416 15.54 38.85 44.98
N GLY H 417 14.78 37.76 45.07
CA GLY H 417 14.90 36.68 44.09
C GLY H 417 14.43 37.08 42.71
N GLU H 418 13.33 37.83 42.63
CA GLU H 418 12.86 38.30 41.32
C GLU H 418 13.81 39.31 40.70
N ILE H 419 14.39 40.22 41.49
CA ILE H 419 15.34 41.18 40.92
C ILE H 419 16.64 40.48 40.52
N LYS H 420 17.06 39.47 41.29
CA LYS H 420 18.23 38.68 40.92
C LYS H 420 17.99 37.90 39.63
N GLU H 421 16.78 37.36 39.46
CA GLU H 421 16.44 36.72 38.20
C GLU H 421 16.36 37.71 37.05
N MET H 422 15.99 38.97 37.33
CA MET H 422 16.02 39.98 36.28
C MET H 422 17.45 40.29 35.87
N TRP H 423 18.37 40.37 36.83
CA TRP H 423 19.75 40.73 36.50
C TRP H 423 20.45 39.56 35.79
N ASP H 424 20.52 38.41 36.46
CA ASP H 424 21.16 37.25 35.85
C ASP H 424 20.27 36.68 34.74
N GLY H 425 20.89 36.40 33.59
CA GLY H 425 20.19 35.88 32.43
C GLY H 425 19.80 36.93 31.42
N GLY H 426 19.67 38.18 31.85
CA GLY H 426 19.36 39.28 30.95
C GLY H 426 17.89 39.65 30.98
N PHE H 427 17.61 40.91 30.64
CA PHE H 427 16.24 41.38 30.52
C PHE H 427 15.54 40.81 29.29
N THR H 428 16.29 40.42 28.26
CA THR H 428 15.68 39.83 27.07
C THR H 428 15.24 38.38 27.29
N GLU H 429 15.77 37.70 28.30
CA GLU H 429 15.37 36.35 28.63
C GLU H 429 14.38 36.27 29.78
N TYR H 430 14.30 37.32 30.60
CA TYR H 430 13.38 37.32 31.74
C TYR H 430 11.92 37.39 31.29
N ILE H 431 11.66 37.99 30.12
CA ILE H 431 10.29 38.22 29.68
C ILE H 431 9.72 37.07 28.86
N HIS H 432 10.53 36.10 28.47
CA HIS H 432 10.07 34.98 27.65
C HIS H 432 9.51 33.82 28.47
N ASP H 433 9.65 33.86 29.80
CA ASP H 433 9.15 32.78 30.62
C ASP H 433 7.62 32.73 30.65
N TRP H 434 6.98 33.90 30.72
CA TRP H 434 5.54 34.15 30.82
C TRP H 434 4.95 33.86 32.21
N TRP H 435 5.74 33.33 33.14
CA TRP H 435 5.32 33.23 34.53
C TRP H 435 5.79 34.42 35.34
N ASN H 436 6.69 35.24 34.79
CA ASN H 436 7.24 36.38 35.50
C ASN H 436 6.26 37.54 35.55
N LEU H 437 5.22 37.54 34.71
CA LEU H 437 4.20 38.58 34.76
C LEU H 437 3.40 38.48 36.05
N MET H 438 3.06 37.26 36.48
CA MET H 438 2.37 37.09 37.76
C MET H 438 3.28 37.44 38.93
N ASP H 439 4.58 37.14 38.82
CA ASP H 439 5.52 37.52 39.87
C ASP H 439 5.67 39.04 39.96
N PHE H 440 5.71 39.73 38.80
CA PHE H 440 5.76 41.19 38.78
C PHE H 440 4.50 41.79 39.37
N ALA H 441 3.34 41.21 39.04
CA ALA H 441 2.08 41.68 39.60
C ALA H 441 2.00 41.46 41.10
N MET H 442 2.44 40.29 41.59
CA MET H 442 2.48 39.99 43.02
C MET H 442 3.42 40.92 43.77
N ASN H 443 4.58 41.22 43.19
CA ASN H 443 5.52 42.13 43.83
C ASN H 443 4.97 43.56 43.87
N SER H 444 4.32 43.99 42.77
CA SER H 444 3.66 45.30 42.75
C SER H 444 2.55 45.39 43.78
N LEU H 445 1.77 44.32 43.95
CA LEU H 445 0.70 44.32 44.93
C LEU H 445 1.25 44.36 46.36
N TYR H 446 2.34 43.64 46.61
CA TYR H 446 2.96 43.64 47.93
C TYR H 446 3.58 45.00 48.24
N LEU H 447 4.21 45.64 47.24
CA LEU H 447 4.76 46.98 47.44
C LEU H 447 3.67 48.01 47.68
N ALA H 448 2.56 47.90 46.94
CA ALA H 448 1.44 48.82 47.13
C ALA H 448 0.80 48.66 48.49
N THR H 449 0.60 47.41 48.94
CA THR H 449 -0.02 47.20 50.25
C THR H 449 0.92 47.60 51.38
N ILE H 450 2.24 47.41 51.21
CA ILE H 450 3.19 47.85 52.23
C ILE H 450 3.23 49.37 52.32
N SER H 451 3.20 50.04 51.16
CA SER H 451 3.20 51.51 51.15
C SER H 451 1.91 52.08 51.73
N LEU H 452 0.77 51.45 51.44
CA LEU H 452 -0.50 51.89 52.01
C LEU H 452 -0.53 51.66 53.52
N LYS H 453 0.00 50.53 53.99
CA LYS H 453 0.07 50.27 55.42
C LYS H 453 0.98 51.26 56.15
N ILE H 454 2.13 51.57 55.56
CA ILE H 454 3.05 52.48 56.24
C ILE H 454 2.51 53.92 56.22
N VAL H 455 1.84 54.33 55.14
CA VAL H 455 1.27 55.68 55.12
C VAL H 455 0.09 55.78 56.07
N ALA H 456 -0.72 54.71 56.19
CA ALA H 456 -1.82 54.71 57.15
C ALA H 456 -1.31 54.71 58.59
N TYR H 457 -0.19 54.03 58.84
CA TYR H 457 0.42 54.10 60.17
C TYR H 457 0.95 55.49 60.45
N VAL H 458 1.61 56.12 59.48
CA VAL H 458 2.29 57.37 59.76
C VAL H 458 1.33 58.54 59.89
N LYS H 459 0.26 58.63 59.08
CA LYS H 459 -0.52 59.85 59.15
C LYS H 459 -2.04 59.64 59.30
N TYR H 460 -2.48 58.45 59.71
CA TYR H 460 -3.89 58.24 59.99
C TYR H 460 -4.12 57.81 61.43
N ASN H 461 -3.51 58.51 62.38
CA ASN H 461 -3.62 58.14 63.79
C ASN H 461 -5.03 58.40 64.31
N GLY H 462 -5.59 57.41 64.97
CA GLY H 462 -6.94 57.52 65.50
C GLY H 462 -7.56 56.15 65.66
N SER H 463 -8.78 56.15 66.17
CA SER H 463 -9.54 54.92 66.41
C SER H 463 -10.98 55.08 65.98
N ARG H 464 -11.19 55.67 64.80
CA ARG H 464 -12.55 55.86 64.30
C ARG H 464 -13.18 54.52 63.91
N PRO H 465 -14.47 54.34 64.19
CA PRO H 465 -15.12 53.07 63.83
C PRO H 465 -15.24 52.89 62.33
N ARG H 466 -15.23 51.62 61.91
CA ARG H 466 -15.15 51.29 60.50
C ARG H 466 -16.42 51.64 59.72
N GLU H 467 -17.56 51.82 60.39
CA GLU H 467 -18.81 52.08 59.70
C GLU H 467 -18.85 53.46 59.06
N GLU H 468 -18.02 54.41 59.52
CA GLU H 468 -18.02 55.77 59.01
C GLU H 468 -16.67 56.11 58.36
N TRP H 469 -16.00 55.13 57.77
CA TRP H 469 -14.75 55.38 57.08
C TRP H 469 -15.00 55.89 55.66
N GLU H 470 -14.00 56.58 55.14
CA GLU H 470 -14.04 57.03 53.75
C GLU H 470 -13.98 55.83 52.81
N MET H 471 -14.66 55.96 51.67
CA MET H 471 -14.65 54.89 50.67
C MET H 471 -13.25 54.73 50.08
N TRP H 472 -12.55 55.84 49.85
CA TRP H 472 -11.15 55.80 49.44
C TRP H 472 -10.19 55.78 50.63
N HIS H 473 -10.39 54.88 51.58
CA HIS H 473 -9.45 54.74 52.68
C HIS H 473 -8.29 53.85 52.25
N PRO H 474 -7.04 54.26 52.47
CA PRO H 474 -5.90 53.43 52.08
C PRO H 474 -5.79 52.12 52.82
N THR H 475 -6.37 51.99 54.01
CA THR H 475 -6.39 50.70 54.71
C THR H 475 -7.22 49.67 53.95
N LEU H 476 -8.41 50.07 53.48
CA LEU H 476 -9.26 49.17 52.71
C LEU H 476 -8.63 48.82 51.37
N ILE H 477 -7.99 49.78 50.72
CA ILE H 477 -7.33 49.53 49.44
C ILE H 477 -6.14 48.60 49.64
N ALA H 478 -5.40 48.80 50.73
CA ALA H 478 -4.28 47.92 51.06
C ALA H 478 -4.76 46.50 51.34
N GLU H 479 -5.90 46.35 52.01
CA GLU H 479 -6.41 45.01 52.26
C GLU H 479 -6.93 44.36 50.98
N ALA H 480 -7.53 45.13 50.07
CA ALA H 480 -8.00 44.59 48.81
C ALA H 480 -6.82 44.12 47.95
N LEU H 481 -5.75 44.93 47.91
CA LEU H 481 -4.55 44.52 47.19
C LEU H 481 -3.87 43.32 47.86
N PHE H 482 -3.94 43.23 49.19
CA PHE H 482 -3.41 42.07 49.90
C PHE H 482 -4.20 40.81 49.56
N ALA H 483 -5.53 40.92 49.45
CA ALA H 483 -6.34 39.76 49.09
C ALA H 483 -6.07 39.32 47.66
N ILE H 484 -5.90 40.28 46.73
CA ILE H 484 -5.60 39.93 45.35
C ILE H 484 -4.21 39.30 45.24
N SER H 485 -3.25 39.80 46.03
CA SER H 485 -1.92 39.20 46.06
C SER H 485 -1.95 37.81 46.68
N ASN H 486 -2.83 37.59 47.67
CA ASN H 486 -2.97 36.26 48.26
C ASN H 486 -3.56 35.29 47.25
N ILE H 487 -4.51 35.75 46.43
CA ILE H 487 -5.07 34.92 45.36
C ILE H 487 -3.99 34.57 44.33
N LEU H 488 -3.17 35.55 43.96
CA LEU H 488 -2.10 35.29 42.99
C LEU H 488 -1.04 34.35 43.56
N SER H 489 -0.73 34.50 44.85
CA SER H 489 0.23 33.61 45.50
C SER H 489 -0.30 32.18 45.59
N SER H 490 -1.60 32.02 45.85
CA SER H 490 -2.17 30.69 45.89
C SER H 490 -2.30 30.08 44.49
N LEU H 491 -2.56 30.90 43.47
CA LEU H 491 -2.64 30.41 42.09
C LEU H 491 -1.28 30.26 41.43
N ARG H 492 -0.19 30.65 42.11
CA ARG H 492 1.15 30.42 41.61
C ARG H 492 1.57 28.95 41.63
N LEU H 493 0.85 28.08 42.36
CA LEU H 493 1.19 26.67 42.49
C LEU H 493 0.93 25.85 41.23
N ILE H 494 0.29 26.41 40.21
CA ILE H 494 0.03 25.68 38.97
C ILE H 494 1.33 25.35 38.23
N SER H 495 2.36 26.18 38.39
CA SER H 495 3.62 26.00 37.71
C SER H 495 4.41 24.78 38.17
N LEU H 496 4.09 24.22 39.34
CA LEU H 496 4.76 23.03 39.86
C LEU H 496 4.18 21.73 39.32
N PHE H 497 3.20 21.82 38.42
CA PHE H 497 2.55 20.62 37.89
C PHE H 497 3.44 19.85 36.91
N THR H 498 4.50 20.46 36.39
CA THR H 498 5.42 19.74 35.52
C THR H 498 6.20 18.65 36.25
N ALA H 499 6.39 18.81 37.57
CA ALA H 499 7.15 17.83 38.34
C ALA H 499 6.44 16.48 38.40
N ASN H 500 5.11 16.48 38.51
CA ASN H 500 4.36 15.24 38.52
C ASN H 500 4.25 14.68 37.10
N SER H 501 3.95 13.39 37.01
CA SER H 501 3.84 12.70 35.74
C SER H 501 2.40 12.66 35.22
N HIS H 502 1.44 13.24 35.95
CA HIS H 502 0.05 13.20 35.54
C HIS H 502 -0.57 14.57 35.31
N LEU H 503 -0.02 15.63 35.91
CA LEU H 503 -0.60 16.96 35.82
C LEU H 503 0.10 17.87 34.82
N GLY H 504 1.11 17.34 34.11
CA GLY H 504 1.85 18.12 33.14
C GLY H 504 1.15 18.31 31.80
N PRO H 505 0.82 17.22 31.12
CA PRO H 505 0.03 17.33 29.86
C PRO H 505 -1.34 17.95 30.05
N LEU H 506 -1.94 17.78 31.23
CA LEU H 506 -3.21 18.45 31.56
C LEU H 506 -3.07 19.96 31.51
N GLN H 507 -2.01 20.50 32.11
CA GLN H 507 -1.83 21.95 32.03
C GLN H 507 -1.29 22.39 30.68
N ILE H 508 -0.63 21.51 29.91
CA ILE H 508 -0.25 21.88 28.55
C ILE H 508 -1.50 22.06 27.68
N SER H 509 -2.45 21.13 27.79
CA SER H 509 -3.74 21.27 27.11
C SER H 509 -4.51 22.48 27.64
N LEU H 510 -4.38 22.76 28.94
CA LEU H 510 -4.98 23.96 29.52
C LEU H 510 -4.37 25.23 28.93
N GLY H 511 -3.05 25.22 28.69
CA GLY H 511 -2.40 26.38 28.10
C GLY H 511 -2.83 26.64 26.66
N ARG H 512 -3.00 25.56 25.88
CA ARG H 512 -3.51 25.74 24.51
C ARG H 512 -4.97 26.20 24.52
N MET H 513 -5.79 25.59 25.37
CA MET H 513 -7.19 25.97 25.45
C MET H 513 -7.39 27.37 26.04
N LEU H 514 -6.42 27.88 26.81
CA LEU H 514 -6.51 29.26 27.29
C LEU H 514 -6.36 30.25 26.14
N LEU H 515 -5.46 29.96 25.18
CA LEU H 515 -5.33 30.78 23.99
C LEU H 515 -6.60 30.72 23.15
N ASP H 516 -7.20 29.53 23.05
CA ASP H 516 -8.48 29.41 22.35
C ASP H 516 -9.60 30.17 23.07
N ILE H 517 -9.55 30.19 24.41
CA ILE H 517 -10.51 30.95 25.19
C ILE H 517 -10.34 32.45 24.97
N LEU H 518 -9.09 32.91 24.80
CA LEU H 518 -8.85 34.32 24.49
C LEU H 518 -9.40 34.68 23.11
N LYS H 519 -9.20 33.78 22.13
CA LYS H 519 -9.76 33.98 20.79
C LYS H 519 -11.28 34.01 20.81
N PHE H 520 -11.90 33.24 21.71
CA PHE H 520 -13.34 33.35 21.90
C PHE H 520 -13.74 34.65 22.60
N LEU H 521 -12.99 35.04 23.63
CA LEU H 521 -13.36 36.16 24.47
C LEU H 521 -13.25 37.50 23.75
N PHE H 522 -12.46 37.58 22.68
CA PHE H 522 -12.47 38.78 21.83
C PHE H 522 -13.85 39.03 21.21
N ILE H 523 -14.41 38.00 20.57
CA ILE H 523 -15.73 38.11 19.94
C ILE H 523 -16.81 38.29 21.00
N TYR H 524 -16.64 37.62 22.16
CA TYR H 524 -17.60 37.81 23.25
C TYR H 524 -17.57 39.23 23.80
N CYS H 525 -16.38 39.83 23.90
CA CYS H 525 -16.27 41.21 24.37
C CYS H 525 -16.92 42.18 23.39
N LEU H 526 -16.77 41.91 22.08
CA LEU H 526 -17.40 42.75 21.07
C LEU H 526 -18.93 42.67 21.16
N VAL H 527 -19.47 41.46 21.30
CA VAL H 527 -20.93 41.28 21.39
C VAL H 527 -21.47 41.88 22.69
N LEU H 528 -20.71 41.73 23.78
CA LEU H 528 -21.12 42.30 25.07
C LEU H 528 -21.12 43.82 25.03
N LEU H 529 -20.13 44.42 24.37
CA LEU H 529 -20.08 45.88 24.26
C LEU H 529 -21.24 46.40 23.41
N ALA H 530 -21.58 45.69 22.33
CA ALA H 530 -22.70 46.10 21.48
C ALA H 530 -24.03 46.03 22.22
N PHE H 531 -24.29 44.92 22.91
CA PHE H 531 -25.57 44.78 23.61
C PHE H 531 -25.64 45.70 24.83
N ALA H 532 -24.51 45.95 25.50
CA ALA H 532 -24.48 46.88 26.62
C ALA H 532 -24.74 48.31 26.15
N ASN H 533 -24.19 48.69 24.99
CA ASN H 533 -24.46 50.01 24.42
C ASN H 533 -25.93 50.19 24.08
N GLY H 534 -26.54 49.16 23.47
CA GLY H 534 -27.96 49.23 23.15
C GLY H 534 -28.85 49.30 24.37
N LEU H 535 -28.55 48.48 25.38
CA LEU H 535 -29.37 48.46 26.60
C LEU H 535 -29.24 49.75 27.39
N ASN H 536 -28.02 50.32 27.46
CA ASN H 536 -27.85 51.58 28.18
C ASN H 536 -28.53 52.73 27.45
N GLN H 537 -28.42 52.76 26.11
CA GLN H 537 -29.09 53.80 25.32
C GLN H 537 -30.61 53.70 25.43
N LEU H 538 -31.14 52.49 25.57
CA LEU H 538 -32.58 52.36 25.75
C LEU H 538 -33.02 52.74 27.17
N TYR H 539 -32.27 52.33 28.19
CA TYR H 539 -32.76 52.38 29.57
C TYR H 539 -32.20 53.49 30.44
N PHE H 540 -31.36 54.40 29.93
CA PHE H 540 -30.76 55.32 30.89
C PHE H 540 -31.62 56.54 31.21
N TYR H 541 -32.82 56.68 30.64
CA TYR H 541 -33.71 57.77 31.05
C TYR H 541 -34.42 57.44 32.37
N TYR H 542 -34.63 56.16 32.64
CA TYR H 542 -35.39 55.74 33.82
C TYR H 542 -34.51 55.51 35.04
N GLU H 543 -33.38 56.20 35.14
CA GLU H 543 -32.52 56.07 36.31
C GLU H 543 -33.19 56.70 37.53
N THR H 544 -33.07 56.04 38.67
CA THR H 544 -33.66 56.50 39.92
C THR H 544 -32.56 56.69 40.97
N ARG H 545 -32.84 57.57 41.93
CA ARG H 545 -31.89 57.85 42.99
C ARG H 545 -31.95 56.76 44.06
N ALA H 546 -30.87 56.67 44.84
CA ALA H 546 -30.79 55.65 45.90
C ALA H 546 -31.76 55.93 47.04
N ILE H 547 -32.13 57.19 47.26
CA ILE H 547 -33.03 57.51 48.36
C ILE H 547 -34.44 57.00 48.09
N ASP H 548 -34.89 57.10 46.84
CA ASP H 548 -36.24 56.65 46.49
C ASP H 548 -36.37 55.14 46.56
N GLU H 549 -35.33 54.41 46.15
CA GLU H 549 -35.38 52.96 46.17
C GLU H 549 -35.28 52.42 47.59
N PRO H 550 -35.77 51.21 47.83
CA PRO H 550 -35.71 50.63 49.18
C PRO H 550 -34.29 50.31 49.60
N ASN H 551 -34.03 50.51 50.89
CA ASN H 551 -32.79 50.16 51.60
C ASN H 551 -31.60 51.05 51.23
N ASN H 552 -31.82 52.12 50.47
CA ASN H 552 -30.79 53.12 50.16
C ASN H 552 -29.63 52.53 49.34
N CYS H 553 -29.94 51.57 48.47
CA CYS H 553 -28.92 50.97 47.62
C CYS H 553 -29.36 51.06 46.16
N LYS H 554 -28.36 51.07 45.27
CA LYS H 554 -28.62 51.24 43.85
C LYS H 554 -27.64 50.35 43.08
N GLY H 555 -28.18 49.36 42.39
CA GLY H 555 -27.36 48.46 41.61
C GLY H 555 -27.95 47.07 41.59
N ILE H 556 -27.22 46.15 40.95
CA ILE H 556 -27.65 44.76 40.86
C ILE H 556 -27.21 43.94 42.07
N ARG H 557 -26.56 44.56 43.05
CA ARG H 557 -26.06 43.87 44.22
C ARG H 557 -26.92 44.13 45.46
N CYS H 558 -28.22 44.32 45.28
CA CYS H 558 -29.16 44.52 46.37
C CYS H 558 -29.98 43.26 46.59
N GLU H 559 -30.77 43.26 47.67
CA GLU H 559 -31.73 42.18 47.89
C GLU H 559 -32.81 42.21 46.81
N LYS H 560 -33.39 43.37 46.56
CA LYS H 560 -34.25 43.60 45.42
C LYS H 560 -33.39 44.26 44.33
N GLN H 561 -33.37 43.64 43.15
CA GLN H 561 -32.47 44.09 42.09
C GLN H 561 -32.95 45.42 41.53
N ASN H 562 -32.11 46.46 41.70
CA ASN H 562 -32.43 47.81 41.29
C ASN H 562 -32.20 48.01 39.80
N ASN H 563 -32.14 49.26 39.36
CA ASN H 563 -31.92 49.60 37.96
C ASN H 563 -30.58 49.08 37.46
N ALA H 564 -30.64 48.12 36.52
CA ALA H 564 -29.48 47.42 36.03
C ALA H 564 -28.95 47.96 34.72
N PHE H 565 -29.70 48.85 34.04
CA PHE H 565 -29.30 49.39 32.76
C PHE H 565 -29.31 50.92 32.79
N SER H 566 -28.95 51.51 33.92
CA SER H 566 -28.96 52.96 34.07
C SER H 566 -27.66 53.61 33.60
N THR H 567 -26.53 52.92 33.70
CA THR H 567 -25.25 53.44 33.26
C THR H 567 -24.54 52.39 32.42
N LEU H 568 -23.49 52.83 31.72
CA LEU H 568 -22.72 51.91 30.88
C LEU H 568 -21.99 50.86 31.71
N PHE H 569 -21.41 51.27 32.84
CA PHE H 569 -20.74 50.32 33.73
C PHE H 569 -21.73 49.36 34.36
N GLU H 570 -22.88 49.88 34.82
CA GLU H 570 -23.90 49.02 35.40
C GLU H 570 -24.51 48.10 34.35
N THR H 571 -24.69 48.59 33.12
CA THR H 571 -25.18 47.75 32.04
C THR H 571 -24.20 46.64 31.69
N LEU H 572 -22.89 46.96 31.69
CA LEU H 572 -21.87 45.96 31.43
C LEU H 572 -21.82 44.90 32.53
N GLN H 573 -21.94 45.33 33.80
CA GLN H 573 -21.97 44.38 34.91
C GLN H 573 -23.22 43.50 34.86
N SER H 574 -24.37 44.09 34.51
CA SER H 574 -25.61 43.32 34.45
C SER H 574 -25.59 42.31 33.30
N LEU H 575 -25.08 42.72 32.14
CA LEU H 575 -24.96 41.78 31.04
C LEU H 575 -23.89 40.72 31.30
N PHE H 576 -22.87 41.04 32.08
CA PHE H 576 -21.90 40.02 32.47
C PHE H 576 -22.53 39.00 33.40
N TRP H 577 -23.30 39.46 34.39
CA TRP H 577 -23.85 38.56 35.40
C TRP H 577 -25.03 37.74 34.87
N SER H 578 -25.60 38.12 33.72
CA SER H 578 -26.72 37.36 33.16
C SER H 578 -26.29 36.04 32.56
N VAL H 579 -24.99 35.86 32.28
CA VAL H 579 -24.52 34.60 31.70
C VAL H 579 -24.63 33.47 32.72
N PHE H 580 -24.36 33.76 33.98
CA PHE H 580 -24.45 32.75 35.04
C PHE H 580 -25.84 32.70 35.68
N GLY H 581 -26.79 33.47 35.16
CA GLY H 581 -28.16 33.42 35.65
C GLY H 581 -28.41 34.15 36.95
N LEU H 582 -27.46 34.94 37.44
CA LEU H 582 -27.62 35.66 38.70
C LEU H 582 -28.41 36.94 38.55
N LEU H 583 -28.78 37.33 37.33
CA LEU H 583 -29.58 38.52 37.09
C LEU H 583 -31.02 38.09 36.84
N ASN H 584 -31.95 38.63 37.63
CA ASN H 584 -33.34 38.25 37.53
C ASN H 584 -33.99 38.89 36.31
N LEU H 585 -35.27 38.59 36.10
CA LEU H 585 -35.99 39.06 34.92
C LEU H 585 -36.73 40.38 35.14
N TYR H 586 -36.90 40.82 36.38
CA TYR H 586 -37.66 42.04 36.63
C TYR H 586 -36.80 43.30 36.54
N VAL H 587 -35.53 43.18 36.16
CA VAL H 587 -34.69 44.35 35.95
C VAL H 587 -35.06 45.14 34.71
N THR H 588 -35.77 44.52 33.76
CA THR H 588 -36.21 45.18 32.55
C THR H 588 -37.55 45.89 32.70
N ASN H 589 -38.09 45.95 33.91
CA ASN H 589 -39.37 46.59 34.19
C ASN H 589 -39.12 47.99 34.73
N VAL H 590 -39.90 48.95 34.23
CA VAL H 590 -39.77 50.34 34.64
C VAL H 590 -40.95 50.69 35.54
N LYS H 591 -40.86 51.88 36.15
CA LYS H 591 -41.92 52.32 37.06
C LYS H 591 -43.20 52.62 36.31
N ALA H 592 -43.12 53.38 35.22
CA ALA H 592 -44.28 53.68 34.42
C ALA H 592 -44.69 52.47 33.58
N ARG H 593 -45.89 52.55 33.01
CA ARG H 593 -46.43 51.44 32.22
C ARG H 593 -46.15 51.67 30.75
N HIS H 594 -44.86 51.68 30.42
CA HIS H 594 -44.39 51.75 29.03
C HIS H 594 -44.17 50.33 28.56
N GLU H 595 -45.24 49.71 28.04
CA GLU H 595 -45.19 48.29 27.70
C GLU H 595 -44.33 48.04 26.48
N PHE H 596 -44.32 48.97 25.52
CA PHE H 596 -43.53 48.79 24.30
C PHE H 596 -42.03 48.83 24.59
N THR H 597 -41.59 49.80 25.40
CA THR H 597 -40.19 49.90 25.75
C THR H 597 -39.73 48.71 26.59
N GLU H 598 -40.59 48.25 27.50
CA GLU H 598 -40.27 47.06 28.30
C GLU H 598 -40.19 45.82 27.44
N PHE H 599 -41.09 45.69 26.46
CA PHE H 599 -41.04 44.54 25.55
C PHE H 599 -39.82 44.58 24.66
N VAL H 600 -39.43 45.76 24.19
CA VAL H 600 -38.24 45.89 23.36
C VAL H 600 -36.98 45.58 24.16
N GLY H 601 -36.91 46.05 25.40
CA GLY H 601 -35.78 45.72 26.26
C GLY H 601 -35.72 44.24 26.61
N ALA H 602 -36.89 43.62 26.82
CA ALA H 602 -36.94 42.19 27.09
C ALA H 602 -36.50 41.38 25.88
N THR H 603 -36.88 41.83 24.68
CA THR H 603 -36.42 41.19 23.45
C THR H 603 -34.91 41.34 23.27
N MET H 604 -34.38 42.52 23.63
CA MET H 604 -32.94 42.77 23.58
C MET H 604 -32.18 41.85 24.53
N PHE H 605 -32.65 41.75 25.77
CA PHE H 605 -32.02 40.89 26.78
C PHE H 605 -32.14 39.43 26.40
N GLY H 606 -33.29 39.03 25.84
CA GLY H 606 -33.46 37.66 25.40
C GLY H 606 -32.56 37.30 24.23
N THR H 607 -32.37 38.23 23.29
CA THR H 607 -31.47 37.98 22.16
C THR H 607 -30.03 37.86 22.62
N TYR H 608 -29.62 38.70 23.56
CA TYR H 608 -28.27 38.61 24.13
C TYR H 608 -28.08 37.29 24.88
N ASN H 609 -29.11 36.86 25.63
CA ASN H 609 -29.03 35.59 26.35
C ASN H 609 -28.95 34.40 25.40
N VAL H 610 -29.74 34.44 24.31
CA VAL H 610 -29.74 33.36 23.32
C VAL H 610 -28.39 33.25 22.63
N ILE H 611 -27.79 34.41 22.28
CA ILE H 611 -26.46 34.42 21.67
C ILE H 611 -25.41 33.86 22.64
N SER H 612 -25.24 34.52 23.79
CA SER H 612 -24.19 34.18 24.73
C SER H 612 -24.38 32.84 25.44
N LEU H 613 -25.56 32.21 25.35
CA LEU H 613 -25.77 30.92 25.98
C LEU H 613 -26.13 29.80 25.02
N VAL H 614 -26.33 30.06 23.73
CA VAL H 614 -26.67 28.98 22.82
C VAL H 614 -25.67 28.89 21.69
N VAL H 615 -25.05 30.00 21.30
CA VAL H 615 -24.16 29.95 20.14
C VAL H 615 -22.72 29.99 20.63
N LEU H 616 -22.40 31.01 21.42
CA LEU H 616 -21.01 31.33 21.73
C LEU H 616 -20.37 30.29 22.65
N LEU H 617 -21.05 29.92 23.73
CA LEU H 617 -20.47 28.98 24.69
C LEU H 617 -20.32 27.58 24.09
N ASN H 618 -21.31 27.15 23.31
CA ASN H 618 -21.20 25.84 22.66
C ASN H 618 -20.14 25.84 21.57
N MET H 619 -19.96 26.97 20.88
CA MET H 619 -18.88 27.09 19.90
C MET H 619 -17.52 27.06 20.59
N LEU H 620 -17.42 27.67 21.77
CA LEU H 620 -16.19 27.60 22.56
C LEU H 620 -15.89 26.18 23.01
N ILE H 621 -16.94 25.44 23.38
CA ILE H 621 -16.80 24.02 23.76
C ILE H 621 -16.29 23.20 22.58
N ALA H 622 -16.86 23.45 21.39
CA ALA H 622 -16.44 22.75 20.18
C ALA H 622 -15.00 23.07 19.81
N MET H 623 -14.60 24.35 19.94
CA MET H 623 -13.24 24.74 19.61
C MET H 623 -12.23 24.12 20.56
N MET H 624 -12.50 24.15 21.86
CA MET H 624 -11.52 23.59 22.78
C MET H 624 -11.51 22.06 22.74
N ASN H 625 -12.63 21.48 22.29
CA ASN H 625 -12.66 20.01 22.11
C ASN H 625 -11.75 19.65 20.95
N ASN H 626 -11.88 20.36 19.83
CA ASN H 626 -11.06 20.00 18.66
C ASN H 626 -9.61 20.19 19.06
N SER H 627 -9.33 21.25 19.78
CA SER H 627 -7.92 21.57 20.10
C SER H 627 -7.33 20.42 20.93
N TYR H 628 -8.12 19.90 21.87
CA TYR H 628 -7.56 18.85 22.75
C TYR H 628 -7.16 17.67 21.91
N GLN H 629 -7.98 17.32 20.92
CA GLN H 629 -7.63 16.08 20.18
C GLN H 629 -6.28 16.29 19.51
N LEU H 630 -6.06 17.46 18.91
CA LEU H 630 -4.74 17.74 18.28
C LEU H 630 -3.64 17.76 19.34
N ILE H 631 -3.92 18.36 20.49
CA ILE H 631 -2.90 18.51 21.57
C ILE H 631 -2.44 17.16 22.12
N ALA H 632 -3.34 16.18 22.23
CA ALA H 632 -3.00 14.94 22.97
C ALA H 632 -1.81 14.20 22.34
N ASP H 633 -1.72 14.12 21.02
CA ASP H 633 -0.61 13.29 20.47
C ASP H 633 0.73 13.89 20.90
N HIS H 634 0.83 15.21 20.90
CA HIS H 634 2.12 15.88 21.21
C HIS H 634 2.20 16.18 22.70
N ALA H 635 1.19 15.80 23.48
CA ALA H 635 1.19 16.27 24.88
C ALA H 635 2.45 15.80 25.62
N ASP H 636 2.88 14.56 25.39
CA ASP H 636 4.05 14.10 26.18
C ASP H 636 5.29 14.91 25.82
N ILE H 637 5.65 14.98 24.54
CA ILE H 637 6.92 15.63 24.18
C ILE H 637 7.04 16.99 24.85
N GLU H 638 5.98 17.80 24.78
CA GLU H 638 6.04 19.13 25.37
C GLU H 638 6.06 19.09 26.89
N TRP H 639 5.43 18.09 27.49
CA TRP H 639 5.53 17.91 28.94
C TRP H 639 6.95 17.56 29.36
N LYS H 640 7.62 16.71 28.60
CA LYS H 640 9.01 16.38 28.88
C LYS H 640 9.92 17.57 28.67
N PHE H 641 9.61 18.40 27.66
CA PHE H 641 10.38 19.63 27.43
C PHE H 641 10.21 20.61 28.59
N ALA H 642 8.98 20.77 29.08
CA ALA H 642 8.73 21.65 30.22
C ALA H 642 9.39 21.14 31.49
N ARG H 643 9.37 19.81 31.70
CA ARG H 643 10.02 19.24 32.87
C ARG H 643 11.54 19.37 32.78
N THR H 644 12.09 19.26 31.57
CA THR H 644 13.52 19.47 31.39
C THR H 644 13.90 20.92 31.63
N LYS H 645 13.04 21.86 31.21
CA LYS H 645 13.29 23.28 31.48
C LYS H 645 13.21 23.59 32.97
N LEU H 646 12.29 22.93 33.69
CA LEU H 646 12.20 23.13 35.13
C LEU H 646 13.38 22.49 35.86
N TRP H 647 13.84 21.33 35.38
CA TRP H 647 14.92 20.62 36.08
C TRP H 647 16.24 21.36 36.01
N MET H 648 16.57 21.95 34.84
CA MET H 648 17.84 22.64 34.69
C MET H 648 17.83 24.03 35.30
N SER H 649 16.66 24.54 35.71
CA SER H 649 16.63 25.78 36.46
C SER H 649 17.25 25.64 37.85
N TYR H 650 17.21 24.44 38.42
CA TYR H 650 17.80 24.17 39.73
C TYR H 650 19.21 23.61 39.64
N PHE H 651 19.72 23.37 38.43
CA PHE H 651 21.05 22.78 38.30
C PHE H 651 22.14 23.76 38.69
N ASP H 652 21.96 25.05 38.35
CA ASP H 652 22.96 26.05 38.63
C ASP H 652 23.02 26.36 40.13
N GLU H 653 24.08 27.05 40.52
CA GLU H 653 24.29 27.45 41.90
C GLU H 653 23.64 28.78 42.25
N GLY H 654 23.07 29.48 41.27
CA GLY H 654 22.41 30.75 41.54
C GLY H 654 21.00 30.58 42.06
N GLY H 655 20.81 30.80 43.35
CA GLY H 655 19.50 30.64 43.96
C GLY H 655 19.39 29.39 44.80
N THR H 656 20.50 29.01 45.44
CA THR H 656 20.50 27.83 46.30
C THR H 656 19.62 28.02 47.53
N LEU H 657 19.69 29.20 48.14
CA LEU H 657 18.93 29.46 49.35
C LEU H 657 17.45 29.67 49.02
N PRO H 658 16.57 29.40 49.98
CA PRO H 658 15.14 29.65 49.77
C PRO H 658 14.83 31.14 49.82
N PRO H 659 13.60 31.51 49.51
CA PRO H 659 13.15 32.93 49.66
C PRO H 659 13.29 33.49 51.07
N PRO H 660 12.99 32.73 52.14
CA PRO H 660 13.27 33.28 53.49
C PRO H 660 14.74 33.44 53.82
N PHE H 661 15.66 32.80 53.11
CA PHE H 661 17.07 32.84 53.47
C PHE H 661 17.98 33.42 52.39
N ASN H 662 17.46 33.78 51.23
CA ASN H 662 18.30 34.30 50.17
C ASN H 662 18.74 35.74 50.40
N ILE H 663 18.09 36.47 51.32
CA ILE H 663 18.44 37.85 51.61
C ILE H 663 19.41 37.98 52.78
N ILE H 664 19.69 36.89 53.49
CA ILE H 664 20.60 36.93 54.64
C ILE H 664 22.02 37.11 54.13
N PRO H 665 22.74 38.15 54.59
CA PRO H 665 24.12 38.40 54.16
C PRO H 665 25.14 37.64 54.99
N SER H 706 42.27 22.92 25.28
CA SER H 706 40.98 22.26 25.47
C SER H 706 40.41 21.77 24.14
N LEU H 707 41.30 21.38 23.23
CA LEU H 707 40.90 20.88 21.92
C LEU H 707 40.53 19.40 21.94
N ILE H 708 40.79 18.70 23.05
CA ILE H 708 40.43 17.30 23.15
C ILE H 708 38.91 17.14 23.17
N GLN H 709 38.19 18.11 23.74
CA GLN H 709 36.73 18.11 23.72
C GLN H 709 36.20 18.20 22.30
N ASN H 710 36.78 19.09 21.48
CA ASN H 710 36.37 19.23 20.09
C ASN H 710 36.72 17.99 19.28
N GLN H 711 37.87 17.37 19.55
CA GLN H 711 38.27 16.16 18.84
C GLN H 711 37.35 14.98 19.19
N HIS H 712 37.01 14.84 20.47
CA HIS H 712 36.10 13.79 20.90
C HIS H 712 34.69 14.01 20.34
N TYR H 713 34.26 15.27 20.28
CA TYR H 713 32.96 15.58 19.69
C TYR H 713 32.94 15.28 18.20
N GLN H 714 34.04 15.56 17.51
CA GLN H 714 34.14 15.24 16.08
C GLN H 714 34.12 13.73 15.85
N GLU H 715 34.79 12.96 16.73
CA GLU H 715 34.78 11.50 16.64
C GLU H 715 33.38 10.94 16.86
N VAL H 716 32.67 11.46 17.86
CA VAL H 716 31.34 10.96 18.18
C VAL H 716 30.35 11.34 17.10
N ILE H 717 30.46 12.55 16.55
CA ILE H 717 29.58 12.97 15.46
C ILE H 717 29.88 12.18 14.20
N ARG H 718 31.15 11.79 14.00
CA ARG H 718 31.54 10.96 12.86
C ARG H 718 30.87 9.59 12.91
N ASN H 719 30.95 8.93 14.09
CA ASN H 719 30.31 7.63 14.26
C ASN H 719 28.79 7.74 14.19
N LEU H 720 28.23 8.82 14.75
CA LEU H 720 26.78 9.03 14.70
C LEU H 720 26.29 9.27 13.27
N VAL H 721 27.08 10.00 12.47
CA VAL H 721 26.70 10.24 11.08
C VAL H 721 26.75 8.95 10.27
N LYS H 722 27.76 8.12 10.52
CA LYS H 722 27.86 6.83 9.83
C LYS H 722 26.70 5.90 10.21
N ARG H 723 26.36 5.86 11.50
CA ARG H 723 25.24 5.03 11.95
C ARG H 723 23.90 5.54 11.42
N TYR H 724 23.73 6.87 11.37
CA TYR H 724 22.49 7.43 10.86
C TYR H 724 22.35 7.20 9.35
N VAL H 725 23.46 7.26 8.62
CA VAL H 725 23.42 7.00 7.19
C VAL H 725 23.08 5.54 6.92
N ALA H 726 23.63 4.63 7.74
CA ALA H 726 23.30 3.21 7.62
C ALA H 726 21.83 2.96 7.97
N ALA H 727 21.32 3.66 8.98
CA ALA H 727 19.91 3.50 9.36
C ALA H 727 18.97 4.04 8.30
N MET H 728 19.29 5.19 7.70
CA MET H 728 18.40 5.74 6.69
C MET H 728 18.47 4.97 5.39
N ILE H 729 19.63 4.40 5.05
CA ILE H 729 19.70 3.50 3.90
C ILE H 729 18.92 2.23 4.17
N ARG H 730 18.96 1.73 5.41
CA ARG H 730 18.23 0.51 5.73
C ARG H 730 16.71 0.71 5.68
N ASN H 731 16.23 1.85 6.18
CA ASN H 731 14.80 2.14 6.19
C ASN H 731 14.29 2.44 4.78
N THR H 739 5.55 1.17 -7.11
CA THR H 739 5.32 2.27 -8.05
C THR H 739 5.54 1.80 -9.48
N GLU H 740 4.89 2.51 -10.42
CA GLU H 740 4.90 2.11 -11.82
C GLU H 740 6.25 2.29 -12.50
N GLU H 741 7.13 3.13 -11.95
CA GLU H 741 8.49 3.23 -12.49
C GLU H 741 9.28 1.93 -12.29
N ASN H 742 9.03 1.22 -11.17
CA ASN H 742 9.85 0.07 -10.78
C ASN H 742 9.62 -1.13 -11.69
N PHE H 743 8.36 -1.46 -11.95
CA PHE H 743 7.92 -2.54 -12.85
C PHE H 743 8.34 -2.30 -14.29
N LYS H 744 8.38 -1.03 -14.68
CA LYS H 744 8.90 -0.63 -15.99
C LYS H 744 10.37 -1.00 -16.13
N GLU H 745 11.14 -0.95 -15.04
CA GLU H 745 12.52 -1.42 -15.04
C GLU H 745 12.57 -2.92 -15.34
N LEU H 746 11.70 -3.69 -14.68
CA LEU H 746 11.66 -5.14 -14.86
C LEU H 746 11.18 -5.51 -16.27
N LYS H 747 10.23 -4.75 -16.82
CA LYS H 747 9.87 -4.95 -18.21
C LYS H 747 11.02 -4.56 -19.13
N GLN H 748 11.76 -3.51 -18.78
CA GLN H 748 12.89 -3.09 -19.59
C GLN H 748 14.04 -4.09 -19.52
N ASP H 749 14.33 -4.61 -18.31
CA ASP H 749 15.40 -5.60 -18.17
C ASP H 749 15.05 -6.92 -18.87
N ILE H 750 13.78 -7.33 -18.77
CA ILE H 750 13.36 -8.55 -19.45
C ILE H 750 13.35 -8.34 -20.96
N SER H 751 12.92 -7.16 -21.42
CA SER H 751 12.86 -6.89 -22.84
C SER H 751 14.25 -6.78 -23.46
N SER H 752 15.19 -6.15 -22.74
CA SER H 752 16.55 -6.03 -23.25
C SER H 752 17.24 -7.39 -23.30
N PHE H 753 16.98 -8.23 -22.30
CA PHE H 753 17.55 -9.58 -22.31
C PHE H 753 16.94 -10.43 -23.40
N ARG H 754 15.65 -10.23 -23.69
CA ARG H 754 14.99 -11.00 -24.73
C ARG H 754 15.51 -10.66 -26.12
N TYR H 755 15.76 -9.37 -26.37
CA TYR H 755 16.28 -8.96 -27.67
C TYR H 755 17.72 -9.43 -27.88
N GLU H 756 18.54 -9.37 -26.82
CA GLU H 756 19.92 -9.82 -26.94
C GLU H 756 20.02 -11.33 -27.11
N VAL H 757 19.11 -12.09 -26.50
CA VAL H 757 19.12 -13.54 -26.68
C VAL H 757 18.68 -13.90 -28.08
N LEU H 758 17.67 -13.19 -28.61
CA LEU H 758 17.22 -13.44 -29.98
C LEU H 758 18.27 -13.02 -30.99
N ASP H 759 18.98 -11.92 -30.72
CA ASP H 759 20.02 -11.45 -31.63
C ASP H 759 21.20 -12.41 -31.68
N LEU H 760 21.63 -12.91 -30.51
CA LEU H 760 22.76 -13.82 -30.47
C LEU H 760 22.42 -15.17 -31.10
N LEU H 761 21.22 -15.67 -30.84
CA LEU H 761 20.83 -16.99 -31.33
C LEU H 761 20.51 -16.96 -32.82
#